data_9P8T
#
_entry.id   9P8T
#
_cell.length_a   1.00
_cell.length_b   1.00
_cell.length_c   1.00
_cell.angle_alpha   90.00
_cell.angle_beta   90.00
_cell.angle_gamma   90.00
#
_symmetry.space_group_name_H-M   'P 1'
#
loop_
_entity.id
_entity.type
_entity.pdbx_description
1 polymer 'DNTP triphosphohydrolase'
2 polymer "5'-diphosphothymidyl-3'5'-thymidine (p2diT)"
3 non-polymer 'MAGNESIUM ION'
#
loop_
_entity_poly.entity_id
_entity_poly.type
_entity_poly.pdbx_seq_one_letter_code
_entity_poly.pdbx_strand_id
1 'polypeptide(L)'
;GSMHWNDLLNSNRRKPKNEKKESSQDTSKGRQQIERDYDRILFAAPTRRLADKTQVFPLDKNDSVRTRLTHSHEVANLSR
GIGMRLAFELEDDVFKDVSEDICLKRDVPALLAAIGLVHDMGNPPFGHQGEKAMSEWFTKNLPEHSDNYKDKIYGDFRHF
DGNSQTLRLVTKLQILNDTYGLNLTYATLASMIKYPRSSESDSSLWKKHGFFLSEKDVVQDIWNNTGLSEGVRHPFTYIM
EACDDIAYSVLDAEDIIKKGFASFHDLIDFIQSNQFCKEDDVAKRVIENCKKIHADYAQQKLSPAELNDMSMQMFRVYAI
AELVDAVVIAFKDNINEFLNDTCEIKDLISCSSGKNLCQALKKFDSSRGYQHRSVLKLELEGSNYIKGLMDMLWLGIKGR
ATGDTQYDTPFGRYVYGRISENYRRIFEQENNLPACYKEAQLLADAISGMTDSYLIALHDELRALHQYECRQR
;
A,B,D,E,G,H,J,K
2 'polydeoxyribonucleotide' (TYD)(DT) M,N,O,P,Q,R,S,T
#
loop_
_chem_comp.id
_chem_comp.type
_chem_comp.name
_chem_comp.formula
DT DNA linking THYMIDINE-5'-MONOPHOSPHATE 'C10 H15 N2 O8 P'
MG non-polymer 'MAGNESIUM ION' 'Mg 2'
TYD non-polymer THYMIDINE-5'-DIPHOSPHATE 'C10 H16 N2 O11 P2'
#
# COMPACT_ATOMS: atom_id res chain seq x y z
N SER A 2 -1.01 48.43 51.52
CA SER A 2 -1.73 47.76 52.59
C SER A 2 -1.13 46.39 52.87
N MET A 3 -0.87 45.62 51.82
CA MET A 3 -0.26 44.32 51.97
C MET A 3 1.23 44.47 52.27
N HIS A 4 1.78 43.49 52.97
CA HIS A 4 3.18 43.50 53.38
C HIS A 4 3.96 42.47 52.57
N TRP A 5 5.20 42.84 52.21
CA TRP A 5 6.02 41.93 51.42
C TRP A 5 6.42 40.70 52.22
N ASN A 6 6.39 40.80 53.56
CA ASN A 6 6.72 39.64 54.39
C ASN A 6 5.73 38.50 54.17
N ASP A 7 4.43 38.82 54.10
CA ASP A 7 3.42 37.80 53.84
C ASP A 7 3.39 37.41 52.37
N LEU A 8 3.60 38.36 51.46
CA LEU A 8 3.56 38.06 50.04
C LEU A 8 4.75 37.20 49.60
N LEU A 9 5.85 37.25 50.34
CA LEU A 9 7.03 36.44 50.04
C LEU A 9 7.23 35.34 51.07
N ASN A 10 6.14 34.73 51.52
CA ASN A 10 6.22 33.66 52.51
C ASN A 10 6.90 32.43 51.90
N SER A 11 7.90 31.92 52.60
CA SER A 11 8.67 30.77 52.14
C SER A 11 8.21 29.47 52.79
N ASN A 12 7.15 29.50 53.57
CA ASN A 12 6.64 28.28 54.19
C ASN A 12 5.89 27.44 53.17
N ARG A 13 5.73 26.16 53.50
CA ARG A 13 5.07 25.20 52.63
C ARG A 13 3.85 24.61 53.33
N ARG A 14 2.89 24.17 52.52
CA ARG A 14 1.64 23.66 53.07
C ARG A 14 1.84 22.37 53.84
N LYS A 15 2.72 21.49 53.36
CA LYS A 15 2.92 20.21 54.01
C LYS A 15 3.56 20.41 55.38
N PRO A 16 2.97 19.89 56.46
CA PRO A 16 3.60 20.02 57.78
C PRO A 16 4.93 19.29 57.83
N LYS A 17 5.88 19.86 58.58
CA LYS A 17 7.19 19.25 58.72
C LYS A 17 7.09 17.98 59.56
N ASN A 18 7.94 17.00 59.24
CA ASN A 18 7.95 15.73 59.95
C ASN A 18 8.40 15.89 61.40
N LYS A 21 12.37 13.36 60.10
CA LYS A 21 13.40 13.52 59.09
C LYS A 21 14.73 13.89 59.74
N GLU A 22 15.76 13.08 59.49
CA GLU A 22 17.08 13.31 60.04
C GLU A 22 17.84 14.33 59.20
N SER A 23 19.00 14.75 59.73
CA SER A 23 19.83 15.71 59.02
C SER A 23 20.41 15.12 57.73
N SER A 24 20.61 13.81 57.68
CA SER A 24 21.15 13.17 56.49
C SER A 24 20.18 13.21 55.32
N GLN A 25 18.90 13.45 55.57
CA GLN A 25 17.89 13.54 54.51
C GLN A 25 17.65 14.96 54.03
N ASP A 26 18.42 15.92 54.54
CA ASP A 26 18.25 17.32 54.14
C ASP A 26 18.86 17.54 52.77
N THR A 27 18.01 17.76 51.76
CA THR A 27 18.45 18.01 50.40
C THR A 27 18.42 19.49 50.04
N SER A 28 18.11 20.37 51.00
CA SER A 28 18.04 21.80 50.69
C SER A 28 19.41 22.36 50.33
N LYS A 29 20.43 22.00 51.11
CA LYS A 29 21.80 22.49 50.92
C LYS A 29 21.79 24.02 51.01
N GLY A 30 22.64 24.69 50.24
CA GLY A 30 22.68 26.14 50.24
C GLY A 30 21.67 26.79 49.33
N ARG A 31 20.50 26.18 49.15
CA ARG A 31 19.47 26.70 48.25
C ARG A 31 18.34 27.34 49.05
N GLN A 32 17.87 28.48 48.57
CA GLN A 32 16.68 29.09 49.15
C GLN A 32 15.44 28.27 48.82
N GLN A 33 14.40 28.44 49.63
CA GLN A 33 13.19 27.63 49.46
C GLN A 33 12.54 27.88 48.11
N ILE A 34 12.50 29.14 47.67
CA ILE A 34 11.92 29.45 46.38
C ILE A 34 12.78 28.90 45.26
N GLU A 35 14.11 28.90 45.44
CA GLU A 35 14.99 28.23 44.49
C GLU A 35 14.68 26.74 44.41
N ARG A 36 14.41 26.12 45.56
CA ARG A 36 14.00 24.72 45.56
C ARG A 36 12.69 24.53 44.83
N ASP A 37 11.76 25.49 44.95
CA ASP A 37 10.51 25.41 44.19
C ASP A 37 10.78 25.46 42.69
N TYR A 38 11.68 26.36 42.27
CA TYR A 38 12.03 26.44 40.85
C TYR A 38 12.64 25.13 40.37
N ASP A 39 13.53 24.55 41.18
CA ASP A 39 14.14 23.26 40.81
C ASP A 39 13.10 22.16 40.73
N ARG A 40 12.12 22.17 41.64
CA ARG A 40 11.05 21.19 41.60
C ARG A 40 10.24 21.33 40.32
N ILE A 41 9.92 22.56 39.94
CA ILE A 41 9.15 22.79 38.71
C ILE A 41 9.93 22.35 37.49
N LEU A 42 11.22 22.67 37.45
CA LEU A 42 12.03 22.32 36.28
C LEU A 42 12.15 20.82 36.09
N PHE A 43 12.35 20.08 37.18
CA PHE A 43 12.56 18.65 37.11
C PHE A 43 11.27 17.84 37.08
N ALA A 44 10.11 18.50 37.11
CA ALA A 44 8.85 17.79 37.07
C ALA A 44 8.62 17.17 35.69
N ALA A 45 7.96 16.02 35.68
CA ALA A 45 7.65 15.36 34.42
C ALA A 45 6.79 16.20 33.47
N PRO A 46 5.75 16.91 33.92
CA PRO A 46 5.00 17.77 32.99
C PRO A 46 5.87 18.82 32.30
N THR A 47 6.90 19.32 32.98
CA THR A 47 7.80 20.28 32.36
C THR A 47 8.49 19.67 31.14
N ARG A 48 8.94 18.42 31.26
CA ARG A 48 9.52 17.73 30.11
C ARG A 48 8.47 17.42 29.06
N ARG A 49 7.26 17.05 29.48
CA ARG A 49 6.20 16.74 28.53
C ARG A 49 5.75 17.96 27.75
N LEU A 50 5.99 19.17 28.28
CA LEU A 50 5.62 20.39 27.57
C LEU A 50 6.32 20.52 26.22
N ALA A 51 7.45 19.83 26.03
CA ALA A 51 8.16 19.92 24.76
C ALA A 51 7.37 19.31 23.61
N ASP A 52 6.47 18.38 23.90
CA ASP A 52 5.67 17.73 22.88
C ASP A 52 4.35 18.45 22.58
N LYS A 53 4.07 19.55 23.28
CA LYS A 53 2.84 20.30 23.05
C LYS A 53 3.14 21.54 22.20
N THR A 54 2.35 21.71 21.15
CA THR A 54 2.48 22.86 20.26
C THR A 54 1.94 24.12 20.92
N GLN A 55 2.59 25.24 20.62
CA GLN A 55 2.14 26.53 21.16
C GLN A 55 1.11 27.16 20.23
N VAL A 56 1.51 27.45 18.99
CA VAL A 56 0.58 27.92 17.97
C VAL A 56 0.75 27.08 16.71
N PHE A 57 2.00 26.87 16.30
CA PHE A 57 2.35 26.24 15.05
C PHE A 57 2.83 24.81 15.28
N PRO A 58 2.75 23.95 14.26
CA PRO A 58 3.21 22.56 14.42
C PRO A 58 4.70 22.51 14.75
N LEU A 59 5.06 21.55 15.59
CA LEU A 59 6.46 21.36 15.99
C LEU A 59 7.17 20.29 15.18
N ASP A 60 6.45 19.53 14.34
CA ASP A 60 7.10 18.48 13.57
C ASP A 60 8.07 19.05 12.54
N LYS A 61 7.71 20.17 11.93
CA LYS A 61 8.63 20.83 11.00
C LYS A 61 9.84 21.38 11.75
N ASN A 62 11.00 21.35 11.08
CA ASN A 62 12.24 21.84 11.66
C ASN A 62 12.47 23.29 11.27
N ASP A 63 11.49 24.13 11.61
CA ASP A 63 11.54 25.56 11.34
C ASP A 63 11.88 26.37 12.59
N SER A 64 12.38 25.71 13.64
CA SER A 64 12.75 26.37 14.89
C SER A 64 11.58 27.11 15.52
N VAL A 65 10.39 26.53 15.41
CA VAL A 65 9.21 27.12 16.04
C VAL A 65 9.29 26.89 17.54
N ARG A 66 8.49 27.67 18.29
CA ARG A 66 8.53 27.61 19.74
C ARG A 66 7.37 26.77 20.26
N THR A 67 7.69 25.76 21.06
CA THR A 67 6.68 24.93 21.69
C THR A 67 6.32 25.49 23.06
N ARG A 68 5.59 24.72 23.86
CA ARG A 68 5.23 25.16 25.20
C ARG A 68 6.47 25.28 26.08
N LEU A 69 7.42 24.35 25.95
CA LEU A 69 8.61 24.38 26.80
C LEU A 69 9.48 25.59 26.49
N THR A 70 9.71 25.87 25.21
CA THR A 70 10.54 27.00 24.83
C THR A 70 9.89 28.31 25.25
N HIS A 71 8.58 28.44 25.04
CA HIS A 71 7.87 29.64 25.45
C HIS A 71 7.92 29.81 26.96
N SER A 72 7.75 28.72 27.70
CA SER A 72 7.82 28.80 29.16
C SER A 72 9.21 29.23 29.62
N HIS A 73 10.26 28.69 29.00
CA HIS A 73 11.61 29.07 29.38
C HIS A 73 11.88 30.54 29.05
N GLU A 74 11.39 31.02 27.91
CA GLU A 74 11.57 32.43 27.57
C GLU A 74 10.84 33.34 28.55
N VAL A 75 9.60 32.98 28.91
CA VAL A 75 8.86 33.76 29.90
C VAL A 75 9.57 33.76 31.24
N ALA A 76 10.11 32.59 31.64
CA ALA A 76 10.85 32.50 32.89
C ALA A 76 12.10 33.39 32.86
N ASN A 77 12.79 33.42 31.72
CA ASN A 77 13.99 34.26 31.61
C ASN A 77 13.63 35.74 31.71
N LEU A 78 12.54 36.16 31.04
CA LEU A 78 12.13 37.55 31.13
C LEU A 78 11.72 37.91 32.56
N SER A 79 10.97 37.02 33.22
CA SER A 79 10.57 37.28 34.59
C SER A 79 11.78 37.35 35.52
N ARG A 80 12.77 36.48 35.29
CA ARG A 80 13.98 36.52 36.11
C ARG A 80 14.74 37.81 35.89
N GLY A 81 14.82 38.29 34.65
CA GLY A 81 15.47 39.57 34.39
C GLY A 81 14.78 40.71 35.11
N ILE A 82 13.44 40.74 35.04
CA ILE A 82 12.68 41.78 35.73
C ILE A 82 12.91 41.67 37.24
N GLY A 83 12.96 40.45 37.77
CA GLY A 83 13.19 40.28 39.20
C GLY A 83 14.56 40.76 39.64
N MET A 84 15.59 40.47 38.83
CA MET A 84 16.93 40.96 39.17
C MET A 84 16.98 42.48 39.10
N ARG A 85 16.30 43.08 38.11
CA ARG A 85 16.24 44.53 38.07
C ARG A 85 15.55 45.10 39.31
N LEU A 86 14.46 44.47 39.74
CA LEU A 86 13.74 44.95 40.92
C LEU A 86 14.56 44.79 42.19
N ALA A 87 15.26 43.67 42.34
CA ALA A 87 15.94 43.36 43.59
C ALA A 87 17.34 43.95 43.70
N PHE A 88 17.95 44.34 42.57
CA PHE A 88 19.30 44.88 42.60
C PHE A 88 19.37 46.38 42.37
N GLU A 89 18.39 46.97 41.70
CA GLU A 89 18.39 48.40 41.40
C GLU A 89 17.22 49.13 42.03
N LEU A 90 15.99 48.64 41.85
CA LEU A 90 14.80 49.30 42.35
C LEU A 90 14.34 48.72 43.69
N GLU A 91 15.28 48.24 44.51
CA GLU A 91 14.91 47.66 45.79
C GLU A 91 14.26 48.69 46.71
N ASP A 92 14.84 49.88 46.78
CA ASP A 92 14.32 50.92 47.67
C ASP A 92 12.93 51.37 47.22
N ASP A 93 12.74 51.54 45.92
CA ASP A 93 11.46 52.05 45.42
C ASP A 93 10.35 51.03 45.55
N VAL A 94 10.66 49.76 45.36
CA VAL A 94 9.64 48.72 45.33
C VAL A 94 9.48 48.06 46.70
N PHE A 95 10.56 47.44 47.19
CA PHE A 95 10.50 46.67 48.42
C PHE A 95 10.80 47.58 49.60
N LYS A 96 9.77 47.84 50.42
CA LYS A 96 9.90 48.66 51.62
C LYS A 96 9.39 47.89 52.82
N ASP A 97 10.02 48.15 53.97
CA ASP A 97 9.67 47.50 55.24
C ASP A 97 9.76 45.97 55.14
N VAL A 98 10.74 45.47 54.39
CA VAL A 98 10.95 44.05 54.25
C VAL A 98 11.93 43.57 55.33
N SER A 99 11.57 42.49 56.00
CA SER A 99 12.41 41.94 57.05
C SER A 99 13.73 41.45 56.48
N GLU A 100 14.78 41.56 57.30
CA GLU A 100 16.12 41.15 56.88
C GLU A 100 16.24 39.65 56.71
N ASP A 101 15.28 38.87 57.21
CA ASP A 101 15.32 37.42 57.06
C ASP A 101 15.01 36.98 55.64
N ILE A 102 14.52 37.89 54.79
CA ILE A 102 14.19 37.58 53.41
C ILE A 102 15.28 38.13 52.52
N CYS A 103 15.94 37.24 51.77
CA CYS A 103 16.97 37.62 50.82
C CYS A 103 16.29 37.90 49.48
N LEU A 104 16.03 39.17 49.20
CA LEU A 104 15.32 39.53 47.98
C LEU A 104 16.12 39.14 46.74
N LYS A 105 17.44 39.35 46.78
CA LYS A 105 18.29 39.08 45.61
C LYS A 105 18.27 37.62 45.21
N ARG A 106 17.95 36.71 46.14
CA ARG A 106 17.86 35.30 45.83
C ARG A 106 16.43 34.79 45.70
N ASP A 107 15.44 35.50 46.24
CA ASP A 107 14.07 35.04 46.23
C ASP A 107 13.27 35.63 45.07
N VAL A 108 13.34 36.94 44.87
CA VAL A 108 12.50 37.58 43.86
C VAL A 108 12.79 37.08 42.45
N PRO A 109 14.05 37.05 41.97
CA PRO A 109 14.28 36.48 40.63
C PRO A 109 13.88 35.02 40.54
N ALA A 110 14.18 34.24 41.58
CA ALA A 110 13.80 32.82 41.58
C ALA A 110 12.28 32.66 41.56
N LEU A 111 11.57 33.48 42.33
CA LEU A 111 10.11 33.41 42.36
C LEU A 111 9.52 33.74 41.00
N LEU A 112 10.00 34.82 40.38
CA LEU A 112 9.46 35.21 39.08
C LEU A 112 9.78 34.16 38.03
N ALA A 113 10.99 33.61 38.05
CA ALA A 113 11.34 32.56 37.09
C ALA A 113 10.48 31.32 37.30
N ALA A 114 10.24 30.94 38.56
CA ALA A 114 9.45 29.76 38.85
C ALA A 114 8.01 29.92 38.38
N ILE A 115 7.43 31.10 38.63
CA ILE A 115 6.04 31.29 38.21
C ILE A 115 5.94 31.45 36.70
N GLY A 116 7.00 31.96 36.05
CA GLY A 116 7.00 32.02 34.60
C GLY A 116 7.10 30.65 33.96
N LEU A 117 7.91 29.77 34.54
CA LEU A 117 8.11 28.44 33.96
C LEU A 117 6.87 27.57 34.09
N VAL A 118 6.09 27.78 35.15
CA VAL A 118 4.95 26.91 35.46
C VAL A 118 3.63 27.48 34.96
N HIS A 119 3.65 28.63 34.28
CA HIS A 119 2.40 29.31 33.95
C HIS A 119 1.58 28.54 32.93
N ASP A 120 2.24 27.77 32.05
CA ASP A 120 1.54 27.00 31.02
C ASP A 120 1.87 25.51 31.14
N MET A 121 1.95 25.00 32.37
CA MET A 121 2.35 23.62 32.58
C MET A 121 1.16 22.66 32.60
N GLY A 122 -0.01 23.15 33.01
CA GLY A 122 -1.21 22.32 33.04
C GLY A 122 -2.19 22.58 31.93
N ASN A 123 -1.79 23.31 30.89
CA ASN A 123 -2.72 23.65 29.82
C ASN A 123 -3.05 22.41 28.98
N PRO A 124 -4.24 22.33 28.42
CA PRO A 124 -4.60 21.19 27.57
C PRO A 124 -3.80 21.22 26.28
N PRO A 125 -3.68 20.06 25.61
CA PRO A 125 -2.89 20.01 24.37
C PRO A 125 -3.55 20.75 23.21
N PHE A 126 -2.88 20.74 22.06
CA PHE A 126 -3.40 21.36 20.83
C PHE A 126 -3.63 22.86 20.99
N GLY A 127 -2.86 23.48 21.87
CA GLY A 127 -2.93 24.93 22.03
C GLY A 127 -4.24 25.39 22.65
N HIS A 128 -4.46 26.70 22.55
CA HIS A 128 -5.65 27.32 23.14
C HIS A 128 -6.94 26.70 22.60
N GLN A 129 -6.97 26.38 21.31
CA GLN A 129 -8.13 25.72 20.73
C GLN A 129 -8.53 24.50 21.54
N GLY A 130 -7.56 23.73 22.02
CA GLY A 130 -7.86 22.58 22.85
C GLY A 130 -8.83 22.93 23.96
N GLU A 131 -8.53 23.98 24.73
CA GLU A 131 -9.44 24.41 25.78
C GLU A 131 -10.85 24.57 25.25
N LYS A 132 -10.98 25.36 24.17
CA LYS A 132 -12.30 25.56 23.56
C LYS A 132 -12.97 24.23 23.30
N ALA A 133 -12.25 23.31 22.64
CA ALA A 133 -12.83 22.01 22.34
C ALA A 133 -13.36 21.36 23.62
N MET A 134 -12.52 21.29 24.64
CA MET A 134 -12.96 20.71 25.91
C MET A 134 -14.23 21.39 26.38
N SER A 135 -14.23 22.71 26.45
CA SER A 135 -15.42 23.44 26.88
C SER A 135 -16.62 23.01 26.04
N GLU A 136 -16.48 23.05 24.72
CA GLU A 136 -17.60 22.68 23.87
C GLU A 136 -18.09 21.29 24.21
N TRP A 137 -17.17 20.33 24.34
CA TRP A 137 -17.59 18.98 24.68
C TRP A 137 -18.38 18.97 25.97
N PHE A 138 -17.86 19.62 27.00
CA PHE A 138 -18.58 19.66 28.27
C PHE A 138 -19.92 20.38 28.10
N THR A 139 -19.95 21.46 27.31
CA THR A 139 -21.19 22.18 27.11
C THR A 139 -22.24 21.29 26.44
N LYS A 140 -21.78 20.27 25.72
CA LYS A 140 -22.73 19.36 25.09
C LYS A 140 -23.04 18.18 26.00
N ASN A 141 -22.10 17.78 26.84
CA ASN A 141 -22.25 16.56 27.63
C ASN A 141 -22.57 16.83 29.09
N LEU A 142 -22.54 18.09 29.52
CA LEU A 142 -23.00 18.49 30.86
C LEU A 142 -24.03 19.60 30.67
N PRO A 143 -25.23 19.25 30.21
CA PRO A 143 -26.22 20.29 29.89
C PRO A 143 -26.60 21.09 31.12
N GLU A 144 -26.78 22.39 30.93
CA GLU A 144 -27.11 23.27 32.04
C GLU A 144 -28.55 23.08 32.49
N HIS A 145 -29.44 22.76 31.55
CA HIS A 145 -30.84 22.56 31.90
C HIS A 145 -31.07 21.30 32.71
N SER A 146 -30.18 20.31 32.58
CA SER A 146 -30.32 19.07 33.33
C SER A 146 -30.12 19.31 34.82
N ASP A 147 -30.86 18.56 35.63
CA ASP A 147 -30.78 18.71 37.08
C ASP A 147 -29.42 18.26 37.60
N ASN A 148 -28.83 17.25 36.95
CA ASN A 148 -27.53 16.75 37.41
C ASN A 148 -26.44 17.80 37.26
N TYR A 149 -26.48 18.57 36.17
CA TYR A 149 -25.45 19.55 35.88
C TYR A 149 -26.02 20.96 35.84
N LYS A 150 -26.88 21.28 36.80
CA LYS A 150 -27.52 22.60 36.87
C LYS A 150 -26.72 23.59 37.70
N ASP A 151 -25.96 23.11 38.68
CA ASP A 151 -25.22 24.00 39.57
C ASP A 151 -24.11 24.72 38.81
N LYS A 152 -23.72 25.89 39.32
CA LYS A 152 -22.69 26.70 38.69
C LYS A 152 -21.30 26.09 38.80
N ILE A 153 -21.11 25.13 39.71
CA ILE A 153 -19.78 24.51 39.87
C ILE A 153 -19.37 23.82 38.58
N TYR A 154 -20.32 23.20 37.88
CA TYR A 154 -20.00 22.54 36.62
C TYR A 154 -19.55 23.52 35.55
N GLY A 155 -19.76 24.82 35.76
CA GLY A 155 -19.16 25.80 34.88
C GLY A 155 -17.65 25.67 34.80
N ASP A 156 -17.03 25.21 35.90
CA ASP A 156 -15.59 24.93 35.91
C ASP A 156 -15.18 24.09 34.71
N PHE A 157 -16.09 23.26 34.22
CA PHE A 157 -15.85 22.43 33.04
C PHE A 157 -16.47 23.00 31.79
N ARG A 158 -17.56 23.75 31.89
CA ARG A 158 -18.15 24.37 30.71
C ARG A 158 -17.34 25.58 30.25
N HIS A 159 -16.53 26.16 31.13
CA HIS A 159 -15.63 27.25 30.81
C HIS A 159 -14.21 26.89 31.26
N PHE A 160 -13.78 25.69 30.85
CA PHE A 160 -12.52 25.14 31.31
C PHE A 160 -11.36 26.08 30.99
N ASP A 161 -10.48 26.26 31.98
CA ASP A 161 -9.35 27.16 31.86
C ASP A 161 -8.08 26.41 32.25
N GLY A 162 -6.97 26.74 31.58
CA GLY A 162 -5.73 26.04 31.85
C GLY A 162 -5.08 26.45 33.16
N ASN A 163 -5.39 27.65 33.66
CA ASN A 163 -4.78 28.10 34.90
C ASN A 163 -5.27 27.30 36.10
N SER A 164 -6.57 27.02 36.15
CA SER A 164 -7.11 26.20 37.25
C SER A 164 -6.53 24.80 37.20
N GLN A 165 -6.41 24.22 36.01
CA GLN A 165 -5.83 22.89 35.89
C GLN A 165 -4.36 22.89 36.28
N THR A 166 -3.64 23.98 35.97
CA THR A 166 -2.24 24.08 36.38
C THR A 166 -2.12 24.13 37.90
N LEU A 167 -2.98 24.91 38.56
CA LEU A 167 -2.97 24.96 40.01
C LEU A 167 -3.30 23.61 40.61
N ARG A 168 -4.30 22.93 40.04
CA ARG A 168 -4.65 21.59 40.51
C ARG A 168 -3.48 20.62 40.34
N LEU A 169 -2.76 20.73 39.22
CA LEU A 169 -1.68 19.80 38.93
C LEU A 169 -0.47 20.04 39.83
N VAL A 170 -0.23 21.29 40.23
CA VAL A 170 0.89 21.59 41.11
C VAL A 170 0.52 21.50 42.58
N THR A 171 -0.76 21.36 42.92
CA THR A 171 -1.17 21.28 44.31
C THR A 171 -1.74 19.93 44.71
N LYS A 172 -2.54 19.30 43.85
CA LYS A 172 -3.20 18.05 44.25
C LYS A 172 -2.93 16.91 43.28
N LEU A 173 -2.72 17.21 42.00
CA LEU A 173 -2.64 16.19 40.96
C LEU A 173 -1.19 15.69 40.82
N GLN A 174 -0.79 14.82 41.74
CA GLN A 174 0.50 14.15 41.67
C GLN A 174 0.28 12.66 41.91
N ILE A 175 1.38 11.90 41.83
CA ILE A 175 1.28 10.46 42.02
C ILE A 175 0.84 10.12 43.44
N LEU A 176 1.43 10.80 44.42
CA LEU A 176 1.04 10.62 45.82
C LEU A 176 -0.15 11.52 46.12
N ASN A 177 -1.22 10.93 46.64
CA ASN A 177 -2.42 11.70 46.99
C ASN A 177 -2.29 12.20 48.43
N ASP A 178 -1.37 13.15 48.62
CA ASP A 178 -1.18 13.79 49.92
C ASP A 178 -1.79 15.18 49.96
N THR A 179 -2.53 15.59 48.93
CA THR A 179 -3.13 16.93 48.81
C THR A 179 -2.09 18.04 48.90
N TYR A 180 -0.82 17.73 48.60
CA TYR A 180 0.25 18.72 48.65
C TYR A 180 1.03 18.83 47.35
N GLY A 181 1.04 17.80 46.52
CA GLY A 181 1.70 17.89 45.23
C GLY A 181 3.17 18.15 45.35
N LEU A 182 3.66 19.13 44.59
CA LEU A 182 5.06 19.53 44.62
C LEU A 182 5.45 20.24 45.91
N ASN A 183 4.47 20.64 46.72
CA ASN A 183 4.71 21.31 47.99
C ASN A 183 5.52 22.59 47.79
N LEU A 184 5.02 23.46 46.93
CA LEU A 184 5.65 24.74 46.68
C LEU A 184 5.40 25.69 47.85
N THR A 185 6.20 26.75 47.89
CA THR A 185 6.05 27.75 48.94
C THR A 185 4.75 28.53 48.75
N TYR A 186 4.32 29.21 49.82
CA TYR A 186 3.07 29.95 49.77
C TYR A 186 3.16 31.11 48.78
N ALA A 187 4.31 31.76 48.69
CA ALA A 187 4.47 32.86 47.74
C ALA A 187 4.31 32.37 46.31
N THR A 188 4.92 31.22 45.98
CA THR A 188 4.80 30.68 44.63
C THR A 188 3.36 30.33 44.31
N LEU A 189 2.67 29.64 45.23
CA LEU A 189 1.29 29.25 45.00
C LEU A 189 0.40 30.47 44.85
N ALA A 190 0.63 31.50 45.66
CA ALA A 190 -0.15 32.73 45.54
C ALA A 190 0.08 33.40 44.19
N SER A 191 1.33 33.39 43.72
CA SER A 191 1.63 34.00 42.43
C SER A 191 1.07 33.18 41.27
N MET A 192 0.88 31.87 41.45
CA MET A 192 0.32 31.05 40.38
C MET A 192 -1.13 31.44 40.08
N ILE A 193 -1.88 31.85 41.09
CA ILE A 193 -3.29 32.19 40.90
C ILE A 193 -3.38 33.46 40.07
N LYS A 194 -3.77 33.33 38.82
CA LYS A 194 -3.87 34.47 37.91
C LYS A 194 -5.16 35.24 38.18
N TYR A 195 -6.30 34.56 38.05
CA TYR A 195 -7.58 35.16 38.38
C TYR A 195 -8.01 34.72 39.77
N PRO A 196 -8.06 35.62 40.75
CA PRO A 196 -8.40 35.22 42.12
C PRO A 196 -9.91 35.11 42.34
N ARG A 197 -10.56 34.24 41.58
CA ARG A 197 -12.00 34.03 41.71
C ARG A 197 -12.35 32.67 41.13
N SER A 198 -13.51 32.17 41.52
CA SER A 198 -14.04 30.91 41.03
C SER A 198 -15.29 31.15 40.18
N SER A 199 -15.76 30.09 39.54
CA SER A 199 -16.95 30.20 38.70
C SER A 199 -18.20 30.45 39.53
N GLU A 200 -18.20 30.01 40.79
CA GLU A 200 -19.33 30.29 41.67
C GLU A 200 -19.51 31.79 41.89
N SER A 201 -18.41 32.50 42.12
CA SER A 201 -18.48 33.94 42.31
C SER A 201 -18.59 34.67 40.98
N ASP A 202 -19.27 35.80 41.00
CA ASP A 202 -19.44 36.64 39.81
C ASP A 202 -18.65 37.93 40.02
N SER A 203 -17.72 38.20 39.10
CA SER A 203 -16.89 39.39 39.18
C SER A 203 -16.72 39.98 37.78
N SER A 204 -16.57 41.30 37.74
CA SER A 204 -16.35 42.00 36.49
C SER A 204 -14.88 42.29 36.21
N LEU A 205 -14.06 42.39 37.26
CA LEU A 205 -12.63 42.64 37.05
C LEU A 205 -11.96 41.47 36.35
N TRP A 206 -12.31 40.24 36.74
CA TRP A 206 -11.74 39.04 36.17
C TRP A 206 -12.82 38.27 35.42
N LYS A 207 -12.55 37.96 34.15
CA LYS A 207 -13.53 37.24 33.35
C LYS A 207 -13.52 35.74 33.65
N LYS A 208 -12.34 35.13 33.60
CA LYS A 208 -12.20 33.70 33.82
C LYS A 208 -12.00 33.39 35.30
N HIS A 209 -12.25 32.14 35.65
CA HIS A 209 -11.99 31.64 36.99
C HIS A 209 -10.58 31.09 37.09
N GLY A 210 -10.01 31.17 38.29
CA GLY A 210 -8.62 30.81 38.47
C GLY A 210 -8.37 29.49 39.18
N PHE A 211 -9.42 28.89 39.76
CA PHE A 211 -9.26 27.63 40.46
C PHE A 211 -10.58 26.88 40.43
N PHE A 212 -10.47 25.55 40.55
CA PHE A 212 -11.64 24.68 40.59
C PHE A 212 -12.25 24.66 41.98
N LEU A 213 -13.42 24.03 42.08
CA LEU A 213 -14.06 23.87 43.39
C LEU A 213 -13.23 22.98 44.30
N SER A 214 -12.66 21.91 43.76
CA SER A 214 -11.91 20.95 44.57
C SER A 214 -10.72 21.60 45.27
N GLU A 215 -10.13 22.62 44.65
CA GLU A 215 -8.98 23.31 45.23
C GLU A 215 -9.37 24.53 46.04
N LYS A 216 -10.68 24.80 46.17
CA LYS A 216 -11.12 26.02 46.84
C LYS A 216 -10.51 26.16 48.22
N ASP A 217 -10.63 25.12 49.05
CA ASP A 217 -10.07 25.18 50.40
C ASP A 217 -8.57 25.47 50.34
N VAL A 218 -7.85 24.79 49.44
CA VAL A 218 -6.42 25.03 49.30
C VAL A 218 -6.15 26.50 49.02
N VAL A 219 -6.91 27.07 48.08
CA VAL A 219 -6.73 28.48 47.75
C VAL A 219 -6.97 29.34 48.98
N GLN A 220 -8.01 29.01 49.76
CA GLN A 220 -8.28 29.76 50.97
C GLN A 220 -7.08 29.71 51.90
N ASP A 221 -6.49 28.53 52.06
CA ASP A 221 -5.31 28.39 52.91
C ASP A 221 -4.20 29.29 52.40
N ILE A 222 -3.98 29.31 51.08
CA ILE A 222 -2.93 30.16 50.51
C ILE A 222 -3.19 31.60 50.89
N TRP A 223 -4.45 32.05 50.75
CA TRP A 223 -4.77 33.43 51.10
C TRP A 223 -4.48 33.69 52.57
N ASN A 224 -4.88 32.74 53.43
CA ASN A 224 -4.67 32.93 54.86
C ASN A 224 -3.19 33.00 55.20
N ASN A 225 -2.34 32.41 54.38
CA ASN A 225 -0.91 32.43 54.64
C ASN A 225 -0.19 33.49 53.82
N THR A 226 -0.91 34.26 53.01
CA THR A 226 -0.28 35.26 52.17
C THR A 226 -0.83 36.66 52.41
N GLY A 227 -2.01 36.78 53.01
CA GLY A 227 -2.64 38.06 53.21
C GLY A 227 -3.50 38.54 52.08
N LEU A 228 -3.61 37.77 51.00
CA LEU A 228 -4.50 38.10 49.90
C LEU A 228 -5.93 37.70 50.23
N SER A 229 -6.83 37.93 49.28
CA SER A 229 -8.24 37.58 49.46
C SER A 229 -8.84 37.38 48.08
N GLU A 230 -10.13 37.05 48.06
CA GLU A 230 -10.84 36.87 46.80
C GLU A 230 -10.88 38.19 46.03
N GLY A 231 -10.54 38.12 44.75
CA GLY A 231 -10.52 39.29 43.90
C GLY A 231 -9.24 40.11 43.98
N VAL A 232 -8.29 39.72 44.82
CA VAL A 232 -7.02 40.43 44.95
C VAL A 232 -5.92 39.55 44.37
N ARG A 233 -5.14 40.12 43.46
CA ARG A 233 -4.12 39.38 42.74
C ARG A 233 -2.74 39.71 43.29
N HIS A 234 -1.89 38.70 43.37
CA HIS A 234 -0.53 38.88 43.87
C HIS A 234 0.23 39.84 42.94
N PRO A 235 1.05 40.73 43.50
CA PRO A 235 1.74 41.72 42.64
C PRO A 235 2.62 41.09 41.57
N PHE A 236 3.29 39.97 41.86
CA PHE A 236 4.15 39.35 40.88
C PHE A 236 3.37 38.66 39.77
N THR A 237 2.10 38.36 39.99
CA THR A 237 1.28 37.81 38.92
C THR A 237 1.12 38.80 37.77
N TYR A 238 1.05 40.09 38.09
CA TYR A 238 1.02 41.10 37.04
C TYR A 238 2.28 41.07 36.19
N ILE A 239 3.44 40.94 36.82
CA ILE A 239 4.70 40.86 36.09
C ILE A 239 4.74 39.60 35.24
N MET A 240 4.29 38.48 35.79
CA MET A 240 4.26 37.23 35.03
C MET A 240 3.35 37.34 33.81
N GLU A 241 2.17 37.93 33.99
CA GLU A 241 1.25 38.10 32.87
C GLU A 241 1.80 39.04 31.82
N ALA A 242 2.47 40.12 32.26
CA ALA A 242 3.08 41.05 31.31
C ALA A 242 4.17 40.36 30.50
N CYS A 243 5.02 39.56 31.17
CA CYS A 243 6.04 38.81 30.46
C CYS A 243 5.43 37.82 29.48
N ASP A 244 4.37 37.13 29.88
CA ASP A 244 3.69 36.20 29.00
C ASP A 244 3.14 36.91 27.77
N ASP A 245 2.53 38.08 27.97
CA ASP A 245 1.98 38.83 26.84
C ASP A 245 3.07 39.32 25.92
N ILE A 246 4.19 39.81 26.47
CA ILE A 246 5.30 40.26 25.64
C ILE A 246 5.85 39.11 24.82
N ALA A 247 6.08 37.96 25.46
CA ALA A 247 6.58 36.80 24.75
C ALA A 247 5.63 36.38 23.64
N TYR A 248 4.33 36.30 23.96
CA TYR A 248 3.33 36.02 22.93
C TYR A 248 3.49 36.97 21.75
N SER A 249 3.33 38.27 21.99
CA SER A 249 3.26 39.25 20.91
C SER A 249 4.52 39.28 20.07
N VAL A 250 5.69 39.12 20.67
CA VAL A 250 6.94 39.24 19.93
C VAL A 250 7.34 37.92 19.29
N LEU A 251 7.43 36.84 20.06
CA LEU A 251 7.91 35.58 19.52
C LEU A 251 6.92 34.94 18.56
N ASP A 252 5.61 35.15 18.72
CA ASP A 252 4.69 34.65 17.72
C ASP A 252 4.86 35.36 16.39
N ALA A 253 5.10 36.67 16.42
CA ALA A 253 5.40 37.39 15.18
C ALA A 253 6.68 36.89 14.55
N GLU A 254 7.70 36.62 15.38
CA GLU A 254 8.95 36.08 14.85
C GLU A 254 8.73 34.73 14.20
N ASP A 255 7.92 33.87 14.83
CA ASP A 255 7.61 32.57 14.24
C ASP A 255 6.82 32.71 12.95
N ILE A 256 5.91 33.69 12.89
CA ILE A 256 5.15 33.94 11.68
C ILE A 256 6.08 34.32 10.54
N ILE A 257 7.04 35.21 10.81
CA ILE A 257 7.98 35.61 9.77
C ILE A 257 8.86 34.43 9.37
N LYS A 258 9.31 33.63 10.33
CA LYS A 258 10.16 32.49 10.03
C LYS A 258 9.42 31.46 9.17
N LYS A 259 8.15 31.22 9.46
CA LYS A 259 7.37 30.22 8.74
C LYS A 259 7.01 30.67 7.33
N GLY A 260 7.23 31.94 6.98
CA GLY A 260 6.94 32.44 5.66
C GLY A 260 5.56 33.00 5.46
N PHE A 261 4.74 33.07 6.51
CA PHE A 261 3.40 33.64 6.39
C PHE A 261 3.43 35.15 6.17
N ALA A 262 4.56 35.80 6.45
CA ALA A 262 4.71 37.23 6.25
C ALA A 262 6.21 37.53 6.15
N SER A 263 6.53 38.80 6.00
CA SER A 263 7.92 39.24 5.89
C SER A 263 8.17 40.38 6.86
N PHE A 264 9.46 40.71 7.02
CA PHE A 264 9.84 41.79 7.92
C PHE A 264 9.27 43.13 7.45
N HIS A 265 9.29 43.37 6.14
CA HIS A 265 8.73 44.61 5.61
C HIS A 265 7.22 44.68 5.82
N ASP A 266 6.53 43.53 5.75
CA ASP A 266 5.10 43.52 6.03
C ASP A 266 4.83 43.95 7.47
N LEU A 267 5.61 43.43 8.42
CA LEU A 267 5.43 43.81 9.82
C LEU A 267 5.76 45.29 10.03
N ILE A 268 6.82 45.78 9.38
CA ILE A 268 7.17 47.19 9.51
C ILE A 268 6.05 48.07 8.99
N ASP A 269 5.48 47.73 7.83
CA ASP A 269 4.38 48.51 7.27
C ASP A 269 3.15 48.43 8.16
N PHE A 270 2.86 47.26 8.72
CA PHE A 270 1.71 47.12 9.61
C PHE A 270 1.87 47.98 10.84
N ILE A 271 3.07 48.00 11.43
CA ILE A 271 3.30 48.82 12.61
C ILE A 271 3.22 50.30 12.27
N GLN A 272 3.80 50.71 11.13
CA GLN A 272 3.79 52.12 10.76
C GLN A 272 2.38 52.61 10.46
N SER A 273 1.57 51.79 9.79
CA SER A 273 0.23 52.18 9.39
C SER A 273 -0.82 51.90 10.46
N ASN A 274 -0.42 51.33 11.60
CA ASN A 274 -1.37 51.08 12.68
C ASN A 274 -1.88 52.40 13.24
N GLN A 275 -3.16 52.42 13.61
CA GLN A 275 -3.79 53.67 14.05
C GLN A 275 -3.14 54.19 15.33
N PHE A 276 -2.88 53.31 16.29
CA PHE A 276 -2.34 53.72 17.58
C PHE A 276 -0.82 53.76 17.62
N CYS A 277 -0.14 53.15 16.64
CA CYS A 277 1.31 53.13 16.60
C CYS A 277 1.91 54.23 15.73
N LYS A 278 1.08 55.09 15.14
CA LYS A 278 1.61 56.18 14.32
C LYS A 278 2.31 57.22 15.18
N GLU A 279 1.85 57.43 16.41
CA GLU A 279 2.41 58.44 17.30
C GLU A 279 3.04 57.86 18.56
N ASP A 280 3.12 56.53 18.68
CA ASP A 280 3.71 55.93 19.85
C ASP A 280 5.22 56.06 19.81
N ASP A 281 5.80 56.57 20.91
CA ASP A 281 7.25 56.78 20.96
C ASP A 281 7.99 55.45 20.90
N VAL A 282 7.49 54.44 21.61
CA VAL A 282 8.15 53.14 21.63
C VAL A 282 8.15 52.52 20.24
N ALA A 283 7.00 52.56 19.56
CA ALA A 283 6.92 52.02 18.21
C ALA A 283 7.81 52.79 17.25
N LYS A 284 7.84 54.12 17.38
CA LYS A 284 8.71 54.92 16.52
C LYS A 284 10.18 54.55 16.71
N ARG A 285 10.60 54.41 17.97
CA ARG A 285 12.00 54.06 18.24
C ARG A 285 12.32 52.67 17.69
N VAL A 286 11.41 51.72 17.87
CA VAL A 286 11.64 50.37 17.36
C VAL A 286 11.76 50.38 15.84
N ILE A 287 10.88 51.12 15.16
CA ILE A 287 10.93 51.17 13.70
C ILE A 287 12.22 51.82 13.22
N GLU A 288 12.62 52.92 13.87
CA GLU A 288 13.83 53.61 13.46
C GLU A 288 15.06 52.72 13.65
N ASN A 289 15.14 52.04 14.80
CA ASN A 289 16.27 51.14 15.03
C ASN A 289 16.28 50.00 14.03
N CYS A 290 15.10 49.45 13.73
CA CYS A 290 15.02 48.35 12.76
C CYS A 290 15.50 48.80 11.39
N LYS A 291 15.06 49.98 10.93
CA LYS A 291 15.48 50.46 9.63
C LYS A 291 16.97 50.78 9.60
N LYS A 292 17.48 51.36 10.70
CA LYS A 292 18.90 51.67 10.77
C LYS A 292 19.76 50.41 10.70
N ILE A 293 19.34 49.35 11.39
CA ILE A 293 20.09 48.11 11.30
C ILE A 293 19.89 47.45 9.94
N HIS A 294 18.70 47.63 9.33
CA HIS A 294 18.42 46.95 8.07
C HIS A 294 19.21 47.54 6.92
N ALA A 295 19.46 48.85 6.94
CA ALA A 295 20.30 49.44 5.90
C ALA A 295 21.70 48.83 5.91
N ASP A 296 22.36 48.83 7.08
CA ASP A 296 23.68 48.22 7.19
C ASP A 296 23.62 46.73 6.89
N TYR A 297 22.47 46.11 7.17
CA TYR A 297 22.35 44.66 6.99
C TYR A 297 22.25 44.32 5.51
N ALA A 298 21.59 45.18 4.74
CA ALA A 298 21.51 44.98 3.30
C ALA A 298 22.80 45.38 2.60
N GLN A 299 23.69 46.13 3.28
CA GLN A 299 25.00 46.40 2.70
C GLN A 299 25.76 45.10 2.41
N GLN A 300 25.72 44.14 3.34
CA GLN A 300 26.39 42.87 3.13
C GLN A 300 25.60 42.00 2.15
N LYS A 301 26.26 40.96 1.65
CA LYS A 301 25.64 40.01 0.73
C LYS A 301 24.91 38.94 1.53
N LEU A 302 23.59 39.04 1.59
CA LEU A 302 22.76 38.10 2.32
C LEU A 302 21.59 37.66 1.45
N SER A 303 21.18 36.40 1.63
CA SER A 303 20.01 35.91 0.96
C SER A 303 18.76 36.57 1.54
N PRO A 304 17.67 36.64 0.76
CA PRO A 304 16.44 37.26 1.30
C PRO A 304 15.95 36.59 2.58
N ALA A 305 16.02 35.26 2.65
CA ALA A 305 15.61 34.57 3.87
C ALA A 305 16.50 34.96 5.05
N GLU A 306 17.82 34.99 4.83
CA GLU A 306 18.74 35.36 5.91
C GLU A 306 18.53 36.80 6.35
N LEU A 307 18.35 37.70 5.39
CA LEU A 307 18.10 39.10 5.72
C LEU A 307 16.82 39.25 6.53
N ASN A 308 15.74 38.59 6.11
CA ASN A 308 14.49 38.66 6.85
C ASN A 308 14.68 38.09 8.26
N ASP A 309 15.40 36.97 8.37
CA ASP A 309 15.57 36.31 9.66
C ASP A 309 16.30 37.21 10.65
N MET A 310 17.43 37.78 10.22
CA MET A 310 18.20 38.58 11.17
C MET A 310 17.57 39.96 11.38
N SER A 311 16.85 40.48 10.38
CA SER A 311 16.10 41.71 10.60
C SER A 311 15.02 41.49 11.66
N MET A 312 14.33 40.35 11.61
CA MET A 312 13.35 40.05 12.65
C MET A 312 14.01 39.74 13.97
N GLN A 313 15.22 39.19 13.97
CA GLN A 313 15.96 39.02 15.22
C GLN A 313 16.24 40.37 15.88
N MET A 314 16.69 41.34 15.09
CA MET A 314 16.91 42.69 15.61
C MET A 314 15.61 43.31 16.09
N PHE A 315 14.52 43.12 15.34
CA PHE A 315 13.23 43.63 15.78
C PHE A 315 12.82 43.00 17.11
N ARG A 316 13.04 41.70 17.27
CA ARG A 316 12.74 41.03 18.52
C ARG A 316 13.54 41.62 19.66
N VAL A 317 14.83 41.84 19.44
CA VAL A 317 15.69 42.40 20.49
C VAL A 317 15.17 43.77 20.92
N TYR A 318 14.95 44.67 19.94
CA TYR A 318 14.51 46.02 20.27
C TYR A 318 13.15 46.02 20.95
N ALA A 319 12.20 45.25 20.41
CA ALA A 319 10.85 45.22 20.97
C ALA A 319 10.84 44.66 22.38
N ILE A 320 11.57 43.57 22.61
CA ILE A 320 11.62 42.97 23.94
C ILE A 320 12.26 43.93 24.92
N ALA A 321 13.35 44.59 24.53
CA ALA A 321 13.99 45.55 25.42
C ALA A 321 13.03 46.68 25.80
N GLU A 322 12.38 47.27 24.79
CA GLU A 322 11.48 48.39 25.06
C GLU A 322 10.30 47.97 25.93
N LEU A 323 9.70 46.82 25.62
CA LEU A 323 8.54 46.37 26.38
C LEU A 323 8.91 46.01 27.81
N VAL A 324 10.06 45.36 28.01
CA VAL A 324 10.50 45.02 29.36
C VAL A 324 10.77 46.28 30.17
N ASP A 325 11.44 47.26 29.56
CA ASP A 325 11.69 48.51 30.27
C ASP A 325 10.40 49.22 30.64
N ALA A 326 9.44 49.27 29.70
CA ALA A 326 8.16 49.90 29.97
C ALA A 326 7.41 49.19 31.09
N VAL A 327 7.43 47.85 31.07
CA VAL A 327 6.73 47.09 32.10
C VAL A 327 7.36 47.32 33.47
N VAL A 328 8.69 47.35 33.52
CA VAL A 328 9.37 47.59 34.80
C VAL A 328 9.04 48.99 35.32
N ILE A 329 9.06 49.99 34.43
CA ILE A 329 8.74 51.35 34.85
C ILE A 329 7.31 51.44 35.35
N ALA A 330 6.37 50.81 34.65
CA ALA A 330 4.98 50.84 35.07
C ALA A 330 4.78 50.15 36.42
N PHE A 331 5.46 49.02 36.63
CA PHE A 331 5.36 48.34 37.92
C PHE A 331 5.94 49.18 39.04
N LYS A 332 7.08 49.85 38.78
CA LYS A 332 7.68 50.69 39.81
C LYS A 332 6.79 51.88 40.14
N ASP A 333 6.17 52.48 39.13
CA ASP A 333 5.35 53.66 39.36
C ASP A 333 4.07 53.32 40.13
N ASN A 334 3.43 52.20 39.79
CA ASN A 334 2.16 51.82 40.40
C ASN A 334 2.34 50.74 41.46
N ILE A 335 3.46 50.76 42.18
CA ILE A 335 3.70 49.73 43.20
C ILE A 335 2.74 49.90 44.37
N ASN A 336 2.41 51.14 44.72
CA ASN A 336 1.51 51.38 45.85
C ASN A 336 0.11 50.85 45.55
N GLU A 337 -0.37 51.05 44.33
CA GLU A 337 -1.70 50.54 43.96
C GLU A 337 -1.72 49.03 43.92
N PHE A 338 -0.61 48.41 43.48
CA PHE A 338 -0.56 46.95 43.43
C PHE A 338 -0.58 46.33 44.83
N LEU A 339 0.00 47.02 45.81
CA LEU A 339 0.04 46.54 47.18
C LEU A 339 -1.25 46.82 47.95
N ASN A 340 -2.18 47.56 47.34
CA ASN A 340 -3.45 47.86 48.00
C ASN A 340 -4.40 46.67 47.87
N ASP A 341 -5.23 46.50 48.91
CA ASP A 341 -6.22 45.42 48.90
C ASP A 341 -7.34 45.63 47.90
N THR A 342 -7.48 46.84 47.36
CA THR A 342 -8.53 47.17 46.41
C THR A 342 -7.96 47.52 45.04
N CYS A 343 -6.93 46.77 44.62
CA CYS A 343 -6.33 47.01 43.32
C CYS A 343 -7.30 46.59 42.22
N GLU A 344 -7.46 47.47 41.22
CA GLU A 344 -8.37 47.22 40.11
C GLU A 344 -7.67 47.28 38.76
N ILE A 345 -6.35 47.16 38.73
CA ILE A 345 -5.62 47.19 37.46
C ILE A 345 -5.80 45.85 36.76
N LYS A 346 -6.24 45.89 35.50
CA LYS A 346 -6.45 44.65 34.75
C LYS A 346 -5.14 44.00 34.34
N ASP A 347 -4.19 44.78 33.84
CA ASP A 347 -2.91 44.24 33.42
C ASP A 347 -1.85 45.32 33.49
N LEU A 348 -0.59 44.89 33.60
CA LEU A 348 0.52 45.82 33.74
C LEU A 348 0.87 46.51 32.43
N ILE A 349 0.64 45.84 31.30
CA ILE A 349 1.03 46.41 30.01
C ILE A 349 0.21 47.64 29.69
N SER A 350 -1.09 47.61 30.00
CA SER A 350 -1.96 48.74 29.68
C SER A 350 -1.53 50.01 30.39
N CYS A 351 -0.93 49.89 31.58
CA CYS A 351 -0.43 51.05 32.30
C CYS A 351 0.96 51.48 31.83
N SER A 352 1.59 50.71 30.95
CA SER A 352 2.93 51.02 30.46
C SER A 352 2.84 51.75 29.13
N SER A 353 3.99 52.24 28.68
CA SER A 353 4.08 52.94 27.39
C SER A 353 4.17 52.00 26.21
N GLY A 354 4.33 50.70 26.44
CA GLY A 354 4.40 49.74 25.35
C GLY A 354 3.07 49.08 25.07
N LYS A 355 1.99 49.69 25.54
CA LYS A 355 0.65 49.13 25.34
C LYS A 355 0.30 49.10 23.85
N ASN A 356 0.53 50.20 23.15
CA ASN A 356 0.16 50.28 21.74
C ASN A 356 0.97 49.30 20.90
N LEU A 357 2.27 49.19 21.16
CA LEU A 357 3.11 48.26 20.41
C LEU A 357 2.67 46.82 20.64
N CYS A 358 2.39 46.46 21.90
CA CYS A 358 1.96 45.11 22.20
C CYS A 358 0.61 44.80 21.55
N GLN A 359 -0.32 45.77 21.59
CA GLN A 359 -1.62 45.56 20.96
C GLN A 359 -1.48 45.39 19.45
N ALA A 360 -0.64 46.22 18.82
CA ALA A 360 -0.43 46.09 17.38
C ALA A 360 0.21 44.74 17.04
N LEU A 361 1.17 44.29 17.85
CA LEU A 361 1.78 43.00 17.60
C LEU A 361 0.78 41.87 17.76
N LYS A 362 -0.10 41.96 18.77
CA LYS A 362 -1.14 40.94 18.93
C LYS A 362 -2.09 40.93 17.74
N LYS A 363 -2.48 42.11 17.25
CA LYS A 363 -3.35 42.19 16.08
C LYS A 363 -2.66 41.58 14.85
N PHE A 364 -1.37 41.88 14.67
CA PHE A 364 -0.64 41.32 13.55
C PHE A 364 -0.57 39.79 13.64
N ASP A 365 -0.29 39.28 14.84
CA ASP A 365 -0.23 37.83 15.03
C ASP A 365 -1.58 37.18 14.75
N SER A 366 -2.66 37.81 15.21
CA SER A 366 -3.99 37.26 14.99
C SER A 366 -4.33 37.26 13.50
N SER A 367 -4.05 38.36 12.81
CA SER A 367 -4.45 38.48 11.41
C SER A 367 -3.62 37.59 10.51
N ARG A 368 -2.31 37.47 10.80
CA ARG A 368 -1.42 36.77 9.89
C ARG A 368 -1.23 35.30 10.29
N GLY A 369 -1.02 35.03 11.57
CA GLY A 369 -0.68 33.69 12.00
C GLY A 369 -1.81 32.86 12.55
N TYR A 370 -2.61 33.41 13.46
CA TYR A 370 -3.63 32.62 14.13
C TYR A 370 -4.76 32.25 13.19
N GLN A 371 -5.03 33.07 12.18
CA GLN A 371 -6.10 32.82 11.23
C GLN A 371 -5.59 32.28 9.89
N HIS A 372 -4.38 31.75 9.86
CA HIS A 372 -3.87 31.13 8.65
C HIS A 372 -4.63 29.84 8.36
N ARG A 373 -4.66 29.46 7.08
CA ARG A 373 -5.44 28.30 6.66
C ARG A 373 -4.92 27.02 7.31
N SER A 374 -3.60 26.84 7.32
CA SER A 374 -3.02 25.65 7.93
C SER A 374 -3.28 25.60 9.42
N VAL A 375 -3.17 26.75 10.09
CA VAL A 375 -3.42 26.79 11.53
C VAL A 375 -4.87 26.42 11.83
N LEU A 376 -5.81 26.96 11.04
CA LEU A 376 -7.21 26.62 11.25
C LEU A 376 -7.48 25.14 10.99
N LYS A 377 -6.85 24.58 9.95
CA LYS A 377 -7.05 23.16 9.65
C LYS A 377 -6.53 22.29 10.79
N LEU A 378 -5.34 22.59 11.30
CA LEU A 378 -4.82 21.80 12.41
C LEU A 378 -5.62 22.01 13.69
N GLU A 379 -6.16 23.22 13.89
CA GLU A 379 -7.04 23.44 15.04
C GLU A 379 -8.29 22.58 14.94
N LEU A 380 -8.89 22.50 13.75
CA LEU A 380 -10.06 21.65 13.56
C LEU A 380 -9.71 20.19 13.79
N GLU A 381 -8.55 19.74 13.28
CA GLU A 381 -8.14 18.37 13.49
C GLU A 381 -7.95 18.07 14.98
N GLY A 382 -7.31 18.98 15.69
CA GLY A 382 -7.12 18.79 17.12
C GLY A 382 -8.43 18.78 17.89
N SER A 383 -9.37 19.64 17.49
CA SER A 383 -10.68 19.65 18.12
C SER A 383 -11.40 18.33 17.91
N ASN A 384 -11.34 17.81 16.68
CA ASN A 384 -11.96 16.52 16.39
C ASN A 384 -11.32 15.41 17.22
N TYR A 385 -9.98 15.39 17.30
CA TYR A 385 -9.29 14.38 18.09
C TYR A 385 -9.71 14.46 19.55
N ILE A 386 -9.72 15.68 20.10
CA ILE A 386 -10.04 15.85 21.53
C ILE A 386 -11.47 15.42 21.81
N LYS A 387 -12.41 15.84 20.96
CA LYS A 387 -13.80 15.49 21.19
C LYS A 387 -14.05 13.99 21.05
N GLY A 388 -13.41 13.35 20.06
CA GLY A 388 -13.54 11.91 19.94
C GLY A 388 -12.98 11.17 21.14
N LEU A 389 -11.79 11.57 21.59
CA LEU A 389 -11.21 10.93 22.76
C LEU A 389 -12.06 11.17 24.00
N MET A 390 -12.64 12.37 24.14
CA MET A 390 -13.48 12.65 25.30
C MET A 390 -14.74 11.81 25.30
N ASP A 391 -15.39 11.65 24.15
CA ASP A 391 -16.56 10.77 24.08
C ASP A 391 -16.17 9.33 24.40
N MET A 392 -15.04 8.88 23.85
CA MET A 392 -14.60 7.51 24.05
C MET A 392 -14.25 7.24 25.51
N LEU A 393 -13.68 8.24 26.20
CA LEU A 393 -13.39 8.06 27.63
C LEU A 393 -14.66 8.16 28.47
N TRP A 394 -15.56 9.08 28.13
CA TRP A 394 -16.82 9.21 28.85
C TRP A 394 -17.64 7.94 28.76
N LEU A 395 -17.48 7.17 27.67
CA LEU A 395 -18.15 5.87 27.59
C LEU A 395 -17.75 4.97 28.75
N GLY A 396 -16.54 5.11 29.27
CA GLY A 396 -16.08 4.30 30.38
C GLY A 396 -16.00 5.00 31.72
N ILE A 397 -16.24 6.31 31.76
CA ILE A 397 -16.16 7.08 32.99
C ILE A 397 -17.54 7.35 33.60
N LYS A 398 -18.52 7.70 32.76
CA LYS A 398 -19.83 8.09 33.27
C LYS A 398 -20.47 6.94 34.05
N GLY A 399 -21.04 7.28 35.21
CA GLY A 399 -21.68 6.32 36.07
C GLY A 399 -20.77 5.64 37.08
N ARG A 400 -19.46 5.86 36.99
CA ARG A 400 -18.53 5.20 37.90
C ARG A 400 -18.74 5.66 39.33
N ALA A 401 -19.23 6.89 39.52
CA ALA A 401 -19.46 7.44 40.85
C ALA A 401 -20.92 7.63 41.21
N THR A 402 -21.77 7.90 40.22
CA THR A 402 -23.19 8.11 40.51
C THR A 402 -23.87 6.83 40.96
N GLY A 403 -23.55 5.71 40.33
CA GLY A 403 -24.15 4.44 40.71
C GLY A 403 -24.59 3.61 39.51
N ASP A 404 -24.94 4.28 38.42
CA ASP A 404 -25.36 3.57 37.21
C ASP A 404 -24.20 2.79 36.62
N THR A 405 -24.52 1.66 36.00
CA THR A 405 -23.52 0.67 35.60
C THR A 405 -23.53 0.41 34.09
N GLN A 406 -23.54 1.47 33.29
CA GLN A 406 -23.39 1.30 31.85
C GLN A 406 -21.94 1.20 31.41
N TYR A 407 -21.00 1.40 32.33
CA TYR A 407 -19.58 1.37 32.03
C TYR A 407 -18.98 -0.04 32.09
N ASP A 408 -19.77 -1.04 32.49
CA ASP A 408 -19.24 -2.37 32.75
C ASP A 408 -18.92 -3.15 31.48
N THR A 409 -19.02 -2.51 30.31
CA THR A 409 -18.62 -3.17 29.09
C THR A 409 -17.10 -3.34 29.06
N PRO A 410 -16.60 -4.38 28.36
CA PRO A 410 -15.14 -4.57 28.30
C PRO A 410 -14.40 -3.36 27.75
N PHE A 411 -14.96 -2.69 26.74
CA PHE A 411 -14.35 -1.47 26.23
C PHE A 411 -14.32 -0.38 27.30
N GLY A 412 -15.40 -0.24 28.06
CA GLY A 412 -15.42 0.74 29.13
C GLY A 412 -14.37 0.46 30.19
N ARG A 413 -14.23 -0.81 30.58
CA ARG A 413 -13.23 -1.16 31.58
C ARG A 413 -11.81 -0.91 31.06
N TYR A 414 -11.55 -1.26 29.80
CA TYR A 414 -10.23 -1.00 29.23
C TYR A 414 -9.95 0.50 29.15
N VAL A 415 -10.95 1.28 28.76
CA VAL A 415 -10.80 2.72 28.67
C VAL A 415 -10.51 3.32 30.05
N TYR A 416 -11.22 2.85 31.07
CA TYR A 416 -10.94 3.31 32.43
C TYR A 416 -9.52 2.93 32.84
N GLY A 417 -9.09 1.71 32.52
CA GLY A 417 -7.75 1.28 32.87
C GLY A 417 -6.66 2.03 32.13
N ARG A 418 -6.97 2.59 30.96
CA ARG A 418 -5.96 3.35 30.21
C ARG A 418 -5.64 4.69 30.85
N ILE A 419 -6.55 5.21 31.67
CA ILE A 419 -6.31 6.48 32.35
C ILE A 419 -5.17 6.32 33.36
N SER A 420 -4.44 7.41 33.60
CA SER A 420 -3.32 7.37 34.53
C SER A 420 -3.80 6.98 35.92
N GLU A 421 -2.93 6.24 36.62
CA GLU A 421 -3.34 5.64 37.90
C GLU A 421 -3.61 6.71 38.96
N ASN A 422 -2.83 7.78 38.98
CA ASN A 422 -3.02 8.82 40.00
C ASN A 422 -4.35 9.52 39.84
N TYR A 423 -4.77 9.77 38.59
CA TYR A 423 -6.07 10.40 38.36
C TYR A 423 -7.20 9.55 38.91
N ARG A 424 -7.15 8.25 38.63
CA ARG A 424 -8.19 7.34 39.13
C ARG A 424 -8.12 7.20 40.65
N ARG A 425 -6.92 7.25 41.22
CA ARG A 425 -6.77 7.19 42.67
C ARG A 425 -7.42 8.40 43.32
N ILE A 426 -7.23 9.59 42.75
CA ILE A 426 -7.87 10.79 43.27
C ILE A 426 -9.39 10.71 43.06
N PHE A 427 -9.83 10.20 41.91
CA PHE A 427 -11.25 10.10 41.62
C PHE A 427 -11.95 9.15 42.57
N GLU A 428 -11.31 8.03 42.92
CA GLU A 428 -11.91 7.04 43.79
C GLU A 428 -11.88 7.45 45.26
N GLN A 429 -11.16 8.52 45.61
CA GLN A 429 -11.11 8.98 46.98
C GLN A 429 -12.48 9.48 47.42
N GLU A 430 -12.77 9.33 48.72
CA GLU A 430 -14.05 9.73 49.28
C GLU A 430 -13.94 11.16 49.79
N ASN A 431 -14.53 12.09 49.06
CA ASN A 431 -14.56 13.50 49.42
C ASN A 431 -15.99 14.01 49.36
N ASN A 432 -16.15 15.33 49.50
CA ASN A 432 -17.46 15.95 49.51
C ASN A 432 -17.91 16.44 48.14
N LEU A 433 -17.11 16.22 47.09
CA LEU A 433 -17.48 16.67 45.77
C LEU A 433 -18.64 15.83 45.22
N PRO A 434 -19.53 16.44 44.44
CA PRO A 434 -20.61 15.67 43.82
C PRO A 434 -20.07 14.65 42.84
N ALA A 435 -20.78 13.53 42.70
CA ALA A 435 -20.30 12.42 41.89
C ALA A 435 -20.10 12.84 40.44
N CYS A 436 -21.06 13.58 39.87
CA CYS A 436 -20.91 14.06 38.51
C CYS A 436 -19.70 14.98 38.38
N TYR A 437 -19.49 15.85 39.38
CA TYR A 437 -18.32 16.71 39.38
C TYR A 437 -17.03 15.89 39.41
N LYS A 438 -17.00 14.83 40.22
CA LYS A 438 -15.82 13.98 40.27
C LYS A 438 -15.56 13.30 38.93
N GLU A 439 -16.61 12.80 38.28
CA GLU A 439 -16.43 12.16 36.98
C GLU A 439 -15.91 13.14 35.94
N ALA A 440 -16.51 14.33 35.89
CA ALA A 440 -16.07 15.33 34.93
C ALA A 440 -14.65 15.78 35.21
N GLN A 441 -14.28 15.90 36.49
CA GLN A 441 -12.92 16.28 36.84
C GLN A 441 -11.93 15.20 36.44
N LEU A 442 -12.31 13.93 36.59
CA LEU A 442 -11.44 12.84 36.14
C LEU A 442 -11.19 12.93 34.64
N LEU A 443 -12.25 13.18 33.86
CA LEU A 443 -12.09 13.32 32.43
C LEU A 443 -11.21 14.51 32.08
N ALA A 444 -11.43 15.64 32.76
CA ALA A 444 -10.63 16.83 32.48
C ALA A 444 -9.16 16.60 32.81
N ASP A 445 -8.87 15.95 33.93
CA ASP A 445 -7.50 15.66 34.30
C ASP A 445 -6.86 14.70 33.31
N ALA A 446 -7.61 13.70 32.84
CA ALA A 446 -7.07 12.76 31.86
C ALA A 446 -6.73 13.47 30.55
N ILE A 447 -7.64 14.33 30.08
CA ILE A 447 -7.42 14.99 28.79
C ILE A 447 -6.30 16.02 28.89
N SER A 448 -6.29 16.81 29.96
CA SER A 448 -5.33 17.91 30.05
C SER A 448 -3.89 17.42 30.16
N GLY A 449 -3.68 16.25 30.76
CA GLY A 449 -2.34 15.75 30.99
C GLY A 449 -1.68 15.11 29.79
N MET A 450 -2.36 15.04 28.66
CA MET A 450 -1.81 14.38 27.48
C MET A 450 -1.15 15.38 26.55
N THR A 451 -0.13 14.92 25.83
CA THR A 451 0.49 15.69 24.77
C THR A 451 -0.24 15.42 23.46
N ASP A 452 0.13 16.15 22.41
CA ASP A 452 -0.55 16.00 21.13
C ASP A 452 -0.30 14.61 20.55
N SER A 453 0.96 14.18 20.52
CA SER A 453 1.29 12.87 19.98
C SER A 453 0.63 11.76 20.77
N TYR A 454 0.69 11.86 22.11
CA TYR A 454 0.05 10.86 22.96
C TYR A 454 -1.45 10.84 22.76
N LEU A 455 -2.08 12.02 22.67
CA LEU A 455 -3.52 12.08 22.47
C LEU A 455 -3.92 11.45 21.14
N ILE A 456 -3.17 11.75 20.08
CA ILE A 456 -3.48 11.19 18.76
C ILE A 456 -3.31 9.67 18.78
N ALA A 457 -2.23 9.20 19.39
CA ALA A 457 -1.98 7.76 19.44
C ALA A 457 -3.07 7.03 20.22
N LEU A 458 -3.45 7.58 21.37
CA LEU A 458 -4.51 6.96 22.17
C LEU A 458 -5.83 6.99 21.43
N HIS A 459 -6.14 8.10 20.76
CA HIS A 459 -7.39 8.20 20.01
C HIS A 459 -7.43 7.15 18.91
N ASP A 460 -6.34 6.99 18.16
CA ASP A 460 -6.31 6.00 17.09
C ASP A 460 -6.43 4.59 17.65
N GLU A 461 -5.71 4.29 18.74
CA GLU A 461 -5.74 2.95 19.31
C GLU A 461 -7.14 2.60 19.80
N LEU A 462 -7.77 3.51 20.54
CA LEU A 462 -9.10 3.21 21.07
C LEU A 462 -10.16 3.21 19.97
N ARG A 463 -9.97 4.02 18.92
CA ARG A 463 -10.85 3.93 17.76
C ARG A 463 -10.75 2.56 17.10
N ALA A 464 -9.54 2.03 17.00
CA ALA A 464 -9.37 0.68 16.49
C ALA A 464 -10.04 -0.34 17.39
N LEU A 465 -9.95 -0.14 18.71
CA LEU A 465 -10.52 -1.08 19.66
C LEU A 465 -12.01 -0.87 19.90
N HIS A 466 -12.60 0.21 19.39
CA HIS A 466 -14.01 0.50 19.57
C HIS A 466 -14.88 0.02 18.41
N GLN A 467 -14.29 -0.72 17.45
CA GLN A 467 -15.02 -1.08 16.25
C GLN A 467 -16.20 -2.00 16.57
N TYR A 468 -16.01 -2.96 17.47
CA TYR A 468 -17.05 -3.94 17.75
C TYR A 468 -18.27 -3.29 18.40
N GLU A 469 -18.05 -2.43 19.38
CA GLU A 469 -19.16 -1.84 20.12
C GLU A 469 -19.87 -0.73 19.35
N CYS A 470 -19.32 -0.31 18.21
CA CYS A 470 -19.97 0.72 17.40
C CYS A 470 -20.89 0.10 16.37
N SER B 2 47.69 32.15 41.11
CA SER B 2 48.47 32.93 40.16
C SER B 2 47.57 33.78 39.28
N MET B 3 46.53 33.16 38.74
CA MET B 3 45.56 33.89 37.93
C MET B 3 44.67 34.75 38.80
N HIS B 4 44.18 35.84 38.22
CA HIS B 4 43.34 36.81 38.94
C HIS B 4 41.91 36.70 38.44
N TRP B 5 40.96 36.83 39.38
CA TRP B 5 39.55 36.74 39.01
C TRP B 5 39.12 37.91 38.15
N ASN B 6 39.86 39.03 38.21
CA ASN B 6 39.52 40.17 37.36
C ASN B 6 39.66 39.83 35.89
N ASP B 7 40.73 39.13 35.52
CA ASP B 7 40.90 38.72 34.13
C ASP B 7 40.02 37.53 33.78
N LEU B 8 39.84 36.60 34.72
CA LEU B 8 39.01 35.43 34.45
C LEU B 8 37.54 35.77 34.30
N LEU B 9 37.09 36.89 34.88
CA LEU B 9 35.71 37.34 34.77
C LEU B 9 35.60 38.60 33.92
N ASN B 10 36.37 38.66 32.84
CA ASN B 10 36.35 39.81 31.95
C ASN B 10 34.99 39.88 31.24
N SER B 11 34.37 41.05 31.29
CA SER B 11 33.07 41.27 30.69
C SER B 11 33.17 41.97 29.34
N ASN B 12 34.37 42.17 28.82
CA ASN B 12 34.54 42.77 27.51
C ASN B 12 34.21 41.78 26.40
N ARG B 13 33.93 42.32 25.22
CA ARG B 13 33.57 41.51 24.07
C ARG B 13 34.58 41.73 22.94
N ARG B 14 34.70 40.72 22.07
CA ARG B 14 35.69 40.78 21.00
C ARG B 14 35.35 41.85 19.98
N LYS B 15 34.08 42.03 19.67
CA LYS B 15 33.69 43.01 18.66
C LYS B 15 33.98 44.42 19.15
N PRO B 16 34.73 45.23 18.39
CA PRO B 16 34.98 46.61 18.82
C PRO B 16 33.69 47.42 18.85
N LYS B 17 33.61 48.33 19.81
CA LYS B 17 32.43 49.18 19.94
C LYS B 17 32.38 50.18 18.79
N ASN B 18 31.17 50.51 18.37
CA ASN B 18 30.95 51.45 17.27
C ASN B 18 31.41 52.85 17.63
N LYS B 21 26.70 54.09 17.43
CA LYS B 21 25.49 53.63 18.11
C LYS B 21 24.97 54.68 19.08
N GLU B 22 23.73 55.10 18.90
CA GLU B 22 23.12 56.09 19.76
C GLU B 22 22.58 55.46 21.03
N SER B 23 22.16 56.31 21.97
CA SER B 23 21.60 55.81 23.23
C SER B 23 20.26 55.11 23.02
N SER B 24 19.53 55.47 21.97
CA SER B 24 18.24 54.83 21.71
C SER B 24 18.39 53.38 21.26
N GLN B 25 19.58 52.98 20.83
CA GLN B 25 19.84 51.61 20.39
C GLN B 25 20.40 50.75 21.51
N ASP B 26 20.50 51.28 22.73
CA ASP B 26 21.05 50.51 23.85
C ASP B 26 19.99 49.53 24.35
N THR B 27 20.22 48.24 24.12
CA THR B 27 19.32 47.20 24.58
C THR B 27 19.80 46.50 25.84
N SER B 28 20.90 46.97 26.43
CA SER B 28 21.42 46.33 27.63
C SER B 28 20.46 46.48 28.81
N LYS B 29 19.93 47.68 29.00
CA LYS B 29 19.03 47.99 30.12
C LYS B 29 19.75 47.68 31.43
N GLY B 30 19.02 47.23 32.44
CA GLY B 30 19.64 46.88 33.71
C GLY B 30 20.21 45.49 33.78
N ARG B 31 20.73 44.97 32.67
CA ARG B 31 21.27 43.62 32.61
C ARG B 31 22.79 43.67 32.59
N GLN B 32 23.42 42.76 33.34
CA GLN B 32 24.86 42.61 33.27
C GLN B 32 25.25 41.98 31.94
N GLN B 33 26.51 42.18 31.55
CA GLN B 33 26.98 41.71 30.25
C GLN B 33 26.89 40.19 30.15
N ILE B 34 27.26 39.49 31.22
CA ILE B 34 27.18 38.03 31.21
C ILE B 34 25.72 37.57 31.17
N GLU B 35 24.83 38.31 31.83
CA GLU B 35 23.40 38.02 31.70
C GLU B 35 22.94 38.20 30.27
N ARG B 36 23.45 39.23 29.58
CA ARG B 36 23.15 39.40 28.16
C ARG B 36 23.68 38.24 27.34
N ASP B 37 24.85 37.70 27.70
CA ASP B 37 25.36 36.52 27.01
C ASP B 37 24.44 35.33 27.20
N TYR B 38 23.94 35.14 28.43
CA TYR B 38 23.01 34.04 28.68
C TYR B 38 21.73 34.22 27.86
N ASP B 39 21.22 35.45 27.79
CA ASP B 39 20.03 35.71 27.00
C ASP B 39 20.28 35.46 25.52
N ARG B 40 21.47 35.84 25.03
CA ARG B 40 21.82 35.56 23.64
C ARG B 40 21.84 34.07 23.37
N ILE B 41 22.43 33.29 24.28
CA ILE B 41 22.50 31.84 24.09
C ILE B 41 21.11 31.23 24.11
N LEU B 42 20.25 31.69 25.04
CA LEU B 42 18.92 31.10 25.15
C LEU B 42 18.07 31.37 23.92
N PHE B 43 18.16 32.58 23.37
CA PHE B 43 17.33 32.97 22.23
C PHE B 43 17.92 32.58 20.89
N ALA B 44 19.09 31.94 20.88
CA ALA B 44 19.71 31.52 19.63
C ALA B 44 18.92 30.38 18.99
N ALA B 45 18.91 30.37 17.66
CA ALA B 45 18.21 29.31 16.94
C ALA B 45 18.75 27.91 17.24
N PRO B 46 20.07 27.68 17.33
CA PRO B 46 20.53 26.32 17.70
C PRO B 46 19.99 25.85 19.04
N THR B 47 19.78 26.77 19.99
CA THR B 47 19.21 26.38 21.28
C THR B 47 17.83 25.77 21.10
N ARG B 48 17.01 26.38 20.24
CA ARG B 48 15.69 25.82 19.95
C ARG B 48 15.81 24.53 19.16
N ARG B 49 16.78 24.45 18.24
CA ARG B 49 16.95 23.24 17.43
C ARG B 49 17.43 22.07 18.27
N LEU B 50 18.04 22.34 19.43
CA LEU B 50 18.49 21.26 20.31
C LEU B 50 17.36 20.37 20.77
N ALA B 51 16.11 20.86 20.75
CA ALA B 51 14.99 20.05 21.19
C ALA B 51 14.73 18.86 20.27
N ASP B 52 15.15 18.95 19.01
CA ASP B 52 14.95 17.87 18.05
C ASP B 52 16.10 16.87 18.02
N LYS B 53 17.14 17.07 18.82
CA LYS B 53 18.26 16.16 18.86
C LYS B 53 18.17 15.25 20.08
N THR B 54 18.31 13.95 19.85
CA THR B 54 18.25 12.95 20.91
C THR B 54 19.53 12.98 21.72
N GLN B 55 19.40 12.72 23.02
CA GLN B 55 20.57 12.67 23.91
C GLN B 55 21.14 11.26 23.93
N VAL B 56 20.35 10.29 24.40
CA VAL B 56 20.74 8.88 24.34
C VAL B 56 19.62 8.08 23.70
N PHE B 57 18.39 8.32 24.15
CA PHE B 57 17.21 7.55 23.79
C PHE B 57 16.35 8.31 22.79
N PRO B 58 15.53 7.60 22.02
CA PRO B 58 14.65 8.29 21.05
C PRO B 58 13.69 9.23 21.75
N LEU B 59 13.41 10.37 21.09
CA LEU B 59 12.49 11.36 21.63
C LEU B 59 11.09 11.24 21.07
N ASP B 60 10.87 10.39 20.06
CA ASP B 60 9.54 10.26 19.47
C ASP B 60 8.56 9.66 20.46
N LYS B 61 9.00 8.69 21.26
CA LYS B 61 8.14 8.13 22.29
C LYS B 61 7.84 9.16 23.37
N ASN B 62 6.64 9.08 23.92
CA ASN B 62 6.21 10.01 24.97
C ASN B 62 6.48 9.42 26.34
N ASP B 63 7.75 9.07 26.57
CA ASP B 63 8.19 8.51 27.84
C ASP B 63 8.93 9.54 28.69
N SER B 64 8.79 10.83 28.38
CA SER B 64 9.42 11.91 29.13
C SER B 64 10.93 11.76 29.18
N VAL B 65 11.52 11.29 28.07
CA VAL B 65 12.98 11.17 27.99
C VAL B 65 13.57 12.56 27.83
N ARG B 66 14.87 12.69 28.10
CA ARG B 66 15.55 13.96 28.05
C ARG B 66 16.31 14.11 26.74
N THR B 67 16.04 15.19 26.02
CA THR B 67 16.74 15.50 24.79
C THR B 67 17.94 16.40 25.10
N ARG B 68 18.55 16.95 24.05
CA ARG B 68 19.67 17.85 24.25
C ARG B 68 19.25 19.13 24.97
N LEU B 69 18.08 19.66 24.64
CA LEU B 69 17.62 20.90 25.26
C LEU B 69 17.35 20.72 26.75
N THR B 70 16.64 19.64 27.11
CA THR B 70 16.33 19.39 28.51
C THR B 70 17.60 19.15 29.32
N HIS B 71 18.53 18.36 28.77
CA HIS B 71 19.80 18.11 29.45
C HIS B 71 20.59 19.40 29.61
N SER B 72 20.60 20.24 28.58
CA SER B 72 21.31 21.51 28.67
C SER B 72 20.70 22.41 29.74
N HIS B 73 19.38 22.46 29.80
CA HIS B 73 18.72 23.28 30.82
C HIS B 73 19.00 22.76 32.22
N GLU B 74 19.00 21.44 32.40
CA GLU B 74 19.31 20.87 33.71
C GLU B 74 20.75 21.17 34.13
N VAL B 75 21.69 21.04 33.19
CA VAL B 75 23.08 21.38 33.48
C VAL B 75 23.21 22.85 33.83
N ALA B 76 22.50 23.71 33.10
CA ALA B 76 22.54 25.14 33.38
C ALA B 76 21.99 25.43 34.77
N ASN B 77 20.91 24.75 35.15
CA ASN B 77 20.33 24.96 36.48
C ASN B 77 21.30 24.53 37.58
N LEU B 78 21.94 23.38 37.40
CA LEU B 78 22.91 22.92 38.39
C LEU B 78 24.09 23.89 38.50
N SER B 79 24.58 24.36 37.35
CA SER B 79 25.69 25.32 37.36
C SER B 79 25.29 26.62 38.02
N ARG B 80 24.06 27.08 37.77
CA ARG B 80 23.57 28.29 38.41
C ARG B 80 23.46 28.12 39.92
N GLY B 81 22.99 26.95 40.37
CA GLY B 81 22.93 26.70 41.80
C GLY B 81 24.30 26.73 42.44
N ILE B 82 25.28 26.08 41.80
CA ILE B 82 26.65 26.10 42.31
C ILE B 82 27.19 27.53 42.32
N GLY B 83 26.88 28.32 41.29
CA GLY B 83 27.35 29.69 41.25
C GLY B 83 26.75 30.55 42.34
N MET B 84 25.46 30.38 42.61
CA MET B 84 24.84 31.12 43.71
C MET B 84 25.44 30.72 45.05
N ARG B 85 25.71 29.42 45.24
CA ARG B 85 26.37 28.98 46.46
C ARG B 85 27.75 29.62 46.60
N LEU B 86 28.50 29.68 45.50
CA LEU B 86 29.84 30.26 45.56
C LEU B 86 29.81 31.76 45.81
N ALA B 87 28.86 32.47 45.20
CA ALA B 87 28.84 33.93 45.27
C ALA B 87 28.11 34.48 46.48
N PHE B 88 27.27 33.68 47.14
CA PHE B 88 26.51 34.16 48.28
C PHE B 88 26.99 33.62 49.60
N GLU B 89 27.64 32.46 49.63
CA GLU B 89 28.12 31.85 50.86
C GLU B 89 29.63 31.71 50.91
N LEU B 90 30.23 31.13 49.88
CA LEU B 90 31.67 30.88 49.84
C LEU B 90 32.43 31.99 49.10
N GLU B 91 31.93 33.23 49.15
CA GLU B 91 32.60 34.32 48.45
C GLU B 91 33.98 34.58 49.02
N ASP B 92 34.11 34.60 50.35
CA ASP B 92 35.41 34.88 50.96
C ASP B 92 36.42 33.77 50.68
N ASP B 93 35.98 32.52 50.72
CA ASP B 93 36.89 31.41 50.54
C ASP B 93 37.35 31.30 49.09
N VAL B 94 36.46 31.58 48.13
CA VAL B 94 36.76 31.36 46.73
C VAL B 94 37.28 32.64 46.09
N PHE B 95 36.46 33.68 46.08
CA PHE B 95 36.78 34.92 45.37
C PHE B 95 37.55 35.85 46.31
N LYS B 96 38.83 36.04 46.01
CA LYS B 96 39.69 36.93 46.78
C LYS B 96 40.34 37.95 45.86
N ASP B 97 40.57 39.15 46.37
CA ASP B 97 41.17 40.25 45.64
C ASP B 97 40.39 40.59 44.36
N VAL B 98 39.06 40.48 44.43
CA VAL B 98 38.21 40.81 43.30
C VAL B 98 37.82 42.28 43.38
N SER B 99 37.95 42.98 42.25
CA SER B 99 37.61 44.39 42.21
C SER B 99 36.13 44.60 42.45
N GLU B 100 35.80 45.73 43.06
CA GLU B 100 34.40 46.05 43.38
C GLU B 100 33.57 46.33 42.14
N ASP B 101 34.21 46.54 40.98
CA ASP B 101 33.46 46.79 39.76
C ASP B 101 32.80 45.53 39.21
N ILE B 102 33.13 44.36 39.77
CA ILE B 102 32.56 43.10 39.34
C ILE B 102 31.52 42.66 40.37
N CYS B 103 30.27 42.53 39.92
CA CYS B 103 29.19 42.06 40.79
C CYS B 103 29.14 40.54 40.69
N LEU B 104 29.76 39.86 41.66
CA LEU B 104 29.84 38.41 41.63
C LEU B 104 28.45 37.78 41.69
N LYS B 105 27.57 38.32 42.54
CA LYS B 105 26.24 37.77 42.74
C LYS B 105 25.41 37.77 41.46
N ARG B 106 25.72 38.65 40.51
CA ARG B 106 25.02 38.70 39.25
C ARG B 106 25.80 38.08 38.09
N ASP B 107 27.11 37.96 38.21
CA ASP B 107 27.93 37.45 37.12
C ASP B 107 28.21 35.96 37.22
N VAL B 108 28.62 35.49 38.41
CA VAL B 108 29.03 34.09 38.55
C VAL B 108 27.88 33.12 38.26
N PRO B 109 26.70 33.26 38.87
CA PRO B 109 25.60 32.35 38.50
C PRO B 109 25.21 32.46 37.04
N ALA B 110 25.17 33.68 36.51
CA ALA B 110 24.84 33.86 35.10
C ALA B 110 25.89 33.22 34.20
N LEU B 111 27.16 33.38 34.55
CA LEU B 111 28.23 32.79 33.74
C LEU B 111 28.14 31.27 33.74
N LEU B 112 27.94 30.68 34.92
CA LEU B 112 27.87 29.23 34.99
C LEU B 112 26.64 28.71 34.25
N ALA B 113 25.50 29.38 34.37
CA ALA B 113 24.31 28.96 33.65
C ALA B 113 24.51 29.08 32.14
N ALA B 114 25.16 30.17 31.69
CA ALA B 114 25.38 30.37 30.26
C ALA B 114 26.29 29.29 29.70
N ILE B 115 27.36 28.96 30.42
CA ILE B 115 28.27 27.95 29.88
C ILE B 115 27.66 26.56 29.99
N GLY B 116 26.77 26.34 30.96
CA GLY B 116 26.07 25.07 31.02
C GLY B 116 25.07 24.89 29.89
N LEU B 117 24.37 25.97 29.53
CA LEU B 117 23.35 25.88 28.49
C LEU B 117 23.97 25.67 27.12
N VAL B 118 25.18 26.19 26.89
CA VAL B 118 25.79 26.18 25.57
C VAL B 118 26.79 25.03 25.40
N HIS B 119 26.93 24.17 26.41
CA HIS B 119 28.00 23.16 26.38
C HIS B 119 27.76 22.11 25.29
N ASP B 120 26.50 21.83 24.97
CA ASP B 120 26.16 20.83 23.96
C ASP B 120 25.33 21.44 22.84
N MET B 121 25.67 22.66 22.43
CA MET B 121 24.86 23.36 21.43
C MET B 121 25.34 23.10 20.01
N GLY B 122 26.64 22.83 19.83
CA GLY B 122 27.18 22.54 18.52
C GLY B 122 27.48 21.08 18.26
N ASN B 123 26.98 20.18 19.09
CA ASN B 123 27.28 18.77 18.93
C ASN B 123 26.56 18.20 17.70
N PRO B 124 27.15 17.22 17.03
CA PRO B 124 26.49 16.60 15.88
C PRO B 124 25.25 15.83 16.29
N PRO B 125 24.32 15.58 15.37
CA PRO B 125 23.10 14.87 15.73
C PRO B 125 23.32 13.40 16.04
N PHE B 126 22.25 12.68 16.37
CA PHE B 126 22.28 11.25 16.66
C PHE B 126 23.19 10.92 17.84
N GLY B 127 23.34 11.86 18.76
CA GLY B 127 24.09 11.61 19.97
C GLY B 127 25.58 11.48 19.72
N HIS B 128 26.27 10.95 20.74
CA HIS B 128 27.72 10.79 20.66
C HIS B 128 28.14 9.92 19.49
N GLN B 129 27.38 8.86 19.20
CA GLN B 129 27.67 8.02 18.05
C GLN B 129 27.85 8.85 16.78
N GLY B 130 27.02 9.88 16.62
CA GLY B 130 27.17 10.75 15.46
C GLY B 130 28.60 11.21 15.26
N GLU B 131 29.21 11.74 16.32
CA GLU B 131 30.61 12.15 16.24
C GLU B 131 31.46 11.03 15.67
N LYS B 132 31.37 9.84 16.29
CA LYS B 132 32.14 8.70 15.81
C LYS B 132 31.92 8.50 14.32
N ALA B 133 30.66 8.47 13.89
CA ALA B 133 30.36 8.29 12.47
C ALA B 133 31.12 9.32 11.65
N MET B 134 30.97 10.60 12.00
CA MET B 134 31.68 11.64 11.28
C MET B 134 33.17 11.32 11.21
N SER B 135 33.78 11.05 12.37
CA SER B 135 35.20 10.73 12.39
C SER B 135 35.50 9.59 11.42
N GLU B 136 34.74 8.50 11.53
CA GLU B 136 34.98 7.36 10.65
C GLU B 136 34.92 7.79 9.20
N TRP B 137 33.88 8.54 8.83
CA TRP B 137 33.77 8.99 7.45
C TRP B 137 35.01 9.76 7.04
N PHE B 138 35.42 10.72 7.87
CA PHE B 138 36.61 11.49 7.54
C PHE B 138 37.83 10.59 7.47
N THR B 139 37.93 9.63 8.39
CA THR B 139 39.08 8.73 8.41
C THR B 139 39.14 7.92 7.12
N LYS B 140 37.99 7.74 6.46
CA LYS B 140 37.99 7.00 5.20
C LYS B 140 38.16 7.95 4.02
N ASN B 141 37.70 9.19 4.14
CA ASN B 141 37.68 10.11 3.01
C ASN B 141 38.77 11.17 3.07
N LEU B 142 39.52 11.25 4.17
CA LEU B 142 40.70 12.09 4.27
C LEU B 142 41.86 11.22 4.72
N PRO B 143 42.37 10.37 3.83
CA PRO B 143 43.40 9.41 4.23
C PRO B 143 44.66 10.12 4.72
N GLU B 144 45.26 9.54 5.76
CA GLU B 144 46.45 10.14 6.36
C GLU B 144 47.66 9.95 5.45
N HIS B 145 47.72 8.83 4.74
CA HIS B 145 48.86 8.56 3.86
C HIS B 145 48.88 9.49 2.65
N SER B 146 47.72 10.01 2.25
CA SER B 146 47.66 10.89 1.10
C SER B 146 48.36 12.22 1.40
N ASP B 147 49.00 12.78 0.37
CA ASP B 147 49.72 14.03 0.54
C ASP B 147 48.78 15.19 0.83
N ASN B 148 47.57 15.14 0.25
CA ASN B 148 46.60 16.22 0.47
C ASN B 148 46.18 16.30 1.92
N TYR B 149 46.00 15.16 2.58
CA TYR B 149 45.51 15.12 3.95
C TYR B 149 46.53 14.48 4.87
N LYS B 150 47.80 14.85 4.72
CA LYS B 150 48.88 14.31 5.54
C LYS B 150 49.13 15.13 6.79
N ASP B 151 48.85 16.43 6.76
CA ASP B 151 49.12 17.30 7.89
C ASP B 151 48.23 16.95 9.07
N LYS B 152 48.71 17.28 10.27
CA LYS B 152 47.97 16.98 11.49
C LYS B 152 46.73 17.83 11.66
N ILE B 153 46.62 18.94 10.93
CA ILE B 153 45.45 19.80 11.05
C ILE B 153 44.18 19.05 10.66
N TYR B 154 44.27 18.17 9.66
CA TYR B 154 43.11 17.39 9.25
C TYR B 154 42.66 16.42 10.34
N GLY B 155 43.49 16.19 11.36
CA GLY B 155 43.04 15.44 12.52
C GLY B 155 41.82 16.06 13.16
N ASP B 156 41.69 17.40 13.08
CA ASP B 156 40.50 18.10 13.55
C ASP B 156 39.23 17.46 13.03
N PHE B 157 39.30 16.83 11.86
CA PHE B 157 38.18 16.13 11.27
C PHE B 157 38.25 14.63 11.46
N ARG B 158 39.45 14.06 11.56
CA ARG B 158 39.57 12.63 11.81
C ARG B 158 39.26 12.28 13.26
N HIS B 159 39.35 13.25 14.16
CA HIS B 159 38.99 13.10 15.57
C HIS B 159 38.00 14.19 15.95
N PHE B 160 36.96 14.33 15.14
CA PHE B 160 35.99 15.41 15.29
C PHE B 160 35.38 15.41 16.69
N ASP B 161 35.31 16.59 17.28
CA ASP B 161 34.78 16.77 18.63
C ASP B 161 33.71 17.84 18.62
N GLY B 162 32.69 17.67 19.46
CA GLY B 162 31.59 18.61 19.48
C GLY B 162 31.95 19.93 20.14
N ASN B 163 32.94 19.93 21.03
CA ASN B 163 33.32 21.16 21.73
C ASN B 163 33.92 22.18 20.77
N SER B 164 34.80 21.73 19.88
CA SER B 164 35.39 22.64 18.90
C SER B 164 34.33 23.21 17.96
N GLN B 165 33.39 22.36 17.53
CA GLN B 165 32.31 22.84 16.68
C GLN B 165 31.42 23.83 17.42
N THR B 166 31.19 23.60 18.73
CA THR B 166 30.39 24.55 19.51
C THR B 166 31.09 25.90 19.60
N LEU B 167 32.40 25.89 19.84
CA LEU B 167 33.15 27.14 19.89
C LEU B 167 33.11 27.85 18.54
N ARG B 168 33.27 27.10 17.46
CA ARG B 168 33.18 27.68 16.12
C ARG B 168 31.80 28.28 15.87
N LEU B 169 30.76 27.61 16.34
CA LEU B 169 29.39 28.05 16.07
C LEU B 169 29.04 29.29 16.88
N VAL B 170 29.61 29.43 18.08
CA VAL B 170 29.34 30.62 18.91
C VAL B 170 30.31 31.75 18.63
N THR B 171 31.38 31.51 17.86
CA THR B 171 32.35 32.57 17.59
C THR B 171 32.38 33.00 16.13
N LYS B 172 32.28 32.07 15.19
CA LYS B 172 32.43 32.42 13.77
C LYS B 172 31.24 31.98 12.93
N LEU B 173 30.57 30.89 13.29
CA LEU B 173 29.54 30.29 12.46
C LEU B 173 28.18 30.91 12.76
N GLN B 174 27.96 32.09 12.20
CA GLN B 174 26.67 32.77 12.27
C GLN B 174 26.29 33.25 10.87
N ILE B 175 25.12 33.85 10.76
CA ILE B 175 24.64 34.33 9.46
C ILE B 175 25.53 35.45 8.95
N LEU B 176 25.89 36.39 9.81
CA LEU B 176 26.80 37.47 9.46
C LEU B 176 28.23 37.00 9.64
N ASN B 177 29.04 37.12 8.59
CA ASN B 177 30.44 36.72 8.65
C ASN B 177 31.29 37.89 9.14
N ASP B 178 31.11 38.22 10.42
CA ASP B 178 31.90 39.25 11.07
C ASP B 178 32.98 38.70 11.97
N THR B 179 33.20 37.38 11.95
CA THR B 179 34.16 36.68 12.80
C THR B 179 33.92 36.93 14.28
N TYR B 180 32.70 37.30 14.67
CA TYR B 180 32.36 37.56 16.06
C TYR B 180 31.16 36.76 16.56
N GLY B 181 30.29 36.30 15.67
CA GLY B 181 29.19 35.44 16.08
C GLY B 181 28.26 36.13 17.06
N LEU B 182 27.95 35.44 18.15
CA LEU B 182 27.08 35.98 19.19
C LEU B 182 27.76 37.08 19.99
N ASN B 183 29.06 37.26 19.84
CA ASN B 183 29.82 38.30 20.54
C ASN B 183 29.66 38.17 22.05
N LEU B 184 29.99 36.99 22.55
CA LEU B 184 29.95 36.73 23.99
C LEU B 184 31.13 37.39 24.68
N THR B 185 31.03 37.52 25.99
CA THR B 185 32.10 38.11 26.77
C THR B 185 33.32 37.18 26.80
N TYR B 186 34.47 37.76 27.16
CA TYR B 186 35.70 36.98 27.18
C TYR B 186 35.65 35.88 28.23
N ALA B 187 35.02 36.15 29.37
CA ALA B 187 34.91 35.13 30.40
C ALA B 187 34.09 33.94 29.90
N THR B 188 32.98 34.20 29.23
CA THR B 188 32.15 33.11 28.71
C THR B 188 32.92 32.29 27.68
N LEU B 189 33.59 32.97 26.74
CA LEU B 189 34.34 32.26 25.71
C LEU B 189 35.46 31.43 26.32
N ALA B 190 36.16 31.98 27.31
CA ALA B 190 37.20 31.23 27.99
C ALA B 190 36.64 30.00 28.69
N SER B 191 35.47 30.14 29.31
CA SER B 191 34.86 29.00 29.99
C SER B 191 34.34 27.96 29.02
N MET B 192 34.00 28.36 27.79
CA MET B 192 33.54 27.40 26.80
C MET B 192 34.63 26.40 26.42
N ILE B 193 35.88 26.85 26.39
CA ILE B 193 36.99 25.98 25.98
C ILE B 193 37.20 24.92 27.03
N LYS B 194 36.80 23.69 26.72
CA LYS B 194 36.92 22.57 27.66
C LYS B 194 38.35 22.06 27.69
N TYR B 195 38.84 21.62 26.53
CA TYR B 195 40.23 21.20 26.40
C TYR B 195 41.05 22.33 25.79
N PRO B 196 41.97 22.92 26.55
CA PRO B 196 42.74 24.06 26.01
C PRO B 196 43.94 23.62 25.17
N ARG B 197 43.65 22.90 24.09
CA ARG B 197 44.70 22.44 23.19
C ARG B 197 44.08 22.12 21.83
N SER B 198 44.93 22.07 20.82
CA SER B 198 44.53 21.72 19.47
C SER B 198 45.14 20.39 19.05
N SER B 199 44.71 19.89 17.90
CA SER B 199 45.23 18.62 17.41
C SER B 199 46.68 18.73 17.00
N GLU B 200 47.12 19.93 16.61
CA GLU B 200 48.52 20.13 16.28
C GLU B 200 49.42 19.87 17.47
N SER B 201 49.03 20.37 18.65
CA SER B 201 49.81 20.15 19.86
C SER B 201 49.54 18.78 20.44
N ASP B 202 50.55 18.20 21.07
CA ASP B 202 50.45 16.90 21.72
C ASP B 202 50.53 17.10 23.23
N SER B 203 49.49 16.66 23.94
CA SER B 203 49.43 16.79 25.38
C SER B 203 48.87 15.51 25.98
N SER B 204 49.30 15.21 27.21
CA SER B 204 48.82 14.04 27.92
C SER B 204 47.71 14.37 28.91
N LEU B 205 47.66 15.61 29.41
CA LEU B 205 46.61 16.00 30.34
C LEU B 205 45.24 15.97 29.66
N TRP B 206 45.16 16.46 28.43
CA TRP B 206 43.91 16.52 27.68
C TRP B 206 44.01 15.59 26.48
N LYS B 207 43.05 14.68 26.35
CA LYS B 207 43.05 13.74 25.24
C LYS B 207 42.54 14.38 23.95
N LYS B 208 41.37 15.00 24.02
CA LYS B 208 40.76 15.60 22.84
C LYS B 208 41.21 17.05 22.67
N HIS B 209 41.03 17.55 21.45
CA HIS B 209 41.29 18.95 21.15
C HIS B 209 40.04 19.79 21.38
N GLY B 210 40.25 21.04 21.73
CA GLY B 210 39.15 21.90 22.10
C GLY B 210 38.74 22.94 21.09
N PHE B 211 39.56 23.14 20.05
CA PHE B 211 39.23 24.13 19.04
C PHE B 211 39.87 23.72 17.72
N PHE B 212 39.28 24.19 16.63
CA PHE B 212 39.79 23.93 15.29
C PHE B 212 40.94 24.88 14.96
N LEU B 213 41.59 24.62 13.83
CA LEU B 213 42.65 25.50 13.36
C LEU B 213 42.11 26.87 13.00
N SER B 214 40.93 26.92 12.36
CA SER B 214 40.37 28.19 11.91
C SER B 214 40.11 29.15 13.06
N GLU B 215 39.79 28.63 14.24
CA GLU B 215 39.53 29.45 15.41
C GLU B 215 40.77 29.68 16.26
N LYS B 216 41.92 29.16 15.84
CA LYS B 216 43.13 29.23 16.67
C LYS B 216 43.42 30.67 17.09
N ASP B 217 43.48 31.59 16.13
CA ASP B 217 43.74 32.99 16.46
C ASP B 217 42.73 33.52 17.45
N VAL B 218 41.45 33.21 17.24
CA VAL B 218 40.41 33.66 18.16
C VAL B 218 40.71 33.17 19.56
N VAL B 219 41.05 31.89 19.68
CA VAL B 219 41.37 31.33 21.00
C VAL B 219 42.54 32.08 21.61
N GLN B 220 43.57 32.37 20.81
CA GLN B 220 44.70 33.12 21.31
C GLN B 220 44.25 34.46 21.87
N ASP B 221 43.37 35.15 21.13
CA ASP B 221 42.86 36.43 21.62
C ASP B 221 42.17 36.26 22.95
N ILE B 222 41.35 35.21 23.07
CA ILE B 222 40.65 34.96 24.34
C ILE B 222 41.66 34.82 25.46
N TRP B 223 42.73 34.04 25.22
CA TRP B 223 43.74 33.86 26.24
C TRP B 223 44.39 35.19 26.60
N ASN B 224 44.70 36.01 25.59
CA ASN B 224 45.34 37.28 25.84
C ASN B 224 44.44 38.21 26.65
N ASN B 225 43.12 38.01 26.56
CA ASN B 225 42.20 38.85 27.30
C ASN B 225 41.71 38.19 28.58
N THR B 226 42.19 36.99 28.89
CA THR B 226 41.73 36.28 30.08
C THR B 226 42.88 35.90 31.01
N GLY B 227 44.11 35.89 30.51
CA GLY B 227 45.24 35.48 31.31
C GLY B 227 45.53 33.99 31.30
N LEU B 228 44.73 33.21 30.58
CA LEU B 228 44.98 31.78 30.44
C LEU B 228 46.04 31.55 29.37
N SER B 229 46.34 30.27 29.11
CA SER B 229 47.32 29.90 28.11
C SER B 229 47.01 28.49 27.64
N GLU B 230 47.81 28.00 26.70
CA GLU B 230 47.64 26.64 26.20
C GLU B 230 47.85 25.63 27.32
N GLY B 231 46.93 24.69 27.44
CA GLY B 231 46.99 23.68 28.48
C GLY B 231 46.43 24.09 29.81
N VAL B 232 45.98 25.34 29.96
CA VAL B 232 45.41 25.82 31.21
C VAL B 232 43.91 26.02 31.00
N ARG B 233 43.12 25.42 31.89
CA ARG B 233 41.67 25.43 31.77
C ARG B 233 41.06 26.43 32.74
N HIS B 234 40.01 27.12 32.29
CA HIS B 234 39.34 28.10 33.13
C HIS B 234 38.73 27.40 34.34
N PRO B 235 38.78 28.01 35.53
CA PRO B 235 38.26 27.33 36.73
C PRO B 235 36.80 26.93 36.64
N PHE B 236 35.96 27.76 36.01
CA PHE B 236 34.53 27.44 35.90
C PHE B 236 34.26 26.31 34.92
N THR B 237 35.20 26.01 34.02
CA THR B 237 35.04 24.87 33.13
C THR B 237 35.02 23.57 33.92
N TYR B 238 35.79 23.49 35.01
CA TYR B 238 35.73 22.31 35.87
C TYR B 238 34.34 22.14 36.47
N ILE B 239 33.74 23.23 36.94
CA ILE B 239 32.39 23.15 37.51
C ILE B 239 31.39 22.75 36.44
N MET B 240 31.50 23.31 35.24
CA MET B 240 30.60 22.96 34.16
C MET B 240 30.72 21.47 33.80
N GLU B 241 31.95 20.96 33.72
CA GLU B 241 32.15 19.55 33.40
C GLU B 241 31.63 18.66 34.50
N ALA B 242 31.82 19.05 35.77
CA ALA B 242 31.28 18.27 36.88
C ALA B 242 29.77 18.22 36.83
N CYS B 243 29.12 19.36 36.56
CA CYS B 243 27.67 19.38 36.45
C CYS B 243 27.20 18.52 35.29
N ASP B 244 27.91 18.58 34.15
CA ASP B 244 27.55 17.74 33.01
C ASP B 244 27.66 16.26 33.35
N ASP B 245 28.73 15.87 34.05
CA ASP B 245 28.91 14.48 34.43
C ASP B 245 27.83 14.02 35.41
N ILE B 246 27.49 14.88 36.39
CA ILE B 246 26.45 14.53 37.35
C ILE B 246 25.11 14.35 36.63
N ALA B 247 24.77 15.28 35.74
CA ALA B 247 23.52 15.17 34.99
C ALA B 247 23.50 13.90 34.16
N TYR B 248 24.59 13.63 33.44
CA TYR B 248 24.71 12.38 32.71
C TYR B 248 24.41 11.18 33.61
N SER B 249 25.22 11.00 34.65
CA SER B 249 25.16 9.79 35.47
C SER B 249 23.81 9.61 36.14
N VAL B 250 23.17 10.68 36.58
CA VAL B 250 21.91 10.56 37.32
C VAL B 250 20.71 10.50 36.38
N LEU B 251 20.57 11.47 35.48
CA LEU B 251 19.38 11.53 34.65
C LEU B 251 19.35 10.42 33.60
N ASP B 252 20.51 9.95 33.12
CA ASP B 252 20.49 8.80 32.21
C ASP B 252 19.99 7.55 32.93
N ALA B 253 20.40 7.34 34.19
CA ALA B 253 19.88 6.23 34.96
C ALA B 253 18.38 6.37 35.18
N GLU B 254 17.92 7.60 35.46
CA GLU B 254 16.49 7.82 35.62
C GLU B 254 15.73 7.49 34.34
N ASP B 255 16.27 7.89 33.18
CA ASP B 255 15.64 7.58 31.91
C ASP B 255 15.65 6.08 31.64
N ILE B 256 16.73 5.40 32.04
CA ILE B 256 16.79 3.94 31.87
C ILE B 256 15.69 3.27 32.68
N ILE B 257 15.50 3.69 33.93
CA ILE B 257 14.45 3.11 34.75
C ILE B 257 13.08 3.43 34.17
N LYS B 258 12.89 4.67 33.71
CA LYS B 258 11.60 5.05 33.14
C LYS B 258 11.27 4.25 31.89
N LYS B 259 12.27 4.01 31.04
CA LYS B 259 12.04 3.29 29.79
C LYS B 259 11.81 1.80 30.00
N GLY B 260 12.02 1.30 31.22
CA GLY B 260 11.79 -0.11 31.51
C GLY B 260 12.96 -1.02 31.29
N PHE B 261 14.13 -0.49 30.94
CA PHE B 261 15.32 -1.33 30.77
C PHE B 261 15.85 -1.87 32.09
N ALA B 262 15.43 -1.29 33.22
CA ALA B 262 15.84 -1.76 34.53
C ALA B 262 14.81 -1.27 35.53
N SER B 263 15.04 -1.57 36.81
CA SER B 263 14.14 -1.17 37.88
C SER B 263 14.93 -0.50 38.99
N PHE B 264 14.19 0.11 39.92
CA PHE B 264 14.84 0.79 41.04
C PHE B 264 15.61 -0.19 41.91
N HIS B 265 15.05 -1.39 42.14
CA HIS B 265 15.74 -2.39 42.93
C HIS B 265 17.00 -2.87 42.24
N ASP B 266 16.99 -2.96 40.89
CA ASP B 266 18.19 -3.33 40.17
C ASP B 266 19.30 -2.32 40.39
N LEU B 267 18.96 -1.03 40.33
CA LEU B 267 19.97 0.01 40.57
C LEU B 267 20.47 -0.03 42.00
N ILE B 268 19.57 -0.25 42.97
CA ILE B 268 19.98 -0.33 44.36
C ILE B 268 20.95 -1.49 44.57
N ASP B 269 20.64 -2.65 43.98
CA ASP B 269 21.52 -3.81 44.12
C ASP B 269 22.86 -3.57 43.42
N PHE B 270 22.84 -2.91 42.26
CA PHE B 270 24.08 -2.61 41.56
C PHE B 270 24.97 -1.68 42.38
N ILE B 271 24.36 -0.66 43.00
CA ILE B 271 25.14 0.26 43.81
C ILE B 271 25.68 -0.44 45.06
N GLN B 272 24.85 -1.26 45.71
CA GLN B 272 25.28 -1.94 46.92
C GLN B 272 26.40 -2.94 46.63
N SER B 273 26.31 -3.67 45.53
CA SER B 273 27.29 -4.70 45.19
C SER B 273 28.49 -4.15 44.43
N ASN B 274 28.51 -2.85 44.12
CA ASN B 274 29.65 -2.28 43.43
C ASN B 274 30.89 -2.33 44.31
N GLN B 275 32.04 -2.58 43.69
CA GLN B 275 33.28 -2.78 44.44
C GLN B 275 33.67 -1.52 45.21
N PHE B 276 33.57 -0.36 44.57
CA PHE B 276 33.99 0.89 45.20
C PHE B 276 32.89 1.56 45.99
N CYS B 277 31.63 1.17 45.81
CA CYS B 277 30.52 1.78 46.52
C CYS B 277 30.11 1.02 47.77
N LYS B 278 30.81 -0.07 48.11
CA LYS B 278 30.48 -0.82 49.32
C LYS B 278 30.84 -0.03 50.57
N GLU B 279 31.89 0.79 50.51
CA GLU B 279 32.35 1.55 51.66
C GLU B 279 32.26 3.06 51.46
N ASP B 280 31.69 3.52 50.36
CA ASP B 280 31.57 4.95 50.12
C ASP B 280 30.48 5.55 51.01
N ASP B 281 30.82 6.61 51.73
CA ASP B 281 29.85 7.24 52.63
C ASP B 281 28.69 7.85 51.86
N VAL B 282 28.97 8.49 50.72
CA VAL B 282 27.92 9.11 49.94
C VAL B 282 26.95 8.06 49.41
N ALA B 283 27.50 6.96 48.86
CA ALA B 283 26.65 5.89 48.36
C ALA B 283 25.84 5.26 49.49
N LYS B 284 26.46 5.06 50.65
CA LYS B 284 25.73 4.49 51.78
C LYS B 284 24.57 5.39 52.19
N ARG B 285 24.81 6.70 52.29
CA ARG B 285 23.75 7.62 52.67
C ARG B 285 22.63 7.63 51.64
N VAL B 286 22.99 7.63 50.36
CA VAL B 286 21.97 7.62 49.31
C VAL B 286 21.12 6.35 49.40
N ILE B 287 21.76 5.20 49.59
CA ILE B 287 21.01 3.94 49.67
C ILE B 287 20.11 3.94 50.89
N GLU B 288 20.61 4.39 52.04
CA GLU B 288 19.79 4.41 53.25
C GLU B 288 18.59 5.32 53.08
N ASN B 289 18.80 6.52 52.53
CA ASN B 289 17.69 7.44 52.32
C ASN B 289 16.67 6.85 51.34
N CYS B 290 17.16 6.22 50.27
CA CYS B 290 16.26 5.62 49.29
C CYS B 290 15.41 4.53 49.91
N LYS B 291 16.03 3.65 50.72
CA LYS B 291 15.26 2.58 51.37
C LYS B 291 14.28 3.14 52.39
N LYS B 292 14.69 4.17 53.14
CA LYS B 292 13.80 4.76 54.12
C LYS B 292 12.59 5.39 53.46
N ILE B 293 12.79 6.06 52.34
CA ILE B 293 11.63 6.62 51.63
C ILE B 293 10.82 5.52 50.96
N HIS B 294 11.47 4.44 50.53
CA HIS B 294 10.76 3.39 49.81
C HIS B 294 9.85 2.59 50.72
N ALA B 295 10.24 2.40 51.98
CA ALA B 295 9.35 1.71 52.92
C ALA B 295 8.04 2.48 53.09
N ASP B 296 8.14 3.78 53.43
CA ASP B 296 6.94 4.60 53.56
C ASP B 296 6.18 4.69 52.23
N TYR B 297 6.91 4.59 51.12
CA TYR B 297 6.28 4.73 49.81
C TYR B 297 5.46 3.50 49.47
N ALA B 298 5.94 2.33 49.88
CA ALA B 298 5.19 1.09 49.69
C ALA B 298 4.05 0.95 50.68
N GLN B 299 4.06 1.74 51.77
CA GLN B 299 2.90 1.74 52.66
C GLN B 299 1.63 2.15 51.92
N GLN B 300 1.70 3.17 51.07
CA GLN B 300 0.54 3.59 50.30
C GLN B 300 0.26 2.62 49.17
N LYS B 301 -0.93 2.74 48.59
CA LYS B 301 -1.35 1.90 47.46
C LYS B 301 -0.88 2.53 46.17
N LEU B 302 0.19 1.99 45.60
CA LEU B 302 0.76 2.49 44.36
C LEU B 302 1.01 1.34 43.40
N SER B 303 0.85 1.63 42.11
CA SER B 303 1.19 0.65 41.08
C SER B 303 2.69 0.46 41.03
N PRO B 304 3.16 -0.71 40.56
CA PRO B 304 4.61 -0.93 40.47
C PRO B 304 5.33 0.12 39.63
N ALA B 305 4.73 0.55 38.52
CA ALA B 305 5.34 1.59 37.71
C ALA B 305 5.44 2.91 38.49
N GLU B 306 4.36 3.29 39.18
CA GLU B 306 4.36 4.53 39.95
C GLU B 306 5.37 4.47 41.09
N LEU B 307 5.43 3.32 41.79
CA LEU B 307 6.39 3.16 42.87
C LEU B 307 7.81 3.27 42.35
N ASN B 308 8.13 2.59 41.25
CA ASN B 308 9.46 2.68 40.66
C ASN B 308 9.78 4.11 40.26
N ASP B 309 8.81 4.80 39.65
CA ASP B 309 9.04 6.15 39.16
C ASP B 309 9.37 7.10 40.31
N MET B 310 8.57 7.09 41.37
CA MET B 310 8.82 8.04 42.46
C MET B 310 10.00 7.62 43.32
N SER B 311 10.26 6.31 43.41
CA SER B 311 11.48 5.86 44.09
C SER B 311 12.71 6.36 43.36
N MET B 312 12.70 6.30 42.03
CA MET B 312 13.82 6.84 41.27
C MET B 312 13.87 8.36 41.33
N GLN B 313 12.71 9.02 41.46
CA GLN B 313 12.72 10.46 41.68
C GLN B 313 13.43 10.82 42.98
N MET B 314 13.12 10.09 44.05
CA MET B 314 13.80 10.31 45.33
C MET B 314 15.29 10.01 45.22
N PHE B 315 15.65 8.93 44.50
CA PHE B 315 17.05 8.62 44.29
C PHE B 315 17.75 9.75 43.54
N ARG B 316 17.09 10.30 42.52
CA ARG B 316 17.65 11.42 41.78
C ARG B 316 17.89 12.61 42.69
N VAL B 317 16.90 12.92 43.53
CA VAL B 317 17.03 14.06 44.44
C VAL B 317 18.23 13.87 45.36
N TYR B 318 18.30 12.71 46.02
CA TYR B 318 19.39 12.47 46.98
C TYR B 318 20.74 12.47 46.29
N ALA B 319 20.85 11.78 45.15
CA ALA B 319 22.13 11.68 44.45
C ALA B 319 22.60 13.03 43.95
N ILE B 320 21.68 13.82 43.37
CA ILE B 320 22.05 15.14 42.87
C ILE B 320 22.49 16.03 44.02
N ALA B 321 21.76 16.00 45.14
CA ALA B 321 22.16 16.83 46.28
C ALA B 321 23.55 16.44 46.78
N GLU B 322 23.79 15.15 46.96
CA GLU B 322 25.09 14.70 47.48
C GLU B 322 26.21 15.06 46.52
N LEU B 323 26.01 14.80 45.22
CA LEU B 323 27.06 15.06 44.24
C LEU B 323 27.34 16.56 44.12
N VAL B 324 26.30 17.40 44.14
CA VAL B 324 26.51 18.83 44.04
C VAL B 324 27.26 19.34 45.28
N ASP B 325 26.88 18.86 46.46
CA ASP B 325 27.59 19.27 47.67
C ASP B 325 29.06 18.84 47.62
N ALA B 326 29.31 17.61 47.19
CA ALA B 326 30.69 17.13 47.10
C ALA B 326 31.50 17.94 46.09
N VAL B 327 30.89 18.27 44.95
CA VAL B 327 31.59 19.05 43.93
C VAL B 327 31.91 20.45 44.46
N VAL B 328 30.95 21.07 45.13
CA VAL B 328 31.20 22.41 45.68
C VAL B 328 32.31 22.37 46.73
N ILE B 329 32.29 21.36 47.59
CA ILE B 329 33.33 21.24 48.61
C ILE B 329 34.70 21.04 47.97
N ALA B 330 34.76 20.18 46.95
CA ALA B 330 36.03 19.93 46.28
C ALA B 330 36.55 21.18 45.58
N PHE B 331 35.66 21.95 44.95
CA PHE B 331 36.08 23.18 44.29
C PHE B 331 36.57 24.19 45.31
N LYS B 332 35.89 24.31 46.45
CA LYS B 332 36.32 25.24 47.48
C LYS B 332 37.67 24.85 48.06
N ASP B 333 37.89 23.56 48.28
CA ASP B 333 39.14 23.10 48.89
C ASP B 333 40.32 23.30 47.95
N ASN B 334 40.14 23.00 46.66
CA ASN B 334 41.23 23.06 45.69
C ASN B 334 41.16 24.33 44.84
N ILE B 335 40.70 25.45 45.41
CA ILE B 335 40.58 26.68 44.64
C ILE B 335 41.96 27.23 44.30
N ASN B 336 42.92 27.09 45.20
CA ASN B 336 44.27 27.60 44.95
C ASN B 336 44.92 26.87 43.79
N GLU B 337 44.76 25.55 43.73
CA GLU B 337 45.34 24.78 42.63
C GLU B 337 44.68 25.13 41.31
N PHE B 338 43.37 25.37 41.32
CA PHE B 338 42.66 25.71 40.09
C PHE B 338 43.11 27.06 39.55
N LEU B 339 43.46 28.00 40.43
CA LEU B 339 43.91 29.32 40.02
C LEU B 339 45.38 29.35 39.61
N ASN B 340 46.10 28.24 39.78
CA ASN B 340 47.50 28.18 39.40
C ASN B 340 47.64 27.95 37.91
N ASP B 341 48.70 28.52 37.33
CA ASP B 341 48.96 28.36 35.90
C ASP B 341 49.39 26.95 35.53
N THR B 342 49.75 26.13 36.50
CA THR B 342 50.21 24.76 36.26
C THR B 342 49.24 23.74 36.86
N CYS B 343 47.95 24.01 36.74
CA CYS B 343 46.94 23.08 37.25
C CYS B 343 46.93 21.81 36.42
N GLU B 344 46.93 20.67 37.09
CA GLU B 344 46.95 19.37 36.43
C GLU B 344 45.77 18.49 36.83
N ILE B 345 44.72 19.07 37.40
CA ILE B 345 43.55 18.28 37.79
C ILE B 345 42.75 17.93 36.54
N LYS B 346 42.46 16.64 36.36
CA LYS B 346 41.71 16.20 35.20
C LYS B 346 40.23 16.58 35.30
N ASP B 347 39.62 16.37 36.45
CA ASP B 347 38.21 16.70 36.62
C ASP B 347 37.93 16.96 38.09
N LEU B 348 36.85 17.70 38.35
CA LEU B 348 36.50 18.07 39.71
C LEU B 348 35.89 16.92 40.48
N ILE B 349 35.19 16.01 39.80
CA ILE B 349 34.51 14.93 40.49
C ILE B 349 35.50 13.98 41.16
N SER B 350 36.61 13.69 40.47
CA SER B 350 37.60 12.76 41.01
C SER B 350 38.19 13.24 42.33
N CYS B 351 38.28 14.56 42.51
CA CYS B 351 38.77 15.12 43.77
C CYS B 351 37.69 15.21 44.83
N SER B 352 36.44 14.93 44.49
CA SER B 352 35.33 15.01 45.43
C SER B 352 35.04 13.63 46.02
N SER B 353 34.17 13.62 47.03
CA SER B 353 33.78 12.37 47.68
C SER B 353 32.69 11.62 46.93
N GLY B 354 32.13 12.21 45.88
CA GLY B 354 31.11 11.54 45.09
C GLY B 354 31.67 10.87 43.86
N LYS B 355 32.99 10.66 43.83
CA LYS B 355 33.63 10.05 42.68
C LYS B 355 33.15 8.61 42.49
N ASN B 356 33.10 7.83 43.57
CA ASN B 356 32.70 6.43 43.46
C ASN B 356 31.25 6.31 43.01
N LEU B 357 30.36 7.12 43.58
CA LEU B 357 28.95 7.07 43.19
C LEU B 357 28.77 7.43 41.73
N CYS B 358 29.45 8.48 41.27
CA CYS B 358 29.33 8.89 39.88
C CYS B 358 29.89 7.82 38.95
N GLN B 359 31.02 7.21 39.31
CA GLN B 359 31.58 6.15 38.48
C GLN B 359 30.65 4.94 38.41
N ALA B 360 30.06 4.56 39.55
CA ALA B 360 29.13 3.44 39.55
C ALA B 360 27.89 3.75 38.72
N LEU B 361 27.38 4.98 38.80
CA LEU B 361 26.24 5.36 37.99
C LEU B 361 26.58 5.34 36.50
N LYS B 362 27.77 5.80 36.13
CA LYS B 362 28.18 5.75 34.74
C LYS B 362 28.30 4.30 34.25
N LYS B 363 28.86 3.42 35.09
CA LYS B 363 28.95 2.02 34.72
C LYS B 363 27.57 1.40 34.56
N PHE B 364 26.64 1.73 35.46
CA PHE B 364 25.27 1.22 35.34
C PHE B 364 24.61 1.70 34.07
N ASP B 365 24.78 2.99 33.74
CA ASP B 365 24.20 3.53 32.52
C ASP B 365 24.78 2.87 31.29
N SER B 366 26.09 2.65 31.28
CA SER B 366 26.73 2.00 30.14
C SER B 366 26.25 0.56 29.98
N SER B 367 26.18 -0.18 31.08
CA SER B 367 25.83 -1.60 30.99
C SER B 367 24.35 -1.79 30.65
N ARG B 368 23.48 -0.94 31.19
CA ARG B 368 22.04 -1.16 31.03
C ARG B 368 21.46 -0.37 29.86
N GLY B 369 21.83 0.89 29.73
CA GLY B 369 21.20 1.75 28.73
C GLY B 369 21.96 1.93 27.43
N TYR B 370 23.26 2.24 27.52
CA TYR B 370 24.01 2.57 26.32
C TYR B 370 24.23 1.35 25.43
N GLN B 371 24.27 0.15 26.02
CA GLN B 371 24.49 -1.08 25.26
C GLN B 371 23.20 -1.87 25.06
N HIS B 372 22.05 -1.24 25.21
CA HIS B 372 20.79 -1.91 24.93
C HIS B 372 20.65 -2.17 23.44
N ARG B 373 19.87 -3.21 23.11
CA ARG B 373 19.73 -3.62 21.71
C ARG B 373 19.11 -2.51 20.86
N SER B 374 18.05 -1.88 21.37
CA SER B 374 17.40 -0.81 20.62
C SER B 374 18.33 0.38 20.44
N VAL B 375 19.08 0.73 21.49
CA VAL B 375 20.01 1.85 21.40
C VAL B 375 21.07 1.57 20.35
N LEU B 376 21.61 0.35 20.34
CA LEU B 376 22.62 -0.01 19.35
C LEU B 376 22.04 0.02 17.93
N LYS B 377 20.81 -0.47 17.77
CA LYS B 377 20.20 -0.46 16.45
C LYS B 377 20.00 0.96 15.94
N LEU B 378 19.49 1.86 16.79
CA LEU B 378 19.31 3.24 16.37
C LEU B 378 20.64 3.95 16.15
N GLU B 379 21.67 3.58 16.91
CA GLU B 379 23.00 4.14 16.65
C GLU B 379 23.52 3.72 15.29
N LEU B 380 23.33 2.44 14.93
CA LEU B 380 23.74 1.98 13.60
C LEU B 380 22.95 2.69 12.51
N GLU B 381 21.64 2.87 12.71
CA GLU B 381 20.83 3.58 11.72
C GLU B 381 21.31 5.02 11.55
N GLY B 382 21.59 5.70 12.66
CA GLY B 382 22.08 7.06 12.58
C GLY B 382 23.44 7.15 11.91
N SER B 383 24.32 6.19 12.19
CA SER B 383 25.62 6.16 11.54
C SER B 383 25.47 5.98 10.04
N ASN B 384 24.58 5.08 9.62
CA ASN B 384 24.33 4.88 8.20
C ASN B 384 23.79 6.15 7.55
N TYR B 385 22.82 6.80 8.20
CA TYR B 385 22.26 8.04 7.68
C TYR B 385 23.34 9.10 7.53
N ILE B 386 24.16 9.28 8.56
CA ILE B 386 25.18 10.32 8.56
C ILE B 386 26.21 10.05 7.46
N LYS B 387 26.67 8.80 7.35
CA LYS B 387 27.67 8.48 6.35
C LYS B 387 27.12 8.64 4.94
N GLY B 388 25.88 8.21 4.70
CA GLY B 388 25.28 8.39 3.40
C GLY B 388 25.15 9.86 3.03
N LEU B 389 24.66 10.67 3.97
CA LEU B 389 24.54 12.10 3.70
C LEU B 389 25.90 12.74 3.48
N MET B 390 26.91 12.31 4.22
CA MET B 390 28.25 12.88 4.04
C MET B 390 28.83 12.54 2.68
N ASP B 391 28.66 11.30 2.22
CA ASP B 391 29.11 10.94 0.88
C ASP B 391 28.36 11.76 -0.17
N MET B 392 27.04 11.88 0.01
CA MET B 392 26.21 12.59 -0.96
C MET B 392 26.57 14.08 -1.03
N LEU B 393 26.93 14.67 0.11
CA LEU B 393 27.35 16.07 0.11
C LEU B 393 28.76 16.22 -0.45
N TRP B 394 29.66 15.30 -0.10
CA TRP B 394 31.02 15.34 -0.63
C TRP B 394 31.03 15.23 -2.14
N LEU B 395 30.03 14.54 -2.72
CA LEU B 395 29.93 14.51 -4.18
C LEU B 395 29.82 15.91 -4.77
N GLY B 396 29.24 16.85 -4.04
CA GLY B 396 29.10 18.21 -4.51
C GLY B 396 30.01 19.23 -3.87
N ILE B 397 30.79 18.83 -2.86
CA ILE B 397 31.68 19.75 -2.16
C ILE B 397 33.12 19.60 -2.62
N LYS B 398 33.59 18.37 -2.81
CA LYS B 398 35.00 18.14 -3.14
C LYS B 398 35.37 18.82 -4.45
N GLY B 399 36.52 19.49 -4.45
CA GLY B 399 37.01 20.20 -5.62
C GLY B 399 36.54 21.63 -5.75
N ARG B 400 35.61 22.07 -4.90
CA ARG B 400 35.09 23.43 -5.00
C ARG B 400 36.17 24.47 -4.71
N ALA B 401 37.17 24.11 -3.92
CA ALA B 401 38.24 25.03 -3.55
C ALA B 401 39.59 24.65 -4.12
N THR B 402 39.86 23.35 -4.31
CA THR B 402 41.15 22.93 -4.84
C THR B 402 41.33 23.35 -6.29
N GLY B 403 40.28 23.22 -7.10
CA GLY B 403 40.36 23.59 -8.50
C GLY B 403 39.73 22.57 -9.43
N ASP B 404 39.74 21.31 -9.03
CA ASP B 404 39.14 20.26 -9.83
C ASP B 404 37.63 20.45 -9.93
N THR B 405 37.05 20.05 -11.06
CA THR B 405 35.68 20.38 -11.42
C THR B 405 34.83 19.14 -11.64
N GLN B 406 34.89 18.18 -10.72
CA GLN B 406 33.98 17.04 -10.79
C GLN B 406 32.64 17.32 -10.14
N TYR B 407 32.49 18.47 -9.50
CA TYR B 407 31.25 18.83 -8.82
C TYR B 407 30.23 19.50 -9.73
N ASP B 408 30.59 19.76 -10.99
CA ASP B 408 29.74 20.54 -11.88
C ASP B 408 28.51 19.78 -12.38
N THR B 409 28.28 18.56 -11.89
CA THR B 409 27.07 17.83 -12.24
C THR B 409 25.86 18.52 -11.64
N PRO B 410 24.69 18.39 -12.27
CA PRO B 410 23.48 19.01 -11.70
C PRO B 410 23.19 18.56 -10.28
N PHE B 411 23.39 17.28 -9.98
CA PHE B 411 23.20 16.81 -8.62
C PHE B 411 24.18 17.47 -7.66
N GLY B 412 25.44 17.63 -8.10
CA GLY B 412 26.41 18.30 -7.25
C GLY B 412 26.05 19.74 -6.97
N ARG B 413 25.58 20.46 -8.01
CA ARG B 413 25.18 21.83 -7.81
C ARG B 413 23.97 21.94 -6.88
N TYR B 414 22.99 21.06 -7.04
CA TYR B 414 21.83 21.08 -6.16
C TYR B 414 22.23 20.76 -4.73
N VAL B 415 23.13 19.79 -4.54
CA VAL B 415 23.60 19.42 -3.21
C VAL B 415 24.33 20.59 -2.57
N TYR B 416 25.17 21.28 -3.33
CA TYR B 416 25.84 22.47 -2.81
C TYR B 416 24.83 23.54 -2.42
N GLY B 417 23.82 23.75 -3.26
CA GLY B 417 22.80 24.74 -2.96
C GLY B 417 21.95 24.40 -1.75
N ARG B 418 21.83 23.11 -1.42
CA ARG B 418 21.03 22.71 -0.26
C ARG B 418 21.71 23.07 1.05
N ILE B 419 23.03 23.26 1.05
CA ILE B 419 23.73 23.63 2.27
C ILE B 419 23.32 25.04 2.69
N SER B 420 23.36 25.30 3.99
CA SER B 420 22.98 26.60 4.53
C SER B 420 23.86 27.70 3.93
N GLU B 421 23.25 28.87 3.73
CA GLU B 421 23.93 29.94 3.01
C GLU B 421 25.13 30.47 3.77
N ASN B 422 25.02 30.56 5.10
CA ASN B 422 26.12 31.11 5.90
C ASN B 422 27.36 30.21 5.84
N TYR B 423 27.16 28.89 5.85
CA TYR B 423 28.28 27.97 5.75
C TYR B 423 29.02 28.16 4.44
N ARG B 424 28.28 28.27 3.33
CA ARG B 424 28.92 28.48 2.03
C ARG B 424 29.56 29.85 1.94
N ARG B 425 28.96 30.85 2.58
CA ARG B 425 29.57 32.18 2.60
C ARG B 425 30.91 32.17 3.31
N ILE B 426 30.98 31.46 4.43
CA ILE B 426 32.26 31.33 5.14
C ILE B 426 33.24 30.52 4.32
N PHE B 427 32.77 29.46 3.67
CA PHE B 427 33.65 28.60 2.87
C PHE B 427 34.24 29.36 1.69
N GLU B 428 33.44 30.21 1.04
CA GLU B 428 33.90 30.96 -0.12
C GLU B 428 34.78 32.14 0.24
N GLN B 429 34.89 32.48 1.52
CA GLN B 429 35.75 33.58 1.93
C GLN B 429 37.21 33.25 1.67
N GLU B 430 38.00 34.28 1.41
CA GLU B 430 39.43 34.11 1.10
C GLU B 430 40.22 34.24 2.38
N ASN B 431 40.70 33.11 2.90
CA ASN B 431 41.51 33.07 4.11
C ASN B 431 42.78 32.27 3.82
N ASN B 432 43.54 31.99 4.88
CA ASN B 432 44.80 31.28 4.77
C ASN B 432 44.66 29.78 4.97
N LEU B 433 43.44 29.28 5.19
CA LEU B 433 43.26 27.85 5.40
C LEU B 433 43.47 27.09 4.10
N PRO B 434 44.03 25.88 4.18
CA PRO B 434 44.18 25.05 2.97
C PRO B 434 42.83 24.70 2.37
N ALA B 435 42.82 24.54 1.05
CA ALA B 435 41.56 24.32 0.33
C ALA B 435 40.86 23.05 0.80
N CYS B 436 41.62 21.97 0.96
CA CYS B 436 41.03 20.73 1.47
C CYS B 436 40.48 20.91 2.87
N TYR B 437 41.20 21.66 3.71
CA TYR B 437 40.70 21.96 5.05
C TYR B 437 39.39 22.74 4.98
N LYS B 438 39.31 23.71 4.08
CA LYS B 438 38.08 24.49 3.94
C LYS B 438 36.91 23.61 3.49
N GLU B 439 37.16 22.72 2.53
CA GLU B 439 36.10 21.83 2.07
C GLU B 439 35.62 20.92 3.18
N ALA B 440 36.56 20.31 3.91
CA ALA B 440 36.17 19.42 5.01
C ALA B 440 35.45 20.17 6.12
N GLN B 441 35.88 21.41 6.39
CA GLN B 441 35.20 22.21 7.39
C GLN B 441 33.79 22.58 6.96
N LEU B 442 33.60 22.85 5.68
CA LEU B 442 32.25 23.11 5.17
C LEU B 442 31.35 21.90 5.38
N LEU B 443 31.86 20.70 5.06
CA LEU B 443 31.07 19.49 5.28
C LEU B 443 30.77 19.28 6.75
N ALA B 444 31.75 19.49 7.63
CA ALA B 444 31.55 19.30 9.05
C ALA B 444 30.51 20.29 9.59
N ASP B 445 30.57 21.54 9.15
CA ASP B 445 29.60 22.53 9.60
C ASP B 445 28.20 22.18 9.09
N ALA B 446 28.10 21.71 7.85
CA ALA B 446 26.80 21.33 7.32
C ALA B 446 26.20 20.16 8.10
N ILE B 447 27.02 19.15 8.40
CA ILE B 447 26.49 17.97 9.08
C ILE B 447 26.15 18.28 10.54
N SER B 448 27.03 19.02 11.22
CA SER B 448 26.84 19.23 12.66
C SER B 448 25.61 20.09 12.95
N GLY B 449 25.24 20.99 12.04
CA GLY B 449 24.13 21.89 12.28
C GLY B 449 22.76 21.30 12.06
N MET B 450 22.67 20.05 11.66
CA MET B 450 21.38 19.42 11.38
C MET B 450 20.85 18.66 12.58
N THR B 451 19.53 18.60 12.69
CA THR B 451 18.87 17.77 13.68
C THR B 451 18.65 16.38 13.09
N ASP B 452 18.16 15.44 13.92
CA ASP B 452 17.95 14.08 13.45
C ASP B 452 16.88 14.02 12.38
N SER B 453 15.73 14.67 12.64
CA SER B 453 14.65 14.66 11.67
C SER B 453 15.06 15.34 10.38
N TYR B 454 15.72 16.49 10.48
CA TYR B 454 16.19 17.20 9.29
C TYR B 454 17.20 16.37 8.53
N LEU B 455 18.14 15.73 9.23
CA LEU B 455 19.14 14.92 8.56
C LEU B 455 18.49 13.75 7.83
N ILE B 456 17.53 13.08 8.47
CA ILE B 456 16.87 11.94 7.82
C ILE B 456 16.08 12.41 6.61
N ALA B 457 15.36 13.53 6.73
CA ALA B 457 14.58 14.03 5.61
C ALA B 457 15.48 14.41 4.44
N LEU B 458 16.57 15.11 4.71
CA LEU B 458 17.49 15.50 3.64
C LEU B 458 18.14 14.27 3.00
N HIS B 459 18.51 13.28 3.82
CA HIS B 459 19.10 12.06 3.28
C HIS B 459 18.14 11.35 2.35
N ASP B 460 16.88 11.21 2.77
CA ASP B 460 15.88 10.55 1.93
C ASP B 460 15.63 11.33 0.65
N GLU B 461 15.51 12.66 0.75
CA GLU B 461 15.23 13.47 -0.43
C GLU B 461 16.37 13.38 -1.44
N LEU B 462 17.61 13.51 -0.98
CA LEU B 462 18.74 13.46 -1.91
C LEU B 462 18.98 12.05 -2.43
N ARG B 463 18.66 11.03 -1.64
CA ARG B 463 18.70 9.66 -2.14
C ARG B 463 17.70 9.47 -3.27
N ALA B 464 16.51 10.05 -3.12
CA ALA B 464 15.54 10.00 -4.21
C ALA B 464 16.05 10.76 -5.44
N LEU B 465 16.72 11.89 -5.22
CA LEU B 465 17.23 12.70 -6.32
C LEU B 465 18.55 12.19 -6.89
N HIS B 466 19.20 11.23 -6.24
CA HIS B 466 20.47 10.69 -6.71
C HIS B 466 20.32 9.44 -7.55
N GLN B 467 19.09 9.05 -7.88
CA GLN B 467 18.88 7.78 -8.56
C GLN B 467 19.50 7.76 -9.95
N TYR B 468 19.40 8.87 -10.68
CA TYR B 468 19.89 8.90 -12.06
C TYR B 468 21.40 8.77 -12.12
N GLU B 469 22.11 9.51 -11.26
CA GLU B 469 23.57 9.52 -11.32
C GLU B 469 24.19 8.26 -10.71
N CYS B 470 23.40 7.42 -10.06
CA CYS B 470 23.92 6.18 -9.49
C CYS B 470 23.83 5.04 -10.49
N SER C 2 -34.02 50.66 -35.72
CA SER C 2 -34.54 51.52 -34.67
C SER C 2 -33.43 51.92 -33.70
N MET C 3 -32.64 50.94 -33.27
CA MET C 3 -31.52 51.21 -32.39
C MET C 3 -30.38 51.85 -33.17
N HIS C 4 -29.58 52.65 -32.47
CA HIS C 4 -28.46 53.36 -33.06
C HIS C 4 -27.15 52.75 -32.62
N TRP C 5 -26.19 52.69 -33.55
CA TRP C 5 -24.89 52.10 -33.23
C TRP C 5 -24.13 52.95 -32.22
N ASN C 6 -24.46 54.25 -32.13
CA ASN C 6 -23.80 55.11 -31.16
C ASN C 6 -24.06 54.64 -29.73
N ASP C 7 -25.32 54.28 -29.43
CA ASP C 7 -25.64 53.78 -28.10
C ASP C 7 -25.20 52.33 -27.92
N LEU C 8 -25.29 51.52 -28.97
CA LEU C 8 -24.90 50.12 -28.87
C LEU C 8 -23.39 49.96 -28.71
N LEU C 9 -22.61 50.93 -29.16
CA LEU C 9 -21.16 50.91 -29.03
C LEU C 9 -20.66 51.93 -28.02
N ASN C 10 -21.40 52.11 -26.93
CA ASN C 10 -21.02 53.06 -25.90
C ASN C 10 -19.74 52.62 -25.21
N SER C 11 -18.77 53.52 -25.13
CA SER C 11 -17.48 53.23 -24.52
C SER C 11 -17.38 53.73 -23.09
N ASN C 12 -18.47 54.24 -22.53
CA ASN C 12 -18.44 54.71 -21.15
C ASN C 12 -18.49 53.53 -20.19
N ARG C 13 -18.08 53.79 -18.95
CA ARG C 13 -18.02 52.77 -17.92
C ARG C 13 -18.92 53.16 -16.75
N ARG C 14 -19.38 52.14 -16.02
CA ARG C 14 -20.33 52.37 -14.93
C ARG C 14 -19.69 53.15 -13.79
N LYS C 15 -18.42 52.87 -13.47
CA LYS C 15 -17.78 53.53 -12.36
C LYS C 15 -17.59 55.02 -12.66
N PRO C 16 -18.06 55.92 -11.80
CA PRO C 16 -17.84 57.35 -12.03
C PRO C 16 -16.36 57.69 -12.00
N LYS C 17 -15.98 58.66 -12.83
CA LYS C 17 -14.58 59.09 -12.88
C LYS C 17 -14.24 59.86 -11.61
N ASN C 18 -12.98 59.73 -11.18
CA ASN C 18 -12.51 60.40 -9.97
C ASN C 18 -12.48 61.92 -10.14
N LYS C 21 -7.62 61.55 -9.89
CA LYS C 21 -6.62 60.81 -10.63
C LYS C 21 -5.78 61.75 -11.49
N GLU C 22 -4.47 61.73 -11.27
CA GLU C 22 -3.55 62.58 -12.01
C GLU C 22 -3.21 61.96 -13.36
N SER C 23 -2.52 62.75 -14.19
CA SER C 23 -2.12 62.27 -15.51
C SER C 23 -1.09 61.15 -15.42
N SER C 24 -0.29 61.12 -14.36
CA SER C 24 0.72 60.08 -14.20
C SER C 24 0.10 58.72 -13.94
N GLN C 25 -1.17 58.66 -13.53
CA GLN C 25 -1.86 57.40 -13.28
C GLN C 25 -2.65 56.91 -14.48
N ASP C 26 -2.55 57.59 -15.61
CA ASP C 26 -3.28 57.19 -16.82
C ASP C 26 -2.59 56.00 -17.46
N THR C 27 -3.22 54.83 -17.39
CA THR C 27 -2.69 53.62 -17.99
C THR C 27 -3.35 53.28 -19.32
N SER C 28 -4.22 54.15 -19.83
CA SER C 28 -4.89 53.86 -21.09
C SER C 28 -3.92 53.85 -22.26
N LYS C 29 -3.02 54.83 -22.31
CA LYS C 29 -2.04 54.98 -23.39
C LYS C 29 -2.80 55.09 -24.72
N GLY C 30 -2.23 54.55 -25.80
CA GLY C 30 -2.89 54.58 -27.10
C GLY C 30 -3.88 53.47 -27.32
N ARG C 31 -4.56 53.01 -26.27
CA ARG C 31 -5.51 51.91 -26.37
C ARG C 31 -6.94 52.43 -26.32
N GLN C 32 -7.80 51.87 -27.17
CA GLN C 32 -9.21 52.17 -27.09
C GLN C 32 -9.83 51.55 -25.84
N GLN C 33 -10.96 52.09 -25.41
CA GLN C 33 -11.58 51.63 -24.16
C GLN C 33 -11.99 50.17 -24.26
N ILE C 34 -12.53 49.76 -25.40
CA ILE C 34 -12.92 48.37 -25.57
C ILE C 34 -11.70 47.47 -25.62
N GLU C 35 -10.60 47.96 -26.20
CA GLU C 35 -9.34 47.23 -26.14
C GLU C 35 -8.88 47.05 -24.70
N ARG C 36 -9.04 48.10 -23.88
CA ARG C 36 -8.73 47.98 -22.46
C ARG C 36 -9.62 46.96 -21.79
N ASP C 37 -10.90 46.87 -22.19
CA ASP C 37 -11.78 45.84 -21.64
C ASP C 37 -11.28 44.45 -22.00
N TYR C 38 -10.84 44.26 -23.26
CA TYR C 38 -10.31 42.97 -23.66
C TYR C 38 -9.06 42.62 -22.85
N ASP C 39 -8.18 43.61 -22.64
CA ASP C 39 -6.98 43.37 -21.83
C ASP C 39 -7.33 43.03 -20.40
N ARG C 40 -8.36 43.69 -19.85
CA ARG C 40 -8.80 43.38 -18.50
C ARG C 40 -9.32 41.95 -18.41
N ILE C 41 -10.10 41.52 -19.40
CA ILE C 41 -10.62 40.16 -19.40
C ILE C 41 -9.50 39.15 -19.53
N LEU C 42 -8.53 39.41 -20.40
CA LEU C 42 -7.45 38.45 -20.61
C LEU C 42 -6.59 38.28 -19.37
N PHE C 43 -6.29 39.37 -18.67
CA PHE C 43 -5.41 39.33 -17.52
C PHE C 43 -6.13 38.98 -16.22
N ALA C 44 -7.44 38.75 -16.27
CA ALA C 44 -8.18 38.40 -15.07
C ALA C 44 -7.82 37.00 -14.59
N ALA C 45 -7.84 36.81 -13.28
CA ALA C 45 -7.53 35.51 -12.71
C ALA C 45 -8.48 34.40 -13.17
N PRO C 46 -9.80 34.60 -13.27
CA PRO C 46 -10.66 33.54 -13.80
C PRO C 46 -10.28 33.09 -15.20
N THR C 47 -9.77 34.00 -16.03
CA THR C 47 -9.33 33.62 -17.37
C THR C 47 -8.20 32.59 -17.30
N ARG C 48 -7.26 32.79 -16.39
CA ARG C 48 -6.20 31.80 -16.20
C ARG C 48 -6.74 30.52 -15.57
N ARG C 49 -7.70 30.65 -14.64
CA ARG C 49 -8.27 29.47 -14.00
C ARG C 49 -9.08 28.62 -14.96
N LEU C 50 -9.55 29.22 -16.07
CA LEU C 50 -10.30 28.46 -17.07
C LEU C 50 -9.50 27.32 -17.67
N ALA C 51 -8.17 27.38 -17.61
CA ALA C 51 -7.34 26.32 -18.17
C ALA C 51 -7.51 25.00 -17.42
N ASP C 52 -7.90 25.06 -16.14
CA ASP C 52 -8.07 23.86 -15.33
C ASP C 52 -9.49 23.28 -15.40
N LYS C 53 -10.39 23.91 -16.16
CA LYS C 53 -11.75 23.41 -16.29
C LYS C 53 -11.92 22.68 -17.61
N THR C 54 -12.46 21.48 -17.54
CA THR C 54 -12.72 20.66 -18.72
C THR C 54 -13.91 21.20 -19.50
N GLN C 55 -13.83 21.08 -20.82
CA GLN C 55 -14.93 21.52 -21.68
C GLN C 55 -15.93 20.38 -21.88
N VAL C 56 -15.48 19.28 -22.48
CA VAL C 56 -16.30 18.07 -22.59
C VAL C 56 -15.51 16.88 -22.09
N PHE C 57 -14.25 16.76 -22.53
CA PHE C 57 -13.40 15.63 -22.29
C PHE C 57 -12.36 15.93 -21.22
N PRO C 58 -11.82 14.91 -20.55
CA PRO C 58 -10.79 15.15 -19.52
C PRO C 58 -9.56 15.81 -20.12
N LEU C 59 -8.96 16.70 -19.33
CA LEU C 59 -7.75 17.41 -19.76
C LEU C 59 -6.47 16.78 -19.24
N ASP C 60 -6.57 15.78 -18.35
CA ASP C 60 -5.36 15.16 -17.81
C ASP C 60 -4.59 14.40 -18.89
N LYS C 61 -5.31 13.74 -19.79
CA LYS C 61 -4.65 13.07 -20.90
C LYS C 61 -4.02 14.09 -21.85
N ASN C 62 -2.88 13.70 -22.44
CA ASN C 62 -2.16 14.56 -23.36
C ASN C 62 -2.57 14.26 -24.80
N ASP C 63 -3.88 14.38 -25.05
CA ASP C 63 -4.46 14.15 -26.36
C ASP C 63 -4.80 15.46 -27.07
N SER C 64 -4.27 16.59 -26.59
CA SER C 64 -4.50 17.90 -27.18
C SER C 64 -5.99 18.25 -27.22
N VAL C 65 -6.72 17.86 -26.18
CA VAL C 65 -8.13 18.20 -26.07
C VAL C 65 -8.26 19.68 -25.73
N ARG C 66 -9.45 20.23 -25.96
CA ARG C 66 -9.68 21.65 -25.74
C ARG C 66 -10.38 21.87 -24.40
N THR C 67 -9.79 22.70 -23.56
CA THR C 67 -10.38 23.06 -22.28
C THR C 67 -11.23 24.33 -22.44
N ARG C 68 -11.65 24.91 -21.33
CA ARG C 68 -12.43 26.15 -21.38
C ARG C 68 -11.60 27.30 -21.95
N LEU C 69 -10.32 27.37 -21.58
CA LEU C 69 -9.48 28.48 -22.04
C LEU C 69 -9.25 28.40 -23.55
N THR C 70 -8.93 27.21 -24.06
CA THR C 70 -8.67 27.05 -25.48
C THR C 70 -9.93 27.34 -26.29
N HIS C 71 -11.08 26.82 -25.82
CA HIS C 71 -12.34 27.08 -26.50
C HIS C 71 -12.68 28.57 -26.49
N SER C 72 -12.46 29.23 -25.36
CA SER C 72 -12.72 30.66 -25.27
C SER C 72 -11.82 31.44 -26.23
N HIS C 73 -10.54 31.08 -26.31
CA HIS C 73 -9.64 31.76 -27.23
C HIS C 73 -10.03 31.53 -28.68
N GLU C 74 -10.47 30.32 -29.03
CA GLU C 74 -10.91 30.05 -30.39
C GLU C 74 -12.16 30.85 -30.74
N VAL C 75 -13.12 30.91 -29.80
CA VAL C 75 -14.33 31.70 -30.03
C VAL C 75 -13.97 33.17 -30.18
N ALA C 76 -13.04 33.67 -29.36
CA ALA C 76 -12.61 35.05 -29.46
C ALA C 76 -11.96 35.33 -30.81
N ASN C 77 -11.15 34.39 -31.30
CA ASN C 77 -10.50 34.57 -32.60
C ASN C 77 -11.53 34.61 -33.73
N LEU C 78 -12.52 33.71 -33.68
CA LEU C 78 -13.56 33.73 -34.71
C LEU C 78 -14.37 35.03 -34.66
N SER C 79 -14.72 35.48 -33.45
CA SER C 79 -15.45 36.73 -33.32
C SER C 79 -14.64 37.91 -33.82
N ARG C 80 -13.33 37.91 -33.54
CA ARG C 80 -12.47 38.98 -34.03
C ARG C 80 -12.39 38.98 -35.54
N GLY C 81 -12.30 37.79 -36.15
CA GLY C 81 -12.30 37.72 -37.61
C GLY C 81 -13.57 38.27 -38.21
N ILE C 82 -14.72 37.89 -37.63
CA ILE C 82 -16.00 38.40 -38.11
C ILE C 82 -16.05 39.92 -37.93
N GLY C 83 -15.53 40.43 -36.81
CA GLY C 83 -15.54 41.87 -36.59
C GLY C 83 -14.68 42.63 -37.58
N MET C 84 -13.50 42.08 -37.90
CA MET C 84 -12.65 42.72 -38.90
C MET C 84 -13.32 42.70 -40.27
N ARG C 85 -13.98 41.59 -40.61
CA ARG C 85 -14.71 41.55 -41.86
C ARG C 85 -15.82 42.61 -41.89
N LEU C 86 -16.54 42.76 -40.78
CA LEU C 86 -17.63 43.74 -40.73
C LEU C 86 -17.10 45.18 -40.81
N ALA C 87 -15.99 45.46 -40.12
CA ALA C 87 -15.51 46.83 -40.01
C ALA C 87 -14.61 47.27 -41.15
N PHE C 88 -14.06 46.33 -41.92
CA PHE C 88 -13.16 46.68 -43.00
C PHE C 88 -13.76 46.50 -44.39
N GLU C 89 -14.75 45.62 -44.54
CA GLU C 89 -15.36 45.36 -45.83
C GLU C 89 -16.84 45.71 -45.86
N LEU C 90 -17.62 45.24 -44.90
CA LEU C 90 -19.06 45.46 -44.87
C LEU C 90 -19.44 46.65 -43.99
N GLU C 91 -18.57 47.65 -43.89
CA GLU C 91 -18.87 48.80 -43.04
C GLU C 91 -20.10 49.56 -43.54
N ASP C 92 -20.18 49.78 -44.85
CA ASP C 92 -21.30 50.55 -45.40
C ASP C 92 -22.61 49.79 -45.23
N ASP C 93 -22.60 48.48 -45.45
CA ASP C 93 -23.83 47.71 -45.38
C ASP C 93 -24.34 47.56 -43.96
N VAL C 94 -23.43 47.43 -43.00
CA VAL C 94 -23.80 47.14 -41.62
C VAL C 94 -23.90 48.42 -40.80
N PHE C 95 -22.78 49.14 -40.69
CA PHE C 95 -22.71 50.31 -39.83
C PHE C 95 -23.12 51.55 -40.61
N LYS C 96 -24.28 52.10 -40.27
CA LYS C 96 -24.79 53.31 -40.91
C LYS C 96 -25.10 54.35 -39.84
N ASP C 97 -24.92 55.62 -40.21
CA ASP C 97 -25.16 56.76 -39.32
C ASP C 97 -24.34 56.65 -38.03
N VAL C 98 -23.11 56.15 -38.14
CA VAL C 98 -22.23 56.04 -37.00
C VAL C 98 -21.38 57.31 -36.89
N SER C 99 -21.31 57.86 -35.68
CA SER C 99 -20.53 59.07 -35.46
C SER C 99 -19.06 58.81 -35.70
N GLU C 100 -18.37 59.85 -36.18
CA GLU C 100 -16.94 59.75 -36.48
C GLU C 100 -16.09 59.59 -35.23
N ASP C 101 -16.65 59.84 -34.05
CA ASP C 101 -15.90 59.69 -32.81
C ASP C 101 -15.67 58.23 -32.45
N ILE C 102 -16.35 57.30 -33.14
CA ILE C 102 -16.22 55.88 -32.88
C ILE C 102 -15.36 55.27 -33.98
N CYS C 103 -14.23 54.68 -33.59
CA CYS C 103 -13.34 54.00 -34.52
C CYS C 103 -13.79 52.55 -34.62
N LEU C 104 -14.56 52.24 -35.66
CA LEU C 104 -15.10 50.89 -35.80
C LEU C 104 -13.98 49.86 -35.98
N LYS C 105 -12.96 50.21 -36.77
CA LYS C 105 -11.87 49.28 -37.06
C LYS C 105 -11.11 48.85 -35.81
N ARG C 106 -11.14 49.67 -34.75
CA ARG C 106 -10.49 49.32 -33.50
C ARG C 106 -11.45 48.85 -32.42
N ASP C 107 -12.74 49.16 -32.53
CA ASP C 107 -13.70 48.82 -31.50
C ASP C 107 -14.44 47.52 -31.79
N VAL C 108 -14.95 47.36 -33.00
CA VAL C 108 -15.78 46.19 -33.31
C VAL C 108 -15.01 44.89 -33.18
N PRO C 109 -13.82 44.71 -33.79
CA PRO C 109 -13.09 43.45 -33.56
C PRO C 109 -12.72 43.25 -32.10
N ALA C 110 -12.30 44.31 -31.42
CA ALA C 110 -11.95 44.20 -30.00
C ALA C 110 -13.18 43.82 -29.17
N LEU C 111 -14.33 44.42 -29.47
CA LEU C 111 -15.55 44.11 -28.73
C LEU C 111 -15.94 42.66 -28.92
N LEU C 112 -15.93 42.18 -30.17
CA LEU C 112 -16.31 40.80 -30.43
C LEU C 112 -15.34 39.83 -29.78
N ALA C 113 -14.04 40.12 -29.85
CA ALA C 113 -13.05 39.25 -29.20
C ALA C 113 -13.24 39.23 -27.70
N ALA C 114 -13.52 40.40 -27.10
CA ALA C 114 -13.69 40.48 -25.65
C ALA C 114 -14.92 39.69 -25.20
N ILE C 115 -16.02 39.81 -25.94
CA ILE C 115 -17.22 39.08 -25.52
C ILE C 115 -17.08 37.60 -25.81
N GLY C 116 -16.29 37.22 -26.82
CA GLY C 116 -16.03 35.81 -27.06
C GLY C 116 -15.16 35.19 -25.98
N LEU C 117 -14.16 35.93 -25.50
CA LEU C 117 -13.25 35.39 -24.49
C LEU C 117 -13.92 35.22 -23.14
N VAL C 118 -14.91 36.06 -22.83
CA VAL C 118 -15.53 36.08 -21.51
C VAL C 118 -16.84 35.30 -21.48
N HIS C 119 -17.23 34.66 -22.58
CA HIS C 119 -18.56 34.05 -22.65
C HIS C 119 -18.70 32.86 -21.72
N ASP C 120 -17.60 32.15 -21.46
CA ASP C 120 -17.62 30.97 -20.59
C ASP C 120 -16.66 31.14 -19.42
N MET C 121 -16.59 32.34 -18.84
CA MET C 121 -15.63 32.62 -17.79
C MET C 121 -16.21 32.35 -16.40
N GLY C 122 -17.52 32.48 -16.24
CA GLY C 122 -18.16 32.21 -14.96
C GLY C 122 -18.91 30.91 -14.88
N ASN C 123 -18.71 30.00 -15.83
CA ASN C 123 -19.45 28.75 -15.84
C ASN C 123 -18.98 27.84 -14.70
N PRO C 124 -19.86 27.01 -14.16
CA PRO C 124 -19.45 26.09 -13.10
C PRO C 124 -18.52 25.02 -13.65
N PRO C 125 -17.74 24.37 -12.77
CA PRO C 125 -16.79 23.35 -13.25
C PRO C 125 -17.48 22.09 -13.74
N PHE C 126 -16.67 21.12 -14.18
CA PHE C 126 -17.17 19.81 -14.64
C PHE C 126 -18.11 19.94 -15.84
N GLY C 127 -17.92 20.99 -16.63
CA GLY C 127 -18.69 21.16 -17.85
C GLY C 127 -20.16 21.46 -17.58
N HIS C 128 -20.95 21.33 -18.64
CA HIS C 128 -22.38 21.64 -18.57
C HIS C 128 -23.08 20.80 -17.50
N GLN C 129 -22.70 19.53 -17.37
CA GLN C 129 -23.27 18.69 -16.33
C GLN C 129 -23.20 19.36 -14.96
N GLY C 130 -22.10 20.04 -14.67
CA GLY C 130 -21.97 20.76 -13.42
C GLY C 130 -23.19 21.62 -13.14
N GLU C 131 -23.59 22.45 -14.11
CA GLU C 131 -24.78 23.27 -13.94
C GLU C 131 -25.96 22.42 -13.51
N LYS C 132 -26.23 21.36 -14.27
CA LYS C 132 -27.33 20.46 -13.92
C LYS C 132 -27.23 20.02 -12.48
N ALA C 133 -26.05 19.53 -12.08
CA ALA C 133 -25.87 19.08 -10.71
C ALA C 133 -26.27 20.19 -9.74
N MET C 134 -25.71 21.39 -9.93
CA MET C 134 -26.06 22.51 -9.06
C MET C 134 -27.58 22.68 -9.01
N SER C 135 -28.21 22.77 -10.17
CA SER C 135 -29.66 22.92 -10.21
C SER C 135 -30.32 21.82 -9.39
N GLU C 136 -29.96 20.56 -9.66
CA GLU C 136 -30.57 19.47 -8.93
C GLU C 136 -30.41 19.66 -7.43
N TRP C 137 -29.19 19.99 -6.99
CA TRP C 137 -28.97 20.20 -5.57
C TRP C 137 -29.90 21.27 -5.04
N PHE C 138 -29.97 22.40 -5.72
CA PHE C 138 -30.86 23.47 -5.27
C PHE C 138 -32.31 23.01 -5.31
N THR C 139 -32.69 22.25 -6.34
CA THR C 139 -34.06 21.77 -6.44
C THR C 139 -34.41 20.86 -5.26
N LYS C 140 -33.39 20.25 -4.66
CA LYS C 140 -33.65 19.40 -3.50
C LYS C 140 -33.54 20.20 -2.20
N ASN C 141 -32.70 21.23 -2.18
CA ASN C 141 -32.41 21.94 -0.94
C ASN C 141 -33.10 23.29 -0.84
N LEU C 142 -33.76 23.74 -1.91
CA LEU C 142 -34.61 24.93 -1.89
C LEU C 142 -35.98 24.53 -2.42
N PRO C 143 -36.75 23.79 -1.63
CA PRO C 143 -38.03 23.27 -2.12
C PRO C 143 -38.98 24.39 -2.50
N GLU C 144 -39.72 24.18 -3.59
CA GLU C 144 -40.63 25.20 -4.08
C GLU C 144 -41.87 25.30 -3.18
N HIS C 145 -42.29 24.17 -2.62
CA HIS C 145 -43.48 24.18 -1.76
C HIS C 145 -43.23 24.90 -0.44
N SER C 146 -41.97 24.96 0.00
CA SER C 146 -41.66 25.64 1.26
C SER C 146 -41.89 27.13 1.14
N ASP C 147 -42.33 27.74 2.24
CA ASP C 147 -42.62 29.17 2.25
C ASP C 147 -41.34 29.98 2.09
N ASN C 148 -40.23 29.48 2.63
CA ASN C 148 -38.97 30.21 2.54
C ASN C 148 -38.50 30.34 1.09
N TYR C 149 -38.68 29.29 0.30
CA TYR C 149 -38.21 29.26 -1.08
C TYR C 149 -39.36 29.11 -2.06
N LYS C 150 -40.44 29.85 -1.83
CA LYS C 150 -41.62 29.79 -2.69
C LYS C 150 -41.58 30.80 -3.82
N ASP C 151 -40.89 31.92 -3.63
CA ASP C 151 -40.85 32.97 -4.63
C ASP C 151 -40.09 32.51 -5.87
N LYS C 152 -40.41 33.12 -7.02
CA LYS C 152 -39.79 32.76 -8.28
C LYS C 152 -38.33 33.18 -8.36
N ILE C 153 -37.89 34.10 -7.49
CA ILE C 153 -36.49 34.55 -7.53
C ILE C 153 -35.55 33.38 -7.27
N TYR C 154 -35.93 32.47 -6.38
CA TYR C 154 -35.09 31.30 -6.11
C TYR C 154 -34.96 30.39 -7.31
N GLY C 155 -35.80 30.56 -8.33
CA GLY C 155 -35.58 29.86 -9.58
C GLY C 155 -34.20 30.14 -10.16
N ASP C 156 -33.67 31.34 -9.91
CA ASP C 156 -32.31 31.69 -10.32
C ASP C 156 -31.31 30.60 -9.92
N PHE C 157 -31.61 29.90 -8.83
CA PHE C 157 -30.78 28.79 -8.36
C PHE C 157 -31.33 27.44 -8.73
N ARG C 158 -32.65 27.29 -8.88
CA ARG C 158 -33.20 26.02 -9.31
C ARG C 158 -32.99 25.78 -10.80
N HIS C 159 -32.75 26.84 -11.57
CA HIS C 159 -32.43 26.76 -12.98
C HIS C 159 -31.13 27.52 -13.25
N PHE C 160 -30.11 27.20 -12.45
CA PHE C 160 -28.86 27.93 -12.48
C PHE C 160 -28.25 27.91 -13.88
N ASP C 161 -27.78 29.08 -14.32
CA ASP C 161 -27.21 29.24 -15.65
C ASP C 161 -25.84 29.91 -15.52
N GLY C 162 -24.92 29.52 -16.40
CA GLY C 162 -23.57 30.06 -16.32
C GLY C 162 -23.47 31.50 -16.80
N ASN C 163 -24.40 31.93 -17.66
CA ASN C 163 -24.34 33.29 -18.18
C ASN C 163 -24.61 34.32 -17.10
N SER C 164 -25.61 34.07 -16.25
CA SER C 164 -25.90 34.99 -15.15
C SER C 164 -24.73 35.06 -14.18
N GLN C 165 -24.11 33.91 -13.87
CA GLN C 165 -22.96 33.91 -12.99
C GLN C 165 -21.78 34.64 -13.62
N THR C 166 -21.62 34.52 -14.94
CA THR C 166 -20.54 35.25 -15.62
C THR C 166 -20.76 36.76 -15.52
N LEU C 167 -22.00 37.21 -15.74
CA LEU C 167 -22.30 38.63 -15.61
C LEU C 167 -22.07 39.11 -14.19
N ARG C 168 -22.49 38.31 -13.21
CA ARG C 168 -22.25 38.66 -11.81
C ARG C 168 -20.75 38.75 -11.51
N LEU C 169 -19.96 37.83 -12.08
CA LEU C 169 -18.54 37.79 -11.78
C LEU C 169 -17.80 38.95 -12.44
N VAL C 170 -18.26 39.41 -13.60
CA VAL C 170 -17.61 40.54 -14.27
C VAL C 170 -18.18 41.88 -13.84
N THR C 171 -19.28 41.91 -13.08
CA THR C 171 -19.87 43.16 -12.65
C THR C 171 -19.79 43.40 -11.15
N LYS C 172 -20.01 42.36 -10.33
CA LYS C 172 -20.07 42.57 -8.89
C LYS C 172 -19.10 41.67 -8.12
N LEU C 173 -18.81 40.48 -8.65
CA LEU C 173 -18.05 39.47 -7.91
C LEU C 173 -16.55 39.67 -8.16
N GLN C 174 -15.97 40.64 -7.46
CA GLN C 174 -14.54 40.87 -7.47
C GLN C 174 -14.06 41.02 -6.03
N ILE C 175 -12.75 41.19 -5.87
CA ILE C 175 -12.18 41.33 -4.53
C ILE C 175 -12.68 42.60 -3.85
N LEU C 176 -12.69 43.70 -4.60
CA LEU C 176 -13.21 44.96 -4.08
C LEU C 176 -14.73 45.00 -4.30
N ASN C 177 -15.47 45.24 -3.23
CA ASN C 177 -16.93 45.31 -3.31
C ASN C 177 -17.34 46.75 -3.62
N ASP C 178 -17.04 47.17 -4.86
CA ASP C 178 -17.44 48.48 -5.35
C ASP C 178 -18.63 48.41 -6.29
N THR C 179 -19.25 47.24 -6.44
CA THR C 179 -20.37 47.00 -7.36
C THR C 179 -20.03 47.35 -8.80
N TYR C 180 -18.74 47.36 -9.15
CA TYR C 180 -18.30 47.67 -10.50
C TYR C 180 -17.42 46.59 -11.12
N GLY C 181 -16.76 45.77 -10.32
CA GLY C 181 -15.98 44.66 -10.86
C GLY C 181 -14.87 45.14 -11.76
N LEU C 182 -14.77 44.52 -12.93
CA LEU C 182 -13.75 44.89 -13.92
C LEU C 182 -14.01 46.24 -14.56
N ASN C 183 -15.21 46.81 -14.36
CA ASN C 183 -15.57 48.11 -14.91
C ASN C 183 -15.43 48.13 -16.43
N LEU C 184 -16.11 47.19 -17.07
CA LEU C 184 -16.13 47.12 -18.52
C LEU C 184 -17.02 48.21 -19.10
N THR C 185 -16.85 48.46 -20.39
CA THR C 185 -17.66 49.46 -21.07
C THR C 185 -19.11 48.98 -21.19
N TYR C 186 -20.00 49.93 -21.45
CA TYR C 186 -21.42 49.61 -21.54
C TYR C 186 -21.70 48.68 -22.72
N ALA C 187 -21.00 48.88 -23.83
CA ALA C 187 -21.20 48.01 -24.99
C ALA C 187 -20.82 46.57 -24.67
N THR C 188 -19.69 46.37 -23.98
CA THR C 188 -19.26 45.02 -23.62
C THR C 188 -20.27 44.37 -22.69
N LEU C 189 -20.72 45.09 -21.65
CA LEU C 189 -21.67 44.54 -20.71
C LEU C 189 -22.99 44.21 -21.39
N ALA C 190 -23.44 45.06 -22.30
CA ALA C 190 -24.67 44.79 -23.04
C ALA C 190 -24.52 43.54 -23.91
N SER C 191 -23.35 43.38 -24.53
CA SER C 191 -23.12 42.20 -25.36
C SER C 191 -22.98 40.93 -24.53
N MET C 192 -22.56 41.04 -23.27
CA MET C 192 -22.44 39.85 -22.42
C MET C 192 -23.81 39.23 -22.15
N ILE C 193 -24.85 40.05 -22.04
CA ILE C 193 -26.18 39.53 -21.71
C ILE C 193 -26.70 38.73 -22.89
N LYS C 194 -26.72 37.41 -22.75
CA LYS C 194 -27.17 36.53 -23.82
C LYS C 194 -28.70 36.51 -23.88
N TYR C 195 -29.32 36.10 -22.78
CA TYR C 195 -30.77 36.13 -22.68
C TYR C 195 -31.20 37.38 -21.92
N PRO C 196 -31.87 38.33 -22.57
CA PRO C 196 -32.24 39.57 -21.88
C PRO C 196 -33.53 39.43 -21.08
N ARG C 197 -33.52 38.53 -20.11
CA ARG C 197 -34.68 38.32 -19.25
C ARG C 197 -34.23 37.65 -17.96
N SER C 198 -35.07 37.75 -16.94
CA SER C 198 -34.82 37.12 -15.65
C SER C 198 -35.85 36.01 -15.40
N SER C 199 -35.62 35.27 -14.33
CA SER C 199 -36.53 34.17 -13.99
C SER C 199 -37.88 34.69 -13.54
N GLU C 200 -37.92 35.91 -12.99
CA GLU C 200 -39.19 36.50 -12.60
C GLU C 200 -40.10 36.70 -13.81
N SER C 201 -39.55 37.19 -14.91
CA SER C 201 -40.33 37.39 -16.13
C SER C 201 -40.50 36.08 -16.89
N ASP C 202 -41.63 35.95 -17.57
CA ASP C 202 -41.93 34.78 -18.38
C ASP C 202 -41.91 35.18 -19.85
N SER C 203 -41.05 34.51 -20.62
CA SER C 203 -40.92 34.80 -22.05
C SER C 203 -40.78 33.50 -22.82
N SER C 204 -41.27 33.51 -24.05
CA SER C 204 -41.16 32.36 -24.93
C SER C 204 -39.99 32.44 -25.89
N LEU C 205 -39.54 33.65 -26.22
CA LEU C 205 -38.39 33.79 -27.12
C LEU C 205 -37.12 33.24 -26.48
N TRP C 206 -36.92 33.52 -25.19
CA TRP C 206 -35.74 33.08 -24.47
C TRP C 206 -36.16 32.08 -23.39
N LYS C 207 -35.53 30.91 -23.40
CA LYS C 207 -35.87 29.88 -22.41
C LYS C 207 -35.21 30.16 -21.07
N LYS C 208 -33.89 30.37 -21.07
CA LYS C 208 -33.15 30.59 -19.85
C LYS C 208 -33.11 32.07 -19.49
N HIS C 209 -32.81 32.33 -18.22
CA HIS C 209 -32.62 33.69 -17.73
C HIS C 209 -31.16 34.11 -17.89
N GLY C 210 -30.95 35.41 -18.07
CA GLY C 210 -29.62 35.91 -18.36
C GLY C 210 -28.92 36.62 -17.22
N PHE C 211 -29.65 36.94 -16.15
CA PHE C 211 -29.05 37.63 -15.02
C PHE C 211 -29.83 37.29 -13.76
N PHE C 212 -29.13 37.40 -12.63
CA PHE C 212 -29.72 37.15 -11.32
C PHE C 212 -30.52 38.37 -10.84
N LEU C 213 -31.24 38.17 -9.75
CA LEU C 213 -31.97 39.29 -9.15
C LEU C 213 -31.02 40.36 -8.63
N SER C 214 -29.91 39.95 -8.01
CA SER C 214 -28.98 40.90 -7.41
C SER C 214 -28.40 41.87 -8.44
N GLU C 215 -28.25 41.43 -9.69
CA GLU C 215 -27.71 42.27 -10.75
C GLU C 215 -28.79 42.98 -11.54
N LYS C 216 -30.06 42.81 -11.17
CA LYS C 216 -31.15 43.37 -11.95
C LYS C 216 -30.97 44.86 -12.18
N ASP C 217 -30.75 45.63 -11.11
CA ASP C 217 -30.55 47.07 -11.25
C ASP C 217 -29.39 47.37 -12.19
N VAL C 218 -28.28 46.64 -12.04
CA VAL C 218 -27.13 46.85 -12.92
C VAL C 218 -27.55 46.66 -14.37
N VAL C 219 -28.28 45.58 -14.64
CA VAL C 219 -28.73 45.33 -16.01
C VAL C 219 -29.59 46.48 -16.51
N GLN C 220 -30.48 46.98 -15.64
CA GLN C 220 -31.31 48.12 -16.03
C GLN C 220 -30.44 49.30 -16.42
N ASP C 221 -29.40 49.58 -15.63
CA ASP C 221 -28.50 50.67 -15.94
C ASP C 221 -27.87 50.45 -17.31
N ILE C 222 -27.42 49.23 -17.58
CA ILE C 222 -26.82 48.93 -18.88
C ILE C 222 -27.80 49.26 -19.98
N TRP C 223 -29.06 48.84 -19.82
CA TRP C 223 -30.06 49.12 -20.85
C TRP C 223 -30.23 50.62 -21.02
N ASN C 224 -30.29 51.36 -19.90
CA ASN C 224 -30.49 52.80 -19.98
C ASN C 224 -29.32 53.47 -20.68
N ASN C 225 -28.14 52.86 -20.65
CA ASN C 225 -26.98 53.45 -21.30
C ASN C 225 -26.70 52.84 -22.65
N THR C 226 -27.52 51.89 -23.11
CA THR C 226 -27.29 51.24 -24.38
C THR C 226 -28.48 51.37 -25.33
N GLY C 227 -29.66 51.69 -24.82
CA GLY C 227 -30.85 51.76 -25.64
C GLY C 227 -31.59 50.46 -25.81
N LEU C 228 -31.11 49.37 -25.21
CA LEU C 228 -31.80 48.10 -25.24
C LEU C 228 -32.91 48.08 -24.19
N SER C 229 -33.60 46.95 -24.10
CA SER C 229 -34.67 46.79 -23.12
C SER C 229 -34.83 45.30 -22.84
N GLU C 230 -35.77 44.98 -21.96
CA GLU C 230 -36.05 43.58 -21.64
C GLU C 230 -36.56 42.85 -22.88
N GLY C 231 -35.98 41.68 -23.13
CA GLY C 231 -36.35 40.88 -24.28
C GLY C 231 -35.65 41.27 -25.57
N VAL C 232 -34.82 42.30 -25.56
CA VAL C 232 -34.09 42.74 -26.75
C VAL C 232 -32.62 42.42 -26.56
N ARG C 233 -32.04 41.72 -27.53
CA ARG C 233 -30.67 41.25 -27.44
C ARG C 233 -29.74 42.11 -28.28
N HIS C 234 -28.55 42.37 -27.77
CA HIS C 234 -27.57 43.18 -28.50
C HIS C 234 -27.20 42.47 -29.80
N PRO C 235 -27.02 43.22 -30.89
CA PRO C 235 -26.72 42.56 -32.18
C PRO C 235 -25.46 41.71 -32.17
N PHE C 236 -24.42 42.14 -31.45
CA PHE C 236 -23.19 41.37 -31.42
C PHE C 236 -23.31 40.10 -30.60
N THR C 237 -24.30 40.01 -29.72
CA THR C 237 -24.54 38.77 -28.99
C THR C 237 -24.92 37.64 -29.94
N TYR C 238 -25.65 37.95 -31.01
CA TYR C 238 -25.95 36.94 -32.01
C TYR C 238 -24.68 36.40 -32.67
N ILE C 239 -23.75 37.29 -33.00
CA ILE C 239 -22.48 36.87 -33.60
C ILE C 239 -21.68 36.03 -32.62
N MET C 240 -21.65 36.45 -31.35
CA MET C 240 -20.93 35.67 -30.34
C MET C 240 -21.52 34.28 -30.18
N GLU C 241 -22.85 34.19 -30.13
CA GLU C 241 -23.50 32.89 -29.99
C GLU C 241 -23.26 32.01 -31.21
N ALA C 242 -23.29 32.61 -32.41
CA ALA C 242 -23.02 31.85 -33.62
C ALA C 242 -21.59 31.31 -33.62
N CYS C 243 -20.62 32.14 -33.22
CA CYS C 243 -19.25 31.67 -33.12
C CYS C 243 -19.11 30.57 -32.09
N ASP C 244 -19.77 30.70 -30.95
CA ASP C 244 -19.73 29.66 -29.92
C ASP C 244 -20.30 28.35 -30.46
N ASP C 245 -21.42 28.42 -31.17
CA ASP C 245 -22.03 27.21 -31.72
C ASP C 245 -21.14 26.57 -32.78
N ILE C 246 -20.52 27.39 -33.64
CA ILE C 246 -19.61 26.85 -34.66
C ILE C 246 -18.44 26.16 -34.00
N ALA C 247 -17.82 26.81 -33.01
CA ALA C 247 -16.70 26.22 -32.31
C ALA C 247 -17.10 24.91 -31.64
N TYR C 248 -18.24 24.91 -30.94
CA TYR C 248 -18.76 23.67 -30.36
C TYR C 248 -18.83 22.58 -31.42
N SER C 249 -19.64 22.80 -32.46
CA SER C 249 -19.95 21.75 -33.42
C SER C 249 -18.72 21.23 -34.14
N VAL C 250 -17.75 22.08 -34.46
CA VAL C 250 -16.59 21.66 -35.23
C VAL C 250 -15.50 21.10 -34.33
N LEU C 251 -15.06 21.86 -33.32
CA LEU C 251 -13.95 21.42 -32.50
C LEU C 251 -14.30 20.25 -31.60
N ASP C 252 -15.55 20.10 -31.16
CA ASP C 252 -15.91 18.91 -30.43
C ASP C 252 -15.84 17.67 -31.30
N ALA C 253 -16.26 17.77 -32.56
CA ALA C 253 -16.10 16.65 -33.48
C ALA C 253 -14.64 16.33 -33.71
N GLU C 254 -13.80 17.37 -33.84
CA GLU C 254 -12.37 17.14 -34.00
C GLU C 254 -11.79 16.43 -32.79
N ASP C 255 -12.20 16.84 -31.58
CA ASP C 255 -11.73 16.17 -30.37
C ASP C 255 -12.23 14.74 -30.29
N ILE C 256 -13.45 14.48 -30.75
CA ILE C 256 -13.98 13.13 -30.77
C ILE C 256 -13.14 12.24 -31.68
N ILE C 257 -12.80 12.74 -32.87
CA ILE C 257 -11.97 11.96 -33.78
C ILE C 257 -10.58 11.76 -33.19
N LYS C 258 -10.00 12.79 -32.57
CA LYS C 258 -8.67 12.67 -31.99
C LYS C 258 -8.65 11.65 -30.86
N LYS C 259 -9.69 11.63 -30.03
CA LYS C 259 -9.73 10.73 -28.88
C LYS C 259 -9.98 9.28 -29.29
N GLY C 260 -10.32 9.02 -30.55
CA GLY C 260 -10.54 7.67 -31.02
C GLY C 260 -11.95 7.16 -30.91
N PHE C 261 -12.90 7.99 -30.46
CA PHE C 261 -14.30 7.57 -30.37
C PHE C 261 -14.94 7.40 -31.74
N ALA C 262 -14.34 7.94 -32.79
CA ALA C 262 -14.84 7.81 -34.15
C ALA C 262 -13.68 8.06 -35.11
N SER C 263 -13.98 8.01 -36.40
CA SER C 263 -12.97 8.24 -37.43
C SER C 263 -13.49 9.26 -38.42
N PHE C 264 -12.57 9.72 -39.29
CA PHE C 264 -12.93 10.70 -40.30
C PHE C 264 -13.97 10.13 -41.27
N HIS C 265 -13.81 8.87 -41.67
CA HIS C 265 -14.77 8.24 -42.56
C HIS C 265 -16.13 8.10 -41.91
N ASP C 266 -16.17 7.84 -40.59
CA ASP C 266 -17.45 7.78 -39.89
C ASP C 266 -18.17 9.13 -39.96
N LEU C 267 -17.44 10.22 -39.75
CA LEU C 267 -18.05 11.55 -39.83
C LEU C 267 -18.51 11.86 -41.25
N ILE C 268 -17.71 11.48 -42.25
CA ILE C 268 -18.10 11.71 -43.63
C ILE C 268 -19.38 10.96 -43.96
N ASP C 269 -19.47 9.69 -43.54
CA ASP C 269 -20.67 8.91 -43.80
C ASP C 269 -21.87 9.48 -43.05
N PHE C 270 -21.67 9.94 -41.82
CA PHE C 270 -22.77 10.53 -41.07
C PHE C 270 -23.28 11.78 -41.74
N ILE C 271 -22.38 12.63 -42.23
CA ILE C 271 -22.81 13.85 -42.91
C ILE C 271 -23.51 13.52 -44.22
N GLN C 272 -22.98 12.56 -44.99
CA GLN C 272 -23.58 12.22 -46.27
C GLN C 272 -24.97 11.61 -46.09
N SER C 273 -25.14 10.75 -45.08
CA SER C 273 -26.39 10.06 -44.86
C SER C 273 -27.38 10.85 -44.01
N ASN C 274 -26.99 12.04 -43.54
CA ASN C 274 -27.90 12.86 -42.75
C ASN C 274 -29.08 13.31 -43.62
N GLN C 275 -30.26 13.37 -43.00
CA GLN C 275 -31.48 13.68 -43.76
C GLN C 275 -31.42 15.08 -44.35
N PHE C 276 -30.96 16.06 -43.57
CA PHE C 276 -30.95 17.45 -44.02
C PHE C 276 -29.68 17.84 -44.75
N CYS C 277 -28.61 17.04 -44.64
CA CYS C 277 -27.35 17.34 -45.29
C CYS C 277 -27.19 16.65 -46.64
N LYS C 278 -28.19 15.90 -47.10
CA LYS C 278 -28.09 15.25 -48.40
C LYS C 278 -28.15 16.26 -49.53
N GLU C 279 -28.89 17.35 -49.35
CA GLU C 279 -29.06 18.36 -50.38
C GLU C 279 -28.49 19.72 -50.01
N ASP C 280 -27.82 19.84 -48.86
CA ASP C 280 -27.26 21.11 -48.45
C ASP C 280 -26.02 21.43 -49.27
N ASP C 281 -25.98 22.64 -49.84
CA ASP C 281 -24.84 23.02 -50.68
C ASP C 281 -23.57 23.12 -49.85
N VAL C 282 -23.66 23.68 -48.65
CA VAL C 282 -22.48 23.83 -47.80
C VAL C 282 -21.91 22.46 -47.43
N ALA C 283 -22.78 21.54 -47.03
CA ALA C 283 -22.33 20.19 -46.68
C ALA C 283 -21.74 19.48 -47.88
N LYS C 284 -22.37 19.64 -49.06
CA LYS C 284 -21.84 19.02 -50.27
C LYS C 284 -20.44 19.54 -50.58
N ARG C 285 -20.25 20.86 -50.50
CA ARG C 285 -18.94 21.44 -50.79
C ARG C 285 -17.91 20.96 -49.79
N VAL C 286 -18.27 20.91 -48.51
CA VAL C 286 -17.33 20.44 -47.49
C VAL C 286 -16.93 19.00 -47.75
N ILE C 287 -17.90 18.14 -48.08
CA ILE C 287 -17.59 16.74 -48.33
C ILE C 287 -16.70 16.58 -49.56
N GLU C 288 -17.01 17.32 -50.63
CA GLU C 288 -16.21 17.22 -51.84
C GLU C 288 -14.78 17.68 -51.59
N ASN C 289 -14.61 18.80 -50.88
CA ASN C 289 -13.26 19.27 -50.58
C ASN C 289 -12.52 18.29 -49.71
N CYS C 290 -13.20 17.71 -48.72
CA CYS C 290 -12.56 16.73 -47.84
C CYS C 290 -12.09 15.51 -48.63
N LYS C 291 -12.94 14.99 -49.52
CA LYS C 291 -12.55 13.83 -50.30
C LYS C 291 -11.41 14.16 -51.27
N LYS C 292 -11.47 15.35 -51.87
CA LYS C 292 -10.41 15.76 -52.79
C LYS C 292 -9.07 15.87 -52.08
N ILE C 293 -9.05 16.43 -50.87
CA ILE C 293 -7.81 16.49 -50.13
C ILE C 293 -7.40 15.11 -49.63
N HIS C 294 -8.38 14.24 -49.32
CA HIS C 294 -8.05 12.94 -48.75
C HIS C 294 -7.43 12.02 -49.77
N ALA C 295 -7.83 12.12 -51.04
CA ALA C 295 -7.19 11.32 -52.08
C ALA C 295 -5.70 11.64 -52.18
N ASP C 296 -5.36 12.93 -52.34
CA ASP C 296 -3.97 13.34 -52.39
C ASP C 296 -3.26 13.01 -51.08
N TYR C 297 -4.00 13.00 -49.97
CA TYR C 297 -3.38 12.77 -48.67
C TYR C 297 -3.01 11.30 -48.51
N ALA C 298 -3.83 10.41 -49.06
CA ALA C 298 -3.52 8.99 -49.03
C ALA C 298 -2.46 8.62 -50.05
N GLN C 299 -2.20 9.50 -51.04
CA GLN C 299 -1.08 9.25 -51.95
C GLN C 299 0.24 9.12 -51.18
N GLN C 300 0.48 10.00 -50.21
CA GLN C 300 1.70 9.93 -49.42
C GLN C 300 1.63 8.78 -48.41
N LYS C 301 2.79 8.44 -47.86
CA LYS C 301 2.89 7.38 -46.86
C LYS C 301 2.61 7.96 -45.49
N LEU C 302 1.42 7.72 -44.97
CA LEU C 302 1.01 8.21 -43.66
C LEU C 302 0.39 7.09 -42.85
N SER C 303 0.60 7.14 -41.53
CA SER C 303 -0.05 6.21 -40.64
C SER C 303 -1.55 6.49 -40.58
N PRO C 304 -2.36 5.49 -40.25
CA PRO C 304 -3.81 5.74 -40.16
C PRO C 304 -4.17 6.85 -39.19
N ALA C 305 -3.50 6.91 -38.04
CA ALA C 305 -3.76 7.99 -37.09
C ALA C 305 -3.41 9.35 -37.69
N GLU C 306 -2.26 9.45 -38.35
CA GLU C 306 -1.85 10.72 -38.96
C GLU C 306 -2.80 11.13 -40.08
N LEU C 307 -3.20 10.16 -40.91
CA LEU C 307 -4.14 10.45 -41.99
C LEU C 307 -5.47 10.94 -41.43
N ASN C 308 -6.00 10.27 -40.41
CA ASN C 308 -7.25 10.70 -39.80
C ASN C 308 -7.10 12.11 -39.21
N ASP C 309 -5.97 12.36 -38.55
CA ASP C 309 -5.76 13.64 -37.88
C ASP C 309 -5.76 14.79 -38.88
N MET C 310 -4.98 14.65 -39.96
CA MET C 310 -4.88 15.76 -40.90
C MET C 310 -6.12 15.84 -41.80
N SER C 311 -6.79 14.71 -42.05
CA SER C 311 -8.06 14.77 -42.76
C SER C 311 -9.09 15.55 -41.94
N MET C 312 -9.13 15.32 -40.62
CA MET C 312 -10.04 16.09 -39.78
C MET C 312 -9.59 17.53 -39.64
N GLN C 313 -8.28 17.79 -39.72
CA GLN C 313 -7.82 19.18 -39.75
C GLN C 313 -8.35 19.91 -40.98
N MET C 314 -8.27 19.26 -42.14
CA MET C 314 -8.82 19.84 -43.36
C MET C 314 -10.33 20.02 -43.26
N PHE C 315 -11.02 19.04 -42.68
CA PHE C 315 -12.46 19.17 -42.48
C PHE C 315 -12.77 20.35 -41.58
N ARG C 316 -12.00 20.54 -40.51
CA ARG C 316 -12.19 21.67 -39.63
C ARG C 316 -12.01 22.98 -40.37
N VAL C 317 -10.96 23.07 -41.19
CA VAL C 317 -10.69 24.30 -41.94
C VAL C 317 -11.87 24.62 -42.86
N TYR C 318 -12.30 23.63 -43.66
CA TYR C 318 -13.38 23.87 -44.62
C TYR C 318 -14.68 24.21 -43.90
N ALA C 319 -15.03 23.46 -42.86
CA ALA C 319 -16.28 23.69 -42.15
C ALA C 319 -16.31 25.05 -41.47
N ILE C 320 -15.20 25.42 -40.82
CA ILE C 320 -15.14 26.71 -40.15
C ILE C 320 -15.25 27.83 -41.16
N ALA C 321 -14.54 27.71 -42.29
CA ALA C 321 -14.62 28.75 -43.32
C ALA C 321 -16.06 28.91 -43.83
N GLU C 322 -16.69 27.79 -44.18
CA GLU C 322 -18.06 27.86 -44.71
C GLU C 322 -19.03 28.42 -43.69
N LEU C 323 -18.95 27.97 -42.45
CA LEU C 323 -19.88 28.42 -41.42
C LEU C 323 -19.67 29.89 -41.10
N VAL C 324 -18.42 30.35 -41.03
CA VAL C 324 -18.15 31.75 -40.76
C VAL C 324 -18.67 32.63 -41.89
N ASP C 325 -18.44 32.20 -43.14
CA ASP C 325 -18.96 32.98 -44.26
C ASP C 325 -20.48 33.04 -44.25
N ALA C 326 -21.14 31.91 -43.97
CA ALA C 326 -22.59 31.89 -43.91
C ALA C 326 -23.11 32.78 -42.80
N VAL C 327 -22.47 32.75 -41.63
CA VAL C 327 -22.91 33.57 -40.52
C VAL C 327 -22.75 35.05 -40.84
N VAL C 328 -21.63 35.42 -41.46
CA VAL C 328 -21.41 36.82 -41.83
C VAL C 328 -22.46 37.27 -42.84
N ILE C 329 -22.74 36.43 -43.85
CA ILE C 329 -23.74 36.78 -44.84
C ILE C 329 -25.12 36.94 -44.20
N ALA C 330 -25.48 36.03 -43.30
CA ALA C 330 -26.77 36.11 -42.64
C ALA C 330 -26.88 37.37 -41.78
N PHE C 331 -25.81 37.71 -41.06
CA PHE C 331 -25.83 38.93 -40.26
C PHE C 331 -25.95 40.17 -41.12
N LYS C 332 -25.24 40.20 -42.26
CA LYS C 332 -25.32 41.35 -43.15
C LYS C 332 -26.72 41.48 -43.75
N ASP C 333 -27.33 40.37 -44.12
CA ASP C 333 -28.64 40.42 -44.76
C ASP C 333 -29.73 40.86 -43.78
N ASN C 334 -29.68 40.36 -42.54
CA ASN C 334 -30.71 40.65 -41.55
C ASN C 334 -30.26 41.70 -40.55
N ILE C 335 -29.45 42.67 -40.98
CA ILE C 335 -28.96 43.70 -40.06
C ILE C 335 -30.09 44.62 -39.63
N ASN C 336 -31.03 44.90 -40.53
CA ASN C 336 -32.15 45.79 -40.18
C ASN C 336 -33.03 45.16 -39.11
N GLU C 337 -33.30 43.86 -39.22
CA GLU C 337 -34.12 43.19 -38.21
C GLU C 337 -33.42 43.12 -36.88
N PHE C 338 -32.09 42.94 -36.89
CA PHE C 338 -31.33 42.88 -35.64
C PHE C 338 -31.34 44.22 -34.91
N LEU C 339 -31.36 45.32 -35.66
CA LEU C 339 -31.37 46.66 -35.08
C LEU C 339 -32.76 47.11 -34.65
N ASN C 340 -33.79 46.32 -34.94
CA ASN C 340 -35.15 46.66 -34.54
C ASN C 340 -35.38 46.30 -33.08
N ASP C 341 -36.22 47.10 -32.41
CA ASP C 341 -36.55 46.85 -31.01
C ASP C 341 -37.41 45.62 -30.82
N THR C 342 -38.00 45.08 -31.88
CA THR C 342 -38.87 43.92 -31.81
C THR C 342 -38.27 42.73 -32.55
N CYS C 343 -36.95 42.55 -32.42
CA CYS C 343 -36.30 41.42 -33.07
C CYS C 343 -36.71 40.12 -32.39
N GLU C 344 -37.07 39.13 -33.22
CA GLU C 344 -37.51 37.83 -32.72
C GLU C 344 -36.67 36.68 -33.26
N ILE C 345 -35.48 36.96 -33.77
CA ILE C 345 -34.61 35.90 -34.28
C ILE C 345 -33.99 35.15 -33.11
N LYS C 346 -34.14 33.83 -33.10
CA LYS C 346 -33.58 33.03 -32.01
C LYS C 346 -32.07 32.92 -32.08
N ASP C 347 -31.53 32.67 -33.27
CA ASP C 347 -30.08 32.55 -33.43
C ASP C 347 -29.70 32.89 -34.86
N LEU C 348 -28.44 33.28 -35.04
CA LEU C 348 -27.96 33.69 -36.35
C LEU C 348 -27.73 32.51 -37.28
N ILE C 349 -27.38 31.35 -36.73
CA ILE C 349 -27.06 30.19 -37.57
C ILE C 349 -28.29 29.71 -38.32
N SER C 350 -29.45 29.71 -37.65
CA SER C 350 -30.67 29.21 -38.29
C SER C 350 -31.03 30.03 -39.52
N CYS C 351 -30.70 31.32 -39.54
CA CYS C 351 -30.96 32.16 -40.70
C CYS C 351 -29.89 32.03 -41.77
N SER C 352 -28.80 31.31 -41.49
CA SER C 352 -27.70 31.16 -42.44
C SER C 352 -27.86 29.85 -43.21
N SER C 353 -27.02 29.69 -44.22
CA SER C 353 -27.02 28.47 -45.04
C SER C 353 -26.26 27.33 -44.41
N GLY C 354 -25.56 27.57 -43.30
CA GLY C 354 -24.82 26.51 -42.63
C GLY C 354 -25.60 25.91 -41.48
N LYS C 355 -26.91 26.13 -41.45
CA LYS C 355 -27.75 25.61 -40.38
C LYS C 355 -27.74 24.09 -40.37
N ASN C 356 -27.93 23.48 -41.54
CA ASN C 356 -28.00 22.02 -41.62
C ASN C 356 -26.68 21.38 -41.23
N LEU C 357 -25.56 21.93 -41.69
CA LEU C 357 -24.25 21.38 -41.35
C LEU C 357 -23.99 21.48 -39.86
N CYS C 358 -24.31 22.63 -39.25
CA CYS C 358 -24.10 22.80 -37.83
C CYS C 358 -24.98 21.85 -37.02
N GLN C 359 -26.25 21.69 -37.44
CA GLN C 359 -27.13 20.77 -36.74
C GLN C 359 -26.64 19.33 -36.85
N ALA C 360 -26.18 18.92 -38.04
CA ALA C 360 -25.66 17.57 -38.20
C ALA C 360 -24.40 17.36 -37.35
N LEU C 361 -23.52 18.37 -37.29
CA LEU C 361 -22.34 18.25 -36.46
C LEU C 361 -22.70 18.16 -34.99
N LYS C 362 -23.69 18.93 -34.54
CA LYS C 362 -24.13 18.82 -33.15
C LYS C 362 -24.71 17.44 -32.86
N LYS C 363 -25.51 16.90 -33.78
CA LYS C 363 -26.05 15.56 -33.59
C LYS C 363 -24.94 14.52 -33.53
N PHE C 364 -23.93 14.65 -34.40
CA PHE C 364 -22.82 13.72 -34.39
C PHE C 364 -22.05 13.80 -33.06
N ASP C 365 -21.81 15.02 -32.59
CA ASP C 365 -21.10 15.19 -31.32
C ASP C 365 -21.90 14.60 -30.16
N SER C 366 -23.22 14.80 -30.16
CA SER C 366 -24.05 14.26 -29.09
C SER C 366 -24.05 12.74 -29.13
N SER C 367 -24.20 12.15 -30.31
CA SER C 367 -24.32 10.70 -30.41
C SER C 367 -23.00 10.00 -30.13
N ARG C 368 -21.89 10.58 -30.58
CA ARG C 368 -20.61 9.90 -30.48
C ARG C 368 -19.82 10.31 -29.23
N GLY C 369 -19.77 11.60 -28.93
CA GLY C 369 -18.93 12.07 -27.85
C GLY C 369 -19.62 12.33 -26.52
N TYR C 370 -20.74 13.04 -26.54
CA TYR C 370 -21.38 13.43 -25.29
C TYR C 370 -21.99 12.25 -24.56
N GLN C 371 -22.40 11.22 -25.29
CA GLN C 371 -23.02 10.04 -24.70
C GLN C 371 -22.06 8.85 -24.62
N HIS C 372 -20.76 9.10 -24.71
CA HIS C 372 -19.79 8.02 -24.55
C HIS C 372 -19.77 7.55 -23.10
N ARG C 373 -19.37 6.29 -22.92
CA ARG C 373 -19.40 5.68 -21.59
C ARG C 373 -18.48 6.41 -20.63
N SER C 374 -17.26 6.72 -21.07
CA SER C 374 -16.31 7.43 -20.21
C SER C 374 -16.82 8.82 -19.86
N VAL C 375 -17.40 9.52 -20.84
CA VAL C 375 -17.92 10.86 -20.58
C VAL C 375 -19.05 10.81 -19.55
N LEU C 376 -19.95 9.83 -19.69
CA LEU C 376 -21.04 9.70 -18.73
C LEU C 376 -20.51 9.35 -17.34
N LYS C 377 -19.50 8.48 -17.26
CA LYS C 377 -18.94 8.12 -15.96
C LYS C 377 -18.30 9.34 -15.28
N LEU C 378 -17.53 10.12 -16.03
CA LEU C 378 -16.93 11.31 -15.43
C LEU C 378 -17.97 12.36 -15.09
N GLU C 379 -19.04 12.45 -15.88
CA GLU C 379 -20.13 13.37 -15.53
C GLU C 379 -20.78 12.97 -14.22
N LEU C 380 -21.01 11.67 -14.03
CA LEU C 380 -21.58 11.20 -12.76
C LEU C 380 -20.63 11.47 -11.60
N GLU C 381 -19.33 11.24 -11.80
CA GLU C 381 -18.36 11.52 -10.75
C GLU C 381 -18.35 13.01 -10.39
N GLY C 382 -18.38 13.87 -11.40
CA GLY C 382 -18.41 15.30 -11.13
C GLY C 382 -19.68 15.74 -10.44
N SER C 383 -20.81 15.15 -10.82
CA SER C 383 -22.07 15.45 -10.14
C SER C 383 -22.02 15.05 -8.68
N ASN C 384 -21.47 13.86 -8.40
CA ASN C 384 -21.34 13.42 -7.02
C ASN C 384 -20.42 14.35 -6.23
N TYR C 385 -19.29 14.74 -6.82
CA TYR C 385 -18.37 15.66 -6.14
C TYR C 385 -19.05 16.98 -5.84
N ILE C 386 -19.76 17.54 -6.83
CA ILE C 386 -20.39 18.85 -6.66
C ILE C 386 -21.47 18.78 -5.60
N LYS C 387 -22.30 17.74 -5.64
CA LYS C 387 -23.38 17.64 -4.67
C LYS C 387 -22.85 17.42 -3.25
N GLY C 388 -21.81 16.60 -3.10
CA GLY C 388 -21.21 16.42 -1.79
C GLY C 388 -20.62 17.70 -1.25
N LEU C 389 -19.88 18.43 -2.08
CA LEU C 389 -19.31 19.69 -1.65
C LEU C 389 -20.40 20.70 -1.31
N MET C 390 -21.49 20.72 -2.08
CA MET C 390 -22.57 21.65 -1.81
C MET C 390 -23.25 21.35 -0.48
N ASP C 391 -23.51 20.07 -0.19
CA ASP C 391 -24.08 19.72 1.11
C ASP C 391 -23.13 20.10 2.24
N MET C 392 -21.84 19.82 2.05
CA MET C 392 -20.85 20.09 3.08
C MET C 392 -20.71 21.59 3.34
N LEU C 393 -20.83 22.42 2.29
CA LEU C 393 -20.78 23.86 2.49
C LEU C 393 -22.09 24.39 3.09
N TRP C 394 -23.23 23.86 2.64
CA TRP C 394 -24.51 24.27 3.20
C TRP C 394 -24.59 23.96 4.69
N LEU C 395 -23.88 22.94 5.15
CA LEU C 395 -23.82 22.68 6.59
C LEU C 395 -23.28 23.89 7.35
N GLY C 396 -22.41 24.67 6.73
CA GLY C 396 -21.85 25.85 7.38
C GLY C 396 -22.38 27.18 6.89
N ILE C 397 -23.22 27.18 5.85
CA ILE C 397 -23.76 28.42 5.29
C ILE C 397 -25.18 28.69 5.76
N LYS C 398 -26.03 27.65 5.80
CA LYS C 398 -27.44 27.85 6.12
C LYS C 398 -27.60 28.43 7.52
N GLY C 399 -28.48 29.44 7.62
CA GLY C 399 -28.74 30.10 8.87
C GLY C 399 -27.84 31.28 9.18
N ARG C 400 -26.80 31.51 8.38
CA ARG C 400 -25.87 32.60 8.65
C ARG C 400 -26.56 33.95 8.51
N ALA C 401 -27.59 34.04 7.69
CA ALA C 401 -28.31 35.29 7.47
C ALA C 401 -29.73 35.30 8.02
N THR C 402 -30.39 34.14 8.04
CA THR C 402 -31.76 34.10 8.54
C THR C 402 -31.83 34.36 10.04
N GLY C 403 -30.90 33.80 10.80
CA GLY C 403 -30.89 34.00 12.24
C GLY C 403 -30.63 32.73 13.02
N ASP C 404 -31.04 31.59 12.45
CA ASP C 404 -30.82 30.31 13.12
C ASP C 404 -29.34 29.99 13.20
N THR C 405 -28.95 29.29 14.26
CA THR C 405 -27.55 29.12 14.63
C THR C 405 -27.14 27.64 14.67
N GLN C 406 -27.49 26.88 13.65
CA GLN C 406 -26.99 25.51 13.55
C GLN C 406 -25.62 25.43 12.91
N TYR C 407 -25.08 26.55 12.42
CA TYR C 407 -23.79 26.58 11.76
C TYR C 407 -22.62 26.76 12.74
N ASP C 408 -22.90 26.95 14.03
CA ASP C 408 -21.87 27.30 14.99
C ASP C 408 -20.97 26.13 15.37
N THR C 409 -21.13 24.98 14.71
CA THR C 409 -20.23 23.87 14.95
C THR C 409 -18.84 24.20 14.40
N PRO C 410 -17.79 23.62 15.00
CA PRO C 410 -16.43 23.89 14.49
C PRO C 410 -16.26 23.55 13.02
N PHE C 411 -16.86 22.45 12.56
CA PHE C 411 -16.81 22.12 11.15
C PHE C 411 -17.51 23.18 10.31
N GLY C 412 -18.66 23.68 10.77
CA GLY C 412 -19.35 24.72 10.05
C GLY C 412 -18.53 26.00 9.95
N ARG C 413 -17.88 26.39 11.05
CA ARG C 413 -17.05 27.59 11.03
C ARG C 413 -15.86 27.42 10.09
N TYR C 414 -15.22 26.25 10.12
CA TYR C 414 -14.10 26.01 9.22
C TYR C 414 -14.54 26.03 7.76
N VAL C 415 -15.70 25.42 7.48
CA VAL C 415 -16.24 25.39 6.13
C VAL C 415 -16.54 26.81 5.65
N TYR C 416 -17.13 27.63 6.51
CA TYR C 416 -17.37 29.02 6.15
C TYR C 416 -16.06 29.75 5.89
N GLY C 417 -15.05 29.52 6.73
CA GLY C 417 -13.77 30.16 6.53
C GLY C 417 -13.04 29.72 5.28
N ARG C 418 -13.34 28.52 4.78
CA ARG C 418 -12.68 28.04 3.56
C ARG C 418 -13.18 28.75 2.32
N ILE C 419 -14.37 29.35 2.38
CA ILE C 419 -14.90 30.09 1.23
C ILE C 419 -14.04 31.32 0.98
N SER C 420 -13.98 31.75 -0.28
CA SER C 420 -13.19 32.92 -0.65
C SER C 420 -13.68 34.15 0.09
N GLU C 421 -12.73 35.02 0.43
CA GLU C 421 -13.05 36.16 1.30
C GLU C 421 -14.00 37.15 0.63
N ASN C 422 -13.84 37.36 -0.68
CA ASN C 422 -14.69 38.32 -1.37
C ASN C 422 -16.14 37.87 -1.40
N TYR C 423 -16.37 36.57 -1.59
CA TYR C 423 -17.74 36.05 -1.58
C TYR C 423 -18.41 36.30 -0.24
N ARG C 424 -17.70 36.02 0.85
CA ARG C 424 -18.26 36.25 2.18
C ARG C 424 -18.44 37.74 2.47
N ARG C 425 -17.54 38.57 1.94
CA ARG C 425 -17.67 40.02 2.11
C ARG C 425 -18.93 40.52 1.42
N ILE C 426 -19.21 40.03 0.22
CA ILE C 426 -20.44 40.40 -0.48
C ILE C 426 -21.66 39.85 0.26
N PHE C 427 -21.57 38.61 0.76
CA PHE C 427 -22.69 38.00 1.47
C PHE C 427 -23.02 38.75 2.75
N GLU C 428 -22.01 39.21 3.48
CA GLU C 428 -22.23 39.91 4.74
C GLU C 428 -22.69 41.35 4.54
N GLN C 429 -22.65 41.87 3.32
CA GLN C 429 -23.10 43.23 3.06
C GLN C 429 -24.60 43.35 3.30
N GLU C 430 -25.02 44.54 3.73
CA GLU C 430 -26.43 44.79 4.03
C GLU C 430 -27.12 45.34 2.79
N ASN C 431 -27.91 44.50 2.14
CA ASN C 431 -28.68 44.87 0.96
C ASN C 431 -30.14 44.48 1.16
N ASN C 432 -30.93 44.60 0.10
CA ASN C 432 -32.35 44.31 0.15
C ASN C 432 -32.69 42.89 -0.25
N LEU C 433 -31.69 42.06 -0.55
CA LEU C 433 -31.97 40.69 -0.94
C LEU C 433 -32.46 39.87 0.25
N PRO C 434 -33.36 38.92 0.03
CA PRO C 434 -33.79 38.05 1.12
C PRO C 434 -32.64 37.20 1.65
N ALA C 435 -32.70 36.88 2.95
CA ALA C 435 -31.60 36.19 3.59
C ALA C 435 -31.34 34.83 2.96
N CYS C 436 -32.40 34.07 2.67
CA CYS C 436 -32.23 32.78 2.01
C CYS C 436 -31.61 32.96 0.63
N TYR C 437 -32.03 34.00 -0.10
CA TYR C 437 -31.44 34.28 -1.40
C TYR C 437 -29.95 34.60 -1.26
N LYS C 438 -29.58 35.37 -0.24
CA LYS C 438 -28.17 35.69 -0.03
C LYS C 438 -27.37 34.43 0.28
N GLU C 439 -27.90 33.55 1.13
CA GLU C 439 -27.19 32.32 1.45
C GLU C 439 -27.00 31.44 0.21
N ALA C 440 -28.07 31.28 -0.57
CA ALA C 440 -27.97 30.46 -1.77
C ALA C 440 -27.02 31.07 -2.78
N GLN C 441 -27.02 32.41 -2.90
CA GLN C 441 -26.10 33.07 -3.81
C GLN C 441 -24.66 32.89 -3.36
N LEU C 442 -24.41 32.93 -2.05
CA LEU C 442 -23.06 32.68 -1.54
C LEU C 442 -22.59 31.28 -1.93
N LEU C 443 -23.47 30.28 -1.76
CA LEU C 443 -23.11 28.92 -2.13
C LEU C 443 -22.85 28.81 -3.63
N ALA C 444 -23.70 29.44 -4.44
CA ALA C 444 -23.53 29.38 -5.89
C ALA C 444 -22.22 30.03 -6.32
N ASP C 445 -21.89 31.18 -5.74
CA ASP C 445 -20.65 31.85 -6.06
C ASP C 445 -19.45 31.02 -5.63
N ALA C 446 -19.52 30.38 -4.46
CA ALA C 446 -18.42 29.53 -4.01
C ALA C 446 -18.21 28.35 -4.95
N ILE C 447 -19.30 27.69 -5.35
CA ILE C 447 -19.17 26.50 -6.20
C ILE C 447 -18.72 26.88 -7.60
N SER C 448 -19.30 27.94 -8.17
CA SER C 448 -19.02 28.27 -9.57
C SER C 448 -17.57 28.71 -9.78
N GLY C 449 -16.96 29.32 -8.77
CA GLY C 449 -15.61 29.84 -8.92
C GLY C 449 -14.50 28.82 -8.81
N MET C 450 -14.83 27.56 -8.57
CA MET C 450 -13.81 26.53 -8.39
C MET C 450 -13.54 25.80 -9.69
N THR C 451 -12.30 25.34 -9.84
CA THR C 451 -11.92 24.46 -10.94
C THR C 451 -12.16 23.01 -10.52
N ASP C 452 -11.98 22.09 -11.47
CA ASP C 452 -12.24 20.68 -11.18
C ASP C 452 -11.25 20.15 -10.15
N SER C 453 -9.97 20.41 -10.35
CA SER C 453 -8.95 19.94 -9.42
C SER C 453 -9.15 20.54 -8.04
N TYR C 454 -9.41 21.86 -7.99
CA TYR C 454 -9.65 22.51 -6.71
C TYR C 454 -10.89 21.97 -6.03
N LEU C 455 -11.97 21.75 -6.79
CA LEU C 455 -13.19 21.22 -6.21
C LEU C 455 -12.98 19.83 -5.64
N ILE C 456 -12.27 18.97 -6.38
CA ILE C 456 -12.01 17.61 -5.91
C ILE C 456 -11.14 17.64 -4.65
N ALA C 457 -10.11 18.48 -4.65
CA ALA C 457 -9.22 18.56 -3.49
C ALA C 457 -9.98 19.06 -2.25
N LEU C 458 -10.79 20.10 -2.42
CA LEU C 458 -11.56 20.62 -1.29
C LEU C 458 -12.56 19.59 -0.80
N HIS C 459 -13.22 18.88 -1.72
CA HIS C 459 -14.19 17.86 -1.33
C HIS C 459 -13.51 16.77 -0.52
N ASP C 460 -12.35 16.29 -0.98
CA ASP C 460 -11.65 15.24 -0.25
C ASP C 460 -11.18 15.73 1.11
N GLU C 461 -10.64 16.95 1.18
CA GLU C 461 -10.15 17.48 2.44
C GLU C 461 -11.28 17.63 3.46
N LEU C 462 -12.40 18.21 3.04
CA LEU C 462 -13.51 18.41 3.98
C LEU C 462 -14.20 17.09 4.32
N ARG C 463 -14.21 16.13 3.39
CA ARG C 463 -14.69 14.80 3.73
C ARG C 463 -13.83 14.15 4.80
N ALA C 464 -12.51 14.33 4.70
CA ALA C 464 -11.63 13.85 5.76
C ALA C 464 -11.90 14.56 7.07
N LEU C 465 -12.17 15.86 7.02
CA LEU C 465 -12.41 16.64 8.22
C LEU C 465 -13.83 16.52 8.75
N HIS C 466 -14.75 15.91 8.00
CA HIS C 466 -16.13 15.76 8.41
C HIS C 466 -16.42 14.42 9.09
N GLN C 467 -15.37 13.61 9.35
CA GLN C 467 -15.59 12.27 9.86
C GLN C 467 -16.23 12.29 11.25
N TYR C 468 -15.79 13.19 12.12
CA TYR C 468 -16.28 13.20 13.49
C TYR C 468 -17.76 13.56 13.56
N GLU C 469 -18.17 14.58 12.83
CA GLU C 469 -19.55 15.05 12.90
C GLU C 469 -20.53 14.15 12.16
N CYS C 470 -20.04 13.18 11.39
CA CYS C 470 -20.92 12.26 10.68
C CYS C 470 -21.21 11.03 11.52
N SER D 2 17.53 51.66 -44.97
CA SER D 2 18.02 50.93 -46.13
C SER D 2 17.03 49.87 -46.58
N MET D 3 16.53 49.10 -45.62
CA MET D 3 15.52 48.09 -45.93
C MET D 3 14.17 48.75 -46.17
N HIS D 4 13.34 48.08 -46.98
CA HIS D 4 12.03 48.60 -47.36
C HIS D 4 10.95 47.79 -46.67
N TRP D 5 9.88 48.48 -46.23
CA TRP D 5 8.79 47.79 -45.55
C TRP D 5 8.03 46.87 -46.50
N ASN D 6 8.13 47.11 -47.81
CA ASN D 6 7.47 46.24 -48.77
C ASN D 6 8.03 44.83 -48.71
N ASP D 7 9.36 44.71 -48.64
CA ASP D 7 9.98 43.39 -48.53
C ASP D 7 9.85 42.82 -47.12
N LEU D 8 9.95 43.68 -46.10
CA LEU D 8 9.85 43.20 -44.72
C LEU D 8 8.46 42.72 -44.37
N LEU D 9 7.43 43.20 -45.07
CA LEU D 9 6.05 42.78 -44.85
C LEU D 9 5.53 41.94 -46.02
N ASN D 10 6.38 41.08 -46.56
CA ASN D 10 5.98 40.23 -47.67
C ASN D 10 4.93 39.22 -47.21
N SER D 11 3.83 39.15 -47.94
CA SER D 11 2.73 38.26 -47.62
C SER D 11 2.75 36.98 -48.44
N ASN D 12 3.79 36.76 -49.24
CA ASN D 12 3.90 35.53 -50.01
C ASN D 12 4.32 34.37 -49.13
N ARG D 13 4.06 33.16 -49.62
CA ARG D 13 4.36 31.94 -48.89
C ARG D 13 5.34 31.08 -49.69
N ARG D 14 6.09 30.25 -48.96
CA ARG D 14 7.13 29.44 -49.59
C ARG D 14 6.53 28.39 -50.52
N LYS D 15 5.42 27.79 -50.13
CA LYS D 15 4.82 26.74 -50.94
C LYS D 15 4.30 27.31 -52.25
N PRO D 16 4.72 26.76 -53.40
CA PRO D 16 4.19 27.26 -54.68
C PRO D 16 2.70 27.00 -54.79
N LYS D 17 2.01 27.93 -55.44
CA LYS D 17 0.57 27.80 -55.63
C LYS D 17 0.27 26.68 -56.64
N ASN D 18 -0.84 26.00 -56.43
CA ASN D 18 -1.25 24.89 -57.29
C ASN D 18 -1.60 25.37 -58.69
N LYS D 21 -6.19 24.10 -57.65
CA LYS D 21 -7.14 24.47 -56.60
C LYS D 21 -8.27 25.31 -57.17
N GLU D 22 -9.50 24.85 -57.00
CA GLU D 22 -10.67 25.55 -57.48
C GLU D 22 -11.08 26.66 -56.52
N SER D 23 -12.03 27.49 -56.96
CA SER D 23 -12.53 28.57 -56.11
C SER D 23 -13.30 28.04 -54.91
N SER D 24 -13.90 26.86 -55.02
CA SER D 24 -14.64 26.29 -53.90
C SER D 24 -13.74 25.86 -52.75
N GLN D 25 -12.44 25.72 -53.00
CA GLN D 25 -11.48 25.33 -51.96
C GLN D 25 -10.81 26.54 -51.31
N ASP D 26 -11.22 27.75 -51.68
CA ASP D 26 -10.61 28.95 -51.11
C ASP D 26 -11.15 29.18 -49.70
N THR D 27 -10.30 28.98 -48.70
CA THR D 27 -10.67 29.20 -47.31
C THR D 27 -10.17 30.53 -46.76
N SER D 28 -9.57 31.37 -47.60
CA SER D 28 -9.05 32.65 -47.12
C SER D 28 -10.19 33.57 -46.67
N LYS D 29 -11.24 33.65 -47.46
CA LYS D 29 -12.39 34.54 -47.19
C LYS D 29 -11.88 35.97 -47.07
N GLY D 30 -12.49 36.78 -46.22
CA GLY D 30 -12.06 38.15 -46.04
C GLY D 30 -10.91 38.33 -45.06
N ARG D 31 -10.00 37.36 -44.98
CA ARG D 31 -8.89 37.41 -44.05
C ARG D 31 -7.60 37.74 -44.79
N GLN D 32 -6.78 38.60 -44.18
CA GLN D 32 -5.46 38.87 -44.71
C GLN D 32 -4.56 37.66 -44.51
N GLN D 33 -3.50 37.58 -45.31
CA GLN D 33 -2.62 36.42 -45.27
C GLN D 33 -1.95 36.27 -43.91
N ILE D 34 -1.52 37.39 -43.32
CA ILE D 34 -0.89 37.33 -42.00
C ILE D 34 -1.91 36.94 -40.94
N GLU D 35 -3.16 37.39 -41.10
CA GLU D 35 -4.23 36.93 -40.21
C GLU D 35 -4.42 35.43 -40.34
N ARG D 36 -4.33 34.90 -41.56
CA ARG D 36 -4.39 33.45 -41.75
C ARG D 36 -3.23 32.76 -41.07
N ASP D 37 -2.04 33.37 -41.09
CA ASP D 37 -0.90 32.80 -40.37
C ASP D 37 -1.17 32.75 -38.88
N TYR D 38 -1.75 33.82 -38.32
CA TYR D 38 -2.08 33.83 -36.90
C TYR D 38 -3.09 32.74 -36.58
N ASP D 39 -4.10 32.58 -37.44
CA ASP D 39 -5.09 31.53 -37.22
C ASP D 39 -4.46 30.14 -37.30
N ARG D 40 -3.53 29.96 -38.23
CA ARG D 40 -2.81 28.68 -38.32
C ARG D 40 -2.04 28.40 -37.06
N ILE D 41 -1.35 29.41 -36.53
CA ILE D 41 -0.56 29.21 -35.31
C ILE D 41 -1.47 28.90 -34.13
N LEU D 42 -2.61 29.61 -34.02
CA LEU D 42 -3.50 29.40 -32.89
C LEU D 42 -4.10 28.00 -32.89
N PHE D 43 -4.49 27.51 -34.06
CA PHE D 43 -5.17 26.22 -34.17
C PHE D 43 -4.20 25.04 -34.27
N ALA D 44 -2.89 25.30 -34.24
CA ALA D 44 -1.92 24.22 -34.31
C ALA D 44 -1.93 23.39 -33.03
N ALA D 45 -1.67 22.10 -33.18
CA ALA D 45 -1.62 21.22 -32.01
C ALA D 45 -0.56 21.62 -30.99
N PRO D 46 0.66 22.00 -31.38
CA PRO D 46 1.63 22.44 -30.34
C PRO D 46 1.13 23.62 -29.52
N THR D 47 0.32 24.50 -30.11
CA THR D 47 -0.23 25.62 -29.35
C THR D 47 -1.10 25.11 -28.20
N ARG D 48 -1.93 24.10 -28.47
CA ARG D 48 -2.73 23.49 -27.41
C ARG D 48 -1.85 22.73 -26.43
N ARG D 49 -0.81 22.06 -26.92
CA ARG D 49 0.07 21.30 -26.03
C ARG D 49 0.87 22.21 -25.11
N LEU D 50 1.04 23.48 -25.48
CA LEU D 50 1.77 24.42 -24.63
C LEU D 50 1.12 24.59 -23.27
N ALA D 51 -0.17 24.29 -23.14
CA ALA D 51 -0.84 24.44 -21.86
C ALA D 51 -0.31 23.47 -20.80
N ASP D 52 0.25 22.34 -21.23
CA ASP D 52 0.78 21.34 -20.31
C ASP D 52 2.25 21.57 -19.96
N LYS D 53 2.89 22.59 -20.52
CA LYS D 53 4.27 22.88 -20.22
C LYS D 53 4.38 24.02 -19.22
N THR D 54 5.17 23.81 -18.17
CA THR D 54 5.38 24.81 -17.14
C THR D 54 6.30 25.90 -17.65
N GLN D 55 6.06 27.12 -17.19
CA GLN D 55 6.90 28.27 -17.57
C GLN D 55 8.06 28.39 -16.59
N VAL D 56 7.74 28.65 -15.32
CA VAL D 56 8.76 28.66 -14.26
C VAL D 56 8.31 27.76 -13.12
N PHE D 57 7.05 27.92 -12.72
CA PHE D 57 6.48 27.28 -11.54
C PHE D 57 5.58 26.12 -11.94
N PRO D 58 5.36 25.16 -11.04
CA PRO D 58 4.47 24.03 -11.36
C PRO D 58 3.06 24.49 -11.67
N LEU D 59 2.42 23.82 -12.62
CA LEU D 59 1.05 24.14 -13.01
C LEU D 59 0.01 23.26 -12.33
N ASP D 60 0.43 22.22 -11.61
CA ASP D 60 -0.54 21.33 -10.96
C ASP D 60 -1.29 22.05 -9.85
N LYS D 61 -0.61 22.91 -9.10
CA LYS D 61 -1.29 23.71 -8.09
C LYS D 61 -2.24 24.71 -8.73
N ASN D 62 -3.35 24.95 -8.04
CA ASN D 62 -4.37 25.89 -8.53
C ASN D 62 -4.13 27.28 -7.96
N ASP D 63 -2.92 27.79 -8.20
CA ASP D 63 -2.53 29.12 -7.75
C ASP D 63 -2.55 30.14 -8.89
N SER D 64 -3.21 29.82 -10.00
CA SER D 64 -3.33 30.72 -11.15
C SER D 64 -1.98 31.12 -11.70
N VAL D 65 -1.03 30.18 -11.70
CA VAL D 65 0.29 30.43 -12.27
C VAL D 65 0.18 30.44 -13.79
N ARG D 66 1.18 31.00 -14.45
CA ARG D 66 1.17 31.14 -15.90
C ARG D 66 2.01 30.05 -16.54
N THR D 67 1.40 29.30 -17.45
CA THR D 67 2.11 28.27 -18.20
C THR D 67 2.65 28.87 -19.50
N ARG D 68 3.12 28.00 -20.40
CA ARG D 68 3.61 28.47 -21.68
C ARG D 68 2.51 29.10 -22.52
N LEU D 69 1.31 28.51 -22.49
CA LEU D 69 0.21 29.03 -23.30
C LEU D 69 -0.24 30.40 -22.83
N THR D 70 -0.40 30.57 -21.50
CA THR D 70 -0.83 31.86 -20.97
C THR D 70 0.22 32.94 -21.24
N HIS D 71 1.50 32.61 -21.04
CA HIS D 71 2.57 33.56 -21.31
C HIS D 71 2.60 33.93 -22.79
N SER D 72 2.42 32.94 -23.66
CA SER D 72 2.41 33.22 -25.10
C SER D 72 1.25 34.13 -25.47
N HIS D 73 0.07 33.88 -24.91
CA HIS D 73 -1.08 34.73 -25.20
C HIS D 73 -0.87 36.14 -24.69
N GLU D 74 -0.28 36.30 -23.51
CA GLU D 74 -0.01 37.64 -22.98
C GLU D 74 1.00 38.38 -23.86
N VAL D 75 2.06 37.69 -24.29
CA VAL D 75 3.04 38.31 -25.18
C VAL D 75 2.38 38.70 -26.50
N ALA D 76 1.51 37.84 -27.02
CA ALA D 76 0.81 38.15 -28.26
C ALA D 76 -0.08 39.36 -28.09
N ASN D 77 -0.76 39.48 -26.95
CA ASN D 77 -1.61 40.63 -26.71
C ASN D 77 -0.80 41.92 -26.63
N LEU D 78 0.33 41.88 -25.94
CA LEU D 78 1.19 43.06 -25.85
C LEU D 78 1.72 43.46 -27.23
N SER D 79 2.15 42.46 -28.02
CA SER D 79 2.64 42.75 -29.36
C SER D 79 1.55 43.32 -30.24
N ARG D 80 0.32 42.80 -30.11
CA ARG D 80 -0.80 43.33 -30.88
C ARG D 80 -1.11 44.77 -30.49
N GLY D 81 -1.05 45.07 -29.19
CA GLY D 81 -1.26 46.45 -28.77
C GLY D 81 -0.23 47.39 -29.34
N ILE D 82 1.05 46.98 -29.30
CA ILE D 82 2.11 47.80 -29.87
C ILE D 82 1.89 47.96 -31.38
N GLY D 83 1.46 46.90 -32.06
CA GLY D 83 1.22 46.99 -33.48
C GLY D 83 0.09 47.93 -33.83
N MET D 84 -1.00 47.89 -33.06
CA MET D 84 -2.10 48.82 -33.29
C MET D 84 -1.66 50.26 -33.04
N ARG D 85 -0.85 50.48 -31.99
CA ARG D 85 -0.32 51.82 -31.76
C ARG D 85 0.53 52.29 -32.94
N LEU D 86 1.37 51.40 -33.47
CA LEU D 86 2.24 51.77 -34.59
C LEU D 86 1.44 52.04 -35.86
N ALA D 87 0.41 51.23 -36.13
CA ALA D 87 -0.30 51.32 -37.39
C ALA D 87 -1.44 52.34 -37.39
N PHE D 88 -1.91 52.76 -36.22
CA PHE D 88 -3.02 53.70 -36.15
C PHE D 88 -2.61 55.10 -35.73
N GLU D 89 -1.51 55.25 -35.01
CA GLU D 89 -1.05 56.55 -34.54
C GLU D 89 0.31 56.96 -35.10
N LEU D 90 1.30 56.08 -34.99
CA LEU D 90 2.66 56.37 -35.44
C LEU D 90 2.94 55.85 -36.85
N GLU D 91 1.91 55.80 -37.70
CA GLU D 91 2.10 55.30 -39.06
C GLU D 91 3.05 56.18 -39.85
N ASP D 92 2.89 57.50 -39.75
CA ASP D 92 3.75 58.41 -40.52
C ASP D 92 5.19 58.35 -40.05
N ASP D 93 5.40 58.27 -38.74
CA ASP D 93 6.76 58.28 -38.20
C ASP D 93 7.49 56.98 -38.49
N VAL D 94 6.78 55.85 -38.45
CA VAL D 94 7.42 54.55 -38.57
C VAL D 94 7.38 54.07 -40.01
N PHE D 95 6.19 53.89 -40.56
CA PHE D 95 6.02 53.29 -41.89
C PHE D 95 6.05 54.40 -42.94
N LYS D 96 7.11 54.41 -43.73
CA LYS D 96 7.28 55.38 -44.81
C LYS D 96 7.54 54.65 -46.12
N ASP D 97 7.06 55.22 -47.21
CA ASP D 97 7.21 54.67 -48.55
C ASP D 97 6.62 53.25 -48.65
N VAL D 98 5.52 53.01 -47.94
CA VAL D 98 4.86 51.72 -47.98
C VAL D 98 3.81 51.72 -49.09
N SER D 99 3.82 50.67 -49.91
CA SER D 99 2.87 50.57 -51.00
C SER D 99 1.44 50.46 -50.48
N GLU D 100 0.50 51.00 -51.24
CA GLU D 100 -0.90 50.98 -50.84
C GLU D 100 -1.50 49.59 -50.87
N ASP D 101 -0.83 48.62 -51.49
CA ASP D 101 -1.35 47.26 -51.52
C ASP D 101 -1.21 46.55 -50.18
N ILE D 102 -0.49 47.15 -49.23
CA ILE D 102 -0.29 46.58 -47.91
C ILE D 102 -1.18 47.33 -46.92
N CYS D 103 -2.09 46.60 -46.29
CA CYS D 103 -2.97 47.18 -45.27
C CYS D 103 -2.27 47.05 -43.92
N LEU D 104 -1.61 48.13 -43.49
CA LEU D 104 -0.85 48.09 -42.25
C LEU D 104 -1.76 47.81 -41.05
N LYS D 105 -2.94 48.44 -41.03
CA LYS D 105 -3.85 48.32 -39.90
C LYS D 105 -4.32 46.88 -39.69
N ARG D 106 -4.28 46.04 -40.72
CA ARG D 106 -4.65 44.65 -40.60
C ARG D 106 -3.46 43.70 -40.55
N ASP D 107 -2.30 44.13 -41.03
CA ASP D 107 -1.14 43.24 -41.10
C ASP D 107 -0.22 43.39 -39.91
N VAL D 108 0.13 44.63 -39.53
CA VAL D 108 1.11 44.84 -38.47
C VAL D 108 0.64 44.27 -37.12
N PRO D 109 -0.56 44.59 -36.63
CA PRO D 109 -0.99 43.95 -35.37
C PRO D 109 -1.09 42.44 -35.47
N ALA D 110 -1.60 41.94 -36.60
CA ALA D 110 -1.69 40.50 -36.78
C ALA D 110 -0.31 39.86 -36.81
N LEU D 111 0.64 40.50 -37.49
CA LEU D 111 1.99 39.95 -37.56
C LEU D 111 2.63 39.90 -36.17
N LEU D 112 2.51 41.00 -35.42
CA LEU D 112 3.12 41.03 -34.09
C LEU D 112 2.47 40.00 -33.17
N ALA D 113 1.14 39.87 -33.23
CA ALA D 113 0.46 38.88 -32.41
C ALA D 113 0.88 37.47 -32.79
N ALA D 114 1.01 37.20 -34.10
CA ALA D 114 1.38 35.86 -34.55
C ALA D 114 2.79 35.51 -34.10
N ILE D 115 3.73 36.45 -34.20
CA ILE D 115 5.09 36.13 -33.79
C ILE D 115 5.20 36.07 -32.28
N GLY D 116 4.35 36.80 -31.56
CA GLY D 116 4.34 36.67 -30.11
C GLY D 116 3.79 35.33 -29.64
N LEU D 117 2.75 34.84 -30.31
CA LEU D 117 2.13 33.59 -29.90
C LEU D 117 3.02 32.40 -30.17
N VAL D 118 3.86 32.47 -31.21
CA VAL D 118 4.65 31.32 -31.64
C VAL D 118 6.09 31.38 -31.11
N HIS D 119 6.42 32.38 -30.29
CA HIS D 119 7.82 32.58 -29.90
C HIS D 119 8.33 31.45 -29.00
N ASP D 120 7.44 30.84 -28.21
CA ASP D 120 7.82 29.76 -27.30
C ASP D 120 7.04 28.48 -27.60
N MET D 121 6.83 28.19 -28.88
CA MET D 121 6.01 27.04 -29.26
C MET D 121 6.83 25.77 -29.42
N GLY D 122 8.10 25.89 -29.80
CA GLY D 122 8.96 24.73 -29.96
C GLY D 122 9.96 24.53 -28.84
N ASN D 123 9.80 25.21 -27.71
CA ASN D 123 10.76 25.09 -26.63
C ASN D 123 10.65 23.72 -25.96
N PRO D 124 11.76 23.19 -25.44
CA PRO D 124 11.71 21.91 -24.74
C PRO D 124 10.93 22.01 -23.45
N PRO D 125 10.43 20.89 -22.92
CA PRO D 125 9.65 20.94 -21.69
C PRO D 125 10.48 21.27 -20.45
N PHE D 126 9.83 21.33 -19.29
CA PHE D 126 10.49 21.59 -18.01
C PHE D 126 11.19 22.94 -17.99
N GLY D 127 10.68 23.90 -18.77
CA GLY D 127 11.20 25.24 -18.74
C GLY D 127 12.60 25.34 -19.33
N HIS D 128 13.24 26.48 -19.07
CA HIS D 128 14.57 26.75 -19.60
C HIS D 128 15.58 25.69 -19.17
N GLN D 129 15.49 25.22 -17.92
CA GLN D 129 16.37 24.15 -17.46
C GLN D 129 16.37 22.97 -18.43
N GLY D 130 15.21 22.64 -18.98
CA GLY D 130 15.15 21.56 -19.96
C GLY D 130 16.20 21.70 -21.04
N GLU D 131 16.26 22.89 -21.65
CA GLU D 131 17.28 23.15 -22.67
C GLU D 131 18.66 22.78 -22.14
N LYS D 132 19.02 23.33 -20.98
CA LYS D 132 20.32 23.03 -20.38
C LYS D 132 20.52 21.52 -20.30
N ALA D 133 19.54 20.81 -19.75
CA ALA D 133 19.65 19.36 -19.63
C ALA D 133 19.98 18.75 -20.98
N MET D 134 19.17 19.08 -22.00
CA MET D 134 19.43 18.56 -23.33
C MET D 134 20.87 18.84 -23.74
N SER D 135 21.29 20.10 -23.63
CA SER D 135 22.66 20.45 -23.99
C SER D 135 23.65 19.56 -23.25
N GLU D 136 23.49 19.47 -21.93
CA GLU D 136 24.41 18.66 -21.14
C GLU D 136 24.44 17.24 -21.68
N TRP D 137 23.27 16.65 -21.91
CA TRP D 137 23.24 15.28 -22.43
C TRP D 137 24.01 15.19 -23.73
N PHE D 138 23.75 16.11 -24.66
CA PHE D 138 24.47 16.08 -25.92
C PHE D 138 25.96 16.28 -25.69
N THR D 139 26.32 17.19 -24.78
CA THR D 139 27.72 17.46 -24.51
C THR D 139 28.41 16.21 -23.99
N LYS D 140 27.64 15.29 -23.38
CA LYS D 140 28.24 14.05 -22.89
C LYS D 140 28.18 12.96 -23.95
N ASN D 141 27.17 12.99 -24.82
CA ASN D 141 26.94 11.90 -25.76
C ASN D 141 27.36 12.24 -27.18
N LEU D 142 27.74 13.48 -27.46
CA LEU D 142 28.34 13.87 -28.73
C LEU D 142 29.66 14.57 -28.43
N PRO D 143 30.68 13.80 -28.03
CA PRO D 143 31.94 14.41 -27.61
C PRO D 143 32.59 15.20 -28.75
N GLU D 144 33.17 16.34 -28.38
CA GLU D 144 33.78 17.21 -29.38
C GLU D 144 35.09 16.61 -29.88
N HIS D 145 35.81 15.91 -29.01
CA HIS D 145 37.09 15.32 -29.40
C HIS D 145 36.91 14.16 -30.38
N SER D 146 35.75 13.51 -30.36
CA SER D 146 35.51 12.39 -31.26
C SER D 146 35.42 12.87 -32.70
N ASP D 147 35.91 12.03 -33.62
CA ASP D 147 35.90 12.39 -35.03
C ASP D 147 34.48 12.46 -35.58
N ASN D 148 33.58 11.62 -35.06
CA ASN D 148 32.20 11.63 -35.54
C ASN D 148 31.51 12.94 -35.24
N TYR D 149 31.77 13.51 -34.07
CA TYR D 149 31.10 14.73 -33.64
C TYR D 149 32.09 15.86 -33.42
N LYS D 150 33.03 16.01 -34.35
CA LYS D 150 34.05 17.05 -34.26
C LYS D 150 33.64 18.34 -34.95
N ASP D 151 32.79 18.26 -35.96
CA ASP D 151 32.38 19.45 -36.71
C ASP D 151 31.55 20.38 -35.85
N LYS D 152 31.57 21.66 -36.21
CA LYS D 152 30.83 22.67 -35.45
C LYS D 152 29.33 22.56 -35.61
N ILE D 153 28.85 21.84 -36.63
CA ILE D 153 27.42 21.70 -36.84
C ILE D 153 26.76 21.01 -35.64
N TYR D 154 27.45 20.04 -35.04
CA TYR D 154 26.92 19.37 -33.87
C TYR D 154 26.77 20.30 -32.68
N GLY D 155 27.39 21.48 -32.72
CA GLY D 155 27.13 22.49 -31.72
C GLY D 155 25.66 22.83 -31.63
N ASP D 156 24.93 22.75 -32.75
CA ASP D 156 23.49 22.94 -32.77
C ASP D 156 22.80 22.13 -31.69
N PHE D 157 23.39 21.00 -31.32
CA PHE D 157 22.88 20.15 -30.26
C PHE D 157 23.61 20.32 -28.94
N ARG D 158 24.89 20.69 -28.98
CA ARG D 158 25.62 20.94 -27.74
C ARG D 158 25.23 22.28 -27.11
N HIS D 159 24.67 23.19 -27.90
CA HIS D 159 24.16 24.47 -27.42
C HIS D 159 22.72 24.63 -27.88
N PHE D 160 21.92 23.60 -27.62
CA PHE D 160 20.54 23.53 -28.12
C PHE D 160 19.74 24.76 -27.66
N ASP D 161 19.00 25.33 -28.60
CA ASP D 161 18.20 26.52 -28.34
C ASP D 161 16.77 26.28 -28.80
N GLY D 162 15.82 26.86 -28.07
CA GLY D 162 14.42 26.64 -28.40
C GLY D 162 13.97 27.39 -29.64
N ASN D 163 14.65 28.48 -29.98
CA ASN D 163 14.25 29.27 -31.15
C ASN D 163 14.48 28.49 -32.44
N SER D 164 15.62 27.82 -32.56
CA SER D 164 15.89 27.03 -33.75
C SER D 164 14.90 25.88 -33.89
N GLN D 165 14.58 25.23 -32.77
CA GLN D 165 13.59 24.15 -32.81
C GLN D 165 12.21 24.68 -33.17
N THR D 166 11.87 25.89 -32.71
CA THR D 166 10.58 26.48 -33.07
C THR D 166 10.52 26.76 -34.57
N LEU D 167 11.59 27.30 -35.13
CA LEU D 167 11.63 27.54 -36.57
C LEU D 167 11.53 26.23 -37.35
N ARG D 168 12.24 25.20 -36.89
CA ARG D 168 12.15 23.89 -37.53
C ARG D 168 10.74 23.34 -37.45
N LEU D 169 10.06 23.54 -36.33
CA LEU D 169 8.73 22.97 -36.13
C LEU D 169 7.69 23.70 -36.96
N VAL D 170 7.87 25.00 -37.19
CA VAL D 170 6.91 25.75 -38.01
C VAL D 170 7.27 25.73 -39.48
N THR D 171 8.44 25.23 -39.86
CA THR D 171 8.83 25.21 -41.27
C THR D 171 8.94 23.80 -41.84
N LYS D 172 9.49 22.85 -41.10
CA LYS D 172 9.72 21.52 -41.65
C LYS D 172 9.08 20.41 -40.83
N LEU D 173 8.95 20.59 -39.52
CA LEU D 173 8.52 19.53 -38.62
C LEU D 173 7.00 19.51 -38.50
N GLN D 174 6.36 18.93 -39.51
CA GLN D 174 4.92 18.71 -39.51
C GLN D 174 4.64 17.27 -39.94
N ILE D 175 3.37 16.90 -39.94
CA ILE D 175 3.00 15.53 -40.31
C ILE D 175 3.33 15.26 -41.77
N LEU D 176 3.02 16.20 -42.65
CA LEU D 176 3.36 16.09 -44.06
C LEU D 176 4.77 16.60 -44.28
N ASN D 177 5.62 15.77 -44.89
CA ASN D 177 7.00 16.14 -45.17
C ASN D 177 7.08 16.84 -46.53
N ASP D 178 6.51 18.04 -46.58
CA ASP D 178 6.57 18.88 -47.76
C ASP D 178 7.58 20.00 -47.66
N THR D 179 8.40 20.00 -46.60
CA THR D 179 9.39 21.05 -46.32
C THR D 179 8.77 22.44 -46.25
N TYR D 180 7.46 22.53 -45.96
CA TYR D 180 6.77 23.81 -45.86
C TYR D 180 6.03 24.00 -44.54
N GLY D 181 5.68 22.92 -43.86
CA GLY D 181 5.05 23.05 -42.54
C GLY D 181 3.74 23.80 -42.60
N LEU D 182 3.58 24.77 -41.71
CA LEU D 182 2.38 25.59 -41.66
C LEU D 182 2.28 26.55 -42.84
N ASN D 183 3.34 26.71 -43.61
CA ASN D 183 3.36 27.58 -44.79
C ASN D 183 2.98 29.01 -44.41
N LEU D 184 3.73 29.55 -43.46
CA LEU D 184 3.53 30.94 -43.03
C LEU D 184 4.10 31.89 -44.07
N THR D 185 3.69 33.15 -43.97
CA THR D 185 4.17 34.17 -44.88
C THR D 185 5.65 34.47 -44.62
N TYR D 186 6.29 35.10 -45.61
CA TYR D 186 7.72 35.39 -45.49
C TYR D 186 7.98 36.38 -44.36
N ALA D 187 7.09 37.34 -44.16
CA ALA D 187 7.27 38.31 -43.09
C ALA D 187 7.24 37.61 -41.73
N THR D 188 6.29 36.70 -41.53
CA THR D 188 6.20 35.99 -40.27
C THR D 188 7.45 35.15 -40.02
N LEU D 189 7.90 34.40 -41.04
CA LEU D 189 9.08 33.56 -40.89
C LEU D 189 10.31 34.40 -40.59
N ALA D 190 10.45 35.54 -41.28
CA ALA D 190 11.57 36.43 -41.01
C ALA D 190 11.53 36.96 -39.58
N SER D 191 10.34 37.30 -39.09
CA SER D 191 10.22 37.80 -37.73
C SER D 191 10.46 36.71 -36.69
N MET D 192 10.23 35.44 -37.04
CA MET D 192 10.48 34.35 -36.10
C MET D 192 11.97 34.22 -35.78
N ILE D 193 12.83 34.49 -36.75
CA ILE D 193 14.27 34.33 -36.54
C ILE D 193 14.75 35.39 -35.57
N LYS D 194 15.05 34.98 -34.34
CA LYS D 194 15.49 35.90 -33.30
C LYS D 194 16.97 36.25 -33.50
N TYR D 195 17.82 35.24 -33.48
CA TYR D 195 19.23 35.43 -33.76
C TYR D 195 19.52 35.04 -35.21
N PRO D 196 19.88 36.00 -36.05
CA PRO D 196 20.11 35.69 -37.48
C PRO D 196 21.52 35.14 -37.74
N ARG D 197 21.82 34.01 -37.11
CA ARG D 197 23.12 33.36 -37.30
C ARG D 197 23.01 31.90 -36.91
N SER D 198 23.96 31.11 -37.37
CA SER D 198 24.05 29.70 -37.06
C SER D 198 25.29 29.42 -36.22
N SER D 199 25.38 28.19 -35.72
CA SER D 199 26.53 27.81 -34.90
C SER D 199 27.81 27.76 -35.72
N GLU D 200 27.69 27.49 -37.02
CA GLU D 200 28.86 27.50 -37.89
C GLU D 200 29.52 28.87 -37.91
N SER D 201 28.72 29.93 -38.03
CA SER D 201 29.25 31.29 -38.04
C SER D 201 29.55 31.76 -36.63
N ASP D 202 30.57 32.61 -36.51
CA ASP D 202 30.96 33.20 -35.24
C ASP D 202 30.65 34.68 -35.26
N SER D 203 29.82 35.12 -34.31
CA SER D 203 29.42 36.51 -34.21
C SER D 203 29.43 36.94 -32.75
N SER D 204 29.70 38.23 -32.53
CA SER D 204 29.70 38.79 -31.20
C SER D 204 28.39 39.50 -30.86
N LEU D 205 27.67 40.00 -31.86
CA LEU D 205 26.39 40.66 -31.61
C LEU D 205 25.37 39.68 -31.05
N TRP D 206 25.31 38.47 -31.59
CA TRP D 206 24.36 37.45 -31.16
C TRP D 206 25.13 36.29 -30.54
N LYS D 207 24.75 35.92 -29.32
CA LYS D 207 25.43 34.83 -28.63
C LYS D 207 24.94 33.47 -29.13
N LYS D 208 23.63 33.27 -29.12
CA LYS D 208 23.05 32.00 -29.52
C LYS D 208 22.78 31.96 -31.02
N HIS D 209 22.63 30.74 -31.53
CA HIS D 209 22.26 30.53 -32.92
C HIS D 209 20.74 30.48 -33.06
N GLY D 210 20.26 30.89 -34.22
CA GLY D 210 18.82 31.01 -34.42
C GLY D 210 18.19 29.94 -35.28
N PHE D 211 19.00 29.13 -35.96
CA PHE D 211 18.45 28.08 -36.81
C PHE D 211 19.46 26.94 -36.90
N PHE D 212 18.94 25.75 -37.19
CA PHE D 212 19.76 24.57 -37.35
C PHE D 212 20.36 24.53 -38.76
N LEU D 213 21.27 23.58 -38.97
CA LEU D 213 21.85 23.39 -40.28
C LEU D 213 20.81 22.93 -41.29
N SER D 214 19.91 22.03 -40.88
CA SER D 214 18.92 21.48 -41.79
C SER D 214 18.00 22.56 -42.38
N GLU D 215 17.75 23.62 -41.62
CA GLU D 215 16.91 24.71 -42.08
C GLU D 215 17.69 25.84 -42.74
N LYS D 216 19.01 25.69 -42.87
CA LYS D 216 19.84 26.78 -43.38
C LYS D 216 19.32 27.28 -44.72
N ASP D 217 19.13 26.38 -45.68
CA ASP D 217 18.63 26.78 -46.99
C ASP D 217 17.31 27.51 -46.88
N VAL D 218 16.40 27.00 -46.04
CA VAL D 218 15.11 27.67 -45.85
C VAL D 218 15.33 29.09 -45.38
N VAL D 219 16.21 29.27 -44.39
CA VAL D 219 16.48 30.61 -43.88
C VAL D 219 17.01 31.49 -45.00
N GLN D 220 17.92 30.96 -45.82
CA GLN D 220 18.43 31.72 -46.94
C GLN D 220 17.29 32.18 -47.84
N ASP D 221 16.36 31.28 -48.14
CA ASP D 221 15.22 31.65 -48.97
C ASP D 221 14.45 32.78 -48.34
N ILE D 222 14.21 32.68 -47.02
CA ILE D 222 13.48 33.75 -46.33
C ILE D 222 14.20 35.08 -46.53
N TRP D 223 15.53 35.07 -46.36
CA TRP D 223 16.28 36.30 -46.53
C TRP D 223 16.13 36.83 -47.96
N ASN D 224 16.21 35.93 -48.94
CA ASN D 224 16.11 36.35 -50.32
C ASN D 224 14.74 36.93 -50.63
N ASN D 225 13.72 36.54 -49.87
CA ASN D 225 12.38 37.06 -50.09
C ASN D 225 12.02 38.18 -49.13
N THR D 226 12.94 38.57 -48.25
CA THR D 226 12.65 39.61 -47.26
C THR D 226 13.63 40.77 -47.34
N GLY D 227 14.79 40.58 -47.95
CA GLY D 227 15.80 41.61 -48.01
C GLY D 227 16.75 41.64 -46.83
N LEU D 228 16.58 40.74 -45.87
CA LEU D 228 17.49 40.64 -44.75
C LEU D 228 18.72 39.85 -45.16
N SER D 229 19.64 39.64 -44.21
CA SER D 229 20.86 38.89 -44.45
C SER D 229 21.35 38.33 -43.13
N GLU D 230 22.46 37.60 -43.18
CA GLU D 230 23.05 37.06 -41.96
C GLU D 230 23.49 38.18 -41.03
N GLY D 231 23.12 38.06 -39.77
CA GLY D 231 23.45 39.07 -38.78
C GLY D 231 22.52 40.24 -38.71
N VAL D 232 21.50 40.30 -39.59
CA VAL D 232 20.53 41.39 -39.60
C VAL D 232 19.20 40.84 -39.11
N ARG D 233 18.62 41.51 -38.11
CA ARG D 233 17.40 41.05 -37.47
C ARG D 233 16.21 41.87 -37.95
N HIS D 234 15.07 41.20 -38.14
CA HIS D 234 13.87 41.88 -38.58
C HIS D 234 13.44 42.90 -37.53
N PRO D 235 12.96 44.08 -37.95
CA PRO D 235 12.59 45.10 -36.96
C PRO D 235 11.55 44.67 -35.96
N PHE D 236 10.56 43.87 -36.38
CA PHE D 236 9.51 43.43 -35.46
C PHE D 236 10.01 42.40 -34.46
N THR D 237 11.13 41.73 -34.75
CA THR D 237 11.71 40.82 -33.78
C THR D 237 12.15 41.55 -32.52
N TYR D 238 12.64 42.79 -32.66
CA TYR D 238 12.97 43.60 -31.49
C TYR D 238 11.75 43.85 -30.64
N ILE D 239 10.62 44.18 -31.26
CA ILE D 239 9.38 44.42 -30.50
C ILE D 239 8.93 43.14 -29.82
N MET D 240 9.00 42.01 -30.52
CA MET D 240 8.60 40.75 -29.93
C MET D 240 9.48 40.40 -28.72
N GLU D 241 10.80 40.60 -28.85
CA GLU D 241 11.70 40.32 -27.74
C GLU D 241 11.46 41.25 -26.57
N ALA D 242 11.19 42.53 -26.85
CA ALA D 242 10.87 43.47 -25.78
C ALA D 242 9.61 43.07 -25.05
N CYS D 243 8.57 42.68 -25.79
CA CYS D 243 7.33 42.23 -25.15
C CYS D 243 7.57 40.97 -24.33
N ASP D 244 8.37 40.03 -24.84
CA ASP D 244 8.69 38.83 -24.09
C ASP D 244 9.41 39.16 -22.79
N ASP D 245 10.38 40.09 -22.85
CA ASP D 245 11.12 40.47 -21.66
C ASP D 245 10.21 41.17 -20.64
N ILE D 246 9.32 42.05 -21.12
CA ILE D 246 8.40 42.73 -20.22
C ILE D 246 7.49 41.72 -19.53
N ALA D 247 6.93 40.80 -20.31
CA ALA D 247 6.06 39.77 -19.73
C ALA D 247 6.81 38.94 -18.71
N TYR D 248 8.01 38.49 -19.06
CA TYR D 248 8.85 37.78 -18.10
C TYR D 248 8.98 38.57 -16.80
N SER D 249 9.56 39.76 -16.89
CA SER D 249 9.92 40.53 -15.69
C SER D 249 8.71 40.86 -14.83
N VAL D 250 7.57 41.16 -15.42
CA VAL D 250 6.40 41.58 -14.65
C VAL D 250 5.58 40.39 -14.16
N LEU D 251 5.18 39.49 -15.07
CA LEU D 251 4.30 38.41 -14.67
C LEU D 251 5.01 37.36 -13.82
N ASP D 252 6.32 37.16 -13.99
CA ASP D 252 7.03 36.25 -13.08
C ASP D 252 7.05 36.81 -11.67
N ALA D 253 7.25 38.13 -11.52
CA ALA D 253 7.18 38.74 -10.20
C ALA D 253 5.78 38.60 -9.61
N GLU D 254 4.75 38.78 -10.45
CA GLU D 254 3.39 38.61 -9.97
C GLU D 254 3.14 37.19 -9.49
N ASP D 255 3.65 36.20 -10.24
CA ASP D 255 3.51 34.80 -9.83
C ASP D 255 4.28 34.52 -8.55
N ILE D 256 5.45 35.15 -8.39
CA ILE D 256 6.23 34.98 -7.16
C ILE D 256 5.44 35.49 -5.97
N ILE D 257 4.83 36.67 -6.09
CA ILE D 257 4.04 37.22 -5.00
C ILE D 257 2.82 36.34 -4.73
N LYS D 258 2.17 35.86 -5.79
CA LYS D 258 0.99 35.02 -5.60
C LYS D 258 1.34 33.71 -4.91
N LYS D 259 2.47 33.11 -5.26
CA LYS D 259 2.87 31.83 -4.67
C LYS D 259 3.33 31.96 -3.23
N GLY D 260 3.51 33.18 -2.73
CA GLY D 260 3.93 33.38 -1.35
C GLY D 260 5.41 33.43 -1.11
N PHE D 261 6.23 33.37 -2.16
CA PHE D 261 7.68 33.47 -1.99
C PHE D 261 8.13 34.87 -1.59
N ALA D 262 7.27 35.88 -1.76
CA ALA D 262 7.58 37.25 -1.37
C ALA D 262 6.27 37.99 -1.21
N SER D 263 6.35 39.27 -0.89
CA SER D 263 5.18 40.11 -0.70
C SER D 263 5.32 41.39 -1.51
N PHE D 264 4.22 42.13 -1.60
CA PHE D 264 4.23 43.38 -2.34
C PHE D 264 5.18 44.39 -1.73
N HIS D 265 5.22 44.46 -0.39
CA HIS D 265 6.13 45.38 0.28
C HIS D 265 7.58 44.99 0.04
N ASP D 266 7.88 43.68 -0.04
CA ASP D 266 9.23 43.25 -0.36
C ASP D 266 9.66 43.74 -1.73
N LEU D 267 8.77 43.62 -2.72
CA LEU D 267 9.09 44.11 -4.06
C LEU D 267 9.25 45.62 -4.08
N ILE D 268 8.40 46.34 -3.35
CA ILE D 268 8.51 47.79 -3.30
C ILE D 268 9.85 48.20 -2.69
N ASP D 269 10.25 47.54 -1.60
CA ASP D 269 11.53 47.86 -0.97
C ASP D 269 12.70 47.50 -1.88
N PHE D 270 12.60 46.37 -2.59
CA PHE D 270 13.67 45.98 -3.51
C PHE D 270 13.82 47.01 -4.64
N ILE D 271 12.70 47.49 -5.18
CA ILE D 271 12.76 48.47 -6.25
C ILE D 271 13.31 49.80 -5.72
N GLN D 272 12.86 50.22 -4.53
CA GLN D 272 13.32 51.49 -3.98
C GLN D 272 14.81 51.46 -3.65
N SER D 273 15.30 50.35 -3.10
CA SER D 273 16.69 50.23 -2.69
C SER D 273 17.61 49.78 -3.82
N ASN D 274 17.07 49.51 -5.00
CA ASN D 274 17.92 49.11 -6.13
C ASN D 274 18.83 50.26 -6.53
N GLN D 275 20.06 49.92 -6.91
CA GLN D 275 21.06 50.93 -7.21
C GLN D 275 20.65 51.79 -8.41
N PHE D 276 20.14 51.17 -9.46
CA PHE D 276 19.79 51.90 -10.67
C PHE D 276 18.37 52.43 -10.66
N CYS D 277 17.51 51.94 -9.77
CA CYS D 277 16.13 52.39 -9.71
C CYS D 277 15.89 53.50 -8.69
N LYS D 278 16.94 53.97 -8.01
CA LYS D 278 16.77 55.06 -7.05
C LYS D 278 16.46 56.37 -7.75
N GLU D 279 16.97 56.57 -8.96
CA GLU D 279 16.79 57.81 -9.70
C GLU D 279 16.04 57.62 -11.01
N ASP D 280 15.55 56.43 -11.29
CA ASP D 280 14.81 56.19 -12.53
C ASP D 280 13.42 56.81 -12.44
N ASP D 281 13.06 57.61 -13.45
CA ASP D 281 11.75 58.26 -13.44
C ASP D 281 10.62 57.25 -13.54
N VAL D 282 10.78 56.23 -14.38
CA VAL D 282 9.74 55.23 -14.54
C VAL D 282 9.52 54.47 -13.23
N ALA D 283 10.61 54.05 -12.59
CA ALA D 283 10.49 53.34 -11.32
C ALA D 283 9.87 54.24 -10.25
N LYS D 284 10.27 55.51 -10.21
CA LYS D 284 9.69 56.43 -9.24
C LYS D 284 8.18 56.57 -9.44
N ARG D 285 7.75 56.74 -10.70
CA ARG D 285 6.33 56.88 -10.98
C ARG D 285 5.57 55.62 -10.61
N VAL D 286 6.14 54.46 -10.92
CA VAL D 286 5.47 53.20 -10.59
C VAL D 286 5.32 53.07 -9.07
N ILE D 287 6.38 53.38 -8.32
CA ILE D 287 6.32 53.26 -6.87
C ILE D 287 5.31 54.24 -6.29
N GLU D 288 5.29 55.48 -6.77
CA GLU D 288 4.34 56.46 -6.26
C GLU D 288 2.91 56.04 -6.54
N ASN D 289 2.63 55.57 -7.76
CA ASN D 289 1.29 55.12 -8.09
C ASN D 289 0.89 53.92 -7.23
N CYS D 290 1.82 52.99 -7.03
CA CYS D 290 1.52 51.82 -6.21
C CYS D 290 1.19 52.20 -4.79
N LYS D 291 1.97 53.12 -4.20
CA LYS D 291 1.70 53.55 -2.83
C LYS D 291 0.39 54.32 -2.74
N LYS D 292 0.11 55.16 -3.74
CA LYS D 292 -1.14 55.92 -3.73
C LYS D 292 -2.34 55.00 -3.81
N ILE D 293 -2.27 53.97 -4.63
CA ILE D 293 -3.39 53.02 -4.69
C ILE D 293 -3.42 52.16 -3.43
N HIS D 294 -2.27 51.87 -2.83
CA HIS D 294 -2.24 50.99 -1.67
C HIS D 294 -2.83 51.65 -0.43
N ALA D 295 -2.65 52.97 -0.29
CA ALA D 295 -3.27 53.66 0.84
C ALA D 295 -4.80 53.53 0.78
N ASP D 296 -5.39 53.90 -0.36
CA ASP D 296 -6.84 53.76 -0.52
C ASP D 296 -7.26 52.30 -0.41
N TYR D 297 -6.37 51.39 -0.80
CA TYR D 297 -6.72 49.97 -0.80
C TYR D 297 -6.78 49.42 0.62
N ALA D 298 -5.89 49.92 1.48
CA ALA D 298 -5.90 49.53 2.89
C ALA D 298 -7.01 50.24 3.65
N GLN D 299 -7.60 51.30 3.09
CA GLN D 299 -8.77 51.90 3.74
C GLN D 299 -9.91 50.89 3.86
N GLN D 300 -10.16 50.10 2.83
CA GLN D 300 -11.20 49.09 2.89
C GLN D 300 -10.76 47.90 3.73
N LYS D 301 -11.72 47.06 4.10
CA LYS D 301 -11.46 45.86 4.89
C LYS D 301 -11.10 44.72 3.95
N LEU D 302 -9.81 44.41 3.87
CA LEU D 302 -9.31 43.35 3.01
C LEU D 302 -8.36 42.45 3.79
N SER D 303 -8.38 41.16 3.45
CA SER D 303 -7.43 40.23 4.03
C SER D 303 -6.03 40.53 3.50
N PRO D 304 -4.99 40.15 4.26
CA PRO D 304 -3.62 40.40 3.78
C PRO D 304 -3.33 39.78 2.42
N ALA D 305 -3.83 38.56 2.18
CA ALA D 305 -3.64 37.94 0.88
C ALA D 305 -4.34 38.74 -0.22
N GLU D 306 -5.58 39.16 0.02
CA GLU D 306 -6.32 39.93 -0.98
C GLU D 306 -5.65 41.28 -1.24
N LEU D 307 -5.20 41.95 -0.17
CA LEU D 307 -4.51 43.22 -0.33
C LEU D 307 -3.24 43.05 -1.15
N ASN D 308 -2.42 42.04 -0.83
CA ASN D 308 -1.21 41.79 -1.59
C ASN D 308 -1.54 41.49 -3.05
N ASP D 309 -2.57 40.69 -3.29
CA ASP D 309 -2.92 40.29 -4.65
C ASP D 309 -3.31 41.49 -5.49
N MET D 310 -4.21 42.34 -4.98
CA MET D 310 -4.65 43.47 -5.80
C MET D 310 -3.61 44.58 -5.85
N SER D 311 -2.78 44.71 -4.81
CA SER D 311 -1.67 45.65 -4.89
C SER D 311 -0.70 45.23 -5.99
N MET D 312 -0.41 43.93 -6.09
CA MET D 312 0.44 43.47 -7.18
C MET D 312 -0.25 43.56 -8.53
N GLN D 313 -1.59 43.43 -8.57
CA GLN D 313 -2.30 43.67 -9.81
C GLN D 313 -2.12 45.11 -10.28
N MET D 314 -2.25 46.06 -9.37
CA MET D 314 -2.02 47.46 -9.71
C MET D 314 -0.58 47.70 -10.14
N PHE D 315 0.38 47.07 -9.45
CA PHE D 315 1.77 47.19 -9.85
C PHE D 315 1.98 46.64 -11.25
N ARG D 316 1.36 45.50 -11.56
CA ARG D 316 1.46 44.93 -12.90
C ARG D 316 0.91 45.90 -13.94
N VAL D 317 -0.25 46.49 -13.66
CA VAL D 317 -0.86 47.42 -14.60
C VAL D 317 0.08 48.59 -14.87
N TYR D 318 0.56 49.23 -13.80
CA TYR D 318 1.42 50.41 -13.96
C TYR D 318 2.72 50.06 -14.67
N ALA D 319 3.36 48.97 -14.25
CA ALA D 319 4.65 48.58 -14.84
C ALA D 319 4.50 48.23 -16.31
N ILE D 320 3.46 47.46 -16.65
CA ILE D 320 3.26 47.08 -18.05
C ILE D 320 2.98 48.32 -18.89
N ALA D 321 2.14 49.23 -18.39
CA ALA D 321 1.87 50.45 -19.15
C ALA D 321 3.14 51.25 -19.39
N GLU D 322 3.93 51.47 -18.34
CA GLU D 322 5.15 52.27 -18.48
C GLU D 322 6.14 51.61 -19.42
N LEU D 323 6.34 50.29 -19.27
CA LEU D 323 7.31 49.59 -20.10
C LEU D 323 6.87 49.57 -21.56
N VAL D 324 5.58 49.35 -21.82
CA VAL D 324 5.09 49.33 -23.19
C VAL D 324 5.25 50.71 -23.82
N ASP D 325 4.92 51.76 -23.09
CA ASP D 325 5.09 53.11 -23.62
C ASP D 325 6.56 53.41 -23.92
N ALA D 326 7.45 53.02 -23.00
CA ALA D 326 8.88 53.25 -23.22
C ALA D 326 9.39 52.48 -24.43
N VAL D 327 8.94 51.23 -24.59
CA VAL D 327 9.37 50.42 -25.72
C VAL D 327 8.88 51.02 -27.03
N VAL D 328 7.63 51.47 -27.06
CA VAL D 328 7.10 52.08 -28.28
C VAL D 328 7.86 53.35 -28.62
N ILE D 329 8.15 54.18 -27.62
CA ILE D 329 8.90 55.41 -27.86
C ILE D 329 10.30 55.10 -28.39
N ALA D 330 10.96 54.10 -27.79
CA ALA D 330 12.30 53.74 -28.23
C ALA D 330 12.29 53.21 -29.66
N PHE D 331 11.29 52.40 -30.00
CA PHE D 331 11.19 51.88 -31.37
C PHE D 331 10.94 53.00 -32.35
N LYS D 332 10.07 53.95 -32.00
CA LYS D 332 9.79 55.07 -32.89
C LYS D 332 11.02 55.94 -33.09
N ASP D 333 11.78 56.19 -32.03
CA ASP D 333 12.94 57.07 -32.12
C ASP D 333 14.05 56.44 -32.95
N ASN D 334 14.30 55.13 -32.77
CA ASN D 334 15.39 54.44 -33.44
C ASN D 334 14.90 53.62 -34.64
N ILE D 335 13.86 54.09 -35.33
CA ILE D 335 13.32 53.33 -36.46
C ILE D 335 14.31 53.33 -37.62
N ASN D 336 15.03 54.43 -37.82
CA ASN D 336 15.99 54.51 -38.92
C ASN D 336 17.13 53.53 -38.72
N GLU D 337 17.63 53.41 -37.49
CA GLU D 337 18.71 52.46 -37.22
C GLU D 337 18.24 51.03 -37.39
N PHE D 338 17.00 50.74 -37.00
CA PHE D 338 16.48 49.38 -37.13
C PHE D 338 16.33 48.98 -38.59
N LEU D 339 16.01 49.93 -39.47
CA LEU D 339 15.85 49.66 -40.89
C LEU D 339 17.17 49.61 -41.64
N ASN D 340 18.28 49.92 -40.97
CA ASN D 340 19.59 49.88 -41.60
C ASN D 340 20.12 48.46 -41.65
N ASP D 341 20.86 48.15 -42.71
CA ASP D 341 21.45 46.82 -42.87
C ASP D 341 22.56 46.54 -41.86
N THR D 342 23.07 47.55 -41.19
CA THR D 342 24.16 47.41 -40.22
C THR D 342 23.69 47.74 -38.81
N CYS D 343 22.48 47.32 -38.47
CA CYS D 343 21.96 47.58 -37.13
C CYS D 343 22.71 46.74 -36.11
N GLU D 344 23.12 47.38 -35.02
CA GLU D 344 23.88 46.71 -33.97
C GLU D 344 23.21 46.82 -32.61
N ILE D 345 21.92 47.13 -32.56
CA ILE D 345 21.21 47.22 -31.28
C ILE D 345 20.93 45.82 -30.77
N LYS D 346 21.34 45.56 -29.52
CA LYS D 346 21.13 44.24 -28.94
C LYS D 346 19.67 44.00 -28.58
N ASP D 347 19.01 44.97 -27.97
CA ASP D 347 17.61 44.81 -27.59
C ASP D 347 16.96 46.18 -27.51
N LEU D 348 15.63 46.19 -27.64
CA LEU D 348 14.89 47.44 -27.64
C LEU D 348 14.76 48.03 -26.25
N ILE D 349 14.72 47.19 -25.21
CA ILE D 349 14.51 47.68 -23.86
C ILE D 349 15.68 48.54 -23.39
N SER D 350 16.91 48.13 -23.73
CA SER D 350 18.08 48.87 -23.29
C SER D 350 18.10 50.30 -23.83
N CYS D 351 17.52 50.52 -25.01
CA CYS D 351 17.43 51.86 -25.57
C CYS D 351 16.25 52.65 -25.02
N SER D 352 15.38 52.02 -24.24
CA SER D 352 14.20 52.67 -23.69
C SER D 352 14.49 53.16 -22.27
N SER D 353 13.54 53.94 -21.73
CA SER D 353 13.67 54.46 -20.37
C SER D 353 13.24 53.46 -19.31
N GLY D 354 12.69 52.31 -19.70
CA GLY D 354 12.29 51.30 -18.74
C GLY D 354 13.33 50.22 -18.57
N LYS D 355 14.57 50.50 -18.99
CA LYS D 355 15.64 49.52 -18.89
C LYS D 355 15.95 49.20 -17.42
N ASN D 356 16.06 50.22 -16.58
CA ASN D 356 16.40 50.00 -15.18
C ASN D 356 15.30 49.23 -14.46
N LEU D 357 14.04 49.58 -14.70
CA LEU D 357 12.93 48.87 -14.06
C LEU D 357 12.89 47.42 -14.48
N CYS D 358 13.07 47.14 -15.77
CA CYS D 358 13.05 45.77 -16.25
C CYS D 358 14.22 44.98 -15.68
N GLN D 359 15.41 45.58 -15.62
CA GLN D 359 16.56 44.90 -15.04
C GLN D 359 16.35 44.59 -13.56
N ALA D 360 15.79 45.55 -12.82
CA ALA D 360 15.52 45.31 -11.40
C ALA D 360 14.48 44.22 -11.21
N LEU D 361 13.44 44.20 -12.05
CA LEU D 361 12.45 43.16 -11.97
C LEU D 361 13.04 41.79 -12.29
N LYS D 362 13.92 41.71 -13.29
CA LYS D 362 14.57 40.46 -13.60
C LYS D 362 15.46 39.98 -12.45
N LYS D 363 16.18 40.92 -11.82
CA LYS D 363 17.00 40.55 -10.67
C LYS D 363 16.15 40.06 -9.51
N PHE D 364 15.02 40.72 -9.27
CA PHE D 364 14.11 40.29 -8.21
C PHE D 364 13.56 38.90 -8.49
N ASP D 365 13.16 38.64 -9.74
CA ASP D 365 12.64 37.33 -10.11
C ASP D 365 13.70 36.25 -9.95
N SER D 366 14.94 36.56 -10.35
CA SER D 366 16.02 35.58 -10.22
C SER D 366 16.32 35.29 -8.75
N SER D 367 16.39 36.33 -7.93
CA SER D 367 16.78 36.13 -6.53
C SER D 367 15.67 35.46 -5.72
N ARG D 368 14.42 35.79 -6.01
CA ARG D 368 13.32 35.30 -5.17
C ARG D 368 12.67 34.04 -5.75
N GLY D 369 12.42 34.02 -7.05
CA GLY D 369 11.67 32.92 -7.64
C GLY D 369 12.49 31.83 -8.31
N TYR D 370 13.44 32.23 -9.16
CA TYR D 370 14.17 31.24 -9.95
C TYR D 370 15.11 30.41 -9.09
N GLN D 371 15.60 30.97 -7.98
CA GLN D 371 16.52 30.27 -7.09
C GLN D 371 15.83 29.76 -5.83
N HIS D 372 14.51 29.64 -5.84
CA HIS D 372 13.81 29.06 -4.71
C HIS D 372 14.10 27.58 -4.60
N ARG D 373 13.99 27.05 -3.37
CA ARG D 373 14.35 25.66 -3.12
C ARG D 373 13.46 24.71 -3.92
N SER D 374 12.14 24.96 -3.92
CA SER D 374 11.23 24.10 -4.67
C SER D 374 11.50 24.16 -6.16
N VAL D 375 11.77 25.37 -6.68
CA VAL D 375 12.06 25.51 -8.10
C VAL D 375 13.31 24.73 -8.48
N LEU D 376 14.35 24.84 -7.65
CA LEU D 376 15.58 24.10 -7.92
C LEU D 376 15.35 22.59 -7.85
N LYS D 377 14.55 22.13 -6.88
CA LYS D 377 14.29 20.70 -6.78
C LYS D 377 13.54 20.19 -8.00
N LEU D 378 12.51 20.91 -8.45
CA LEU D 378 11.79 20.48 -9.64
C LEU D 378 12.64 20.59 -10.90
N GLU D 379 13.55 21.56 -10.95
CA GLU D 379 14.47 21.64 -12.08
C GLU D 379 15.39 20.43 -12.12
N LEU D 380 15.90 20.01 -10.95
CA LEU D 380 16.73 18.81 -10.90
C LEU D 380 15.94 17.57 -11.30
N GLU D 381 14.69 17.47 -10.84
CA GLU D 381 13.86 16.32 -11.21
C GLU D 381 13.61 16.29 -12.72
N GLY D 382 13.31 17.45 -13.31
CA GLY D 382 13.11 17.51 -14.74
C GLY D 382 14.36 17.18 -15.53
N SER D 383 15.51 17.64 -15.05
CA SER D 383 16.77 17.31 -15.70
C SER D 383 17.03 15.81 -15.66
N ASN D 384 16.78 15.19 -14.51
CA ASN D 384 16.94 13.74 -14.40
C ASN D 384 16.00 13.00 -15.35
N TYR D 385 14.73 13.43 -15.40
CA TYR D 385 13.76 12.81 -16.30
C TYR D 385 14.22 12.93 -17.75
N ILE D 386 14.64 14.13 -18.15
CA ILE D 386 15.01 14.38 -19.54
C ILE D 386 16.25 13.55 -19.91
N LYS D 387 17.25 13.53 -19.02
CA LYS D 387 18.46 12.78 -19.33
C LYS D 387 18.20 11.29 -19.40
N GLY D 388 17.38 10.76 -18.48
CA GLY D 388 17.04 9.35 -18.53
C GLY D 388 16.31 8.99 -19.80
N LEU D 389 15.32 9.80 -20.18
CA LEU D 389 14.58 9.54 -21.41
C LEU D 389 15.49 9.65 -22.63
N MET D 390 16.42 10.60 -22.62
CA MET D 390 17.33 10.75 -23.76
C MET D 390 18.26 9.56 -23.89
N ASP D 391 18.79 9.05 -22.78
CA ASP D 391 19.62 7.84 -22.84
C ASP D 391 18.79 6.66 -23.35
N MET D 392 17.57 6.53 -22.83
CA MET D 392 16.71 5.40 -23.20
C MET D 392 16.32 5.45 -24.67
N LEU D 393 16.13 6.65 -25.23
CA LEU D 393 15.82 6.77 -26.64
C LEU D 393 17.08 6.55 -27.49
N TRP D 394 18.21 7.09 -27.06
CA TRP D 394 19.47 6.90 -27.78
C TRP D 394 19.83 5.43 -27.88
N LEU D 395 19.41 4.62 -26.88
CA LEU D 395 19.62 3.18 -26.99
C LEU D 395 18.99 2.60 -28.25
N GLY D 396 17.90 3.19 -28.72
CA GLY D 396 17.23 2.72 -29.90
C GLY D 396 17.40 3.58 -31.15
N ILE D 397 18.05 4.73 -31.02
CA ILE D 397 18.25 5.64 -32.15
C ILE D 397 19.65 5.52 -32.74
N LYS D 398 20.67 5.43 -31.90
CA LYS D 398 22.05 5.43 -32.38
C LYS D 398 22.31 4.26 -33.31
N GLY D 399 22.98 4.53 -34.43
CA GLY D 399 23.29 3.53 -35.41
C GLY D 399 22.24 3.32 -36.48
N ARG D 400 21.06 3.93 -36.33
CA ARG D 400 19.99 3.73 -37.31
C ARG D 400 20.37 4.28 -38.68
N ALA D 401 21.24 5.29 -38.72
CA ALA D 401 21.64 5.91 -39.97
C ALA D 401 23.10 5.66 -40.33
N THR D 402 23.98 5.52 -39.33
CA THR D 402 25.40 5.30 -39.62
C THR D 402 25.63 3.94 -40.25
N GLY D 403 24.95 2.91 -39.75
CA GLY D 403 25.13 1.56 -40.30
C GLY D 403 25.25 0.50 -39.22
N ASP D 404 25.78 0.87 -38.07
CA ASP D 404 25.93 -0.07 -36.97
C ASP D 404 24.56 -0.51 -36.46
N THR D 405 24.48 -1.76 -35.99
CA THR D 405 23.21 -2.41 -35.69
C THR D 405 23.11 -2.85 -34.24
N GLN D 406 23.44 -1.96 -33.31
CA GLN D 406 23.22 -2.26 -31.90
C GLN D 406 21.80 -1.93 -31.45
N TYR D 407 21.00 -1.33 -32.31
CA TYR D 407 19.63 -0.95 -31.98
C TYR D 407 18.62 -2.07 -32.22
N ASP D 408 19.05 -3.20 -32.76
CA ASP D 408 18.13 -4.25 -33.17
C ASP D 408 17.54 -5.03 -32.01
N THR D 409 17.82 -4.64 -30.77
CA THR D 409 17.20 -5.27 -29.62
C THR D 409 15.71 -4.96 -29.59
N PRO D 410 14.90 -5.85 -29.02
CA PRO D 410 13.45 -5.57 -28.95
C PRO D 410 13.13 -4.26 -28.24
N PHE D 411 13.85 -3.94 -27.16
CA PHE D 411 13.64 -2.67 -26.49
C PHE D 411 13.99 -1.50 -27.40
N GLY D 412 15.08 -1.63 -28.17
CA GLY D 412 15.42 -0.56 -29.10
C GLY D 412 14.37 -0.36 -30.17
N ARG D 413 13.84 -1.46 -30.71
CA ARG D 413 12.80 -1.34 -31.72
C ARG D 413 11.53 -0.72 -31.15
N TYR D 414 11.14 -1.12 -29.94
CA TYR D 414 9.96 -0.53 -29.32
C TYR D 414 10.17 0.95 -29.04
N VAL D 415 11.36 1.32 -28.57
CA VAL D 415 11.68 2.72 -28.30
C VAL D 415 11.62 3.53 -29.58
N TYR D 416 12.17 3.00 -30.67
CA TYR D 416 12.08 3.69 -31.95
C TYR D 416 10.63 3.85 -32.39
N GLY D 417 9.82 2.80 -32.21
CA GLY D 417 8.42 2.87 -32.58
C GLY D 417 7.61 3.84 -31.74
N ARG D 418 8.06 4.11 -30.51
CA ARG D 418 7.33 5.04 -29.65
C ARG D 418 7.48 6.48 -30.11
N ILE D 419 8.53 6.80 -30.88
CA ILE D 419 8.71 8.15 -31.38
C ILE D 419 7.61 8.48 -32.38
N SER D 420 7.26 9.77 -32.46
CA SER D 420 6.21 10.22 -33.36
C SER D 420 6.56 9.87 -34.81
N GLU D 421 5.53 9.55 -35.58
CA GLU D 421 5.74 9.02 -36.93
C GLU D 421 6.36 10.05 -37.85
N ASN D 422 5.97 11.32 -37.71
CA ASN D 422 6.50 12.36 -38.60
C ASN D 422 7.99 12.58 -38.38
N TYR D 423 8.45 12.52 -37.12
CA TYR D 423 9.87 12.67 -36.84
C TYR D 423 10.67 11.57 -37.51
N ARG D 424 10.20 10.32 -37.40
CA ARG D 424 10.91 9.21 -38.05
C ARG D 424 10.83 9.30 -39.56
N ARG D 425 9.71 9.79 -40.09
CA ARG D 425 9.60 9.98 -41.54
C ARG D 425 10.61 10.99 -42.04
N ILE D 426 10.79 12.08 -41.31
CA ILE D 426 11.81 13.06 -41.69
C ILE D 426 13.20 12.48 -41.53
N PHE D 427 13.43 11.72 -40.46
CA PHE D 427 14.74 11.14 -40.22
C PHE D 427 15.12 10.14 -41.30
N GLU D 428 14.16 9.34 -41.77
CA GLU D 428 14.43 8.33 -42.78
C GLU D 428 14.56 8.90 -44.18
N GLN D 429 14.23 10.18 -44.37
CA GLN D 429 14.37 10.80 -45.68
C GLN D 429 15.84 10.89 -46.09
N GLU D 430 16.08 10.83 -47.39
CA GLU D 430 17.44 10.86 -47.92
C GLU D 430 17.80 12.29 -48.24
N ASN D 431 18.65 12.89 -47.41
CA ASN D 431 19.12 14.26 -47.59
C ASN D 431 20.65 14.26 -47.50
N ASN D 432 21.23 15.46 -47.47
CA ASN D 432 22.67 15.63 -47.44
C ASN D 432 23.22 15.77 -46.02
N LEU D 433 22.37 15.69 -45.00
CA LEU D 433 22.84 15.83 -43.63
C LEU D 433 23.65 14.60 -43.22
N PRO D 434 24.68 14.79 -42.40
CA PRO D 434 25.45 13.63 -41.89
C PRO D 434 24.57 12.73 -41.04
N ALA D 435 24.90 11.44 -41.06
CA ALA D 435 24.06 10.44 -40.39
C ALA D 435 23.97 10.71 -38.89
N CYS D 436 25.11 11.03 -38.26
CA CYS D 436 25.08 11.37 -36.83
C CYS D 436 24.25 12.60 -36.57
N TYR D 437 24.34 13.60 -37.45
CA TYR D 437 23.51 14.79 -37.32
C TYR D 437 22.03 14.43 -37.41
N LYS D 438 21.68 13.55 -38.35
CA LYS D 438 20.29 13.14 -38.49
C LYS D 438 19.79 12.42 -37.24
N GLU D 439 20.61 11.53 -36.68
CA GLU D 439 20.22 10.81 -35.47
C GLU D 439 20.02 11.77 -34.31
N ALA D 440 20.96 12.69 -34.12
CA ALA D 440 20.84 13.65 -33.02
C ALA D 440 19.64 14.57 -33.21
N GLN D 441 19.37 14.96 -34.46
CA GLN D 441 18.20 15.79 -34.73
C GLN D 441 16.91 15.05 -34.46
N LEU D 442 16.87 13.76 -34.77
CA LEU D 442 15.69 12.95 -34.45
C LEU D 442 15.45 12.93 -32.95
N LEU D 443 16.52 12.72 -32.16
CA LEU D 443 16.38 12.73 -30.71
C LEU D 443 15.92 14.08 -30.20
N ALA D 444 16.49 15.16 -30.73
CA ALA D 444 16.13 16.50 -30.29
C ALA D 444 14.66 16.80 -30.62
N ASP D 445 14.21 16.41 -31.81
CA ASP D 445 12.81 16.63 -32.18
C ASP D 445 11.88 15.80 -31.29
N ALA D 446 12.27 14.57 -30.98
CA ALA D 446 11.43 13.74 -30.12
C ALA D 446 11.32 14.34 -28.72
N ILE D 447 12.44 14.81 -28.16
CA ILE D 447 12.41 15.32 -26.80
C ILE D 447 11.69 16.67 -26.74
N SER D 448 11.95 17.55 -27.70
CA SER D 448 11.40 18.90 -27.63
C SER D 448 9.89 18.91 -27.78
N GLY D 449 9.32 17.96 -28.52
CA GLY D 449 7.89 17.95 -28.77
C GLY D 449 7.04 17.41 -27.65
N MET D 450 7.63 16.98 -26.56
CA MET D 450 6.88 16.39 -25.45
C MET D 450 6.56 17.42 -24.39
N THR D 451 5.42 17.22 -23.72
CA THR D 451 5.06 18.01 -22.56
C THR D 451 5.64 17.36 -21.31
N ASP D 452 5.51 18.04 -20.16
CA ASP D 452 6.07 17.50 -18.93
C ASP D 452 5.38 16.22 -18.52
N SER D 453 4.04 16.21 -18.53
CA SER D 453 3.31 15.02 -18.14
C SER D 453 3.59 13.87 -19.09
N TYR D 454 3.60 14.14 -20.39
CA TYR D 454 3.90 13.10 -21.38
C TYR D 454 5.31 12.58 -21.22
N LEU D 455 6.28 13.48 -20.99
CA LEU D 455 7.66 13.04 -20.82
C LEU D 455 7.80 12.16 -19.58
N ILE D 456 7.16 12.55 -18.47
CA ILE D 456 7.26 11.75 -17.25
C ILE D 456 6.60 10.39 -17.45
N ALA D 457 5.44 10.36 -18.10
CA ALA D 457 4.74 9.10 -18.32
C ALA D 457 5.57 8.17 -19.21
N LEU D 458 6.12 8.70 -20.30
CA LEU D 458 6.94 7.89 -21.19
C LEU D 458 8.20 7.40 -20.48
N HIS D 459 8.82 8.26 -19.68
CA HIS D 459 10.02 7.86 -18.95
C HIS D 459 9.71 6.71 -18.00
N ASP D 460 8.61 6.83 -17.25
CA ASP D 460 8.24 5.76 -16.31
C ASP D 460 7.91 4.47 -17.04
N GLU D 461 7.15 4.56 -18.14
CA GLU D 461 6.77 3.37 -18.88
C GLU D 461 7.99 2.66 -19.45
N LEU D 462 8.90 3.39 -20.08
CA LEU D 462 10.07 2.75 -20.66
C LEU D 462 11.05 2.28 -19.60
N ARG D 463 11.11 2.95 -18.45
CA ARG D 463 11.89 2.45 -17.33
C ARG D 463 11.35 1.12 -16.85
N ALA D 464 10.02 0.99 -16.79
CA ALA D 464 9.42 -0.30 -16.44
C ALA D 464 9.75 -1.35 -17.49
N LEU D 465 9.75 -0.96 -18.77
CA LEU D 465 10.01 -1.90 -19.85
C LEU D 465 11.50 -2.16 -20.08
N HIS D 466 12.39 -1.39 -19.45
CA HIS D 466 13.82 -1.55 -19.62
C HIS D 466 14.45 -2.43 -18.55
N GLN D 467 13.65 -3.05 -17.69
CA GLN D 467 14.20 -3.78 -16.55
C GLN D 467 15.02 -4.99 -17.00
N TYR D 468 14.55 -5.70 -18.02
CA TYR D 468 15.23 -6.93 -18.44
C TYR D 468 16.61 -6.63 -19.03
N GLU D 469 16.70 -5.62 -19.90
CA GLU D 469 17.95 -5.33 -20.58
C GLU D 469 18.96 -4.62 -19.68
N CYS D 470 18.56 -4.18 -18.50
CA CYS D 470 19.48 -3.53 -17.57
C CYS D 470 20.14 -4.55 -16.65
N SER E 2 -46.13 -41.83 -33.51
CA SER E 2 -47.19 -40.91 -33.90
C SER E 2 -46.62 -39.71 -34.63
N MET E 3 -45.56 -39.12 -34.08
CA MET E 3 -44.90 -37.99 -34.72
C MET E 3 -44.07 -38.48 -35.90
N HIS E 4 -43.90 -37.59 -36.88
CA HIS E 4 -43.17 -37.90 -38.10
C HIS E 4 -41.83 -37.17 -38.10
N TRP E 5 -40.79 -37.85 -38.61
CA TRP E 5 -39.47 -37.24 -38.64
C TRP E 5 -39.42 -36.08 -39.61
N ASN E 6 -40.34 -36.04 -40.59
CA ASN E 6 -40.37 -34.93 -41.53
C ASN E 6 -40.66 -33.61 -40.82
N ASP E 7 -41.62 -33.62 -39.89
CA ASP E 7 -41.93 -32.41 -39.13
C ASP E 7 -40.89 -32.15 -38.04
N LEU E 8 -40.38 -33.21 -37.41
CA LEU E 8 -39.40 -33.04 -36.35
C LEU E 8 -38.06 -32.54 -36.88
N LEU E 9 -37.76 -32.78 -38.15
CA LEU E 9 -36.53 -32.31 -38.77
C LEU E 9 -36.79 -31.20 -39.78
N ASN E 10 -37.73 -30.30 -39.45
CA ASN E 10 -38.05 -29.20 -40.34
C ASN E 10 -36.88 -28.24 -40.45
N SER E 11 -36.49 -27.92 -41.67
CA SER E 11 -35.37 -27.03 -41.94
C SER E 11 -35.81 -25.61 -42.25
N ASN E 12 -37.09 -25.31 -42.13
CA ASN E 12 -37.57 -23.95 -42.37
C ASN E 12 -37.24 -23.05 -41.20
N ARG E 13 -37.25 -21.75 -41.45
CA ARG E 13 -36.93 -20.74 -40.46
C ARG E 13 -38.12 -19.81 -40.24
N ARG E 14 -38.17 -19.23 -39.05
CA ARG E 14 -39.31 -18.39 -38.68
C ARG E 14 -39.36 -17.11 -39.51
N LYS E 15 -38.20 -16.52 -39.80
CA LYS E 15 -38.18 -15.27 -40.54
C LYS E 15 -38.66 -15.50 -41.97
N PRO E 16 -39.66 -14.75 -42.44
CA PRO E 16 -40.11 -14.90 -43.83
C PRO E 16 -39.01 -14.52 -44.81
N LYS E 17 -38.97 -15.22 -45.94
CA LYS E 17 -37.97 -14.94 -46.96
C LYS E 17 -38.29 -13.61 -47.64
N ASN E 18 -37.24 -12.90 -48.05
CA ASN E 18 -37.39 -11.60 -48.70
C ASN E 18 -38.05 -11.73 -50.07
N LYS E 21 -33.76 -10.36 -51.93
CA LYS E 21 -32.40 -10.86 -51.84
C LYS E 21 -31.95 -11.48 -53.16
N GLU E 22 -30.86 -10.96 -53.72
CA GLU E 22 -30.33 -11.45 -54.98
C GLU E 22 -29.48 -12.70 -54.75
N SER E 23 -29.10 -13.33 -55.87
CA SER E 23 -28.27 -14.53 -55.79
C SER E 23 -26.87 -14.22 -55.27
N SER E 24 -26.38 -13.00 -55.47
CA SER E 24 -25.05 -12.63 -55.00
C SER E 24 -24.99 -12.54 -53.48
N GLN E 25 -26.13 -12.44 -52.80
CA GLN E 25 -26.18 -12.38 -51.34
C GLN E 25 -26.38 -13.74 -50.70
N ASP E 26 -26.39 -14.80 -51.49
CA ASP E 26 -26.59 -16.15 -50.95
C ASP E 26 -25.31 -16.63 -50.30
N THR E 27 -25.31 -16.74 -48.97
CA THR E 27 -24.16 -17.21 -48.22
C THR E 27 -24.30 -18.67 -47.79
N SER E 28 -25.36 -19.35 -48.23
CA SER E 28 -25.55 -20.74 -47.82
C SER E 28 -24.47 -21.65 -48.40
N LYS E 29 -24.16 -21.47 -49.68
CA LYS E 29 -23.18 -22.29 -50.40
C LYS E 29 -23.61 -23.76 -50.31
N GLY E 30 -22.66 -24.68 -50.23
CA GLY E 30 -22.98 -26.10 -50.12
C GLY E 30 -23.27 -26.57 -48.72
N ARG E 31 -23.84 -25.72 -47.87
CA ARG E 31 -24.11 -26.05 -46.48
C ARG E 31 -25.59 -26.32 -46.28
N GLN E 32 -25.89 -27.36 -45.50
CA GLN E 32 -27.27 -27.61 -45.11
C GLN E 32 -27.75 -26.55 -44.12
N GLN E 33 -29.06 -26.39 -44.03
CA GLN E 33 -29.63 -25.33 -43.18
C GLN E 33 -29.26 -25.54 -41.72
N ILE E 34 -29.31 -26.78 -41.25
CA ILE E 34 -28.95 -27.06 -39.87
C ILE E 34 -27.46 -26.84 -39.65
N GLU E 35 -26.64 -27.14 -40.65
CA GLU E 35 -25.22 -26.80 -40.58
C GLU E 35 -25.03 -25.29 -40.46
N ARG E 36 -25.83 -24.52 -41.20
CA ARG E 36 -25.79 -23.07 -41.06
C ARG E 36 -26.20 -22.64 -39.66
N ASP E 37 -27.18 -23.33 -39.06
CA ASP E 37 -27.55 -23.02 -37.68
C ASP E 37 -26.39 -23.28 -36.73
N TYR E 38 -25.68 -24.40 -36.92
CA TYR E 38 -24.52 -24.69 -36.08
C TYR E 38 -23.45 -23.62 -36.24
N ASP E 39 -23.21 -23.19 -37.48
CA ASP E 39 -22.22 -22.13 -37.72
C ASP E 39 -22.65 -20.82 -37.08
N ARG E 40 -23.95 -20.51 -37.13
CA ARG E 40 -24.45 -19.31 -36.48
C ARG E 40 -24.23 -19.37 -34.97
N ILE E 41 -24.50 -20.52 -34.36
CA ILE E 41 -24.31 -20.67 -32.92
C ILE E 41 -22.84 -20.54 -32.56
N LEU E 42 -21.96 -21.16 -33.35
CA LEU E 42 -20.54 -21.13 -33.02
C LEU E 42 -19.96 -19.73 -33.11
N PHE E 43 -20.36 -18.96 -34.12
CA PHE E 43 -19.81 -17.63 -34.34
C PHE E 43 -20.52 -16.54 -33.55
N ALA E 44 -21.53 -16.90 -32.75
CA ALA E 44 -22.24 -15.92 -31.95
C ALA E 44 -21.35 -15.39 -30.83
N ALA E 45 -21.54 -14.12 -30.49
CA ALA E 45 -20.78 -13.52 -29.40
C ALA E 45 -20.97 -14.21 -28.05
N PRO E 46 -22.19 -14.61 -27.64
CA PRO E 46 -22.31 -15.34 -26.37
C PRO E 46 -21.49 -16.63 -26.33
N THR E 47 -21.32 -17.30 -27.48
CA THR E 47 -20.50 -18.50 -27.51
C THR E 47 -19.06 -18.19 -27.10
N ARG E 48 -18.52 -17.08 -27.60
CA ARG E 48 -17.18 -16.66 -27.18
C ARG E 48 -17.17 -16.20 -25.74
N ARG E 49 -18.23 -15.51 -25.29
CA ARG E 49 -18.29 -15.05 -23.92
C ARG E 49 -18.39 -16.19 -22.92
N LEU E 50 -18.86 -17.37 -23.37
CA LEU E 50 -18.95 -18.52 -22.48
C LEU E 50 -17.60 -18.94 -21.92
N ALA E 51 -16.50 -18.57 -22.57
CA ALA E 51 -15.17 -18.93 -22.08
C ALA E 51 -14.84 -18.27 -20.76
N ASP E 52 -15.46 -17.12 -20.47
CA ASP E 52 -15.20 -16.39 -19.24
C ASP E 52 -16.12 -16.80 -18.08
N LYS E 53 -17.04 -17.73 -18.32
CA LYS E 53 -17.95 -18.18 -17.28
C LYS E 53 -17.48 -19.53 -16.72
N THR E 54 -17.40 -19.60 -15.40
CA THR E 54 -16.99 -20.82 -14.71
C THR E 54 -18.12 -21.85 -14.74
N GLN E 55 -17.73 -23.12 -14.84
CA GLN E 55 -18.71 -24.21 -14.83
C GLN E 55 -18.99 -24.65 -13.39
N VAL E 56 -17.97 -25.15 -12.71
CA VAL E 56 -18.07 -25.47 -11.28
C VAL E 56 -16.93 -24.81 -10.53
N PHE E 57 -15.71 -24.95 -11.06
CA PHE E 57 -14.49 -24.54 -10.41
C PHE E 57 -13.95 -23.25 -11.03
N PRO E 58 -13.13 -22.49 -10.30
CA PRO E 58 -12.58 -21.25 -10.84
C PRO E 58 -11.71 -21.52 -12.07
N LEU E 59 -11.78 -20.61 -13.03
CA LEU E 59 -10.99 -20.73 -14.26
C LEU E 59 -9.70 -19.93 -14.22
N ASP E 60 -9.48 -19.11 -13.19
CA ASP E 60 -8.26 -18.31 -13.13
C ASP E 60 -7.02 -19.19 -12.94
N LYS E 61 -7.15 -20.25 -12.15
CA LYS E 61 -6.04 -21.19 -11.99
C LYS E 61 -5.79 -21.94 -13.30
N ASN E 62 -4.52 -22.26 -13.55
CA ASN E 62 -4.13 -22.97 -14.76
C ASN E 62 -4.05 -24.47 -14.48
N ASP E 63 -5.18 -25.02 -14.02
CA ASP E 63 -5.31 -26.43 -13.72
C ASP E 63 -6.09 -27.18 -14.80
N SER E 64 -6.26 -26.57 -15.98
CA SER E 64 -6.96 -27.18 -17.10
C SER E 64 -8.40 -27.55 -16.73
N VAL E 65 -9.04 -26.72 -15.92
CA VAL E 65 -10.44 -26.94 -15.57
C VAL E 65 -11.31 -26.61 -16.77
N ARG E 66 -12.56 -27.10 -16.74
CA ARG E 66 -13.47 -26.92 -17.86
C ARG E 66 -14.44 -25.78 -17.56
N THR E 67 -14.49 -24.81 -18.46
CA THR E 67 -15.43 -23.70 -18.34
C THR E 67 -16.72 -24.03 -19.09
N ARG E 68 -17.58 -23.04 -19.27
CA ARG E 68 -18.82 -23.25 -20.01
C ARG E 68 -18.54 -23.59 -21.47
N LEU E 69 -17.56 -22.93 -22.08
CA LEU E 69 -17.27 -23.17 -23.49
C LEU E 69 -16.73 -24.58 -23.72
N THR E 70 -15.79 -25.02 -22.88
CA THR E 70 -15.22 -26.35 -23.04
C THR E 70 -16.27 -27.42 -22.81
N HIS E 71 -17.11 -27.24 -21.78
CA HIS E 71 -18.17 -28.19 -21.51
C HIS E 71 -19.17 -28.24 -22.66
N SER E 72 -19.52 -27.07 -23.21
CA SER E 72 -20.44 -27.03 -24.34
C SER E 72 -19.85 -27.74 -25.55
N HIS E 73 -18.56 -27.52 -25.83
CA HIS E 73 -17.93 -28.19 -26.96
C HIS E 73 -17.88 -29.70 -26.76
N GLU E 74 -17.60 -30.15 -25.54
CA GLU E 74 -17.58 -31.59 -25.27
C GLU E 74 -18.96 -32.20 -25.44
N VAL E 75 -20.00 -31.52 -24.94
CA VAL E 75 -21.37 -32.01 -25.11
C VAL E 75 -21.74 -32.05 -26.59
N ALA E 76 -21.33 -31.02 -27.35
CA ALA E 76 -21.60 -30.99 -28.78
C ALA E 76 -20.90 -32.15 -29.49
N ASN E 77 -19.67 -32.45 -29.10
CA ASN E 77 -18.94 -33.57 -29.71
C ASN E 77 -19.62 -34.90 -29.42
N LEU E 78 -20.05 -35.10 -28.17
CA LEU E 78 -20.75 -36.34 -27.83
C LEU E 78 -22.06 -36.46 -28.61
N SER E 79 -22.82 -35.36 -28.69
CA SER E 79 -24.07 -35.39 -29.44
C SER E 79 -23.83 -35.66 -30.91
N ARG E 80 -22.76 -35.08 -31.47
CA ARG E 80 -22.44 -35.34 -32.87
C ARG E 80 -22.06 -36.79 -33.09
N GLY E 81 -21.31 -37.38 -32.17
CA GLY E 81 -20.98 -38.80 -32.29
C GLY E 81 -22.22 -39.67 -32.26
N ILE E 82 -23.14 -39.38 -31.33
CA ILE E 82 -24.38 -40.14 -31.26
C ILE E 82 -25.18 -39.95 -32.55
N GLY E 83 -25.20 -38.74 -33.09
CA GLY E 83 -25.93 -38.50 -34.33
C GLY E 83 -25.35 -39.24 -35.52
N MET E 84 -24.02 -39.29 -35.61
CA MET E 84 -23.40 -40.05 -36.69
C MET E 84 -23.69 -41.54 -36.54
N ARG E 85 -23.67 -42.04 -35.30
CA ARG E 85 -24.03 -43.44 -35.09
C ARG E 85 -25.47 -43.71 -35.52
N LEU E 86 -26.38 -42.80 -35.18
CA LEU E 86 -27.79 -42.98 -35.55
C LEU E 86 -28.00 -42.91 -37.06
N ALA E 87 -27.33 -41.98 -37.73
CA ALA E 87 -27.58 -41.73 -39.14
C ALA E 87 -26.79 -42.63 -40.08
N PHE E 88 -25.72 -43.26 -39.60
CA PHE E 88 -24.90 -44.09 -40.46
C PHE E 88 -25.05 -45.59 -40.20
N GLU E 89 -25.46 -45.98 -39.00
CA GLU E 89 -25.60 -47.38 -38.64
C GLU E 89 -27.03 -47.75 -38.28
N LEU E 90 -27.67 -47.00 -37.39
CA LEU E 90 -29.01 -47.31 -36.92
C LEU E 90 -30.08 -46.52 -37.68
N GLU E 91 -29.83 -46.20 -38.95
CA GLU E 91 -30.80 -45.43 -39.72
C GLU E 91 -32.11 -46.19 -39.89
N ASP E 92 -32.03 -47.48 -40.21
CA ASP E 92 -33.24 -48.27 -40.44
C ASP E 92 -34.04 -48.42 -39.16
N ASP E 93 -33.37 -48.65 -38.03
CA ASP E 93 -34.07 -48.89 -36.78
C ASP E 93 -34.72 -47.62 -36.24
N VAL E 94 -34.06 -46.48 -36.42
CA VAL E 94 -34.52 -45.23 -35.82
C VAL E 94 -35.37 -44.44 -36.80
N PHE E 95 -34.78 -44.05 -37.93
CA PHE E 95 -35.44 -43.18 -38.89
C PHE E 95 -36.22 -44.02 -39.89
N LYS E 96 -37.55 -43.95 -39.81
CA LYS E 96 -38.44 -44.67 -40.71
C LYS E 96 -39.41 -43.68 -41.35
N ASP E 97 -39.78 -43.98 -42.60
CA ASP E 97 -40.70 -43.15 -43.38
C ASP E 97 -40.20 -41.71 -43.50
N VAL E 98 -38.89 -41.53 -43.64
CA VAL E 98 -38.30 -40.22 -43.80
C VAL E 98 -38.20 -39.89 -45.29
N SER E 99 -38.64 -38.69 -45.65
CA SER E 99 -38.59 -38.27 -47.05
C SER E 99 -37.16 -38.17 -47.53
N GLU E 100 -36.97 -38.46 -48.82
CA GLU E 100 -35.63 -38.42 -49.42
C GLU E 100 -35.07 -37.01 -49.51
N ASP E 101 -35.91 -35.98 -49.33
CA ASP E 101 -35.43 -34.61 -49.38
C ASP E 101 -34.62 -34.23 -48.15
N ILE E 102 -34.63 -35.07 -47.11
CA ILE E 102 -33.89 -34.82 -45.89
C ILE E 102 -32.65 -35.69 -45.89
N CYS E 103 -31.47 -35.06 -45.83
CA CYS E 103 -30.21 -35.77 -45.76
C CYS E 103 -29.88 -35.99 -44.29
N LEU E 104 -30.19 -37.19 -43.79
CA LEU E 104 -29.98 -37.48 -42.38
C LEU E 104 -28.50 -37.40 -42.01
N LYS E 105 -27.64 -37.93 -42.88
CA LYS E 105 -26.20 -37.97 -42.59
C LYS E 105 -25.60 -36.59 -42.41
N ARG E 106 -26.22 -35.55 -42.98
CA ARG E 106 -25.74 -34.19 -42.82
C ARG E 106 -26.55 -33.37 -41.83
N ASP E 107 -27.79 -33.77 -41.52
CA ASP E 107 -28.65 -33.00 -40.65
C ASP E 107 -28.61 -33.48 -39.21
N VAL E 108 -28.74 -34.78 -38.99
CA VAL E 108 -28.83 -35.30 -37.62
C VAL E 108 -27.58 -35.01 -36.80
N PRO E 109 -26.36 -35.33 -37.26
CA PRO E 109 -25.18 -34.95 -36.47
C PRO E 109 -25.06 -33.46 -36.27
N ALA E 110 -25.34 -32.67 -37.32
CA ALA E 110 -25.26 -31.22 -37.20
C ALA E 110 -26.30 -30.70 -36.20
N LEU E 111 -27.51 -31.25 -36.24
CA LEU E 111 -28.56 -30.82 -35.31
C LEU E 111 -28.17 -31.13 -33.88
N LEU E 112 -27.68 -32.35 -33.63
CA LEU E 112 -27.31 -32.71 -32.26
C LEU E 112 -26.14 -31.87 -31.78
N ALA E 113 -25.15 -31.63 -32.64
CA ALA E 113 -24.02 -30.78 -32.24
C ALA E 113 -24.47 -29.36 -31.95
N ALA E 114 -25.38 -28.82 -32.78
CA ALA E 114 -25.85 -27.46 -32.58
C ALA E 114 -26.62 -27.32 -31.27
N ILE E 115 -27.48 -28.29 -30.97
CA ILE E 115 -28.24 -28.18 -29.73
C ILE E 115 -27.37 -28.45 -28.52
N GLY E 116 -26.31 -29.26 -28.68
CA GLY E 116 -25.37 -29.45 -27.59
C GLY E 116 -24.54 -28.21 -27.30
N LEU E 117 -24.13 -27.49 -28.34
CA LEU E 117 -23.29 -26.31 -28.16
C LEU E 117 -24.05 -25.16 -27.53
N VAL E 118 -25.36 -25.08 -27.79
CA VAL E 118 -26.17 -23.94 -27.35
C VAL E 118 -26.92 -24.22 -26.06
N HIS E 119 -26.74 -25.40 -25.46
CA HIS E 119 -27.58 -25.79 -24.32
C HIS E 119 -27.31 -24.93 -23.09
N ASP E 120 -26.09 -24.43 -22.94
CA ASP E 120 -25.72 -23.62 -21.78
C ASP E 120 -25.20 -22.25 -22.23
N MET E 121 -25.83 -21.65 -23.24
CA MET E 121 -25.35 -20.40 -23.79
C MET E 121 -25.99 -19.19 -23.12
N GLY E 122 -27.21 -19.33 -22.61
CA GLY E 122 -27.89 -18.24 -21.92
C GLY E 122 -27.92 -18.36 -20.42
N ASN E 123 -27.13 -19.26 -19.84
CA ASN E 123 -27.17 -19.46 -18.40
C ASN E 123 -26.57 -18.26 -17.67
N PRO E 124 -27.04 -17.95 -16.47
CA PRO E 124 -26.46 -16.84 -15.71
C PRO E 124 -25.05 -17.18 -15.26
N PRO E 125 -24.24 -16.15 -14.94
CA PRO E 125 -22.85 -16.41 -14.53
C PRO E 125 -22.75 -17.07 -13.17
N PHE E 126 -21.51 -17.33 -12.74
CA PHE E 126 -21.22 -17.91 -11.42
C PHE E 126 -21.85 -19.29 -11.25
N GLY E 127 -22.03 -20.00 -12.36
CA GLY E 127 -22.53 -21.36 -12.31
C GLY E 127 -23.98 -21.44 -11.87
N HIS E 128 -24.39 -22.66 -11.53
CA HIS E 128 -25.78 -22.91 -11.14
C HIS E 128 -26.20 -22.06 -9.94
N GLN E 129 -25.29 -21.86 -8.98
CA GLN E 129 -25.59 -21.00 -7.85
C GLN E 129 -26.12 -19.64 -8.30
N GLY E 130 -25.55 -19.09 -9.37
CA GLY E 130 -26.03 -17.84 -9.91
C GLY E 130 -27.54 -17.83 -10.07
N GLU E 131 -28.08 -18.85 -10.74
CA GLU E 131 -29.53 -18.95 -10.90
C GLU E 131 -30.23 -18.82 -9.56
N LYS E 132 -29.80 -19.65 -8.59
CA LYS E 132 -30.39 -19.58 -7.25
C LYS E 132 -30.38 -18.16 -6.73
N ALA E 133 -29.21 -17.51 -6.79
CA ALA E 133 -29.12 -16.13 -6.31
C ALA E 133 -30.18 -15.27 -6.98
N MET E 134 -30.23 -15.30 -8.31
CA MET E 134 -31.24 -14.52 -9.03
C MET E 134 -32.62 -14.83 -8.48
N SER E 135 -32.98 -16.10 -8.41
CA SER E 135 -34.29 -16.47 -7.89
C SER E 135 -34.50 -15.85 -6.51
N GLU E 136 -33.54 -16.04 -5.60
CA GLU E 136 -33.69 -15.50 -4.27
C GLU E 136 -33.93 -14.00 -4.33
N TRP E 137 -33.13 -13.28 -5.12
CA TRP E 137 -33.33 -11.85 -5.23
C TRP E 137 -34.74 -11.53 -5.67
N PHE E 138 -35.20 -12.19 -6.73
CA PHE E 138 -36.56 -11.94 -7.20
C PHE E 138 -37.58 -12.32 -6.14
N THR E 139 -37.34 -13.43 -5.43
CA THR E 139 -38.27 -13.86 -4.39
C THR E 139 -38.37 -12.81 -3.29
N LYS E 140 -37.32 -11.99 -3.14
CA LYS E 140 -37.37 -10.94 -2.13
C LYS E 140 -37.91 -9.64 -2.71
N ASN E 141 -37.69 -9.40 -4.00
CA ASN E 141 -38.02 -8.12 -4.60
C ASN E 141 -39.27 -8.17 -5.46
N LEU E 142 -39.84 -9.35 -5.69
CA LEU E 142 -41.14 -9.51 -6.35
C LEU E 142 -42.02 -10.35 -5.44
N PRO E 143 -42.49 -9.77 -4.33
CA PRO E 143 -43.24 -10.56 -3.35
C PRO E 143 -44.51 -11.13 -3.95
N GLU E 144 -44.83 -12.37 -3.57
CA GLU E 144 -46.00 -13.04 -4.11
C GLU E 144 -47.28 -12.46 -3.52
N HIS E 145 -47.22 -12.02 -2.25
CA HIS E 145 -48.41 -11.47 -1.62
C HIS E 145 -48.80 -10.11 -2.20
N SER E 146 -47.84 -9.39 -2.77
CA SER E 146 -48.14 -8.08 -3.35
C SER E 146 -49.03 -8.22 -4.58
N ASP E 147 -49.91 -7.25 -4.77
CA ASP E 147 -50.84 -7.29 -5.90
C ASP E 147 -50.10 -7.12 -7.22
N ASN E 148 -49.01 -6.35 -7.22
CA ASN E 148 -48.26 -6.14 -8.45
C ASN E 148 -47.63 -7.43 -8.96
N TYR E 149 -47.13 -8.26 -8.05
CA TYR E 149 -46.44 -9.49 -8.42
C TYR E 149 -47.16 -10.71 -7.88
N LYS E 150 -48.48 -10.73 -8.01
CA LYS E 150 -49.30 -11.84 -7.52
C LYS E 150 -49.52 -12.91 -8.58
N ASP E 151 -49.50 -12.55 -9.85
CA ASP E 151 -49.76 -13.50 -10.92
C ASP E 151 -48.64 -14.53 -11.01
N LYS E 152 -48.98 -15.71 -11.55
CA LYS E 152 -48.03 -16.80 -11.67
C LYS E 152 -46.95 -16.53 -12.72
N ILE E 153 -47.18 -15.57 -13.62
CA ILE E 153 -46.19 -15.27 -14.66
C ILE E 153 -44.88 -14.82 -14.03
N TYR E 154 -44.95 -14.06 -12.94
CA TYR E 154 -43.74 -13.61 -12.27
C TYR E 154 -42.95 -14.76 -11.67
N GLY E 155 -43.55 -15.95 -11.57
CA GLY E 155 -42.78 -17.13 -11.21
C GLY E 155 -41.62 -17.37 -12.16
N ASP E 156 -41.78 -16.98 -13.43
CA ASP E 156 -40.69 -17.05 -14.41
C ASP E 156 -39.41 -16.44 -13.86
N PHE E 157 -39.55 -15.47 -12.97
CA PHE E 157 -38.40 -14.83 -12.32
C PHE E 157 -38.15 -15.35 -10.92
N ARG E 158 -39.19 -15.81 -10.21
CA ARG E 158 -38.98 -16.37 -8.88
C ARG E 158 -38.39 -17.78 -8.95
N HIS E 159 -38.53 -18.45 -10.09
CA HIS E 159 -37.94 -19.75 -10.35
C HIS E 159 -37.13 -19.70 -11.64
N PHE E 160 -36.26 -18.68 -11.73
CA PHE E 160 -35.53 -18.41 -12.95
C PHE E 160 -34.72 -19.62 -13.39
N ASP E 161 -34.78 -19.93 -14.69
CA ASP E 161 -34.10 -21.08 -15.25
C ASP E 161 -33.28 -20.62 -16.45
N GLY E 162 -32.12 -21.27 -16.65
CA GLY E 162 -31.24 -20.87 -17.73
C GLY E 162 -31.73 -21.29 -19.10
N ASN E 163 -32.57 -22.33 -19.16
CA ASN E 163 -33.06 -22.81 -20.45
C ASN E 163 -34.00 -21.80 -21.10
N SER E 164 -34.90 -21.21 -20.31
CA SER E 164 -35.80 -20.19 -20.85
C SER E 164 -35.03 -18.98 -21.32
N GLN E 165 -34.02 -18.55 -20.56
CA GLN E 165 -33.20 -17.42 -20.98
C GLN E 165 -32.41 -17.75 -22.24
N THR E 166 -31.95 -18.99 -22.37
CA THR E 166 -31.24 -19.39 -23.59
C THR E 166 -32.16 -19.33 -24.81
N LEU E 167 -33.39 -19.82 -24.66
CA LEU E 167 -34.35 -19.74 -25.76
C LEU E 167 -34.66 -18.29 -26.11
N ARG E 168 -34.84 -17.45 -25.09
CA ARG E 168 -35.08 -16.03 -25.33
C ARG E 168 -33.89 -15.39 -26.06
N LEU E 169 -32.67 -15.77 -25.68
CA LEU E 169 -31.48 -15.15 -26.26
C LEU E 169 -31.27 -15.59 -27.71
N VAL E 170 -31.66 -16.82 -28.05
CA VAL E 170 -31.50 -17.30 -29.42
C VAL E 170 -32.71 -17.00 -30.28
N THR E 171 -33.81 -16.52 -29.71
CA THR E 171 -35.00 -16.22 -30.49
C THR E 171 -35.34 -14.73 -30.55
N LYS E 172 -35.20 -14.01 -29.43
CA LYS E 172 -35.64 -12.62 -29.41
C LYS E 172 -34.53 -11.66 -28.97
N LEU E 173 -33.62 -12.12 -28.12
CA LEU E 173 -32.63 -11.25 -27.49
C LEU E 173 -31.38 -11.13 -28.37
N GLN E 174 -31.49 -10.30 -29.40
CA GLN E 174 -30.37 -9.97 -30.26
C GLN E 174 -30.32 -8.46 -30.44
N ILE E 175 -29.30 -7.99 -31.17
CA ILE E 175 -29.15 -6.55 -31.37
C ILE E 175 -30.31 -5.99 -32.18
N LEU E 176 -30.69 -6.70 -33.25
CA LEU E 176 -31.84 -6.30 -34.05
C LEU E 176 -33.11 -6.86 -33.42
N ASN E 177 -34.08 -5.99 -33.16
CA ASN E 177 -35.35 -6.41 -32.56
C ASN E 177 -36.32 -6.79 -33.67
N ASP E 178 -36.02 -7.92 -34.33
CA ASP E 178 -36.88 -8.46 -35.37
C ASP E 178 -37.68 -9.66 -34.88
N THR E 179 -37.64 -9.96 -33.58
CA THR E 179 -38.30 -11.13 -32.98
C THR E 179 -37.89 -12.44 -33.63
N TYR E 180 -36.72 -12.48 -34.26
CA TYR E 180 -36.21 -13.68 -34.91
C TYR E 180 -34.83 -14.10 -34.44
N GLY E 181 -34.03 -13.18 -33.92
CA GLY E 181 -32.73 -13.54 -33.37
C GLY E 181 -31.82 -14.14 -34.41
N LEU E 182 -31.21 -15.28 -34.06
CA LEU E 182 -30.32 -15.99 -34.97
C LEU E 182 -31.06 -16.65 -36.12
N ASN E 183 -32.39 -16.73 -36.05
CA ASN E 183 -33.21 -17.32 -37.10
C ASN E 183 -32.80 -18.77 -37.37
N LEU E 184 -32.81 -19.56 -36.31
CA LEU E 184 -32.50 -20.98 -36.42
C LEU E 184 -33.68 -21.73 -37.04
N THR E 185 -33.39 -22.94 -37.51
CA THR E 185 -34.42 -23.78 -38.10
C THR E 185 -35.41 -24.24 -37.03
N TYR E 186 -36.58 -24.69 -37.49
CA TYR E 186 -37.63 -25.11 -36.57
C TYR E 186 -37.19 -26.34 -35.78
N ALA E 187 -36.46 -27.26 -36.41
CA ALA E 187 -35.99 -28.44 -35.70
C ALA E 187 -35.05 -28.06 -34.56
N THR E 188 -34.12 -27.13 -34.82
CA THR E 188 -33.19 -26.71 -33.78
C THR E 188 -33.93 -26.05 -32.63
N LEU E 189 -34.86 -25.13 -32.93
CA LEU E 189 -35.61 -24.45 -31.89
C LEU E 189 -36.44 -25.43 -31.08
N ALA E 190 -37.05 -26.40 -31.74
CA ALA E 190 -37.83 -27.41 -31.03
C ALA E 190 -36.94 -28.24 -30.11
N SER E 191 -35.74 -28.57 -30.58
CA SER E 191 -34.82 -29.35 -29.75
C SER E 191 -34.26 -28.53 -28.59
N MET E 192 -34.20 -27.20 -28.72
CA MET E 192 -33.71 -26.37 -27.62
C MET E 192 -34.64 -26.44 -26.42
N ILE E 193 -35.94 -26.56 -26.65
CA ILE E 193 -36.90 -26.56 -25.54
C ILE E 193 -36.73 -27.85 -24.75
N LYS E 194 -36.16 -27.73 -23.56
CA LYS E 194 -35.91 -28.90 -22.71
C LYS E 194 -37.20 -29.31 -22.00
N TYR E 195 -37.76 -28.39 -21.22
CA TYR E 195 -39.04 -28.63 -20.57
C TYR E 195 -40.15 -27.97 -21.38
N PRO E 196 -41.04 -28.74 -21.99
CA PRO E 196 -42.09 -28.15 -22.83
C PRO E 196 -43.28 -27.66 -22.01
N ARG E 197 -43.04 -26.73 -21.10
CA ARG E 197 -44.11 -26.17 -20.28
C ARG E 197 -43.66 -24.83 -19.74
N SER E 198 -44.63 -24.03 -19.31
CA SER E 198 -44.38 -22.72 -18.71
C SER E 198 -44.77 -22.74 -17.23
N SER E 199 -44.44 -21.66 -16.55
CA SER E 199 -44.76 -21.56 -15.12
C SER E 199 -46.26 -21.43 -14.91
N GLU E 200 -46.98 -20.89 -15.89
CA GLU E 200 -48.43 -20.80 -15.78
C GLU E 200 -49.06 -22.19 -15.69
N SER E 201 -48.60 -23.12 -16.51
CA SER E 201 -49.13 -24.48 -16.48
C SER E 201 -48.50 -25.28 -15.35
N ASP E 202 -49.28 -26.20 -14.81
CA ASP E 202 -48.82 -27.08 -13.73
C ASP E 202 -48.70 -28.50 -14.28
N SER E 203 -47.50 -29.06 -14.19
CA SER E 203 -47.24 -30.41 -14.68
C SER E 203 -46.35 -31.15 -13.69
N SER E 204 -46.53 -32.46 -13.63
CA SER E 204 -45.72 -33.31 -12.77
C SER E 204 -44.56 -33.97 -13.50
N LEU E 205 -44.68 -34.17 -14.82
CA LEU E 205 -43.58 -34.77 -15.58
C LEU E 205 -42.36 -33.86 -15.60
N TRP E 206 -42.57 -32.56 -15.77
CA TRP E 206 -41.49 -31.59 -15.83
C TRP E 206 -41.60 -30.65 -14.63
N LYS E 207 -40.50 -30.53 -13.89
CA LYS E 207 -40.50 -29.67 -12.70
C LYS E 207 -40.33 -28.20 -13.08
N LYS E 208 -39.30 -27.90 -13.87
CA LYS E 208 -39.01 -26.53 -14.26
C LYS E 208 -39.75 -26.15 -15.53
N HIS E 209 -39.87 -24.84 -15.74
CA HIS E 209 -40.44 -24.30 -16.96
C HIS E 209 -39.36 -24.10 -18.01
N GLY E 210 -39.76 -24.20 -19.28
CA GLY E 210 -38.79 -24.17 -20.36
C GLY E 210 -38.76 -22.89 -21.17
N PHE E 211 -39.75 -22.01 -20.98
CA PHE E 211 -39.79 -20.76 -21.72
C PHE E 211 -40.54 -19.72 -20.90
N PHE E 212 -40.22 -18.45 -21.18
CA PHE E 212 -40.87 -17.33 -20.52
C PHE E 212 -42.22 -17.03 -21.17
N LEU E 213 -42.96 -16.13 -20.54
CA LEU E 213 -44.25 -15.71 -21.11
C LEU E 213 -44.04 -14.96 -22.42
N SER E 214 -43.01 -14.11 -22.49
CA SER E 214 -42.78 -13.29 -23.67
C SER E 214 -42.55 -14.14 -24.92
N GLU E 215 -41.96 -15.32 -24.76
CA GLU E 215 -41.68 -16.21 -25.88
C GLU E 215 -42.79 -17.23 -26.11
N LYS E 216 -43.87 -17.16 -25.33
CA LYS E 216 -44.92 -18.17 -25.43
C LYS E 216 -45.42 -18.33 -26.85
N ASP E 217 -45.80 -17.22 -27.49
CA ASP E 217 -46.30 -17.28 -28.87
C ASP E 217 -45.26 -17.93 -29.78
N VAL E 218 -43.99 -17.54 -29.63
CA VAL E 218 -42.92 -18.12 -30.45
C VAL E 218 -42.91 -19.63 -30.27
N VAL E 219 -42.97 -20.08 -29.02
CA VAL E 219 -42.96 -21.52 -28.76
C VAL E 219 -44.15 -22.18 -29.45
N GLN E 220 -45.33 -21.54 -29.38
CA GLN E 220 -46.49 -22.09 -30.05
C GLN E 220 -46.23 -22.25 -31.53
N ASP E 221 -45.63 -21.23 -32.15
CA ASP E 221 -45.31 -21.31 -33.57
C ASP E 221 -44.40 -22.49 -33.84
N ILE E 222 -43.38 -22.68 -32.99
CA ILE E 222 -42.46 -23.80 -33.17
C ILE E 222 -43.24 -25.09 -33.15
N TRP E 223 -44.15 -25.24 -32.18
CA TRP E 223 -44.94 -26.46 -32.10
C TRP E 223 -45.77 -26.65 -33.37
N ASN E 224 -46.39 -25.56 -33.85
CA ASN E 224 -47.22 -25.66 -35.04
C ASN E 224 -46.41 -26.05 -36.25
N ASN E 225 -45.11 -25.76 -36.25
CA ASN E 225 -44.26 -26.11 -37.38
C ASN E 225 -43.46 -27.37 -37.14
N THR E 226 -43.63 -28.02 -35.99
CA THR E 226 -42.87 -29.22 -35.68
C THR E 226 -43.76 -30.42 -35.37
N GLY E 227 -45.03 -30.19 -35.04
CA GLY E 227 -45.92 -31.26 -34.66
C GLY E 227 -45.91 -31.62 -33.20
N LEU E 228 -45.10 -30.95 -32.39
CA LEU E 228 -45.09 -31.16 -30.95
C LEU E 228 -46.23 -30.40 -30.30
N SER E 229 -46.31 -30.49 -28.98
CA SER E 229 -47.35 -29.79 -28.22
C SER E 229 -46.83 -29.59 -26.81
N GLU E 230 -47.66 -28.95 -25.98
CA GLU E 230 -47.30 -28.73 -24.59
C GLU E 230 -47.15 -30.06 -23.86
N GLY E 231 -46.04 -30.19 -23.13
CA GLY E 231 -45.75 -31.41 -22.40
C GLY E 231 -45.08 -32.50 -23.22
N VAL E 232 -44.86 -32.28 -24.51
CA VAL E 232 -44.21 -33.26 -25.38
C VAL E 232 -42.83 -32.73 -25.75
N ARG E 233 -41.81 -33.55 -25.52
CA ARG E 233 -40.43 -33.15 -25.72
C ARG E 233 -39.88 -33.74 -27.01
N HIS E 234 -39.08 -32.96 -27.72
CA HIS E 234 -38.48 -33.42 -28.97
C HIS E 234 -37.56 -34.61 -28.68
N PRO E 235 -37.55 -35.62 -29.55
CA PRO E 235 -36.73 -36.82 -29.27
C PRO E 235 -35.25 -36.52 -29.10
N PHE E 236 -34.70 -35.58 -29.86
CA PHE E 236 -33.28 -35.27 -29.75
C PHE E 236 -32.95 -34.52 -28.47
N THR E 237 -33.93 -33.90 -27.83
CA THR E 237 -33.69 -33.27 -26.54
C THR E 237 -33.29 -34.30 -25.48
N TYR E 238 -33.85 -35.50 -25.56
CA TYR E 238 -33.43 -36.57 -24.66
C TYR E 238 -31.96 -36.91 -24.84
N ILE E 239 -31.51 -37.01 -26.10
CA ILE E 239 -30.11 -37.30 -26.38
C ILE E 239 -29.22 -36.17 -25.89
N MET E 240 -29.64 -34.93 -26.11
CA MET E 240 -28.85 -33.79 -25.63
C MET E 240 -28.74 -33.79 -24.11
N GLU E 241 -29.84 -34.06 -23.42
CA GLU E 241 -29.81 -34.10 -21.96
C GLU E 241 -28.95 -35.24 -21.45
N ALA E 242 -29.02 -36.41 -22.11
CA ALA E 242 -28.19 -37.53 -21.72
C ALA E 242 -26.71 -37.20 -21.89
N CYS E 243 -26.35 -36.57 -23.02
CA CYS E 243 -24.97 -36.16 -23.23
C CYS E 243 -24.52 -35.15 -22.19
N ASP E 244 -25.39 -34.19 -21.86
CA ASP E 244 -25.06 -33.20 -20.83
C ASP E 244 -24.83 -33.88 -19.49
N ASP E 245 -25.67 -34.83 -19.13
CA ASP E 245 -25.51 -35.53 -17.85
C ASP E 245 -24.24 -36.36 -17.83
N ILE E 246 -23.92 -37.04 -18.93
CA ILE E 246 -22.69 -37.83 -19.00
C ILE E 246 -21.48 -36.93 -18.85
N ALA E 247 -21.46 -35.80 -19.59
CA ALA E 247 -20.35 -34.87 -19.49
C ALA E 247 -20.21 -34.34 -18.07
N TYR E 248 -21.33 -33.92 -17.46
CA TYR E 248 -21.31 -33.51 -16.06
C TYR E 248 -20.64 -34.57 -15.20
N SER E 249 -21.23 -35.76 -15.15
CA SER E 249 -20.81 -36.79 -14.20
C SER E 249 -19.36 -37.20 -14.40
N VAL E 250 -18.87 -37.28 -15.63
CA VAL E 250 -17.53 -37.76 -15.89
C VAL E 250 -16.50 -36.64 -15.79
N LEU E 251 -16.68 -35.55 -16.52
CA LEU E 251 -15.68 -34.50 -16.55
C LEU E 251 -15.60 -33.72 -15.24
N ASP E 252 -16.70 -33.59 -14.48
CA ASP E 252 -16.59 -32.98 -13.18
C ASP E 252 -15.76 -33.83 -12.23
N ALA E 253 -15.92 -35.15 -12.28
CA ALA E 253 -15.07 -36.03 -11.48
C ALA E 253 -13.62 -35.92 -11.90
N GLU E 254 -13.37 -35.83 -13.22
CA GLU E 254 -12.00 -35.66 -13.69
C GLU E 254 -11.40 -34.35 -13.18
N ASP E 255 -12.19 -33.27 -13.20
CA ASP E 255 -11.71 -31.99 -12.67
C ASP E 255 -11.47 -32.06 -11.17
N ILE E 256 -12.31 -32.79 -10.45
CA ILE E 256 -12.12 -32.96 -9.01
C ILE E 256 -10.80 -33.66 -8.74
N ILE E 257 -10.51 -34.73 -9.48
CA ILE E 257 -9.25 -35.43 -9.28
C ILE E 257 -8.07 -34.54 -9.67
N LYS E 258 -8.19 -33.79 -10.76
CA LYS E 258 -7.11 -32.92 -11.19
C LYS E 258 -6.83 -31.82 -10.16
N LYS E 259 -7.88 -31.26 -9.57
CA LYS E 259 -7.71 -30.17 -8.61
C LYS E 259 -7.16 -30.65 -7.27
N GLY E 260 -7.07 -31.96 -7.04
CA GLY E 260 -6.54 -32.49 -5.82
C GLY E 260 -7.53 -32.72 -4.71
N PHE E 261 -8.82 -32.49 -4.95
CA PHE E 261 -9.84 -32.74 -3.93
C PHE E 261 -10.04 -34.23 -3.65
N ALA E 262 -9.57 -35.09 -4.54
CA ALA E 262 -9.67 -36.54 -4.36
C ALA E 262 -8.61 -37.19 -5.23
N SER E 263 -8.58 -38.52 -5.22
CA SER E 263 -7.62 -39.28 -6.01
C SER E 263 -8.35 -40.35 -6.79
N PHE E 264 -7.61 -40.97 -7.73
CA PHE E 264 -8.18 -42.02 -8.55
C PHE E 264 -8.61 -43.22 -7.70
N HIS E 265 -7.80 -43.58 -6.71
CA HIS E 265 -8.15 -44.69 -5.83
C HIS E 265 -9.38 -44.37 -5.00
N ASP E 266 -9.55 -43.11 -4.59
CA ASP E 266 -10.76 -42.73 -3.87
C ASP E 266 -12.00 -42.94 -4.73
N LEU E 267 -11.94 -42.55 -6.00
CA LEU E 267 -13.07 -42.74 -6.90
C LEU E 267 -13.33 -44.23 -7.14
N ILE E 268 -12.27 -45.02 -7.30
CA ILE E 268 -12.44 -46.45 -7.50
C ILE E 268 -13.11 -47.08 -6.29
N ASP E 269 -12.68 -46.72 -5.08
CA ASP E 269 -13.28 -47.26 -3.87
C ASP E 269 -14.73 -46.81 -3.73
N PHE E 270 -15.02 -45.55 -4.07
CA PHE E 270 -16.39 -45.07 -4.00
C PHE E 270 -17.29 -45.82 -4.95
N ILE E 271 -16.83 -46.08 -6.17
CA ILE E 271 -17.63 -46.81 -7.13
C ILE E 271 -17.82 -48.26 -6.69
N GLN E 272 -16.76 -48.89 -6.18
CA GLN E 272 -16.86 -50.29 -5.76
C GLN E 272 -17.80 -50.45 -4.57
N SER E 273 -17.73 -49.52 -3.61
CA SER E 273 -18.52 -49.61 -2.40
C SER E 273 -19.92 -49.00 -2.54
N ASN E 274 -20.24 -48.44 -3.70
CA ASN E 274 -21.57 -47.87 -3.91
C ASN E 274 -22.62 -48.97 -3.88
N GLN E 275 -23.78 -48.65 -3.31
CA GLN E 275 -24.82 -49.66 -3.12
C GLN E 275 -25.32 -50.20 -4.45
N PHE E 276 -25.55 -49.33 -5.43
CA PHE E 276 -26.11 -49.74 -6.72
C PHE E 276 -25.05 -50.14 -7.73
N CYS E 277 -23.78 -49.80 -7.50
CA CYS E 277 -22.71 -50.13 -8.42
C CYS E 277 -21.98 -51.42 -8.06
N LYS E 278 -22.39 -52.11 -7.00
CA LYS E 278 -21.74 -53.36 -6.63
C LYS E 278 -22.05 -54.46 -7.64
N GLU E 279 -23.23 -54.43 -8.24
CA GLU E 279 -23.65 -55.46 -9.18
C GLU E 279 -23.89 -54.94 -10.59
N ASP E 280 -23.60 -53.66 -10.85
CA ASP E 280 -23.80 -53.11 -12.18
C ASP E 280 -22.72 -53.61 -13.13
N ASP E 281 -23.15 -54.14 -14.28
CA ASP E 281 -22.19 -54.69 -15.25
C ASP E 281 -21.30 -53.58 -15.82
N VAL E 282 -21.89 -52.42 -16.11
CA VAL E 282 -21.11 -51.32 -16.68
C VAL E 282 -20.05 -50.86 -15.69
N ALA E 283 -20.44 -50.68 -14.42
CA ALA E 283 -19.49 -50.26 -13.41
C ALA E 283 -18.40 -51.30 -13.20
N LYS E 284 -18.78 -52.59 -13.20
CA LYS E 284 -17.79 -53.65 -13.05
C LYS E 284 -16.78 -53.62 -14.19
N ARG E 285 -17.26 -53.48 -15.43
CA ARG E 285 -16.36 -53.44 -16.57
C ARG E 285 -15.44 -52.23 -16.50
N VAL E 286 -15.97 -51.08 -16.12
CA VAL E 286 -15.15 -49.88 -16.02
C VAL E 286 -14.07 -50.06 -14.96
N ILE E 287 -14.43 -50.62 -13.80
CA ILE E 287 -13.46 -50.82 -12.74
C ILE E 287 -12.37 -51.80 -13.16
N GLU E 288 -12.77 -52.90 -13.81
CA GLU E 288 -11.80 -53.90 -14.24
C GLU E 288 -10.84 -53.31 -15.26
N ASN E 289 -11.37 -52.56 -16.24
CA ASN E 289 -10.50 -51.95 -17.24
C ASN E 289 -9.56 -50.94 -16.60
N CYS E 290 -10.07 -50.15 -15.65
CA CYS E 290 -9.23 -49.16 -14.98
C CYS E 290 -8.10 -49.84 -14.21
N LYS E 291 -8.40 -50.91 -13.48
CA LYS E 291 -7.36 -51.60 -12.73
C LYS E 291 -6.35 -52.27 -13.66
N LYS E 292 -6.84 -52.85 -14.76
CA LYS E 292 -5.95 -53.49 -15.73
C LYS E 292 -4.98 -52.48 -16.34
N ILE E 293 -5.48 -51.29 -16.69
CA ILE E 293 -4.59 -50.28 -17.22
C ILE E 293 -3.68 -49.72 -16.13
N HIS E 294 -4.17 -49.66 -14.88
CA HIS E 294 -3.38 -49.05 -13.81
C HIS E 294 -2.21 -49.92 -13.41
N ALA E 295 -2.35 -51.24 -13.48
CA ALA E 295 -1.21 -52.11 -13.20
C ALA E 295 -0.07 -51.86 -14.18
N ASP E 296 -0.36 -51.91 -15.48
CA ASP E 296 0.65 -51.63 -16.49
C ASP E 296 1.16 -50.20 -16.36
N TYR E 297 0.31 -49.30 -15.87
CA TYR E 297 0.69 -47.89 -15.79
C TYR E 297 1.67 -47.67 -14.65
N ALA E 298 1.50 -48.41 -13.56
CA ALA E 298 2.43 -48.34 -12.45
C ALA E 298 3.72 -49.09 -12.73
N GLN E 299 3.72 -49.97 -13.75
CA GLN E 299 4.98 -50.60 -14.15
C GLN E 299 6.02 -49.55 -14.55
N GLN E 300 5.62 -48.53 -15.31
CA GLN E 300 6.54 -47.48 -15.71
C GLN E 300 6.83 -46.54 -14.54
N LYS E 301 7.87 -45.73 -14.70
CA LYS E 301 8.27 -44.76 -13.69
C LYS E 301 7.48 -43.47 -13.90
N LEU E 302 6.47 -43.25 -13.07
CA LEU E 302 5.63 -42.07 -13.16
C LEU E 302 5.46 -41.44 -11.78
N SER E 303 5.35 -40.11 -11.76
CA SER E 303 5.07 -39.42 -10.54
C SER E 303 3.63 -39.70 -10.09
N PRO E 304 3.35 -39.58 -8.79
CA PRO E 304 1.96 -39.84 -8.33
C PRO E 304 0.94 -38.96 -9.03
N ALA E 305 1.26 -37.68 -9.25
CA ALA E 305 0.33 -36.81 -9.96
C ALA E 305 0.11 -37.28 -11.39
N GLU E 306 1.18 -37.65 -12.09
CA GLU E 306 1.05 -38.13 -13.47
C GLU E 306 0.26 -39.43 -13.53
N LEU E 307 0.54 -40.35 -12.61
CA LEU E 307 -0.19 -41.61 -12.56
C LEU E 307 -1.67 -41.37 -12.32
N ASN E 308 -2.01 -40.51 -11.36
CA ASN E 308 -3.41 -40.21 -11.09
C ASN E 308 -4.06 -39.58 -12.32
N ASP E 309 -3.35 -38.66 -12.98
CA ASP E 309 -3.91 -37.94 -14.11
C ASP E 309 -4.25 -38.90 -15.25
N MET E 310 -3.30 -39.76 -15.62
CA MET E 310 -3.56 -40.63 -16.76
C MET E 310 -4.48 -41.80 -16.38
N SER E 311 -4.47 -42.22 -15.11
CA SER E 311 -5.45 -43.20 -14.67
C SER E 311 -6.86 -42.63 -14.78
N MET E 312 -7.04 -41.37 -14.39
CA MET E 312 -8.36 -40.75 -14.55
C MET E 312 -8.68 -40.48 -16.01
N GLN E 313 -7.67 -40.25 -16.85
CA GLN E 313 -7.93 -40.15 -18.29
C GLN E 313 -8.48 -41.46 -18.84
N MET E 314 -7.88 -42.58 -18.45
CA MET E 314 -8.38 -43.88 -18.87
C MET E 314 -9.78 -44.13 -18.32
N PHE E 315 -10.03 -43.75 -17.06
CA PHE E 315 -11.36 -43.89 -16.49
C PHE E 315 -12.37 -43.07 -17.28
N ARG E 316 -12.01 -41.84 -17.66
CA ARG E 316 -12.88 -41.01 -18.47
C ARG E 316 -13.20 -41.67 -19.80
N VAL E 317 -12.18 -42.22 -20.45
CA VAL E 317 -12.38 -42.86 -21.75
C VAL E 317 -13.37 -44.02 -21.61
N TYR E 318 -13.10 -44.92 -20.65
CA TYR E 318 -13.96 -46.10 -20.48
C TYR E 318 -15.38 -45.71 -20.10
N ALA E 319 -15.52 -44.79 -19.14
CA ALA E 319 -16.85 -44.39 -18.68
C ALA E 319 -17.65 -43.71 -19.78
N ILE E 320 -17.01 -42.81 -20.54
CA ILE E 320 -17.70 -42.12 -21.62
C ILE E 320 -18.12 -43.11 -22.68
N ALA E 321 -17.23 -44.05 -23.04
CA ALA E 321 -17.59 -45.05 -24.05
C ALA E 321 -18.80 -45.87 -23.59
N GLU E 322 -18.75 -46.38 -22.36
CA GLU E 322 -19.84 -47.22 -21.86
C GLU E 322 -21.15 -46.45 -21.79
N LEU E 323 -21.10 -45.22 -21.27
CA LEU E 323 -22.33 -44.44 -21.11
C LEU E 323 -22.91 -44.05 -22.46
N VAL E 324 -22.06 -43.68 -23.43
CA VAL E 324 -22.55 -43.33 -24.75
C VAL E 324 -23.19 -44.54 -25.43
N ASP E 325 -22.54 -45.71 -25.32
CA ASP E 325 -23.13 -46.91 -25.90
C ASP E 325 -24.47 -47.25 -25.26
N ALA E 326 -24.55 -47.15 -23.93
CA ALA E 326 -25.80 -47.43 -23.23
C ALA E 326 -26.89 -46.46 -23.65
N VAL E 327 -26.55 -45.17 -23.77
CA VAL E 327 -27.54 -44.18 -24.15
C VAL E 327 -28.04 -44.43 -25.56
N VAL E 328 -27.13 -44.77 -26.48
CA VAL E 328 -27.54 -45.05 -27.86
C VAL E 328 -28.45 -46.27 -27.90
N ILE E 329 -28.09 -47.33 -27.15
CA ILE E 329 -28.92 -48.53 -27.14
C ILE E 329 -30.31 -48.22 -26.57
N ALA E 330 -30.36 -47.45 -25.48
CA ALA E 330 -31.64 -47.10 -24.88
C ALA E 330 -32.50 -46.27 -25.83
N PHE E 331 -31.88 -45.32 -26.54
CA PHE E 331 -32.64 -44.52 -27.49
C PHE E 331 -33.16 -45.37 -28.64
N LYS E 332 -32.34 -46.31 -29.13
CA LYS E 332 -32.77 -47.17 -30.22
C LYS E 332 -33.92 -48.08 -29.78
N ASP E 333 -33.84 -48.60 -28.56
CA ASP E 333 -34.87 -49.53 -28.08
C ASP E 333 -36.20 -48.82 -27.85
N ASN E 334 -36.17 -47.62 -27.28
CA ASN E 334 -37.39 -46.88 -26.94
C ASN E 334 -37.69 -45.79 -27.95
N ILE E 335 -37.37 -46.01 -29.22
CA ILE E 335 -37.62 -44.98 -30.24
C ILE E 335 -39.12 -44.81 -30.48
N ASN E 336 -39.88 -45.90 -30.41
CA ASN E 336 -41.32 -45.81 -30.63
C ASN E 336 -42.00 -44.98 -29.55
N GLU E 337 -41.59 -45.18 -28.29
CA GLU E 337 -42.18 -44.40 -27.20
C GLU E 337 -41.81 -42.93 -27.30
N PHE E 338 -40.57 -42.64 -27.74
CA PHE E 338 -40.15 -41.25 -27.88
C PHE E 338 -40.94 -40.52 -28.97
N LEU E 339 -41.32 -41.23 -30.02
CA LEU E 339 -42.08 -40.65 -31.12
C LEU E 339 -43.57 -40.55 -30.82
N ASN E 340 -44.03 -41.08 -29.69
CA ASN E 340 -45.43 -41.01 -29.32
C ASN E 340 -45.75 -39.65 -28.71
N ASP E 341 -46.98 -39.18 -28.96
CA ASP E 341 -47.42 -37.91 -28.41
C ASP E 341 -47.62 -37.94 -26.90
N THR E 342 -47.66 -39.12 -26.29
CA THR E 342 -47.87 -39.27 -24.86
C THR E 342 -46.64 -39.87 -24.18
N CYS E 343 -45.45 -39.44 -24.61
CA CYS E 343 -44.23 -39.93 -24.00
C CYS E 343 -44.10 -39.40 -22.58
N GLU E 344 -43.77 -40.30 -21.65
CA GLU E 344 -43.64 -39.94 -20.24
C GLU E 344 -42.26 -40.29 -19.68
N ILE E 345 -41.27 -40.50 -20.54
CA ILE E 345 -39.92 -40.81 -20.06
C ILE E 345 -39.27 -39.54 -19.54
N LYS E 346 -38.77 -39.59 -18.31
CA LYS E 346 -38.13 -38.41 -17.72
C LYS E 346 -36.77 -38.13 -18.33
N ASP E 347 -35.94 -39.16 -18.51
CA ASP E 347 -34.62 -38.98 -19.08
C ASP E 347 -34.17 -40.28 -19.73
N LEU E 348 -33.23 -40.15 -20.68
CA LEU E 348 -32.76 -41.31 -21.42
C LEU E 348 -31.81 -42.18 -20.60
N ILE E 349 -31.07 -41.58 -19.67
CA ILE E 349 -30.08 -42.34 -18.90
C ILE E 349 -30.76 -43.36 -18.02
N SER E 350 -31.89 -42.99 -17.40
CA SER E 350 -32.57 -43.90 -16.48
C SER E 350 -33.03 -45.17 -17.19
N CYS E 351 -33.35 -45.09 -18.48
CA CYS E 351 -33.74 -46.27 -19.24
C CYS E 351 -32.55 -47.06 -19.76
N SER E 352 -31.33 -46.54 -19.59
CA SER E 352 -30.13 -47.21 -20.07
C SER E 352 -29.49 -48.02 -18.94
N SER E 353 -28.49 -48.81 -19.32
CA SER E 353 -27.76 -49.62 -18.34
C SER E 353 -26.69 -48.85 -17.61
N GLY E 354 -26.42 -47.61 -18.00
CA GLY E 354 -25.42 -46.80 -17.32
C GLY E 354 -26.03 -45.87 -16.29
N LYS E 355 -27.26 -46.15 -15.89
CA LYS E 355 -27.95 -45.31 -14.91
C LYS E 355 -27.22 -45.33 -13.57
N ASN E 356 -26.86 -46.52 -13.09
CA ASN E 356 -26.22 -46.64 -11.78
C ASN E 356 -24.86 -45.95 -11.78
N LEU E 357 -24.07 -46.14 -12.84
CA LEU E 357 -22.75 -45.51 -12.91
C LEU E 357 -22.87 -43.99 -12.92
N CYS E 358 -23.81 -43.46 -13.71
CA CYS E 358 -23.99 -42.02 -13.78
C CYS E 358 -24.46 -41.46 -12.44
N GLN E 359 -25.38 -42.17 -11.77
CA GLN E 359 -25.85 -41.71 -10.47
C GLN E 359 -24.72 -41.73 -9.44
N ALA E 360 -23.90 -42.78 -9.44
CA ALA E 360 -22.77 -42.84 -8.52
C ALA E 360 -21.77 -41.73 -8.80
N LEU E 361 -21.50 -41.45 -10.08
CA LEU E 361 -20.59 -40.36 -10.41
C LEU E 361 -21.15 -39.02 -9.98
N LYS E 362 -22.45 -38.80 -10.15
CA LYS E 362 -23.06 -37.55 -9.68
C LYS E 362 -22.96 -37.42 -8.17
N LYS E 363 -23.20 -38.52 -7.44
CA LYS E 363 -23.08 -38.48 -5.99
C LYS E 363 -21.63 -38.18 -5.57
N PHE E 364 -20.66 -38.79 -6.26
CA PHE E 364 -19.27 -38.53 -5.95
C PHE E 364 -18.91 -37.07 -6.20
N ASP E 365 -19.37 -36.52 -7.33
CA ASP E 365 -19.10 -35.12 -7.64
C ASP E 365 -19.74 -34.20 -6.61
N SER E 366 -20.97 -34.50 -6.19
CA SER E 366 -21.63 -33.67 -5.19
C SER E 366 -20.91 -33.73 -3.86
N SER E 367 -20.52 -34.92 -3.42
CA SER E 367 -19.92 -35.07 -2.10
C SER E 367 -18.51 -34.50 -2.05
N ARG E 368 -17.74 -34.67 -3.13
CA ARG E 368 -16.34 -34.28 -3.11
C ARG E 368 -16.10 -32.88 -3.67
N GLY E 369 -16.73 -32.55 -4.78
CA GLY E 369 -16.45 -31.29 -5.46
C GLY E 369 -17.42 -30.16 -5.20
N TYR E 370 -18.72 -30.43 -5.31
CA TYR E 370 -19.70 -29.35 -5.21
C TYR E 370 -19.81 -28.81 -3.80
N GLN E 371 -19.53 -29.63 -2.79
CA GLN E 371 -19.62 -29.22 -1.40
C GLN E 371 -18.24 -28.94 -0.78
N HIS E 372 -17.23 -28.72 -1.61
CA HIS E 372 -15.92 -28.36 -1.08
C HIS E 372 -15.96 -26.95 -0.50
N ARG E 373 -15.06 -26.70 0.46
CA ARG E 373 -15.06 -25.43 1.17
C ARG E 373 -14.80 -24.26 0.23
N SER E 374 -13.82 -24.40 -0.66
CA SER E 374 -13.52 -23.33 -1.61
C SER E 374 -14.68 -23.09 -2.56
N VAL E 375 -15.31 -24.16 -3.03
CA VAL E 375 -16.45 -24.01 -3.94
C VAL E 375 -17.59 -23.28 -3.25
N LEU E 376 -17.87 -23.64 -1.99
CA LEU E 376 -18.93 -22.96 -1.26
C LEU E 376 -18.60 -21.49 -1.02
N LYS E 377 -17.33 -21.20 -0.71
CA LYS E 377 -16.93 -19.81 -0.49
C LYS E 377 -17.10 -18.98 -1.76
N LEU E 378 -16.66 -19.51 -2.90
CA LEU E 378 -16.83 -18.77 -4.14
C LEU E 378 -18.29 -18.66 -4.55
N GLU E 379 -19.10 -19.68 -4.24
CA GLU E 379 -20.53 -19.57 -4.51
C GLU E 379 -21.15 -18.46 -3.69
N LEU E 380 -20.78 -18.35 -2.41
CA LEU E 380 -21.29 -17.26 -1.58
C LEU E 380 -20.84 -15.91 -2.11
N GLU E 381 -19.57 -15.80 -2.53
CA GLU E 381 -19.08 -14.55 -3.09
C GLU E 381 -19.85 -14.17 -4.36
N GLY E 382 -20.08 -15.15 -5.23
CA GLY E 382 -20.84 -14.87 -6.44
C GLY E 382 -22.28 -14.48 -6.16
N SER E 383 -22.89 -15.13 -5.17
CA SER E 383 -24.25 -14.76 -4.78
C SER E 383 -24.30 -13.33 -4.26
N ASN E 384 -23.33 -12.95 -3.43
CA ASN E 384 -23.28 -11.59 -2.93
C ASN E 384 -23.09 -10.59 -4.07
N TYR E 385 -22.18 -10.89 -5.01
CA TYR E 385 -21.97 -10.00 -6.15
C TYR E 385 -23.24 -9.85 -6.96
N ILE E 386 -23.91 -10.97 -7.26
CA ILE E 386 -25.11 -10.93 -8.10
C ILE E 386 -26.21 -10.14 -7.41
N LYS E 387 -26.43 -10.40 -6.12
CA LYS E 387 -27.50 -9.71 -5.41
C LYS E 387 -27.22 -8.21 -5.29
N GLY E 388 -25.96 -7.84 -5.02
CA GLY E 388 -25.63 -6.43 -4.97
C GLY E 388 -25.84 -5.73 -6.31
N LEU E 389 -25.38 -6.36 -7.39
CA LEU E 389 -25.57 -5.78 -8.71
C LEU E 389 -27.05 -5.70 -9.06
N MET E 390 -27.85 -6.70 -8.67
CA MET E 390 -29.27 -6.67 -8.96
C MET E 390 -29.97 -5.55 -8.22
N ASP E 391 -29.65 -5.34 -6.94
CA ASP E 391 -30.23 -4.22 -6.21
C ASP E 391 -29.82 -2.89 -6.83
N MET E 392 -28.54 -2.78 -7.20
CA MET E 392 -28.02 -1.54 -7.77
C MET E 392 -28.66 -1.24 -9.12
N LEU E 393 -28.95 -2.27 -9.92
CA LEU E 393 -29.63 -2.04 -11.19
C LEU E 393 -31.12 -1.75 -10.98
N TRP E 394 -31.76 -2.46 -10.05
CA TRP E 394 -33.17 -2.21 -9.75
C TRP E 394 -33.39 -0.79 -9.26
N LEU E 395 -32.38 -0.19 -8.63
CA LEU E 395 -32.49 1.22 -8.25
C LEU E 395 -32.75 2.11 -9.46
N GLY E 396 -32.26 1.72 -10.62
CA GLY E 396 -32.46 2.50 -11.83
C GLY E 396 -33.45 1.92 -12.83
N ILE E 397 -33.97 0.72 -12.58
CA ILE E 397 -34.90 0.07 -13.49
C ILE E 397 -36.34 0.19 -13.01
N LYS E 398 -36.58 0.02 -11.71
CA LYS E 398 -37.95 0.01 -11.20
C LYS E 398 -38.65 1.34 -11.46
N GLY E 399 -39.90 1.25 -11.93
CA GLY E 399 -40.68 2.42 -12.24
C GLY E 399 -40.53 2.95 -13.65
N ARG E 400 -39.59 2.41 -14.43
CA ARG E 400 -39.37 2.91 -15.78
C ARG E 400 -40.56 2.64 -16.67
N ALA E 401 -41.33 1.60 -16.38
CA ALA E 401 -42.50 1.24 -17.18
C ALA E 401 -43.83 1.44 -16.47
N THR E 402 -43.85 1.29 -15.15
CA THR E 402 -45.10 1.45 -14.42
C THR E 402 -45.59 2.89 -14.43
N GLY E 403 -44.67 3.84 -14.26
CA GLY E 403 -45.04 5.25 -14.27
C GLY E 403 -44.37 6.05 -13.17
N ASP E 404 -44.07 5.38 -12.05
CA ASP E 404 -43.41 6.06 -10.94
C ASP E 404 -42.00 6.48 -11.32
N THR E 405 -41.55 7.59 -10.76
CA THR E 405 -40.34 8.27 -11.20
C THR E 405 -39.29 8.39 -10.08
N GLN E 406 -39.03 7.30 -9.38
CA GLN E 406 -37.93 7.29 -8.42
C GLN E 406 -36.59 6.99 -9.05
N TYR E 407 -36.57 6.66 -10.34
CA TYR E 407 -35.34 6.32 -11.04
C TYR E 407 -34.62 7.54 -11.62
N ASP E 408 -35.20 8.74 -11.49
CA ASP E 408 -34.68 9.92 -12.15
C ASP E 408 -33.43 10.48 -11.49
N THR E 409 -32.88 9.78 -10.48
CA THR E 409 -31.63 10.21 -9.89
C THR E 409 -30.48 10.01 -10.88
N PRO E 410 -29.42 10.82 -10.78
CA PRO E 410 -28.29 10.65 -11.70
C PRO E 410 -27.70 9.25 -11.67
N PHE E 411 -27.60 8.65 -10.48
CA PHE E 411 -27.12 7.28 -10.39
C PHE E 411 -28.06 6.32 -11.11
N GLY E 412 -29.36 6.51 -10.96
CA GLY E 412 -30.31 5.66 -11.66
C GLY E 412 -30.19 5.78 -13.17
N ARG E 413 -30.04 7.01 -13.67
CA ARG E 413 -29.89 7.20 -15.10
C ARG E 413 -28.60 6.57 -15.62
N TYR E 414 -27.51 6.73 -14.88
CA TYR E 414 -26.25 6.11 -15.29
C TYR E 414 -26.35 4.59 -15.29
N VAL E 415 -27.00 4.03 -14.26
CA VAL E 415 -27.18 2.60 -14.16
C VAL E 415 -28.02 2.08 -15.33
N TYR E 416 -29.08 2.79 -15.67
CA TYR E 416 -29.88 2.41 -16.83
C TYR E 416 -29.05 2.48 -18.10
N GLY E 417 -28.24 3.52 -18.26
CA GLY E 417 -27.40 3.64 -19.44
C GLY E 417 -26.32 2.59 -19.53
N ARG E 418 -25.91 2.01 -18.40
CA ARG E 418 -24.88 0.97 -18.43
C ARG E 418 -25.39 -0.34 -19.00
N ILE E 419 -26.71 -0.56 -18.97
CA ILE E 419 -27.29 -1.78 -19.52
C ILE E 419 -27.09 -1.80 -21.03
N SER E 420 -26.98 -3.01 -21.59
CA SER E 420 -26.79 -3.16 -23.03
C SER E 420 -27.94 -2.53 -23.80
N GLU E 421 -27.61 -1.96 -24.96
CA GLU E 421 -28.59 -1.17 -25.70
C GLU E 421 -29.74 -2.03 -26.22
N ASN E 422 -29.45 -3.26 -26.64
CA ASN E 422 -30.50 -4.12 -27.19
C ASN E 422 -31.52 -4.50 -26.13
N TYR E 423 -31.07 -4.76 -24.90
CA TYR E 423 -31.99 -5.07 -23.82
C TYR E 423 -32.95 -3.92 -23.57
N ARG E 424 -32.43 -2.70 -23.51
CA ARG E 424 -33.28 -1.54 -23.29
C ARG E 424 -34.20 -1.28 -24.48
N ARG E 425 -33.72 -1.56 -25.69
CA ARG E 425 -34.55 -1.41 -26.88
C ARG E 425 -35.73 -2.36 -26.83
N ILE E 426 -35.50 -3.60 -26.42
CA ILE E 426 -36.59 -4.56 -26.28
C ILE E 426 -37.53 -4.14 -25.14
N PHE E 427 -36.96 -3.65 -24.03
CA PHE E 427 -37.77 -3.24 -22.89
C PHE E 427 -38.67 -2.06 -23.24
N GLU E 428 -38.16 -1.10 -24.02
CA GLU E 428 -38.93 0.08 -24.37
C GLU E 428 -39.96 -0.19 -25.45
N GLN E 429 -39.94 -1.36 -26.08
CA GLN E 429 -40.91 -1.69 -27.11
C GLN E 429 -42.30 -1.81 -26.49
N GLU E 430 -43.32 -1.47 -27.29
CA GLU E 430 -44.70 -1.50 -26.83
C GLU E 430 -45.31 -2.86 -27.16
N ASN E 431 -45.46 -3.69 -26.14
CA ASN E 431 -46.06 -5.01 -26.26
C ASN E 431 -47.17 -5.17 -25.23
N ASN E 432 -47.69 -6.38 -25.11
CA ASN E 432 -48.79 -6.67 -24.19
C ASN E 432 -48.33 -7.16 -22.83
N LEU E 433 -47.02 -7.24 -22.60
CA LEU E 433 -46.53 -7.70 -21.31
C LEU E 433 -46.80 -6.67 -20.22
N PRO E 434 -47.07 -7.11 -19.00
CA PRO E 434 -47.25 -6.17 -17.89
C PRO E 434 -45.97 -5.40 -17.61
N ALA E 435 -46.12 -4.16 -17.14
CA ALA E 435 -44.98 -3.28 -16.95
C ALA E 435 -43.98 -3.86 -15.95
N CYS E 436 -44.48 -4.40 -14.84
CA CYS E 436 -43.59 -5.03 -13.87
C CYS E 436 -42.87 -6.22 -14.48
N TYR E 437 -43.58 -7.02 -15.29
CA TYR E 437 -42.95 -8.13 -15.97
C TYR E 437 -41.85 -7.65 -16.92
N LYS E 438 -42.10 -6.55 -17.64
CA LYS E 438 -41.08 -6.02 -18.53
C LYS E 438 -39.86 -5.54 -17.76
N GLU E 439 -40.06 -4.86 -16.63
CA GLU E 439 -38.93 -4.40 -15.83
C GLU E 439 -38.11 -5.57 -15.30
N ALA E 440 -38.79 -6.59 -14.76
CA ALA E 440 -38.09 -7.75 -14.24
C ALA E 440 -37.36 -8.50 -15.34
N GLN E 441 -37.97 -8.59 -16.53
CA GLN E 441 -37.31 -9.24 -17.65
C GLN E 441 -36.08 -8.48 -18.10
N LEU E 442 -36.15 -7.15 -18.08
CA LEU E 442 -34.97 -6.34 -18.41
C LEU E 442 -33.83 -6.63 -17.44
N LEU E 443 -34.14 -6.68 -16.14
CA LEU E 443 -33.12 -6.99 -15.15
C LEU E 443 -32.54 -8.39 -15.37
N ALA E 444 -33.41 -9.36 -15.63
CA ALA E 444 -32.95 -10.73 -15.83
C ALA E 444 -32.05 -10.83 -17.06
N ASP E 445 -32.43 -10.17 -18.15
CA ASP E 445 -31.62 -10.18 -19.35
C ASP E 445 -30.28 -9.50 -19.12
N ALA E 446 -30.27 -8.39 -18.37
CA ALA E 446 -29.01 -7.71 -18.08
C ALA E 446 -28.08 -8.59 -17.25
N ILE E 447 -28.63 -9.25 -16.22
CA ILE E 447 -27.79 -10.06 -15.34
C ILE E 447 -27.30 -11.32 -16.05
N SER E 448 -28.18 -11.99 -16.79
CA SER E 448 -27.82 -13.27 -17.39
C SER E 448 -26.74 -13.13 -18.46
N GLY E 449 -26.71 -11.99 -19.15
CA GLY E 449 -25.77 -11.82 -20.25
C GLY E 449 -24.36 -11.46 -19.84
N MET E 450 -24.09 -11.33 -18.56
CA MET E 450 -22.76 -10.94 -18.09
C MET E 450 -21.92 -12.15 -17.73
N THR E 451 -20.61 -12.02 -17.91
CA THR E 451 -19.66 -13.01 -17.45
C THR E 451 -19.26 -12.69 -16.01
N ASP E 452 -18.48 -13.58 -15.40
CA ASP E 452 -18.09 -13.38 -14.01
C ASP E 452 -17.20 -12.16 -13.86
N SER E 453 -16.17 -12.05 -14.71
CA SER E 453 -15.26 -10.91 -14.64
C SER E 453 -15.99 -9.61 -14.90
N TYR E 454 -16.85 -9.60 -15.94
CA TYR E 454 -17.62 -8.40 -16.25
C TYR E 454 -18.56 -8.04 -15.11
N LEU E 455 -19.23 -9.03 -14.52
CA LEU E 455 -20.15 -8.76 -13.42
C LEU E 455 -19.41 -8.18 -12.23
N ILE E 456 -18.25 -8.75 -11.89
CA ILE E 456 -17.48 -8.25 -10.75
C ILE E 456 -17.00 -6.83 -11.02
N ALA E 457 -16.51 -6.57 -12.23
CA ALA E 457 -16.02 -5.24 -12.56
C ALA E 457 -17.15 -4.20 -12.50
N LEU E 458 -18.30 -4.53 -13.06
CA LEU E 458 -19.44 -3.61 -13.02
C LEU E 458 -19.91 -3.39 -11.60
N HIS E 459 -19.95 -4.45 -10.79
CA HIS E 459 -20.37 -4.31 -9.40
C HIS E 459 -19.44 -3.39 -8.65
N ASP E 460 -18.12 -3.57 -8.81
CA ASP E 460 -17.17 -2.71 -8.12
C ASP E 460 -17.27 -1.27 -8.59
N GLU E 461 -17.40 -1.06 -9.91
CA GLU E 461 -17.48 0.30 -10.44
C GLU E 461 -18.72 1.02 -9.93
N LEU E 462 -19.87 0.36 -9.98
CA LEU E 462 -21.10 1.02 -9.53
C LEU E 462 -21.14 1.17 -8.01
N ARG E 463 -20.51 0.25 -7.27
CA ARG E 463 -20.35 0.44 -5.84
C ARG E 463 -19.52 1.68 -5.53
N ALA E 464 -18.46 1.89 -6.30
CA ALA E 464 -17.68 3.11 -6.15
C ALA E 464 -18.51 4.34 -6.48
N LEU E 465 -19.35 4.25 -7.52
CA LEU E 465 -20.16 5.37 -7.94
C LEU E 465 -21.43 5.55 -7.12
N HIS E 466 -21.78 4.60 -6.25
CA HIS E 466 -22.98 4.67 -5.44
C HIS E 466 -22.72 5.24 -4.04
N GLN E 467 -21.49 5.73 -3.78
CA GLN E 467 -21.15 6.15 -2.43
C GLN E 467 -21.97 7.35 -1.99
N TYR E 468 -22.20 8.31 -2.87
CA TYR E 468 -22.89 9.53 -2.48
C TYR E 468 -24.35 9.27 -2.11
N GLU E 469 -25.05 8.47 -2.92
CA GLU E 469 -26.46 8.23 -2.69
C GLU E 469 -26.73 7.26 -1.55
N CYS E 470 -25.70 6.62 -1.01
CA CYS E 470 -25.87 5.70 0.12
C CYS E 470 -25.71 6.43 1.44
N SER F 2 -0.54 -38.75 -59.13
CA SER F 2 0.46 -39.78 -58.86
C SER F 2 0.19 -40.47 -57.53
N MET F 3 -0.06 -39.66 -56.50
CA MET F 3 -0.39 -40.21 -55.19
C MET F 3 -1.81 -40.75 -55.18
N HIS F 4 -2.04 -41.75 -54.32
CA HIS F 4 -3.34 -42.41 -54.22
C HIS F 4 -4.02 -42.01 -52.92
N TRP F 5 -5.34 -41.82 -52.99
CA TRP F 5 -6.09 -41.42 -51.80
C TRP F 5 -6.11 -42.53 -50.76
N ASN F 6 -5.89 -43.79 -51.18
CA ASN F 6 -5.85 -44.89 -50.23
C ASN F 6 -4.71 -44.72 -49.24
N ASP F 7 -3.53 -44.34 -49.74
CA ASP F 7 -2.40 -44.12 -48.84
C ASP F 7 -2.51 -42.78 -48.10
N LEU F 8 -3.03 -41.75 -48.78
CA LEU F 8 -3.17 -40.44 -48.14
C LEU F 8 -4.21 -40.44 -47.04
N LEU F 9 -5.18 -41.36 -47.07
CA LEU F 9 -6.21 -41.47 -46.05
C LEU F 9 -6.02 -42.74 -45.22
N ASN F 10 -4.78 -43.08 -44.91
CA ASN F 10 -4.49 -44.27 -44.12
C ASN F 10 -5.01 -44.08 -42.69
N SER F 11 -5.77 -45.05 -42.22
CA SER F 11 -6.36 -45.01 -40.89
C SER F 11 -5.57 -45.83 -39.88
N ASN F 12 -4.42 -46.36 -40.26
CA ASN F 12 -3.59 -47.11 -39.33
C ASN F 12 -2.86 -46.17 -38.38
N ARG F 13 -2.41 -46.73 -37.26
CA ARG F 13 -1.72 -45.97 -36.24
C ARG F 13 -0.31 -46.53 -36.03
N ARG F 14 0.59 -45.66 -35.55
CA ARG F 14 1.98 -46.05 -35.39
C ARG F 14 2.15 -47.10 -34.31
N LYS F 15 1.41 -47.00 -33.22
CA LYS F 15 1.55 -47.94 -32.12
C LYS F 15 1.10 -49.33 -32.55
N PRO F 16 1.94 -50.36 -32.41
CA PRO F 16 1.51 -51.72 -32.76
C PRO F 16 0.37 -52.18 -31.87
N LYS F 17 -0.54 -52.96 -32.45
CA LYS F 17 -1.67 -53.48 -31.70
C LYS F 17 -1.19 -54.55 -30.70
N ASN F 18 -1.87 -54.62 -29.57
CA ASN F 18 -1.52 -55.57 -28.51
C ASN F 18 -1.77 -57.00 -28.95
N LYS F 21 -5.31 -57.08 -25.61
CA LYS F 21 -6.51 -56.29 -25.36
C LYS F 21 -7.77 -57.09 -25.66
N GLU F 22 -8.64 -57.21 -24.67
CA GLU F 22 -9.88 -57.95 -24.81
C GLU F 22 -10.95 -57.09 -25.47
N SER F 23 -12.07 -57.72 -25.82
CA SER F 23 -13.18 -56.99 -26.44
C SER F 23 -13.83 -56.01 -25.48
N SER F 24 -13.75 -56.28 -24.18
CA SER F 24 -14.34 -55.38 -23.20
C SER F 24 -13.60 -54.05 -23.09
N GLN F 25 -12.37 -53.99 -23.59
CA GLN F 25 -11.57 -52.77 -23.55
C GLN F 25 -11.69 -51.97 -24.84
N ASP F 26 -12.54 -52.39 -25.77
CA ASP F 26 -12.70 -51.68 -27.03
C ASP F 26 -13.55 -50.43 -26.81
N THR F 27 -12.93 -49.26 -26.90
CA THR F 27 -13.62 -47.99 -26.75
C THR F 27 -13.94 -47.32 -28.08
N SER F 28 -13.65 -47.99 -29.20
CA SER F 28 -13.91 -47.38 -30.50
C SER F 28 -15.41 -47.19 -30.74
N LYS F 29 -16.20 -48.20 -30.43
CA LYS F 29 -17.65 -48.19 -30.65
C LYS F 29 -17.92 -47.94 -32.13
N GLY F 30 -19.00 -47.23 -32.45
CA GLY F 30 -19.31 -46.93 -33.84
C GLY F 30 -18.61 -45.71 -34.39
N ARG F 31 -17.38 -45.44 -33.95
CA ARG F 31 -16.63 -44.27 -34.39
C ARG F 31 -15.54 -44.68 -35.36
N GLN F 32 -15.37 -43.89 -36.41
CA GLN F 32 -14.25 -44.09 -37.32
C GLN F 32 -12.94 -43.70 -36.64
N GLN F 33 -11.84 -44.23 -37.15
CA GLN F 33 -10.54 -44.01 -36.53
C GLN F 33 -10.17 -42.53 -36.54
N ILE F 34 -10.44 -41.84 -37.64
CA ILE F 34 -10.14 -40.42 -37.72
C ILE F 34 -11.04 -39.63 -36.77
N GLU F 35 -12.30 -40.07 -36.62
CA GLU F 35 -13.17 -39.46 -35.61
C GLU F 35 -12.60 -39.65 -34.22
N ARG F 36 -12.03 -40.83 -33.95
CA ARG F 36 -11.36 -41.05 -32.67
C ARG F 36 -10.16 -40.13 -32.51
N ASP F 37 -9.43 -39.86 -33.60
CA ASP F 37 -8.33 -38.91 -33.52
C ASP F 37 -8.83 -37.51 -33.17
N TYR F 38 -9.94 -37.10 -33.78
CA TYR F 38 -10.51 -35.79 -33.46
C TYR F 38 -10.92 -35.73 -31.99
N ASP F 39 -11.54 -36.81 -31.49
CA ASP F 39 -11.94 -36.84 -30.09
C ASP F 39 -10.73 -36.79 -29.17
N ARG F 40 -9.65 -37.49 -29.55
CA ARG F 40 -8.42 -37.43 -28.76
C ARG F 40 -7.87 -36.03 -28.71
N ILE F 41 -7.86 -35.33 -29.85
CA ILE F 41 -7.34 -33.97 -29.88
C ILE F 41 -8.20 -33.04 -29.04
N LEU F 42 -9.53 -33.19 -29.13
CA LEU F 42 -10.42 -32.29 -28.40
C LEU F 42 -10.28 -32.46 -26.89
N PHE F 43 -10.15 -33.70 -26.43
CA PHE F 43 -10.09 -33.98 -24.99
C PHE F 43 -8.69 -33.87 -24.42
N ALA F 44 -7.69 -33.53 -25.23
CA ALA F 44 -6.33 -33.40 -24.74
C ALA F 44 -6.20 -32.17 -23.85
N ALA F 45 -5.34 -32.27 -22.84
CA ALA F 45 -5.11 -31.14 -21.94
C ALA F 45 -4.59 -29.90 -22.65
N PRO F 46 -3.64 -29.98 -23.60
CA PRO F 46 -3.23 -28.74 -24.30
C PRO F 46 -4.38 -28.03 -25.01
N THR F 47 -5.37 -28.78 -25.49
CA THR F 47 -6.53 -28.16 -26.12
C THR F 47 -7.26 -27.25 -25.14
N ARG F 48 -7.44 -27.72 -23.90
CA ARG F 48 -8.05 -26.89 -22.87
C ARG F 48 -7.13 -25.74 -22.47
N ARG F 49 -5.82 -25.99 -22.42
CA ARG F 49 -4.88 -24.93 -22.04
C ARG F 49 -4.80 -23.83 -23.10
N LEU F 50 -5.19 -24.14 -24.34
CA LEU F 50 -5.18 -23.12 -25.39
C LEU F 50 -6.09 -21.95 -25.08
N ALA F 51 -7.08 -22.12 -24.20
CA ALA F 51 -7.98 -21.03 -23.87
C ALA F 51 -7.27 -19.90 -23.12
N ASP F 52 -6.17 -20.21 -22.44
CA ASP F 52 -5.42 -19.20 -21.69
C ASP F 52 -4.34 -18.51 -22.52
N LYS F 53 -4.17 -18.89 -23.78
CA LYS F 53 -3.17 -18.27 -24.63
C LYS F 53 -3.82 -17.26 -25.56
N THR F 54 -3.26 -16.05 -25.60
CA THR F 54 -3.75 -14.98 -26.44
C THR F 54 -3.37 -15.25 -27.89
N GLN F 55 -4.26 -14.84 -28.80
CA GLN F 55 -4.00 -14.99 -30.24
C GLN F 55 -3.26 -13.77 -30.76
N VAL F 56 -3.90 -12.60 -30.68
CA VAL F 56 -3.24 -11.33 -31.03
C VAL F 56 -3.44 -10.35 -29.89
N PHE F 57 -4.67 -10.24 -29.39
CA PHE F 57 -5.09 -9.25 -28.42
C PHE F 57 -5.23 -9.87 -27.04
N PRO F 58 -5.14 -9.06 -25.98
CA PRO F 58 -5.30 -9.60 -24.62
C PRO F 58 -6.68 -10.22 -24.42
N LEU F 59 -6.72 -11.31 -23.65
CA LEU F 59 -7.96 -11.99 -23.36
C LEU F 59 -8.58 -11.59 -22.03
N ASP F 60 -7.86 -10.81 -21.21
CA ASP F 60 -8.40 -10.42 -19.90
C ASP F 60 -9.60 -9.51 -20.06
N LYS F 61 -9.58 -8.60 -21.03
CA LYS F 61 -10.74 -7.76 -21.30
C LYS F 61 -11.91 -8.59 -21.82
N ASN F 62 -13.11 -8.18 -21.44
CA ASN F 62 -14.33 -8.88 -21.86
C ASN F 62 -14.90 -8.24 -23.13
N ASP F 63 -14.05 -8.19 -24.16
CA ASP F 63 -14.44 -7.64 -25.45
C ASP F 63 -14.71 -8.73 -26.48
N SER F 64 -14.91 -9.97 -26.04
CA SER F 64 -15.21 -11.10 -26.92
C SER F 64 -14.13 -11.32 -27.96
N VAL F 65 -12.87 -11.10 -27.56
CA VAL F 65 -11.74 -11.34 -28.46
C VAL F 65 -11.54 -12.85 -28.60
N ARG F 66 -10.82 -13.25 -29.64
CA ARG F 66 -10.61 -14.66 -29.94
C ARG F 66 -9.24 -15.10 -29.45
N THR F 67 -9.23 -16.14 -28.62
CA THR F 67 -7.99 -16.73 -28.13
C THR F 67 -7.55 -17.85 -29.07
N ARG F 68 -6.56 -18.63 -28.63
CA ARG F 68 -6.10 -19.75 -29.43
C ARG F 68 -7.18 -20.82 -29.58
N LEU F 69 -7.93 -21.08 -28.51
CA LEU F 69 -8.96 -22.11 -28.57
C LEU F 69 -10.09 -21.74 -29.52
N THR F 70 -10.57 -20.48 -29.43
CA THR F 70 -11.65 -20.05 -30.29
C THR F 70 -11.22 -20.04 -31.76
N HIS F 71 -10.00 -19.56 -32.03
CA HIS F 71 -9.49 -19.55 -33.39
C HIS F 71 -9.34 -20.98 -33.91
N SER F 72 -8.85 -21.88 -33.07
CA SER F 72 -8.71 -23.28 -33.49
C SER F 72 -10.06 -23.90 -33.81
N HIS F 73 -11.07 -23.63 -32.98
CA HIS F 73 -12.39 -24.17 -33.23
C HIS F 73 -12.99 -23.60 -34.51
N GLU F 74 -12.79 -22.31 -34.78
CA GLU F 74 -13.29 -21.71 -36.01
C GLU F 74 -12.61 -22.31 -37.24
N VAL F 75 -11.29 -22.49 -37.16
CA VAL F 75 -10.56 -23.13 -38.27
C VAL F 75 -11.05 -24.55 -38.48
N ALA F 76 -11.29 -25.28 -37.39
CA ALA F 76 -11.79 -26.65 -37.49
C ALA F 76 -13.16 -26.67 -38.14
N ASN F 77 -14.02 -25.71 -37.78
CA ASN F 77 -15.36 -25.66 -38.38
C ASN F 77 -15.28 -25.37 -39.88
N LEU F 78 -14.43 -24.43 -40.27
CA LEU F 78 -14.27 -24.13 -41.69
C LEU F 78 -13.73 -25.34 -42.46
N SER F 79 -12.74 -26.02 -41.87
CA SER F 79 -12.18 -27.21 -42.52
C SER F 79 -13.22 -28.31 -42.64
N ARG F 80 -14.04 -28.48 -41.60
CA ARG F 80 -15.11 -29.48 -41.64
C ARG F 80 -16.13 -29.14 -42.72
N GLY F 81 -16.48 -27.86 -42.86
CA GLY F 81 -17.40 -27.48 -43.92
C GLY F 81 -16.85 -27.77 -45.29
N ILE F 82 -15.57 -27.44 -45.51
CA ILE F 82 -14.93 -27.74 -46.79
C ILE F 82 -14.90 -29.25 -47.02
N GLY F 83 -14.63 -30.03 -45.97
CA GLY F 83 -14.59 -31.47 -46.12
C GLY F 83 -15.94 -32.06 -46.47
N MET F 84 -17.01 -31.56 -45.84
CA MET F 84 -18.35 -32.03 -46.19
C MET F 84 -18.70 -31.66 -47.62
N ARG F 85 -18.32 -30.45 -48.06
CA ARG F 85 -18.54 -30.08 -49.45
C ARG F 85 -17.81 -31.02 -50.40
N LEU F 86 -16.56 -31.36 -50.07
CA LEU F 86 -15.77 -32.23 -50.93
C LEU F 86 -16.33 -33.65 -50.96
N ALA F 87 -16.77 -34.17 -49.81
CA ALA F 87 -17.18 -35.56 -49.72
C ALA F 87 -18.63 -35.81 -50.10
N PHE F 88 -19.48 -34.77 -50.11
CA PHE F 88 -20.88 -34.95 -50.43
C PHE F 88 -21.27 -34.42 -51.79
N GLU F 89 -20.55 -33.46 -52.34
CA GLU F 89 -20.86 -32.87 -53.63
C GLU F 89 -19.78 -33.09 -54.68
N LEU F 90 -18.53 -32.77 -54.35
CA LEU F 90 -17.42 -32.88 -55.28
C LEU F 90 -16.66 -34.20 -55.13
N GLU F 91 -17.34 -35.27 -54.72
CA GLU F 91 -16.67 -36.55 -54.54
C GLU F 91 -16.12 -37.08 -55.85
N ASP F 92 -16.90 -37.00 -56.92
CA ASP F 92 -16.44 -37.54 -58.21
C ASP F 92 -15.27 -36.74 -58.76
N ASP F 93 -15.31 -35.42 -58.62
CA ASP F 93 -14.26 -34.58 -59.18
C ASP F 93 -12.96 -34.71 -58.41
N VAL F 94 -13.04 -34.86 -57.08
CA VAL F 94 -11.85 -34.84 -56.25
C VAL F 94 -11.37 -36.26 -55.99
N PHE F 95 -12.20 -37.08 -55.35
CA PHE F 95 -11.80 -38.42 -54.92
C PHE F 95 -12.09 -39.41 -56.04
N LYS F 96 -11.03 -39.93 -56.63
CA LYS F 96 -11.13 -40.93 -57.69
C LYS F 96 -10.30 -42.15 -57.33
N ASP F 97 -10.77 -43.32 -57.76
CA ASP F 97 -10.11 -44.60 -57.50
C ASP F 97 -9.92 -44.85 -56.00
N VAL F 98 -10.89 -44.42 -55.20
CA VAL F 98 -10.84 -44.64 -53.76
C VAL F 98 -11.52 -45.96 -53.42
N SER F 99 -10.86 -46.77 -52.60
CA SER F 99 -11.41 -48.06 -52.22
C SER F 99 -12.68 -47.88 -51.40
N GLU F 100 -13.59 -48.84 -51.54
CA GLU F 100 -14.87 -48.78 -50.84
C GLU F 100 -14.72 -48.97 -49.34
N ASP F 101 -13.56 -49.43 -48.87
CA ASP F 101 -13.35 -49.60 -47.44
C ASP F 101 -13.17 -48.28 -46.71
N ILE F 102 -13.02 -47.18 -47.45
CA ILE F 102 -12.84 -45.86 -46.87
C ILE F 102 -14.15 -45.09 -47.00
N CYS F 103 -14.72 -44.70 -45.87
CA CYS F 103 -15.95 -43.91 -45.85
C CYS F 103 -15.55 -42.44 -45.88
N LEU F 104 -15.58 -41.85 -47.08
CA LEU F 104 -15.16 -40.46 -47.24
C LEU F 104 -16.04 -39.52 -46.43
N LYS F 105 -17.36 -39.75 -46.44
CA LYS F 105 -18.30 -38.88 -45.77
C LYS F 105 -18.07 -38.80 -44.27
N ARG F 106 -17.43 -39.81 -43.67
CA ARG F 106 -17.12 -39.80 -42.26
C ARG F 106 -15.65 -39.50 -41.96
N ASP F 107 -14.76 -39.68 -42.93
CA ASP F 107 -13.34 -39.49 -42.69
C ASP F 107 -12.85 -38.12 -43.10
N VAL F 108 -13.22 -37.65 -44.30
CA VAL F 108 -12.68 -36.38 -44.80
C VAL F 108 -13.08 -35.20 -43.91
N PRO F 109 -14.37 -34.99 -43.59
CA PRO F 109 -14.68 -33.88 -42.67
C PRO F 109 -14.03 -34.03 -41.31
N ALA F 110 -14.01 -35.25 -40.77
CA ALA F 110 -13.36 -35.47 -39.48
C ALA F 110 -11.87 -35.18 -39.55
N LEU F 111 -11.22 -35.61 -40.64
CA LEU F 111 -9.79 -35.38 -40.79
C LEU F 111 -9.49 -33.88 -40.87
N LEU F 112 -10.26 -33.15 -41.68
CA LEU F 112 -10.02 -31.73 -41.81
C LEU F 112 -10.27 -31.00 -40.50
N ALA F 113 -11.34 -31.37 -39.78
CA ALA F 113 -11.61 -30.74 -38.50
C ALA F 113 -10.51 -31.04 -37.49
N ALA F 114 -10.01 -32.29 -37.48
CA ALA F 114 -8.97 -32.66 -36.53
C ALA F 114 -7.68 -31.90 -36.81
N ILE F 115 -7.31 -31.76 -38.08
CA ILE F 115 -6.07 -31.05 -38.36
C ILE F 115 -6.24 -29.56 -38.18
N GLY F 116 -7.46 -29.04 -38.34
CA GLY F 116 -7.70 -27.64 -38.04
C GLY F 116 -7.63 -27.34 -36.55
N LEU F 117 -8.15 -28.24 -35.72
CA LEU F 117 -8.17 -28.00 -34.29
C LEU F 117 -6.79 -28.08 -33.68
N VAL F 118 -5.90 -28.89 -34.26
CA VAL F 118 -4.59 -29.15 -33.67
C VAL F 118 -3.49 -28.29 -34.30
N HIS F 119 -3.84 -27.40 -35.23
CA HIS F 119 -2.81 -26.69 -36.00
C HIS F 119 -2.02 -25.72 -35.13
N ASP F 120 -2.65 -25.17 -34.08
CA ASP F 120 -1.99 -24.22 -33.19
C ASP F 120 -1.99 -24.71 -31.75
N MET F 121 -1.78 -26.01 -31.56
CA MET F 121 -1.86 -26.58 -30.22
C MET F 121 -0.53 -26.58 -29.49
N GLY F 122 0.58 -26.64 -30.23
CA GLY F 122 1.90 -26.61 -29.63
C GLY F 122 2.64 -25.30 -29.76
N ASN F 123 1.95 -24.23 -30.14
CA ASN F 123 2.61 -22.95 -30.35
C ASN F 123 3.04 -22.35 -29.01
N PRO F 124 4.13 -21.60 -28.98
CA PRO F 124 4.57 -20.95 -27.74
C PRO F 124 3.59 -19.87 -27.31
N PRO F 125 3.59 -19.49 -26.03
CA PRO F 125 2.65 -18.48 -25.57
C PRO F 125 2.96 -17.07 -26.08
N PHE F 126 2.14 -16.10 -25.69
CA PHE F 126 2.33 -14.70 -26.06
C PHE F 126 2.29 -14.48 -27.57
N GLY F 127 1.55 -15.35 -28.27
CA GLY F 127 1.36 -15.18 -29.69
C GLY F 127 2.63 -15.43 -30.49
N HIS F 128 2.58 -15.00 -31.76
CA HIS F 128 3.71 -15.19 -32.67
C HIS F 128 4.99 -14.56 -32.14
N GLN F 129 4.88 -13.38 -31.53
CA GLN F 129 6.05 -12.74 -30.93
C GLN F 129 6.81 -13.70 -30.02
N GLY F 130 6.07 -14.52 -29.26
CA GLY F 130 6.73 -15.50 -28.41
C GLY F 130 7.78 -16.30 -29.15
N GLU F 131 7.39 -16.86 -30.30
CA GLU F 131 8.34 -17.61 -31.12
C GLU F 131 9.60 -16.78 -31.36
N LYS F 132 9.42 -15.56 -31.87
CA LYS F 132 10.55 -14.68 -32.12
C LYS F 132 11.42 -14.57 -30.88
N ALA F 133 10.81 -14.28 -29.73
CA ALA F 133 11.57 -14.16 -28.49
C ALA F 133 12.40 -15.41 -28.28
N MET F 134 11.76 -16.58 -28.33
CA MET F 134 12.49 -17.82 -28.15
C MET F 134 13.68 -17.88 -29.10
N SER F 135 13.42 -17.66 -30.40
CA SER F 135 14.50 -17.68 -31.37
C SER F 135 15.62 -16.75 -30.95
N GLU F 136 15.27 -15.50 -30.63
CA GLU F 136 16.29 -14.54 -30.24
C GLU F 136 17.09 -15.07 -29.07
N TRP F 137 16.41 -15.58 -28.04
CA TRP F 137 17.13 -16.11 -26.89
C TRP F 137 18.10 -17.20 -27.33
N PHE F 138 17.62 -18.15 -28.14
CA PHE F 138 18.51 -19.21 -28.60
C PHE F 138 19.64 -18.64 -29.43
N THR F 139 19.34 -17.65 -30.28
CA THR F 139 20.36 -17.05 -31.12
C THR F 139 21.45 -16.40 -30.27
N LYS F 140 21.10 -16.01 -29.03
CA LYS F 140 22.10 -15.42 -28.16
C LYS F 140 22.78 -16.48 -27.30
N ASN F 141 22.07 -17.56 -26.97
CA ASN F 141 22.57 -18.55 -26.03
C ASN F 141 23.06 -19.82 -26.69
N LEU F 142 22.85 -19.98 -28.00
CA LEU F 142 23.43 -21.07 -28.77
C LEU F 142 24.17 -20.46 -29.95
N PRO F 143 25.33 -19.85 -29.69
CA PRO F 143 26.04 -19.13 -30.76
C PRO F 143 26.45 -20.07 -31.89
N GLU F 144 26.33 -19.57 -33.11
CA GLU F 144 26.65 -20.37 -34.28
C GLU F 144 28.15 -20.57 -34.42
N HIS F 145 28.93 -19.56 -34.02
CA HIS F 145 30.39 -19.66 -34.14
C HIS F 145 30.98 -20.67 -33.16
N SER F 146 30.28 -20.93 -32.05
CA SER F 146 30.78 -21.88 -31.07
C SER F 146 30.77 -23.30 -31.63
N ASP F 147 31.76 -24.09 -31.23
CA ASP F 147 31.87 -25.45 -31.72
C ASP F 147 30.73 -26.32 -31.20
N ASN F 148 30.25 -26.04 -29.98
CA ASN F 148 29.16 -26.83 -29.42
C ASN F 148 27.88 -26.67 -30.22
N TYR F 149 27.59 -25.47 -30.70
CA TYR F 149 26.36 -25.18 -31.40
C TYR F 149 26.64 -24.73 -32.83
N LYS F 150 27.56 -25.40 -33.51
CA LYS F 150 27.92 -25.06 -34.88
C LYS F 150 27.09 -25.80 -35.91
N ASP F 151 26.59 -26.99 -35.58
CA ASP F 151 25.84 -27.80 -36.53
C ASP F 151 24.51 -27.13 -36.86
N LYS F 152 23.99 -27.46 -38.05
CA LYS F 152 22.73 -26.88 -38.51
C LYS F 152 21.53 -27.38 -37.74
N ILE F 153 21.66 -28.50 -37.02
CA ILE F 153 20.53 -29.04 -36.26
C ILE F 153 20.06 -28.04 -35.21
N TYR F 154 20.99 -27.31 -34.59
CA TYR F 154 20.62 -26.31 -33.60
C TYR F 154 19.82 -25.17 -34.21
N GLY F 155 19.80 -25.05 -35.54
CA GLY F 155 18.90 -24.11 -36.18
C GLY F 155 17.45 -24.36 -35.80
N ASP F 156 17.10 -25.63 -35.54
CA ASP F 156 15.77 -25.98 -35.04
C ASP F 156 15.35 -25.10 -33.88
N PHE F 157 16.32 -24.62 -33.11
CA PHE F 157 16.07 -23.73 -31.99
C PHE F 157 16.36 -22.27 -32.32
N ARG F 158 17.29 -22.00 -33.23
CA ARG F 158 17.55 -20.63 -33.63
C ARG F 158 16.46 -20.08 -34.55
N HIS F 159 15.70 -20.96 -35.19
CA HIS F 159 14.56 -20.60 -36.03
C HIS F 159 13.34 -21.38 -35.57
N PHE F 160 13.09 -21.34 -34.26
CA PHE F 160 12.04 -22.14 -33.64
C PHE F 160 10.68 -21.86 -34.29
N ASP F 161 9.96 -22.93 -34.58
CA ASP F 161 8.66 -22.85 -35.22
C ASP F 161 7.63 -23.63 -34.41
N GLY F 162 6.40 -23.14 -34.40
CA GLY F 162 5.37 -23.79 -33.60
C GLY F 162 4.87 -25.09 -34.21
N ASN F 163 5.01 -25.24 -35.53
CA ASN F 163 4.52 -26.46 -36.18
C ASN F 163 5.34 -27.68 -35.77
N SER F 164 6.66 -27.54 -35.72
CA SER F 164 7.51 -28.64 -35.29
C SER F 164 7.23 -29.03 -33.84
N GLN F 165 7.04 -28.02 -32.98
CA GLN F 165 6.71 -28.31 -31.59
C GLN F 165 5.35 -28.97 -31.47
N THR F 166 4.38 -28.59 -32.32
CA THR F 166 3.07 -29.23 -32.29
C THR F 166 3.19 -30.70 -32.70
N LEU F 167 3.96 -30.98 -33.73
CA LEU F 167 4.17 -32.37 -34.15
C LEU F 167 4.86 -33.17 -33.04
N ARG F 168 5.86 -32.58 -32.41
CA ARG F 168 6.53 -33.24 -31.29
C ARG F 168 5.57 -33.51 -30.15
N LEU F 169 4.67 -32.57 -29.88
CA LEU F 169 3.76 -32.70 -28.74
C LEU F 169 2.68 -33.74 -29.00
N VAL F 170 2.27 -33.90 -30.26
CA VAL F 170 1.25 -34.90 -30.59
C VAL F 170 1.86 -36.25 -30.92
N THR F 171 3.18 -36.35 -31.06
CA THR F 171 3.80 -37.63 -31.40
C THR F 171 4.68 -38.19 -30.29
N LYS F 172 5.45 -37.35 -29.60
CA LYS F 172 6.39 -37.85 -28.61
C LYS F 172 6.21 -37.23 -27.23
N LEU F 173 5.75 -35.98 -27.17
CA LEU F 173 5.70 -35.22 -25.92
C LEU F 173 4.38 -35.47 -25.19
N GLN F 174 4.31 -36.61 -24.53
CA GLN F 174 3.18 -36.95 -23.67
C GLN F 174 3.71 -37.45 -22.33
N ILE F 175 2.79 -37.76 -21.43
CA ILE F 175 3.19 -38.23 -20.09
C ILE F 175 3.90 -39.57 -20.19
N LEU F 176 3.36 -40.49 -20.99
CA LEU F 176 3.98 -41.78 -21.21
C LEU F 176 5.00 -41.65 -22.34
N ASN F 177 6.24 -42.06 -22.07
CA ASN F 177 7.30 -42.00 -23.07
C ASN F 177 7.31 -43.29 -23.89
N ASP F 178 6.26 -43.45 -24.69
CA ASP F 178 6.14 -44.58 -25.61
C ASP F 178 6.47 -44.22 -27.04
N THR F 179 6.95 -43.00 -27.29
CA THR F 179 7.25 -42.48 -28.62
C THR F 179 6.05 -42.53 -29.56
N TYR F 180 4.83 -42.56 -29.00
CA TYR F 180 3.61 -42.60 -29.80
C TYR F 180 2.62 -41.49 -29.47
N GLY F 181 2.69 -40.92 -28.27
CA GLY F 181 1.83 -39.78 -27.93
C GLY F 181 0.37 -40.14 -28.00
N LEU F 182 -0.41 -39.30 -28.67
CA LEU F 182 -1.84 -39.51 -28.84
C LEU F 182 -2.15 -40.67 -29.78
N ASN F 183 -1.15 -41.17 -30.50
CA ASN F 183 -1.32 -42.29 -31.43
C ASN F 183 -2.40 -41.99 -32.47
N LEU F 184 -2.20 -40.88 -33.17
CA LEU F 184 -3.11 -40.49 -34.24
C LEU F 184 -2.87 -41.35 -35.47
N THR F 185 -3.84 -41.33 -36.38
CA THR F 185 -3.73 -42.08 -37.61
C THR F 185 -2.65 -41.48 -38.52
N TYR F 186 -2.20 -42.28 -39.49
CA TYR F 186 -1.15 -41.82 -40.39
C TYR F 186 -1.61 -40.65 -41.23
N ALA F 187 -2.87 -40.65 -41.65
CA ALA F 187 -3.38 -39.54 -42.45
C ALA F 187 -3.35 -38.24 -41.65
N THR F 188 -3.77 -38.29 -40.39
CA THR F 188 -3.76 -37.09 -39.56
C THR F 188 -2.34 -36.58 -39.36
N LEU F 189 -1.40 -37.47 -39.04
CA LEU F 189 -0.02 -37.06 -38.82
C LEU F 189 0.58 -36.47 -40.09
N ALA F 190 0.29 -37.09 -41.24
CA ALA F 190 0.78 -36.55 -42.50
C ALA F 190 0.21 -35.16 -42.77
N SER F 191 -1.06 -34.96 -42.46
CA SER F 191 -1.67 -33.65 -42.67
C SER F 191 -1.16 -32.61 -41.70
N MET F 192 -0.69 -33.02 -40.52
CA MET F 192 -0.14 -32.07 -39.56
C MET F 192 1.13 -31.41 -40.08
N ILE F 193 1.94 -32.15 -40.84
CA ILE F 193 3.21 -31.61 -41.33
C ILE F 193 2.92 -30.53 -42.36
N LYS F 194 3.13 -29.28 -41.98
CA LYS F 194 2.87 -28.15 -42.86
C LYS F 194 4.01 -27.99 -43.87
N TYR F 195 5.22 -27.79 -43.37
CA TYR F 195 6.39 -27.73 -44.21
C TYR F 195 7.11 -29.07 -44.19
N PRO F 196 7.13 -29.80 -45.31
CA PRO F 196 7.76 -31.14 -45.31
C PRO F 196 9.28 -31.07 -45.50
N ARG F 197 9.95 -30.40 -44.57
CA ARG F 197 11.41 -30.29 -44.62
C ARG F 197 11.93 -29.96 -43.23
N SER F 198 13.21 -30.21 -43.03
CA SER F 198 13.89 -29.90 -41.79
C SER F 198 14.93 -28.80 -42.00
N SER F 199 15.49 -28.32 -40.90
CA SER F 199 16.49 -27.26 -40.99
C SER F 199 17.77 -27.76 -41.63
N GLU F 200 18.06 -29.06 -41.51
CA GLU F 200 19.23 -29.62 -42.16
C GLU F 200 19.15 -29.47 -43.67
N SER F 201 17.98 -29.76 -44.25
CA SER F 201 17.80 -29.62 -45.69
C SER F 201 17.55 -28.17 -46.07
N ASP F 202 18.00 -27.80 -47.27
CA ASP F 202 17.81 -26.46 -47.80
C ASP F 202 16.84 -26.53 -48.97
N SER F 203 15.73 -25.79 -48.85
CA SER F 203 14.71 -25.77 -49.89
C SER F 203 14.22 -24.34 -50.09
N SER F 204 13.81 -24.04 -51.32
CA SER F 204 13.27 -22.74 -51.64
C SER F 204 11.75 -22.70 -51.63
N LEU F 205 11.09 -23.84 -51.86
CA LEU F 205 9.63 -23.87 -51.83
C LEU F 205 9.10 -23.58 -50.42
N TRP F 206 9.74 -24.14 -49.41
CA TRP F 206 9.32 -23.97 -48.02
C TRP F 206 10.41 -23.21 -47.27
N LYS F 207 10.02 -22.12 -46.62
CA LYS F 207 10.97 -21.31 -45.88
C LYS F 207 11.30 -21.92 -44.52
N LYS F 208 10.27 -22.23 -43.75
CA LYS F 208 10.45 -22.77 -42.41
C LYS F 208 10.54 -24.29 -42.44
N HIS F 209 11.09 -24.85 -41.36
CA HIS F 209 11.14 -26.29 -41.18
C HIS F 209 9.89 -26.78 -40.46
N GLY F 210 9.52 -28.01 -40.74
CA GLY F 210 8.27 -28.54 -40.22
C GLY F 210 8.40 -29.54 -39.10
N PHE F 211 9.62 -30.03 -38.84
CA PHE F 211 9.81 -31.00 -37.77
C PHE F 211 11.23 -30.87 -37.24
N PHE F 212 11.41 -31.29 -36.00
CA PHE F 212 12.71 -31.28 -35.35
C PHE F 212 13.52 -32.51 -35.76
N LEU F 213 14.79 -32.51 -35.37
CA LEU F 213 15.64 -33.66 -35.63
C LEU F 213 15.17 -34.89 -34.88
N SER F 214 14.73 -34.72 -33.62
CA SER F 214 14.32 -35.85 -32.80
C SER F 214 13.14 -36.61 -33.41
N GLU F 215 12.27 -35.92 -34.13
CA GLU F 215 11.13 -36.54 -34.76
C GLU F 215 11.39 -36.98 -36.19
N LYS F 216 12.62 -36.80 -36.68
CA LYS F 216 12.92 -37.08 -38.08
C LYS F 216 12.50 -38.50 -38.46
N ASP F 217 12.96 -39.50 -37.69
CA ASP F 217 12.60 -40.88 -37.98
C ASP F 217 11.10 -41.06 -38.01
N VAL F 218 10.39 -40.47 -37.04
CA VAL F 218 8.93 -40.57 -37.01
C VAL F 218 8.35 -40.04 -38.31
N VAL F 219 8.83 -38.87 -38.74
CA VAL F 219 8.32 -38.29 -39.99
C VAL F 219 8.58 -39.24 -41.14
N GLN F 220 9.77 -39.84 -41.19
CA GLN F 220 10.07 -40.79 -42.24
C GLN F 220 9.06 -41.93 -42.24
N ASP F 221 8.75 -42.45 -41.05
CA ASP F 221 7.76 -43.52 -40.96
C ASP F 221 6.43 -43.07 -41.52
N ILE F 222 6.02 -41.84 -41.16
CA ILE F 222 4.75 -41.32 -41.68
C ILE F 222 4.77 -41.32 -43.20
N TRP F 223 5.88 -40.85 -43.79
CA TRP F 223 5.97 -40.82 -45.23
C TRP F 223 5.88 -42.23 -45.81
N ASN F 224 6.57 -43.18 -45.18
CA ASN F 224 6.56 -44.55 -45.67
C ASN F 224 5.16 -45.16 -45.60
N ASN F 225 4.33 -44.66 -44.69
CA ASN F 225 2.98 -45.18 -44.56
C ASN F 225 1.95 -44.31 -45.26
N THR F 226 2.37 -43.23 -45.92
CA THR F 226 1.44 -42.32 -46.57
C THR F 226 1.74 -42.15 -48.06
N GLY F 227 2.95 -42.48 -48.49
CA GLY F 227 3.34 -42.28 -49.87
C GLY F 227 3.91 -40.91 -50.19
N LEU F 228 4.00 -40.03 -49.19
CA LEU F 228 4.61 -38.73 -49.38
C LEU F 228 6.12 -38.85 -49.30
N SER F 229 6.82 -37.72 -49.42
CA SER F 229 8.26 -37.69 -49.35
C SER F 229 8.69 -36.29 -48.92
N GLU F 230 10.00 -36.09 -48.78
CA GLU F 230 10.52 -34.78 -48.42
C GLU F 230 10.18 -33.75 -49.49
N GLY F 231 9.68 -32.61 -49.06
CA GLY F 231 9.28 -31.56 -49.98
C GLY F 231 7.91 -31.70 -50.57
N VAL F 232 7.18 -32.78 -50.27
CA VAL F 232 5.84 -33.00 -50.79
C VAL F 232 4.86 -32.85 -49.64
N ARG F 233 3.85 -32.00 -49.83
CA ARG F 233 2.89 -31.67 -48.79
C ARG F 233 1.58 -32.40 -49.02
N HIS F 234 0.96 -32.86 -47.94
CA HIS F 234 -0.31 -33.56 -48.04
C HIS F 234 -1.37 -32.63 -48.61
N PRO F 235 -2.26 -33.12 -49.48
CA PRO F 235 -3.25 -32.23 -50.10
C PRO F 235 -4.15 -31.51 -49.11
N PHE F 236 -4.53 -32.16 -48.01
CA PHE F 236 -5.40 -31.52 -47.03
C PHE F 236 -4.68 -30.45 -46.22
N THR F 237 -3.35 -30.47 -46.19
CA THR F 237 -2.61 -29.41 -45.52
C THR F 237 -2.83 -28.07 -46.21
N TYR F 238 -2.97 -28.08 -47.55
CA TYR F 238 -3.30 -26.85 -48.26
C TYR F 238 -4.64 -26.30 -47.82
N ILE F 239 -5.64 -27.16 -47.67
CA ILE F 239 -6.96 -26.71 -47.22
C ILE F 239 -6.89 -26.18 -45.80
N MET F 240 -6.15 -26.86 -44.92
CA MET F 240 -6.00 -26.40 -43.55
C MET F 240 -5.33 -25.03 -43.50
N GLU F 241 -4.27 -24.84 -44.29
CA GLU F 241 -3.58 -23.55 -44.32
C GLU F 241 -4.46 -22.46 -44.88
N ALA F 242 -5.24 -22.77 -45.92
CA ALA F 242 -6.17 -21.79 -46.47
C ALA F 242 -7.21 -21.38 -45.45
N CYS F 243 -7.77 -22.35 -44.72
CA CYS F 243 -8.74 -22.03 -43.68
C CYS F 243 -8.11 -21.19 -42.58
N ASP F 244 -6.87 -21.52 -42.18
CA ASP F 244 -6.18 -20.73 -41.17
C ASP F 244 -5.97 -19.29 -41.64
N ASP F 245 -5.57 -19.11 -42.90
CA ASP F 245 -5.35 -17.78 -43.43
C ASP F 245 -6.66 -16.99 -43.50
N ILE F 246 -7.75 -17.64 -43.93
CA ILE F 246 -9.04 -16.97 -44.00
C ILE F 246 -9.49 -16.54 -42.60
N ALA F 247 -9.37 -17.44 -41.63
CA ALA F 247 -9.75 -17.10 -40.25
C ALA F 247 -8.91 -15.94 -39.73
N TYR F 248 -7.59 -16.01 -39.94
CA TYR F 248 -6.73 -14.89 -39.58
C TYR F 248 -7.24 -13.59 -40.17
N SER F 249 -7.30 -13.51 -41.49
CA SER F 249 -7.59 -12.25 -42.18
C SER F 249 -8.96 -11.69 -41.81
N VAL F 250 -9.97 -12.53 -41.63
CA VAL F 250 -11.32 -12.04 -41.37
C VAL F 250 -11.55 -11.78 -39.88
N LEU F 251 -11.29 -12.77 -39.02
CA LEU F 251 -11.61 -12.61 -37.62
C LEU F 251 -10.67 -11.64 -36.91
N ASP F 252 -9.42 -11.50 -37.35
CA ASP F 252 -8.57 -10.47 -36.77
C ASP F 252 -9.09 -9.08 -37.10
N ALA F 253 -9.57 -8.86 -38.32
CA ALA F 253 -10.18 -7.59 -38.66
C ALA F 253 -11.44 -7.34 -37.83
N GLU F 254 -12.24 -8.39 -37.63
CA GLU F 254 -13.42 -8.25 -36.79
C GLU F 254 -13.05 -7.87 -35.36
N ASP F 255 -12.00 -8.49 -34.82
CA ASP F 255 -11.54 -8.15 -33.47
C ASP F 255 -10.99 -6.73 -33.42
N ILE F 256 -10.33 -6.29 -34.49
CA ILE F 256 -9.82 -4.92 -34.54
C ILE F 256 -10.98 -3.93 -34.48
N ILE F 257 -12.03 -4.18 -35.26
CA ILE F 257 -13.18 -3.29 -35.24
C ILE F 257 -13.86 -3.32 -33.87
N LYS F 258 -13.99 -4.52 -33.29
CA LYS F 258 -14.64 -4.63 -31.98
C LYS F 258 -13.86 -3.89 -30.90
N LYS F 259 -12.53 -3.98 -30.94
CA LYS F 259 -11.70 -3.34 -29.92
C LYS F 259 -11.65 -1.82 -30.06
N GLY F 260 -12.17 -1.27 -31.16
CA GLY F 260 -12.19 0.16 -31.36
C GLY F 260 -10.99 0.74 -32.05
N PHE F 261 -10.05 -0.08 -32.50
CA PHE F 261 -8.88 0.43 -33.23
C PHE F 261 -9.24 0.94 -34.61
N ALA F 262 -10.42 0.59 -35.14
CA ALA F 262 -10.88 1.07 -36.43
C ALA F 262 -12.39 0.93 -36.46
N SER F 263 -12.99 1.28 -37.59
CA SER F 263 -14.43 1.21 -37.77
C SER F 263 -14.75 0.47 -39.06
N PHE F 264 -16.04 0.14 -39.22
CA PHE F 264 -16.47 -0.56 -40.42
C PHE F 264 -16.25 0.28 -41.66
N HIS F 265 -16.52 1.59 -41.58
CA HIS F 265 -16.30 2.47 -42.72
C HIS F 265 -14.83 2.57 -43.07
N ASP F 266 -13.94 2.54 -42.06
CA ASP F 266 -12.51 2.54 -42.34
C ASP F 266 -12.10 1.31 -43.14
N LEU F 267 -12.62 0.14 -42.75
CA LEU F 267 -12.30 -1.08 -43.50
C LEU F 267 -12.88 -1.04 -44.90
N ILE F 268 -14.10 -0.51 -45.06
CA ILE F 268 -14.69 -0.41 -46.38
C ILE F 268 -13.86 0.50 -47.27
N ASP F 269 -13.42 1.64 -46.74
CA ASP F 269 -12.60 2.56 -47.53
C ASP F 269 -11.25 1.94 -47.86
N PHE F 270 -10.66 1.20 -46.91
CA PHE F 270 -9.38 0.55 -47.17
C PHE F 270 -9.51 -0.48 -48.29
N ILE F 271 -10.59 -1.27 -48.27
CA ILE F 271 -10.79 -2.27 -49.29
C ILE F 271 -11.05 -1.61 -50.65
N GLN F 272 -11.87 -0.55 -50.67
CA GLN F 272 -12.19 0.11 -51.92
C GLN F 272 -10.96 0.78 -52.53
N SER F 273 -10.13 1.41 -51.71
CA SER F 273 -8.96 2.14 -52.19
C SER F 273 -7.73 1.24 -52.36
N ASN F 274 -7.83 -0.04 -52.02
CA ASN F 274 -6.69 -0.94 -52.20
C ASN F 274 -6.37 -1.10 -53.68
N GLN F 275 -5.08 -1.19 -53.99
CA GLN F 275 -4.64 -1.23 -55.38
C GLN F 275 -5.17 -2.47 -56.10
N PHE F 276 -5.10 -3.63 -55.45
CA PHE F 276 -5.51 -4.88 -56.08
C PHE F 276 -6.98 -5.19 -55.89
N CYS F 277 -7.67 -4.53 -54.96
CA CYS F 277 -9.08 -4.78 -54.71
C CYS F 277 -10.00 -3.83 -55.46
N LYS F 278 -9.46 -2.92 -56.26
CA LYS F 278 -10.31 -2.01 -57.02
C LYS F 278 -11.07 -2.74 -58.13
N GLU F 279 -10.48 -3.79 -58.69
CA GLU F 279 -11.08 -4.53 -59.79
C GLU F 279 -11.38 -5.98 -59.44
N ASP F 280 -11.17 -6.39 -58.20
CA ASP F 280 -11.45 -7.77 -57.81
C ASP F 280 -12.95 -8.00 -57.71
N ASP F 281 -13.44 -9.05 -58.38
CA ASP F 281 -14.87 -9.34 -58.35
C ASP F 281 -15.34 -9.71 -56.95
N VAL F 282 -14.55 -10.51 -56.23
CA VAL F 282 -14.94 -10.93 -54.90
C VAL F 282 -15.03 -9.72 -53.97
N ALA F 283 -14.02 -8.85 -54.01
CA ALA F 283 -14.04 -7.65 -53.18
C ALA F 283 -15.21 -6.75 -53.55
N LYS F 284 -15.48 -6.59 -54.84
CA LYS F 284 -16.60 -5.77 -55.27
C LYS F 284 -17.92 -6.32 -54.73
N ARG F 285 -18.13 -7.63 -54.84
CA ARG F 285 -19.35 -8.24 -54.35
C ARG F 285 -19.49 -8.07 -52.84
N VAL F 286 -18.39 -8.27 -52.12
CA VAL F 286 -18.43 -8.12 -50.67
C VAL F 286 -18.79 -6.68 -50.29
N ILE F 287 -18.18 -5.70 -50.96
CA ILE F 287 -18.47 -4.30 -50.64
C ILE F 287 -19.91 -3.96 -50.96
N GLU F 288 -20.41 -4.41 -52.11
CA GLU F 288 -21.80 -4.12 -52.48
C GLU F 288 -22.77 -4.74 -51.48
N ASN F 289 -22.55 -5.99 -51.10
CA ASN F 289 -23.42 -6.63 -50.13
C ASN F 289 -23.37 -5.91 -48.78
N CYS F 290 -22.17 -5.51 -48.36
CA CYS F 290 -22.03 -4.81 -47.09
C CYS F 290 -22.77 -3.50 -47.10
N LYS F 291 -22.65 -2.73 -48.19
CA LYS F 291 -23.37 -1.45 -48.27
C LYS F 291 -24.87 -1.65 -48.34
N LYS F 292 -25.32 -2.68 -49.08
CA LYS F 292 -26.74 -2.95 -49.18
C LYS F 292 -27.33 -3.32 -47.83
N ILE F 293 -26.61 -4.13 -47.05
CA ILE F 293 -27.11 -4.46 -45.72
C ILE F 293 -26.98 -3.26 -44.78
N HIS F 294 -25.98 -2.41 -44.98
CA HIS F 294 -25.76 -1.29 -44.08
C HIS F 294 -26.82 -0.21 -44.23
N ALA F 295 -27.33 -0.01 -45.45
CA ALA F 295 -28.41 0.95 -45.64
C ALA F 295 -29.65 0.54 -44.83
N ASP F 296 -30.10 -0.71 -45.04
CA ASP F 296 -31.25 -1.20 -44.27
C ASP F 296 -30.94 -1.22 -42.77
N TYR F 297 -29.67 -1.40 -42.42
CA TYR F 297 -29.29 -1.50 -41.02
C TYR F 297 -29.36 -0.15 -40.33
N ALA F 298 -29.01 0.91 -41.07
CA ALA F 298 -29.12 2.26 -40.54
C ALA F 298 -30.55 2.76 -40.56
N GLN F 299 -31.45 2.09 -41.30
CA GLN F 299 -32.86 2.46 -41.21
C GLN F 299 -33.39 2.30 -39.79
N GLN F 300 -33.02 1.22 -39.10
CA GLN F 300 -33.45 1.01 -37.73
C GLN F 300 -32.67 1.92 -36.78
N LYS F 301 -33.18 2.04 -35.56
CA LYS F 301 -32.54 2.85 -34.51
C LYS F 301 -31.51 2.00 -33.79
N LEU F 302 -30.23 2.22 -34.12
CA LEU F 302 -29.13 1.48 -33.52
C LEU F 302 -28.05 2.45 -33.07
N SER F 303 -27.39 2.09 -31.97
CA SER F 303 -26.24 2.86 -31.51
C SER F 303 -25.08 2.68 -32.48
N PRO F 304 -24.16 3.65 -32.53
CA PRO F 304 -23.01 3.51 -33.44
C PRO F 304 -22.19 2.25 -33.19
N ALA F 305 -22.00 1.87 -31.92
CA ALA F 305 -21.28 0.64 -31.62
C ALA F 305 -22.04 -0.58 -32.15
N GLU F 306 -23.35 -0.63 -31.92
CA GLU F 306 -24.16 -1.76 -32.39
C GLU F 306 -24.17 -1.84 -33.91
N LEU F 307 -24.31 -0.68 -34.58
CA LEU F 307 -24.29 -0.65 -36.03
C LEU F 307 -22.96 -1.15 -36.56
N ASN F 308 -21.84 -0.67 -36.01
CA ASN F 308 -20.53 -1.13 -36.44
C ASN F 308 -20.38 -2.63 -36.21
N ASP F 309 -20.84 -3.11 -35.06
CA ASP F 309 -20.68 -4.52 -34.72
C ASP F 309 -21.42 -5.41 -35.70
N MET F 310 -22.69 -5.11 -35.97
CA MET F 310 -23.45 -5.99 -36.87
C MET F 310 -23.07 -5.78 -38.33
N SER F 311 -22.63 -4.58 -38.69
CA SER F 311 -22.10 -4.37 -40.03
C SER F 311 -20.85 -5.22 -40.25
N MET F 312 -19.97 -5.28 -39.25
CA MET F 312 -18.81 -6.15 -39.37
C MET F 312 -19.17 -7.62 -39.30
N GLN F 313 -20.25 -7.97 -38.58
CA GLN F 313 -20.73 -9.34 -38.62
C GLN F 313 -21.16 -9.73 -40.03
N MET F 314 -21.91 -8.86 -40.69
CA MET F 314 -22.31 -9.11 -42.08
C MET F 314 -21.10 -9.19 -43.00
N PHE F 315 -20.12 -8.30 -42.79
CA PHE F 315 -18.90 -8.37 -43.58
C PHE F 315 -18.18 -9.69 -43.37
N ARG F 316 -18.11 -10.15 -42.12
CA ARG F 316 -17.49 -11.44 -41.84
C ARG F 316 -18.21 -12.57 -42.57
N VAL F 317 -19.54 -12.55 -42.52
CA VAL F 317 -20.32 -13.60 -43.18
C VAL F 317 -20.02 -13.62 -44.67
N TYR F 318 -20.12 -12.46 -45.33
CA TYR F 318 -19.91 -12.39 -46.78
C TYR F 318 -18.49 -12.79 -47.15
N ALA F 319 -17.50 -12.25 -46.43
CA ALA F 319 -16.10 -12.52 -46.75
C ALA F 319 -15.77 -13.99 -46.56
N ILE F 320 -16.23 -14.58 -45.45
CA ILE F 320 -15.95 -15.99 -45.20
C ILE F 320 -16.61 -16.85 -46.27
N ALA F 321 -17.86 -16.55 -46.63
CA ALA F 321 -18.52 -17.34 -47.67
C ALA F 321 -17.76 -17.25 -48.99
N GLU F 322 -17.39 -16.04 -49.41
CA GLU F 322 -16.70 -15.88 -50.68
C GLU F 322 -15.35 -16.58 -50.67
N LEU F 323 -14.58 -16.40 -49.59
CA LEU F 323 -13.25 -17.00 -49.52
C LEU F 323 -13.33 -18.52 -49.48
N VAL F 324 -14.29 -19.08 -48.73
CA VAL F 324 -14.42 -20.53 -48.66
C VAL F 324 -14.82 -21.08 -50.03
N ASP F 325 -15.74 -20.42 -50.71
CA ASP F 325 -16.13 -20.88 -52.04
C ASP F 325 -14.95 -20.82 -53.01
N ALA F 326 -14.18 -19.73 -52.97
CA ALA F 326 -13.03 -19.61 -53.85
C ALA F 326 -11.98 -20.68 -53.55
N VAL F 327 -11.74 -20.95 -52.27
CA VAL F 327 -10.76 -21.97 -51.89
C VAL F 327 -11.21 -23.34 -52.37
N VAL F 328 -12.49 -23.66 -52.19
CA VAL F 328 -13.00 -24.95 -52.63
C VAL F 328 -12.88 -25.09 -54.15
N ILE F 329 -13.22 -24.03 -54.88
CA ILE F 329 -13.11 -24.07 -56.34
C ILE F 329 -11.66 -24.26 -56.77
N ALA F 330 -10.74 -23.54 -56.12
CA ALA F 330 -9.33 -23.66 -56.48
C ALA F 330 -8.81 -25.06 -56.18
N PHE F 331 -9.21 -25.65 -55.05
CA PHE F 331 -8.78 -27.00 -54.72
C PHE F 331 -9.33 -28.00 -55.72
N LYS F 332 -10.59 -27.85 -56.11
CA LYS F 332 -11.19 -28.76 -57.08
C LYS F 332 -10.51 -28.65 -58.44
N ASP F 333 -10.19 -27.44 -58.86
CA ASP F 333 -9.58 -27.24 -60.18
C ASP F 333 -8.17 -27.80 -60.24
N ASN F 334 -7.38 -27.59 -59.18
CA ASN F 334 -5.98 -28.00 -59.15
C ASN F 334 -5.77 -29.29 -58.36
N ILE F 335 -6.75 -30.20 -58.38
CA ILE F 335 -6.63 -31.43 -57.61
C ILE F 335 -5.55 -32.33 -58.21
N ASN F 336 -5.42 -32.34 -59.53
CA ASN F 336 -4.41 -33.18 -60.18
C ASN F 336 -3.01 -32.73 -59.81
N GLU F 337 -2.77 -31.43 -59.78
CA GLU F 337 -1.44 -30.92 -59.40
C GLU F 337 -1.13 -31.22 -57.95
N PHE F 338 -2.14 -31.14 -57.08
CA PHE F 338 -1.92 -31.41 -55.66
C PHE F 338 -1.57 -32.88 -55.42
N LEU F 339 -2.12 -33.78 -56.22
CA LEU F 339 -1.84 -35.21 -56.09
C LEU F 339 -0.54 -35.63 -56.75
N ASN F 340 0.13 -34.71 -57.44
CA ASN F 340 1.40 -35.03 -58.08
C ASN F 340 2.54 -34.97 -57.08
N ASP F 341 3.54 -35.83 -57.28
CA ASP F 341 4.70 -35.87 -56.40
C ASP F 341 5.59 -34.64 -56.53
N THR F 342 5.41 -33.85 -57.58
CA THR F 342 6.23 -32.66 -57.82
C THR F 342 5.38 -31.39 -57.73
N CYS F 343 4.47 -31.35 -56.76
CA CYS F 343 3.64 -30.16 -56.58
C CYS F 343 4.48 -29.01 -56.06
N GLU F 344 4.32 -27.85 -56.67
CA GLU F 344 5.08 -26.65 -56.31
C GLU F 344 4.18 -25.48 -55.92
N ILE F 345 2.92 -25.74 -55.60
CA ILE F 345 2.01 -24.66 -55.20
C ILE F 345 2.34 -24.25 -53.77
N LYS F 346 2.56 -22.94 -53.56
CA LYS F 346 2.89 -22.45 -52.24
C LYS F 346 1.68 -22.45 -51.31
N ASP F 347 0.53 -21.99 -51.79
CA ASP F 347 -0.67 -21.95 -50.96
C ASP F 347 -1.89 -22.01 -51.86
N LEU F 348 -3.01 -22.44 -51.28
CA LEU F 348 -4.24 -22.59 -52.04
C LEU F 348 -4.91 -21.26 -52.32
N ILE F 349 -4.75 -20.28 -51.44
CA ILE F 349 -5.43 -19.00 -51.60
C ILE F 349 -4.92 -18.26 -52.84
N SER F 350 -3.61 -18.31 -53.08
CA SER F 350 -3.04 -17.60 -54.21
C SER F 350 -3.59 -18.09 -55.54
N CYS F 351 -3.96 -19.37 -55.62
CA CYS F 351 -4.57 -19.91 -56.83
C CYS F 351 -6.06 -19.64 -56.92
N SER F 352 -6.66 -19.10 -55.87
CA SER F 352 -8.09 -18.82 -55.84
C SER F 352 -8.36 -17.37 -56.22
N SER F 353 -9.65 -17.05 -56.40
CA SER F 353 -10.05 -15.69 -56.75
C SER F 353 -10.16 -14.78 -55.54
N GLY F 354 -10.00 -15.31 -54.33
CA GLY F 354 -10.06 -14.48 -53.14
C GLY F 354 -8.69 -14.09 -52.64
N LYS F 355 -7.68 -14.21 -53.50
CA LYS F 355 -6.32 -13.87 -53.12
C LYS F 355 -6.19 -12.38 -52.79
N ASN F 356 -6.75 -11.52 -53.64
CA ASN F 356 -6.62 -10.08 -53.42
C ASN F 356 -7.34 -9.65 -52.15
N LEU F 357 -8.54 -10.17 -51.91
CA LEU F 357 -9.29 -9.82 -50.70
C LEU F 357 -8.55 -10.26 -49.46
N CYS F 358 -8.01 -11.49 -49.46
CA CYS F 358 -7.28 -11.98 -48.30
C CYS F 358 -6.02 -11.16 -48.07
N GLN F 359 -5.29 -10.81 -49.13
CA GLN F 359 -4.10 -10.00 -48.98
C GLN F 359 -4.43 -8.61 -48.43
N ALA F 360 -5.50 -8.00 -48.93
CA ALA F 360 -5.90 -6.70 -48.42
C ALA F 360 -6.32 -6.77 -46.96
N LEU F 361 -7.03 -7.83 -46.58
CA LEU F 361 -7.41 -8.00 -45.19
C LEU F 361 -6.19 -8.19 -44.29
N LYS F 362 -5.20 -8.96 -44.75
CA LYS F 362 -3.98 -9.14 -43.99
C LYS F 362 -3.23 -7.81 -43.83
N LYS F 363 -3.17 -7.02 -44.91
CA LYS F 363 -2.52 -5.72 -44.82
C LYS F 363 -3.25 -4.80 -43.85
N PHE F 364 -4.59 -4.81 -43.88
CA PHE F 364 -5.37 -4.00 -42.95
C PHE F 364 -5.13 -4.43 -41.51
N ASP F 365 -5.10 -5.75 -41.26
CA ASP F 365 -4.85 -6.24 -39.91
C ASP F 365 -3.46 -5.86 -39.43
N SER F 366 -2.46 -5.96 -40.31
CA SER F 366 -1.10 -5.59 -39.93
C SER F 366 -0.99 -4.10 -39.63
N SER F 367 -1.59 -3.26 -40.48
CA SER F 367 -1.44 -1.81 -40.30
C SER F 367 -2.23 -1.30 -39.10
N ARG F 368 -3.41 -1.87 -38.85
CA ARG F 368 -4.28 -1.32 -37.81
C ARG F 368 -4.13 -2.05 -36.48
N GLY F 369 -4.07 -3.38 -36.51
CA GLY F 369 -4.08 -4.15 -35.28
C GLY F 369 -2.72 -4.62 -34.78
N TYR F 370 -1.93 -5.22 -35.67
CA TYR F 370 -0.68 -5.83 -35.23
C TYR F 370 0.35 -4.79 -34.82
N GLN F 371 0.28 -3.59 -35.40
CA GLN F 371 1.23 -2.52 -35.09
C GLN F 371 0.63 -1.46 -34.17
N HIS F 372 -0.44 -1.79 -33.47
CA HIS F 372 -1.00 -0.86 -32.49
C HIS F 372 -0.06 -0.71 -31.30
N ARG F 373 -0.15 0.45 -30.64
CA ARG F 373 0.76 0.75 -29.54
C ARG F 373 0.61 -0.25 -28.40
N SER F 374 -0.64 -0.55 -28.02
CA SER F 374 -0.87 -1.51 -26.94
C SER F 374 -0.37 -2.89 -27.30
N VAL F 375 -0.60 -3.31 -28.55
CA VAL F 375 -0.14 -4.63 -28.99
C VAL F 375 1.37 -4.71 -28.92
N LEU F 376 2.05 -3.66 -29.39
CA LEU F 376 3.51 -3.65 -29.33
C LEU F 376 4.02 -3.67 -27.89
N LYS F 377 3.36 -2.92 -27.00
CA LYS F 377 3.79 -2.90 -25.61
C LYS F 377 3.63 -4.27 -24.97
N LEU F 378 2.49 -4.93 -25.19
CA LEU F 378 2.32 -6.27 -24.63
C LEU F 378 3.24 -7.29 -25.28
N GLU F 379 3.57 -7.12 -26.55
CA GLU F 379 4.55 -8.00 -27.18
C GLU F 379 5.92 -7.84 -26.54
N LEU F 380 6.33 -6.59 -26.26
CA LEU F 380 7.60 -6.37 -25.58
C LEU F 380 7.59 -6.97 -24.18
N GLU F 381 6.47 -6.81 -23.45
CA GLU F 381 6.37 -7.39 -22.11
C GLU F 381 6.47 -8.91 -22.16
N GLY F 382 5.78 -9.53 -23.12
CA GLY F 382 5.86 -10.97 -23.26
C GLY F 382 7.25 -11.45 -23.64
N SER F 383 7.93 -10.71 -24.51
CA SER F 383 9.29 -11.05 -24.88
C SER F 383 10.22 -10.98 -23.67
N ASN F 384 10.07 -9.93 -22.86
CA ASN F 384 10.87 -9.81 -21.65
C ASN F 384 10.60 -10.97 -20.69
N TYR F 385 9.33 -11.30 -20.49
CA TYR F 385 8.97 -12.41 -19.61
C TYR F 385 9.59 -13.71 -20.11
N ILE F 386 9.45 -13.98 -21.41
CA ILE F 386 9.94 -15.24 -21.97
C ILE F 386 11.46 -15.33 -21.86
N LYS F 387 12.16 -14.24 -22.18
CA LYS F 387 13.61 -14.26 -22.12
C LYS F 387 14.10 -14.41 -20.69
N GLY F 388 13.47 -13.72 -19.74
CA GLY F 388 13.85 -13.87 -18.35
C GLY F 388 13.65 -15.29 -17.85
N LEU F 389 12.49 -15.87 -18.16
CA LEU F 389 12.23 -17.25 -17.75
C LEU F 389 13.20 -18.22 -18.41
N MET F 390 13.54 -17.98 -19.68
CA MET F 390 14.48 -18.86 -20.37
C MET F 390 15.87 -18.80 -19.76
N ASP F 391 16.35 -17.60 -19.41
CA ASP F 391 17.64 -17.49 -18.74
C ASP F 391 17.59 -18.19 -17.38
N MET F 392 16.50 -17.98 -16.64
CA MET F 392 16.37 -18.55 -15.31
C MET F 392 16.31 -20.08 -15.36
N LEU F 393 15.68 -20.64 -16.39
CA LEU F 393 15.64 -22.09 -16.54
C LEU F 393 16.99 -22.63 -17.03
N TRP F 394 17.62 -21.93 -17.96
CA TRP F 394 18.93 -22.34 -18.46
C TRP F 394 19.96 -22.37 -17.34
N LEU F 395 19.79 -21.52 -16.32
CA LEU F 395 20.68 -21.60 -15.16
C LEU F 395 20.65 -22.98 -14.52
N GLY F 396 19.53 -23.68 -14.59
CA GLY F 396 19.41 -25.00 -14.02
C GLY F 396 19.40 -26.15 -15.01
N ILE F 397 19.39 -25.86 -16.31
CA ILE F 397 19.35 -26.89 -17.34
C ILE F 397 20.72 -27.14 -17.95
N LYS F 398 21.48 -26.09 -18.23
CA LYS F 398 22.75 -26.23 -18.93
C LYS F 398 23.72 -27.10 -18.12
N GLY F 399 24.38 -28.02 -18.81
CA GLY F 399 25.32 -28.92 -18.20
C GLY F 399 24.73 -30.21 -17.66
N ARG F 400 23.40 -30.33 -17.64
CA ARG F 400 22.77 -31.53 -17.10
C ARG F 400 23.10 -32.77 -17.93
N ALA F 401 23.38 -32.59 -19.22
CA ALA F 401 23.69 -33.70 -20.11
C ALA F 401 25.13 -33.71 -20.60
N THR F 402 25.75 -32.53 -20.76
CA THR F 402 27.12 -32.49 -21.24
C THR F 402 28.10 -33.07 -20.24
N GLY F 403 27.91 -32.76 -18.95
CA GLY F 403 28.80 -33.27 -17.92
C GLY F 403 29.20 -32.22 -16.91
N ASP F 404 29.24 -30.97 -17.33
CA ASP F 404 29.60 -29.88 -16.43
C ASP F 404 28.53 -29.71 -15.35
N THR F 405 28.96 -29.29 -14.16
CA THR F 405 28.13 -29.31 -12.96
C THR F 405 27.96 -27.93 -12.35
N GLN F 406 27.64 -26.93 -13.17
CA GLN F 406 27.31 -25.62 -12.62
C GLN F 406 25.85 -25.51 -12.21
N TYR F 407 25.05 -26.53 -12.48
CA TYR F 407 23.63 -26.52 -12.15
C TYR F 407 23.34 -27.00 -10.73
N ASP F 408 24.35 -27.45 -10.00
CA ASP F 408 24.14 -28.08 -8.70
C ASP F 408 23.77 -27.10 -7.60
N THR F 409 23.58 -25.82 -7.92
CA THR F 409 23.12 -24.86 -6.93
C THR F 409 21.69 -25.17 -6.53
N PRO F 410 21.30 -24.83 -5.30
CA PRO F 410 19.91 -25.09 -4.88
C PRO F 410 18.88 -24.45 -5.79
N PHE F 411 19.13 -23.24 -6.27
CA PHE F 411 18.22 -22.61 -7.21
C PHE F 411 18.14 -23.39 -8.51
N GLY F 412 19.29 -23.89 -8.99
CA GLY F 412 19.26 -24.69 -10.20
C GLY F 412 18.48 -25.98 -10.04
N ARG F 413 18.65 -26.65 -8.89
CA ARG F 413 17.90 -27.87 -8.64
C ARG F 413 16.40 -27.60 -8.54
N TYR F 414 16.01 -26.52 -7.86
CA TYR F 414 14.60 -26.18 -7.76
C TYR F 414 14.03 -25.84 -9.13
N VAL F 415 14.78 -25.10 -9.94
CA VAL F 415 14.33 -24.73 -11.28
C VAL F 415 14.16 -25.98 -12.13
N TYR F 416 15.09 -26.92 -12.05
CA TYR F 416 14.94 -28.18 -12.77
C TYR F 416 13.71 -28.94 -12.30
N GLY F 417 13.48 -28.97 -10.99
CA GLY F 417 12.32 -29.66 -10.46
C GLY F 417 11.00 -29.01 -10.83
N ARG F 418 11.01 -27.71 -11.12
CA ARG F 418 9.77 -27.03 -11.50
C ARG F 418 9.31 -27.41 -12.90
N ILE F 419 10.21 -27.92 -13.75
CA ILE F 419 9.83 -28.33 -15.09
C ILE F 419 8.92 -29.56 -15.01
N SER F 420 8.03 -29.69 -15.98
CA SER F 420 7.09 -30.81 -16.02
C SER F 420 7.85 -32.14 -16.05
N GLU F 421 7.27 -33.14 -15.39
CA GLU F 421 7.96 -34.41 -15.19
C GLU F 421 8.19 -35.14 -16.50
N ASN F 422 7.22 -35.08 -17.42
CA ASN F 422 7.36 -35.80 -18.69
C ASN F 422 8.50 -35.23 -19.54
N TYR F 423 8.66 -33.90 -19.54
CA TYR F 423 9.76 -33.30 -20.29
C TYR F 423 11.10 -33.78 -19.76
N ARG F 424 11.27 -33.80 -18.44
CA ARG F 424 12.53 -34.28 -17.87
C ARG F 424 12.72 -35.77 -18.10
N ARG F 425 11.63 -36.54 -18.09
CA ARG F 425 11.73 -37.97 -18.38
C ARG F 425 12.23 -38.21 -19.79
N ILE F 426 11.71 -37.43 -20.74
CA ILE F 426 12.20 -37.55 -22.12
C ILE F 426 13.63 -37.08 -22.23
N PHE F 427 13.98 -36.00 -21.53
CA PHE F 427 15.34 -35.46 -21.59
C PHE F 427 16.35 -36.45 -21.01
N GLU F 428 16.00 -37.14 -19.93
CA GLU F 428 16.91 -38.07 -19.29
C GLU F 428 17.02 -39.40 -20.03
N GLN F 429 16.18 -39.63 -21.03
CA GLN F 429 16.26 -40.87 -21.80
C GLN F 429 17.56 -40.92 -22.60
N GLU F 430 18.05 -42.13 -22.82
CA GLU F 430 19.31 -42.33 -23.54
C GLU F 430 19.00 -42.53 -25.01
N ASN F 431 19.28 -41.51 -25.82
CA ASN F 431 19.07 -41.56 -27.26
C ASN F 431 20.37 -41.11 -27.95
N ASN F 432 20.29 -40.93 -29.27
CA ASN F 432 21.43 -40.56 -30.07
C ASN F 432 21.56 -39.05 -30.27
N LEU F 433 20.67 -38.25 -29.68
CA LEU F 433 20.74 -36.81 -29.85
C LEU F 433 21.93 -36.25 -29.08
N PRO F 434 22.56 -35.20 -29.62
CA PRO F 434 23.67 -34.55 -28.89
C PRO F 434 23.17 -33.94 -27.59
N ALA F 435 24.07 -33.90 -26.60
CA ALA F 435 23.69 -33.46 -25.26
C ALA F 435 23.19 -32.02 -25.27
N CYS F 436 23.89 -31.14 -25.99
CA CYS F 436 23.43 -29.75 -26.10
C CYS F 436 22.07 -29.67 -26.77
N TYR F 437 21.86 -30.48 -27.80
CA TYR F 437 20.55 -30.53 -28.45
C TYR F 437 19.47 -30.98 -27.47
N LYS F 438 19.77 -31.99 -26.65
CA LYS F 438 18.80 -32.46 -25.67
C LYS F 438 18.47 -31.37 -24.65
N GLU F 439 19.48 -30.65 -24.17
CA GLU F 439 19.24 -29.58 -23.21
C GLU F 439 18.39 -28.48 -23.82
N ALA F 440 18.73 -28.05 -25.03
CA ALA F 440 17.95 -27.00 -25.68
C ALA F 440 16.52 -27.45 -25.98
N GLN F 441 16.35 -28.73 -26.34
CA GLN F 441 15.01 -29.25 -26.58
C GLN F 441 14.20 -29.30 -25.30
N LEU F 442 14.84 -29.63 -24.18
CA LEU F 442 14.15 -29.60 -22.90
C LEU F 442 13.66 -28.20 -22.58
N LEU F 443 14.52 -27.19 -22.78
CA LEU F 443 14.10 -25.81 -22.54
C LEU F 443 12.96 -25.40 -23.46
N ALA F 444 13.05 -25.77 -24.74
CA ALA F 444 12.01 -25.40 -25.70
C ALA F 444 10.68 -26.06 -25.33
N ASP F 445 10.71 -27.32 -24.93
CA ASP F 445 9.48 -28.01 -24.53
C ASP F 445 8.90 -27.38 -23.26
N ALA F 446 9.75 -27.01 -22.32
CA ALA F 446 9.26 -26.38 -21.09
C ALA F 446 8.60 -25.03 -21.40
N ILE F 447 9.23 -24.22 -22.25
CA ILE F 447 8.70 -22.89 -22.52
C ILE F 447 7.42 -22.98 -23.37
N SER F 448 7.42 -23.84 -24.38
CA SER F 448 6.29 -23.87 -25.32
C SER F 448 5.02 -24.38 -24.65
N GLY F 449 5.13 -25.25 -23.65
CA GLY F 449 3.96 -25.82 -23.01
C GLY F 449 3.26 -24.95 -22.00
N MET F 450 3.76 -23.75 -21.76
CA MET F 450 3.18 -22.86 -20.76
C MET F 450 2.20 -21.88 -21.39
N THR F 451 1.19 -21.50 -20.61
CA THR F 451 0.27 -20.45 -21.00
C THR F 451 0.83 -19.11 -20.53
N ASP F 452 0.17 -18.01 -20.92
CA ASP F 452 0.66 -16.69 -20.56
C ASP F 452 0.60 -16.47 -19.06
N SER F 453 -0.55 -16.79 -18.44
CA SER F 453 -0.69 -16.61 -17.01
C SER F 453 0.29 -17.49 -16.24
N TYR F 454 0.42 -18.75 -16.65
CA TYR F 454 1.37 -19.65 -16.00
C TYR F 454 2.79 -19.17 -16.17
N LEU F 455 3.15 -18.71 -17.37
CA LEU F 455 4.51 -18.23 -17.59
C LEU F 455 4.80 -17.01 -16.73
N ILE F 456 3.86 -16.07 -16.64
CA ILE F 456 4.08 -14.87 -15.82
C ILE F 456 4.20 -15.25 -14.35
N ALA F 457 3.34 -16.15 -13.87
CA ALA F 457 3.39 -16.55 -12.47
C ALA F 457 4.71 -17.24 -12.15
N LEU F 458 5.15 -18.16 -13.00
CA LEU F 458 6.41 -18.85 -12.77
C LEU F 458 7.59 -17.87 -12.83
N HIS F 459 7.55 -16.93 -13.78
CA HIS F 459 8.62 -15.95 -13.88
C HIS F 459 8.72 -15.11 -12.61
N ASP F 460 7.57 -14.64 -12.11
CA ASP F 460 7.57 -13.84 -10.89
C ASP F 460 8.04 -14.64 -9.69
N GLU F 461 7.57 -15.89 -9.56
CA GLU F 461 7.95 -16.72 -8.43
C GLU F 461 9.45 -16.99 -8.43
N LEU F 462 10.00 -17.38 -9.57
CA LEU F 462 11.43 -17.69 -9.62
C LEU F 462 12.28 -16.43 -9.51
N ARG F 463 11.79 -15.29 -9.99
CA ARG F 463 12.47 -14.03 -9.77
C ARG F 463 12.54 -13.71 -8.28
N ALA F 464 11.45 -13.96 -7.56
CA ALA F 464 11.48 -13.79 -6.11
C ALA F 464 12.47 -14.75 -5.46
N LEU F 465 12.54 -15.98 -5.96
CA LEU F 465 13.42 -16.99 -5.39
C LEU F 465 14.87 -16.87 -5.87
N HIS F 466 15.14 -16.04 -6.88
CA HIS F 466 16.48 -15.87 -7.41
C HIS F 466 17.22 -14.69 -6.80
N GLN F 467 16.66 -14.06 -5.77
CA GLN F 467 17.26 -12.84 -5.24
C GLN F 467 18.62 -13.10 -4.61
N TYR F 468 18.76 -14.22 -3.89
CA TYR F 468 20.01 -14.48 -3.18
C TYR F 468 21.16 -14.73 -4.14
N GLU F 469 20.93 -15.53 -5.18
CA GLU F 469 22.01 -15.90 -6.10
C GLU F 469 22.36 -14.78 -7.07
N CYS F 470 21.57 -13.71 -7.12
CA CYS F 470 21.86 -12.59 -8.00
C CYS F 470 22.73 -11.56 -7.30
N SER G 2 -13.11 -44.06 53.73
CA SER G 2 -14.38 -44.67 53.36
C SER G 2 -14.31 -45.23 51.94
N MET G 3 -13.79 -44.44 51.01
CA MET G 3 -13.63 -44.88 49.64
C MET G 3 -12.46 -45.85 49.54
N HIS G 4 -12.54 -46.75 48.56
CA HIS G 4 -11.52 -47.76 48.34
C HIS G 4 -10.72 -47.44 47.09
N TRP G 5 -9.41 -47.70 47.15
CA TRP G 5 -8.55 -47.42 46.01
C TRP G 5 -8.87 -48.33 44.83
N ASN G 6 -9.48 -49.49 45.10
CA ASN G 6 -9.85 -50.40 44.02
C ASN G 6 -10.86 -49.75 43.08
N ASP G 7 -11.87 -49.07 43.64
CA ASP G 7 -12.86 -48.39 42.81
C ASP G 7 -12.31 -47.08 42.25
N LEU G 8 -11.49 -46.37 43.03
CA LEU G 8 -10.94 -45.10 42.56
C LEU G 8 -9.93 -45.29 41.44
N LEU G 9 -9.30 -46.46 41.35
CA LEU G 9 -8.34 -46.77 40.30
C LEU G 9 -8.90 -47.79 39.31
N ASN G 10 -10.19 -47.68 39.00
CA ASN G 10 -10.82 -48.61 38.06
C ASN G 10 -10.25 -48.42 36.66
N SER G 11 -9.82 -49.51 36.05
CA SER G 11 -9.23 -49.49 34.72
C SER G 11 -10.21 -49.87 33.63
N ASN G 12 -11.48 -50.05 33.97
CA ASN G 12 -12.48 -50.38 32.98
C ASN G 12 -12.86 -49.14 32.17
N ARG G 13 -13.44 -49.37 31.00
CA ARG G 13 -13.83 -48.31 30.09
C ARG G 13 -15.34 -48.36 29.84
N ARG G 14 -15.90 -47.20 29.50
CA ARG G 14 -17.34 -47.10 29.33
C ARG G 14 -17.83 -47.89 28.12
N LYS G 15 -17.06 -47.90 27.03
CA LYS G 15 -17.49 -48.59 25.83
C LYS G 15 -17.51 -50.10 26.07
N PRO G 16 -18.63 -50.78 25.82
CA PRO G 16 -18.66 -52.24 25.98
C PRO G 16 -17.71 -52.92 25.02
N LYS G 17 -17.12 -54.02 25.48
CA LYS G 17 -16.19 -54.78 24.64
C LYS G 17 -16.96 -55.49 23.53
N ASN G 18 -16.32 -55.63 22.37
CA ASN G 18 -16.93 -56.28 21.22
C ASN G 18 -17.17 -57.77 21.47
N LYS G 21 -13.76 -58.55 18.06
CA LYS G 21 -12.38 -58.15 17.89
C LYS G 21 -11.44 -59.35 18.06
N GLU G 22 -10.64 -59.62 17.04
CA GLU G 22 -9.71 -60.73 17.07
C GLU G 22 -8.43 -60.33 17.81
N SER G 23 -7.58 -61.34 18.05
CA SER G 23 -6.31 -61.09 18.73
C SER G 23 -5.36 -60.25 17.89
N SER G 24 -5.48 -60.32 16.56
CA SER G 24 -4.61 -59.53 15.69
C SER G 24 -4.90 -58.04 15.77
N GLN G 25 -6.06 -57.65 16.29
CA GLN G 25 -6.42 -56.24 16.44
C GLN G 25 -6.08 -55.68 17.82
N ASP G 26 -5.43 -56.47 18.66
CA ASP G 26 -5.07 -56.03 20.00
C ASP G 26 -3.87 -55.10 19.92
N THR G 27 -4.08 -53.81 20.18
CA THR G 27 -3.02 -52.82 20.17
C THR G 27 -2.53 -52.45 21.57
N SER G 28 -3.03 -53.14 22.60
CA SER G 28 -2.62 -52.81 23.96
C SER G 28 -1.15 -53.14 24.19
N LYS G 29 -0.71 -54.31 23.74
CA LYS G 29 0.66 -54.79 23.92
C LYS G 29 0.97 -54.83 25.42
N GLY G 30 2.21 -54.55 25.81
CA GLY G 30 2.58 -54.54 27.21
C GLY G 30 2.28 -53.25 27.93
N ARG G 31 1.22 -52.54 27.55
CA ARG G 31 0.87 -51.26 28.14
C ARG G 31 -0.31 -51.42 29.09
N GLN G 32 -0.23 -50.75 30.23
CA GLN G 32 -1.37 -50.69 31.13
C GLN G 32 -2.48 -49.83 30.54
N GLN G 33 -3.70 -50.04 31.01
CA GLN G 33 -4.86 -49.33 30.44
C GLN G 33 -4.73 -47.83 30.65
N ILE G 34 -4.28 -47.40 31.82
CA ILE G 34 -4.11 -45.98 32.08
C ILE G 34 -2.98 -45.41 31.23
N GLU G 35 -1.93 -46.21 30.99
CA GLU G 35 -0.90 -45.79 30.05
C GLU G 35 -1.47 -45.61 28.65
N ARG G 36 -2.37 -46.50 28.25
CA ARG G 36 -3.06 -46.33 26.97
C ARG G 36 -3.89 -45.06 26.95
N ASP G 37 -4.52 -44.71 28.08
CA ASP G 37 -5.26 -43.46 28.15
C ASP G 37 -4.33 -42.27 27.97
N TYR G 38 -3.15 -42.30 28.60
CA TYR G 38 -2.19 -41.22 28.44
C TYR G 38 -1.75 -41.11 26.98
N ASP G 39 -1.49 -42.25 26.34
CA ASP G 39 -1.10 -42.24 24.92
C ASP G 39 -2.21 -41.69 24.05
N ARG G 40 -3.47 -42.04 24.36
CA ARG G 40 -4.60 -41.50 23.62
C ARG G 40 -4.68 -39.99 23.76
N ILE G 41 -4.49 -39.48 24.97
CA ILE G 41 -4.54 -38.03 25.19
C ILE G 41 -3.40 -37.34 24.46
N LEU G 42 -2.20 -37.91 24.50
CA LEU G 42 -1.06 -37.26 23.86
C LEU G 42 -1.22 -37.18 22.35
N PHE G 43 -1.72 -38.24 21.73
CA PHE G 43 -1.84 -38.32 20.28
C PHE G 43 -3.12 -37.69 19.75
N ALA G 44 -3.98 -37.15 20.63
CA ALA G 44 -5.20 -36.53 20.19
C ALA G 44 -4.92 -35.22 19.46
N ALA G 45 -5.75 -34.91 18.47
CA ALA G 45 -5.59 -33.67 17.72
C ALA G 45 -5.70 -32.41 18.59
N PRO G 46 -6.64 -32.30 19.55
CA PRO G 46 -6.65 -31.11 20.41
C PRO G 46 -5.35 -30.91 21.17
N THR G 47 -4.65 -31.99 21.54
CA THR G 47 -3.37 -31.85 22.22
C THR G 47 -2.36 -31.11 21.34
N ARG G 48 -2.33 -31.45 20.05
CA ARG G 48 -1.46 -30.73 19.12
C ARG G 48 -1.95 -29.31 18.89
N ARG G 49 -3.28 -29.11 18.83
CA ARG G 49 -3.82 -27.78 18.62
C ARG G 49 -3.57 -26.85 19.79
N LEU G 50 -3.32 -27.42 20.99
CA LEU G 50 -3.03 -26.59 22.16
C LEU G 50 -1.78 -25.74 21.98
N ALA G 51 -0.88 -26.11 21.07
CA ALA G 51 0.33 -25.33 20.85
C ALA G 51 0.03 -23.96 20.27
N ASP G 52 -1.09 -23.80 19.58
CA ASP G 52 -1.46 -22.53 18.98
C ASP G 52 -2.29 -21.63 19.90
N LYS G 53 -2.59 -22.09 21.11
CA LYS G 53 -3.36 -21.30 22.06
C LYS G 53 -2.43 -20.68 23.09
N THR G 54 -2.59 -19.37 23.29
CA THR G 54 -1.80 -18.62 24.26
C THR G 54 -2.27 -18.93 25.68
N GLN G 55 -1.31 -18.96 26.61
CA GLN G 55 -1.64 -19.20 28.02
C GLN G 55 -1.96 -17.88 28.71
N VAL G 56 -0.98 -16.98 28.77
CA VAL G 56 -1.20 -15.62 29.28
C VAL G 56 -0.68 -14.62 28.26
N PHE G 57 0.54 -14.84 27.77
CA PHE G 57 1.26 -13.92 26.93
C PHE G 57 1.23 -14.37 25.47
N PRO G 58 1.43 -13.46 24.52
CA PRO G 58 1.43 -13.84 23.10
C PRO G 58 2.55 -14.83 22.79
N LEU G 59 2.24 -15.77 21.89
CA LEU G 59 3.22 -16.78 21.49
C LEU G 59 3.95 -16.42 20.20
N ASP G 60 3.54 -15.36 19.51
CA ASP G 60 4.20 -15.00 18.26
C ASP G 60 5.64 -14.55 18.49
N LYS G 61 5.87 -13.82 19.58
CA LYS G 61 7.24 -13.43 19.92
C LYS G 61 8.06 -14.65 20.30
N ASN G 62 9.36 -14.61 19.96
CA ASN G 62 10.27 -15.70 20.27
C ASN G 62 10.99 -15.44 21.58
N ASP G 63 10.19 -15.26 22.64
CA ASP G 63 10.69 -15.02 23.98
C ASP G 63 10.59 -16.27 24.86
N SER G 64 10.39 -17.44 24.25
CA SER G 64 10.29 -18.71 24.97
C SER G 64 9.17 -18.69 26.00
N VAL G 65 8.06 -18.04 25.67
CA VAL G 65 6.90 -18.03 26.55
C VAL G 65 6.22 -19.39 26.50
N ARG G 66 5.39 -19.67 27.51
CA ARG G 66 4.74 -20.96 27.62
C ARG G 66 3.31 -20.88 27.10
N THR G 67 2.98 -21.75 26.16
CA THR G 67 1.63 -21.84 25.63
C THR G 67 0.83 -22.87 26.42
N ARG G 68 -0.34 -23.23 25.91
CA ARG G 68 -1.16 -24.25 26.58
C ARG G 68 -0.47 -25.61 26.56
N LEU G 69 0.18 -25.95 25.46
CA LEU G 69 0.82 -27.26 25.35
C LEU G 69 1.99 -27.39 26.31
N THR G 70 2.84 -26.36 26.38
CA THR G 70 4.00 -26.40 27.27
C THR G 70 3.55 -26.44 28.73
N HIS G 71 2.55 -25.63 29.08
CA HIS G 71 2.03 -25.64 30.44
C HIS G 71 1.43 -26.99 30.79
N SER G 72 0.69 -27.58 29.86
CA SER G 72 0.10 -28.90 30.10
C SER G 72 1.18 -29.95 30.30
N HIS G 73 2.24 -29.91 29.49
CA HIS G 73 3.32 -30.88 29.64
C HIS G 73 4.04 -30.69 30.97
N GLU G 74 4.25 -29.45 31.39
CA GLU G 74 4.90 -29.21 32.69
C GLU G 74 4.04 -29.71 33.84
N VAL G 75 2.72 -29.45 33.78
CA VAL G 75 1.81 -29.95 34.81
C VAL G 75 1.81 -31.47 34.83
N ALA G 76 1.82 -32.10 33.64
CA ALA G 76 1.86 -33.55 33.56
C ALA G 76 3.15 -34.10 34.18
N ASN G 77 4.27 -33.43 33.93
CA ASN G 77 5.55 -33.88 34.50
C ASN G 77 5.54 -33.77 36.02
N LEU G 78 5.01 -32.66 36.55
CA LEU G 78 4.94 -32.52 38.00
C LEU G 78 4.02 -33.58 38.61
N SER G 79 2.87 -33.82 37.98
CA SER G 79 1.96 -34.84 38.48
C SER G 79 2.59 -36.22 38.42
N ARG G 80 3.33 -36.51 37.35
CA ARG G 80 4.01 -37.80 37.26
C ARG G 80 5.06 -37.95 38.34
N GLY G 81 5.81 -36.88 38.63
CA GLY G 81 6.79 -36.95 39.71
C GLY G 81 6.14 -37.23 41.05
N ILE G 82 5.02 -36.53 41.33
CA ILE G 82 4.30 -36.77 42.57
C ILE G 82 3.78 -38.20 42.62
N GLY G 83 3.30 -38.71 41.48
CA GLY G 83 2.80 -40.08 41.45
C GLY G 83 3.89 -41.11 41.70
N MET G 84 5.06 -40.90 41.11
CA MET G 84 6.18 -41.81 41.37
C MET G 84 6.60 -41.76 42.83
N ARG G 85 6.62 -40.56 43.42
CA ARG G 85 6.93 -40.46 44.84
C ARG G 85 5.90 -41.22 45.68
N LEU G 86 4.62 -41.09 45.34
CA LEU G 86 3.58 -41.78 46.10
C LEU G 86 3.66 -43.29 45.94
N ALA G 87 3.93 -43.77 44.73
CA ALA G 87 3.87 -45.20 44.46
C ALA G 87 5.16 -45.95 44.77
N PHE G 88 6.29 -45.24 44.89
CA PHE G 88 7.55 -45.90 45.14
C PHE G 88 8.08 -45.71 46.56
N GLU G 89 7.68 -44.63 47.24
CA GLU G 89 8.15 -44.35 48.59
C GLU G 89 7.03 -44.34 49.61
N LEU G 90 5.95 -43.60 49.36
CA LEU G 90 4.85 -43.47 50.30
C LEU G 90 3.71 -44.44 50.00
N GLU G 91 4.02 -45.61 49.44
CA GLU G 91 2.98 -46.58 49.11
C GLU G 91 2.25 -47.06 50.36
N ASP G 92 3.00 -47.38 51.41
CA ASP G 92 2.37 -47.90 52.63
C ASP G 92 1.50 -46.84 53.30
N ASP G 93 1.97 -45.59 53.33
CA ASP G 93 1.23 -44.54 54.02
C ASP G 93 -0.03 -44.15 53.27
N VAL G 94 0.02 -44.15 51.94
CA VAL G 94 -1.08 -43.65 51.13
C VAL G 94 -1.99 -44.79 50.69
N PHE G 95 -1.44 -45.75 49.94
CA PHE G 95 -2.24 -46.82 49.36
C PHE G 95 -2.31 -47.99 50.33
N LYS G 96 -3.50 -48.21 50.89
CA LYS G 96 -3.74 -49.32 51.81
C LYS G 96 -4.91 -50.15 51.31
N ASP G 97 -4.84 -51.45 51.58
CA ASP G 97 -5.88 -52.41 51.18
C ASP G 97 -6.11 -52.39 49.66
N VAL G 98 -5.04 -52.21 48.89
CA VAL G 98 -5.12 -52.21 47.45
C VAL G 98 -4.89 -53.63 46.93
N SER G 99 -5.76 -54.06 46.02
CA SER G 99 -5.65 -55.40 45.46
C SER G 99 -4.37 -55.54 44.65
N GLU G 100 -3.82 -56.75 44.65
CA GLU G 100 -2.57 -57.02 43.93
C GLU G 100 -2.74 -56.95 42.43
N ASP G 101 -3.98 -56.95 41.93
CA ASP G 101 -4.21 -56.87 40.49
C ASP G 101 -3.94 -55.48 39.94
N ILE G 102 -3.75 -54.48 40.82
CA ILE G 102 -3.48 -53.12 40.41
C ILE G 102 -2.00 -52.84 40.61
N CYS G 103 -1.30 -52.50 39.53
CA CYS G 103 0.10 -52.15 39.58
C CYS G 103 0.20 -50.65 39.81
N LEU G 104 0.40 -50.25 41.07
CA LEU G 104 0.44 -48.84 41.40
C LEU G 104 1.60 -48.13 40.71
N LYS G 105 2.76 -48.78 40.66
CA LYS G 105 3.95 -48.17 40.08
C LYS G 105 3.79 -47.82 38.61
N ARG G 106 2.87 -48.51 37.91
CA ARG G 106 2.61 -48.22 36.52
C ARG G 106 1.32 -47.43 36.29
N ASP G 107 0.39 -47.43 37.25
CA ASP G 107 -0.89 -46.78 37.06
C ASP G 107 -0.91 -45.37 37.65
N VAL G 108 -0.45 -45.20 38.89
CA VAL G 108 -0.55 -43.90 39.55
C VAL G 108 0.22 -42.81 38.83
N PRO G 109 1.51 -42.98 38.49
CA PRO G 109 2.19 -41.93 37.72
C PRO G 109 1.55 -41.68 36.37
N ALA G 110 1.14 -42.75 35.68
CA ALA G 110 0.49 -42.59 34.38
C ALA G 110 -0.84 -41.86 34.52
N LEU G 111 -1.61 -42.19 35.56
CA LEU G 111 -2.90 -41.53 35.77
C LEU G 111 -2.70 -40.04 36.05
N LEU G 112 -1.75 -39.70 36.93
CA LEU G 112 -1.53 -38.30 37.25
C LEU G 112 -1.03 -37.54 36.03
N ALA G 113 -0.12 -38.14 35.26
CA ALA G 113 0.37 -37.48 34.05
C ALA G 113 -0.75 -37.27 33.04
N ALA G 114 -1.62 -38.28 32.88
CA ALA G 114 -2.71 -38.18 31.92
C ALA G 114 -3.69 -37.08 32.31
N ILE G 115 -4.03 -37.01 33.60
CA ILE G 115 -4.98 -35.97 34.00
C ILE G 115 -4.34 -34.60 34.00
N GLY G 116 -3.02 -34.53 34.19
CA GLY G 116 -2.34 -33.24 34.07
C GLY G 116 -2.28 -32.75 32.64
N LEU G 117 -2.06 -33.66 31.69
CA LEU G 117 -1.93 -33.26 30.29
C LEU G 117 -3.26 -32.81 29.71
N VAL G 118 -4.37 -33.36 30.20
CA VAL G 118 -5.69 -33.11 29.62
C VAL G 118 -6.46 -32.03 30.38
N HIS G 119 -5.86 -31.43 31.40
CA HIS G 119 -6.62 -30.53 32.27
C HIS G 119 -7.04 -29.25 31.55
N ASP G 120 -6.25 -28.81 30.57
CA ASP G 120 -6.56 -27.59 29.83
C ASP G 120 -6.68 -27.87 28.33
N MET G 121 -7.30 -29.00 27.97
CA MET G 121 -7.37 -29.40 26.58
C MET G 121 -8.62 -28.87 25.89
N GLY G 122 -9.70 -28.67 26.64
CA GLY G 122 -10.93 -28.14 26.07
C GLY G 122 -11.21 -26.69 26.38
N ASN G 123 -10.22 -25.95 26.88
CA ASN G 123 -10.44 -24.56 27.26
C ASN G 123 -10.63 -23.70 26.02
N PRO G 124 -11.42 -22.63 26.11
CA PRO G 124 -11.60 -21.74 24.97
C PRO G 124 -10.33 -20.99 24.66
N PRO G 125 -10.18 -20.46 23.44
CA PRO G 125 -8.95 -19.75 23.08
C PRO G 125 -8.82 -18.40 23.78
N PHE G 126 -7.71 -17.70 23.50
CA PHE G 126 -7.46 -16.36 24.05
C PHE G 126 -7.37 -16.37 25.57
N GLY G 127 -6.97 -17.51 26.13
CA GLY G 127 -6.77 -17.59 27.57
C GLY G 127 -8.06 -17.51 28.36
N HIS G 128 -7.90 -17.29 29.67
CA HIS G 128 -9.05 -17.24 30.57
C HIS G 128 -10.05 -16.16 30.16
N GLN G 129 -9.56 -15.01 29.69
CA GLN G 129 -10.45 -13.96 29.21
C GLN G 129 -11.45 -14.50 28.20
N GLY G 130 -11.02 -15.40 27.32
CA GLY G 130 -11.92 -16.02 26.37
C GLY G 130 -13.18 -16.52 27.04
N GLU G 131 -13.03 -17.32 28.10
CA GLU G 131 -14.19 -17.82 28.82
C GLU G 131 -15.12 -16.67 29.20
N LYS G 132 -14.56 -15.65 29.86
CA LYS G 132 -15.36 -14.49 30.23
C LYS G 132 -16.13 -13.95 29.04
N ALA G 133 -15.42 -13.73 27.93
CA ALA G 133 -16.08 -13.21 26.73
C ALA G 133 -17.27 -14.10 26.37
N MET G 134 -17.03 -15.40 26.26
CA MET G 134 -18.13 -16.32 25.94
C MET G 134 -19.28 -16.12 26.91
N SER G 135 -19.00 -16.16 28.21
CA SER G 135 -20.05 -15.96 29.20
C SER G 135 -20.79 -14.66 28.92
N GLU G 136 -20.06 -13.56 28.77
CA GLU G 136 -20.71 -12.29 28.52
C GLU G 136 -21.62 -12.37 27.31
N TRP G 137 -21.12 -12.95 26.21
CA TRP G 137 -21.94 -13.07 25.02
C TRP G 137 -23.22 -13.83 25.33
N PHE G 138 -23.09 -14.97 26.00
CA PHE G 138 -24.28 -15.75 26.34
C PHE G 138 -25.18 -14.95 27.27
N THR G 139 -24.59 -14.23 28.23
CA THR G 139 -25.39 -13.45 29.16
C THR G 139 -26.20 -12.39 28.41
N LYS G 140 -25.71 -11.98 27.24
CA LYS G 140 -26.45 -10.99 26.47
C LYS G 140 -27.42 -11.66 25.49
N ASN G 141 -27.09 -12.86 25.02
CA ASN G 141 -27.86 -13.50 23.97
C ASN G 141 -28.74 -14.63 24.47
N LEU G 142 -28.62 -15.01 25.74
CA LEU G 142 -29.53 -15.95 26.40
C LEU G 142 -30.07 -15.28 27.65
N PRO G 143 -30.96 -14.31 27.50
CA PRO G 143 -31.43 -13.54 28.66
C PRO G 143 -32.13 -14.43 29.67
N GLU G 144 -31.89 -14.15 30.95
CA GLU G 144 -32.47 -14.96 32.01
C GLU G 144 -33.96 -14.68 32.16
N HIS G 145 -34.37 -13.43 31.91
CA HIS G 145 -35.78 -13.08 32.04
C HIS G 145 -36.64 -13.71 30.95
N SER G 146 -36.05 -14.03 29.80
CA SER G 146 -36.81 -14.65 28.72
C SER G 146 -37.26 -16.05 29.10
N ASP G 147 -38.44 -16.43 28.62
CA ASP G 147 -38.99 -17.74 28.93
C ASP G 147 -38.18 -18.85 28.28
N ASN G 148 -37.61 -18.58 27.11
CA ASN G 148 -36.82 -19.60 26.42
C ASN G 148 -35.57 -19.97 27.21
N TYR G 149 -34.93 -18.98 27.83
CA TYR G 149 -33.68 -19.20 28.54
C TYR G 149 -33.82 -18.86 30.02
N LYS G 150 -34.93 -19.30 30.62
CA LYS G 150 -35.19 -19.04 32.04
C LYS G 150 -34.66 -20.13 32.95
N ASP G 151 -34.57 -21.36 32.45
CA ASP G 151 -34.13 -22.47 33.28
C ASP G 151 -32.66 -22.32 33.67
N LYS G 152 -32.29 -22.95 34.79
CA LYS G 152 -30.93 -22.86 35.30
C LYS G 152 -29.93 -23.62 34.44
N ILE G 153 -30.40 -24.53 33.59
CA ILE G 153 -29.49 -25.31 32.74
C ILE G 153 -28.70 -24.38 31.82
N TYR G 154 -29.34 -23.33 31.32
CA TYR G 154 -28.64 -22.38 30.46
C TYR G 154 -27.54 -21.64 31.18
N GLY G 155 -27.51 -21.70 32.52
CA GLY G 155 -26.36 -21.20 33.24
C GLY G 155 -25.07 -21.84 32.81
N ASP G 156 -25.14 -23.11 32.38
CA ASP G 156 -23.98 -23.80 31.82
C ASP G 156 -23.27 -22.97 30.76
N PHE G 157 -24.03 -22.11 30.09
CA PHE G 157 -23.47 -21.20 29.08
C PHE G 157 -23.29 -19.79 29.60
N ARG G 158 -24.10 -19.35 30.57
CA ARG G 158 -23.92 -18.02 31.13
C ARG G 158 -22.74 -17.98 32.09
N HIS G 159 -22.31 -19.13 32.61
CA HIS G 159 -21.14 -19.26 33.44
C HIS G 159 -20.21 -20.33 32.87
N PHE G 160 -19.93 -20.19 31.57
CA PHE G 160 -19.19 -21.21 30.83
C PHE G 160 -17.83 -21.46 31.48
N ASP G 161 -17.49 -22.74 31.61
CA ASP G 161 -16.24 -23.16 32.25
C ASP G 161 -15.51 -24.12 31.32
N GLY G 162 -14.18 -24.05 31.33
CA GLY G 162 -13.40 -24.89 30.44
C GLY G 162 -13.35 -26.34 30.87
N ASN G 163 -13.56 -26.61 32.17
CA ASN G 163 -13.50 -27.99 32.64
C ASN G 163 -14.65 -28.82 32.10
N SER G 164 -15.86 -28.26 32.10
CA SER G 164 -17.01 -28.98 31.55
C SER G 164 -16.83 -29.24 30.06
N GLN G 165 -16.32 -28.25 29.32
CA GLN G 165 -16.07 -28.45 27.90
C GLN G 165 -14.99 -29.49 27.66
N THR G 166 -13.98 -29.54 28.54
CA THR G 166 -12.94 -30.56 28.41
C THR G 166 -13.52 -31.96 28.62
N LEU G 167 -14.37 -32.11 29.64
CA LEU G 167 -15.02 -33.40 29.87
C LEU G 167 -15.90 -33.79 28.69
N ARG G 168 -16.65 -32.83 28.16
CA ARG G 168 -17.48 -33.10 26.98
C ARG G 168 -16.62 -33.52 25.79
N LEU G 169 -15.46 -32.87 25.62
CA LEU G 169 -14.63 -33.14 24.46
C LEU G 169 -13.95 -34.51 24.56
N VAL G 170 -13.63 -34.95 25.78
CA VAL G 170 -13.00 -36.25 25.96
C VAL G 170 -14.01 -37.37 26.13
N THR G 171 -15.30 -37.06 26.29
CA THR G 171 -16.30 -38.10 26.47
C THR G 171 -17.29 -38.20 25.31
N LYS G 172 -17.73 -37.08 24.75
CA LYS G 172 -18.77 -37.13 23.73
C LYS G 172 -18.36 -36.43 22.44
N LEU G 173 -17.52 -35.39 22.53
CA LEU G 173 -17.22 -34.54 21.39
C LEU G 173 -16.03 -35.10 20.60
N GLN G 174 -16.31 -36.12 19.79
CA GLN G 174 -15.33 -36.68 18.88
C GLN G 174 -15.97 -36.82 17.50
N ILE G 175 -15.18 -37.28 16.54
CA ILE G 175 -15.69 -37.42 15.17
C ILE G 175 -16.79 -38.47 15.11
N LEU G 176 -16.57 -39.61 15.78
CA LEU G 176 -17.58 -40.65 15.85
C LEU G 176 -18.53 -40.34 17.00
N ASN G 177 -19.83 -40.30 16.71
CA ASN G 177 -20.84 -40.03 17.73
C ASN G 177 -21.27 -41.34 18.38
N ASP G 178 -20.35 -41.94 19.14
CA ASP G 178 -20.62 -43.15 19.89
C ASP G 178 -20.84 -42.88 21.37
N THR G 179 -20.92 -41.61 21.78
CA THR G 179 -21.06 -41.20 23.19
C THR G 179 -19.95 -41.75 24.07
N TYR G 180 -18.80 -42.10 23.49
CA TYR G 180 -17.67 -42.63 24.24
C TYR G 180 -16.38 -41.86 24.03
N GLY G 181 -16.23 -41.15 22.92
CA GLY G 181 -15.05 -40.32 22.72
C GLY G 181 -13.78 -41.13 22.70
N LEU G 182 -12.79 -40.66 23.46
CA LEU G 182 -11.51 -41.35 23.57
C LEU G 182 -11.60 -42.66 24.34
N ASN G 183 -12.72 -42.90 25.03
CA ASN G 183 -12.94 -44.13 25.79
C ASN G 183 -11.85 -44.32 26.84
N LEU G 184 -11.68 -43.30 27.69
CA LEU G 184 -10.72 -43.36 28.78
C LEU G 184 -11.25 -44.25 29.90
N THR G 185 -10.34 -44.65 30.78
CA THR G 185 -10.71 -45.49 31.91
C THR G 185 -11.56 -44.68 32.90
N TYR G 186 -12.26 -45.41 33.78
CA TYR G 186 -13.14 -44.77 34.74
C TYR G 186 -12.34 -43.92 35.73
N ALA G 187 -11.15 -44.38 36.12
CA ALA G 187 -10.32 -43.59 37.03
C ALA G 187 -9.92 -42.27 36.41
N THR G 188 -9.52 -42.29 35.14
CA THR G 188 -9.13 -41.05 34.46
C THR G 188 -10.30 -40.09 34.37
N LEU G 189 -11.47 -40.59 33.95
CA LEU G 189 -12.64 -39.73 33.82
C LEU G 189 -13.05 -39.16 35.16
N ALA G 190 -12.99 -39.96 36.22
CA ALA G 190 -13.32 -39.47 37.55
C ALA G 190 -12.34 -38.38 37.99
N SER G 191 -11.06 -38.56 37.67
CA SER G 191 -10.07 -37.55 38.04
C SER G 191 -10.20 -36.28 37.21
N MET G 192 -10.76 -36.37 36.00
CA MET G 192 -10.95 -35.18 35.18
C MET G 192 -11.95 -34.22 35.81
N ILE G 193 -12.97 -34.75 36.49
CA ILE G 193 -14.01 -33.90 37.07
C ILE G 193 -13.41 -33.11 38.22
N LYS G 194 -13.21 -31.82 38.01
CA LYS G 194 -12.61 -30.96 39.02
C LYS G 194 -13.66 -30.58 40.06
N TYR G 195 -14.74 -29.93 39.61
CA TYR G 195 -15.84 -29.60 40.49
C TYR G 195 -16.95 -30.64 40.32
N PRO G 196 -17.23 -31.46 41.33
CA PRO G 196 -18.25 -32.50 41.17
C PRO G 196 -19.66 -31.98 41.40
N ARG G 197 -20.08 -31.02 40.59
CA ARG G 197 -21.42 -30.46 40.68
C ARG G 197 -21.78 -29.81 39.36
N SER G 198 -23.07 -29.61 39.15
CA SER G 198 -23.59 -28.94 37.96
C SER G 198 -24.22 -27.60 38.35
N SER G 199 -24.58 -26.84 37.32
CA SER G 199 -25.19 -25.52 37.57
C SER G 199 -26.58 -25.67 38.16
N GLU G 200 -27.26 -26.78 37.89
CA GLU G 200 -28.56 -27.01 38.49
C GLU G 200 -28.47 -27.10 40.01
N SER G 201 -27.47 -27.80 40.52
CA SER G 201 -27.28 -27.92 41.96
C SER G 201 -26.59 -26.68 42.52
N ASP G 202 -26.92 -26.35 43.76
CA ASP G 202 -26.33 -25.22 44.45
C ASP G 202 -25.44 -25.75 45.58
N SER G 203 -24.16 -25.38 45.54
CA SER G 203 -23.20 -25.82 46.55
C SER G 203 -22.29 -24.67 46.91
N SER G 204 -21.83 -24.68 48.16
CA SER G 204 -20.90 -23.66 48.64
C SER G 204 -19.45 -24.11 48.60
N LEU G 205 -19.20 -25.42 48.66
CA LEU G 205 -17.82 -25.91 48.60
C LEU G 205 -17.20 -25.64 47.23
N TRP G 206 -17.96 -25.83 46.16
CA TRP G 206 -17.49 -25.62 44.81
C TRP G 206 -18.26 -24.46 44.18
N LYS G 207 -17.52 -23.48 43.66
CA LYS G 207 -18.16 -22.32 43.06
C LYS G 207 -18.64 -22.62 41.64
N LYS G 208 -17.74 -23.14 40.80
CA LYS G 208 -18.07 -23.42 39.42
C LYS G 208 -18.64 -24.83 39.26
N HIS G 209 -19.31 -25.04 38.13
CA HIS G 209 -19.82 -26.35 37.77
C HIS G 209 -18.78 -27.12 36.96
N GLY G 210 -18.82 -28.44 37.08
CA GLY G 210 -17.80 -29.27 36.47
C GLY G 210 -18.21 -30.02 35.23
N PHE G 211 -19.52 -30.05 34.93
CA PHE G 211 -19.99 -30.76 33.76
C PHE G 211 -21.29 -30.13 33.29
N PHE G 212 -21.56 -30.30 31.99
CA PHE G 212 -22.78 -29.80 31.38
C PHE G 212 -23.96 -30.74 31.65
N LEU G 213 -25.14 -30.28 31.29
CA LEU G 213 -26.33 -31.13 31.43
C LEU G 213 -26.25 -32.34 30.51
N SER G 214 -25.76 -32.15 29.28
CA SER G 214 -25.71 -33.24 28.31
C SER G 214 -24.86 -34.41 28.79
N GLU G 215 -23.83 -34.13 29.58
CA GLU G 215 -22.95 -35.17 30.10
C GLU G 215 -23.37 -35.68 31.47
N LYS G 216 -24.49 -35.17 32.01
CA LYS G 216 -24.89 -35.53 33.36
C LYS G 216 -24.96 -37.03 33.55
N ASP G 217 -25.69 -37.72 32.67
CA ASP G 217 -25.81 -39.17 32.78
C ASP G 217 -24.43 -39.83 32.76
N VAL G 218 -23.56 -39.38 31.85
CA VAL G 218 -22.21 -39.94 31.77
C VAL G 218 -21.51 -39.79 33.12
N VAL G 219 -21.60 -38.60 33.70
CA VAL G 219 -20.96 -38.37 35.00
C VAL G 219 -21.53 -39.32 36.04
N GLN G 220 -22.86 -39.52 36.02
CA GLN G 220 -23.46 -40.45 36.96
C GLN G 220 -22.87 -41.83 36.79
N ASP G 221 -22.72 -42.28 35.54
CA ASP G 221 -22.12 -43.58 35.28
C ASP G 221 -20.73 -43.65 35.87
N ILE G 222 -19.94 -42.60 35.67
CA ILE G 222 -18.58 -42.57 36.22
C ILE G 222 -18.64 -42.76 37.72
N TRP G 223 -19.54 -42.03 38.39
CA TRP G 223 -19.65 -42.16 39.84
C TRP G 223 -20.02 -43.59 40.22
N ASN G 224 -20.98 -44.18 39.49
CA ASN G 224 -21.41 -45.53 39.81
C ASN G 224 -20.28 -46.53 39.63
N ASN G 225 -19.31 -46.22 38.78
CA ASN G 225 -18.20 -47.13 38.55
C ASN G 225 -16.96 -46.73 39.33
N THR G 226 -17.02 -45.66 40.12
CA THR G 226 -15.87 -45.20 40.86
C THR G 226 -16.12 -45.12 42.37
N GLY G 227 -17.38 -45.10 42.79
CA GLY G 227 -17.71 -44.96 44.19
C GLY G 227 -17.82 -43.54 44.69
N LEU G 228 -17.60 -42.55 43.82
CA LEU G 228 -17.78 -41.16 44.18
C LEU G 228 -19.25 -40.77 44.12
N SER G 229 -19.54 -39.51 44.40
CA SER G 229 -20.91 -39.01 44.36
C SER G 229 -20.84 -37.50 44.12
N GLU G 230 -22.02 -36.89 44.04
CA GLU G 230 -22.09 -35.44 43.85
C GLU G 230 -21.47 -34.72 45.05
N GLY G 231 -20.61 -33.75 44.75
CA GLY G 231 -19.92 -33.00 45.78
C GLY G 231 -18.67 -33.66 46.33
N VAL G 232 -18.33 -34.86 45.87
CA VAL G 232 -17.14 -35.56 46.32
C VAL G 232 -16.13 -35.59 45.18
N ARG G 233 -14.91 -35.15 45.47
CA ARG G 233 -13.88 -35.01 44.45
C ARG G 233 -12.87 -36.14 44.56
N HIS G 234 -12.42 -36.64 43.42
CA HIS G 234 -11.43 -37.72 43.40
C HIS G 234 -10.14 -37.24 44.06
N PRO G 235 -9.48 -38.11 44.84
CA PRO G 235 -8.26 -37.66 45.55
C PRO G 235 -7.17 -37.15 44.63
N PHE G 236 -6.99 -37.74 43.45
CA PHE G 236 -5.94 -37.29 42.55
C PHE G 236 -6.27 -35.96 41.89
N THR G 237 -7.53 -35.55 41.88
CA THR G 237 -7.87 -34.23 41.38
C THR G 237 -7.25 -33.13 42.23
N TYR G 238 -7.15 -33.35 43.54
CA TYR G 238 -6.46 -32.40 44.40
C TYR G 238 -5.00 -32.25 44.00
N ILE G 239 -4.33 -33.37 43.72
CA ILE G 239 -2.93 -33.31 43.31
C ILE G 239 -2.80 -32.60 41.97
N MET G 240 -3.70 -32.90 41.04
CA MET G 240 -3.66 -32.23 39.74
C MET G 240 -3.86 -30.72 39.88
N GLU G 241 -4.82 -30.31 40.70
CA GLU G 241 -5.06 -28.89 40.90
C GLU G 241 -3.88 -28.21 41.59
N ALA G 242 -3.26 -28.89 42.56
CA ALA G 242 -2.09 -28.33 43.22
C ALA G 242 -0.94 -28.15 42.23
N CYS G 243 -0.71 -29.15 41.37
CA CYS G 243 0.32 -29.02 40.35
C CYS G 243 0.02 -27.89 39.38
N ASP G 244 -1.24 -27.76 38.98
CA ASP G 244 -1.64 -26.67 38.09
C ASP G 244 -1.38 -25.32 38.74
N ASP G 245 -1.73 -25.18 40.02
CA ASP G 245 -1.51 -23.91 40.72
C ASP G 245 -0.03 -23.61 40.86
N ILE G 246 0.78 -24.62 41.18
CA ILE G 246 2.23 -24.41 41.30
C ILE G 246 2.81 -23.97 39.97
N ALA G 247 2.44 -24.66 38.88
CA ALA G 247 2.93 -24.29 37.57
C ALA G 247 2.51 -22.87 37.21
N TYR G 248 1.24 -22.53 37.43
CA TYR G 248 0.79 -21.16 37.23
C TYR G 248 1.69 -20.18 37.97
N SER G 249 1.74 -20.29 39.30
CA SER G 249 2.40 -19.29 40.13
C SER G 249 3.87 -19.15 39.81
N VAL G 250 4.57 -20.24 39.49
CA VAL G 250 6.01 -20.18 39.27
C VAL G 250 6.34 -19.82 37.83
N LEU G 251 5.81 -20.56 36.86
CA LEU G 251 6.18 -20.33 35.47
C LEU G 251 5.62 -19.03 34.92
N ASP G 252 4.47 -18.55 35.40
CA ASP G 252 4.01 -17.24 34.97
C ASP G 252 4.93 -16.14 35.46
N ALA G 253 5.43 -16.25 36.70
CA ALA G 253 6.42 -15.29 37.18
C ALA G 253 7.70 -15.36 36.36
N GLU G 254 8.13 -16.58 36.01
CA GLU G 254 9.32 -16.71 35.16
C GLU G 254 9.11 -16.05 33.81
N ASP G 255 7.93 -16.24 33.21
CA ASP G 255 7.63 -15.60 31.94
C ASP G 255 7.57 -14.08 32.07
N ILE G 256 7.05 -13.59 33.19
CA ILE G 256 7.01 -12.15 33.44
C ILE G 256 8.42 -11.58 33.48
N ILE G 257 9.32 -12.26 34.19
CA ILE G 257 10.70 -11.78 34.26
C ILE G 257 11.36 -11.87 32.89
N LYS G 258 11.12 -12.95 32.14
CA LYS G 258 11.72 -13.09 30.83
C LYS G 258 11.24 -12.01 29.87
N LYS G 259 9.96 -11.67 29.92
CA LYS G 259 9.39 -10.68 29.01
C LYS G 259 9.83 -9.26 29.35
N GLY G 260 10.47 -9.05 30.49
CA GLY G 260 10.94 -7.73 30.87
C GLY G 260 9.98 -6.89 31.66
N PHE G 261 8.82 -7.42 32.02
CA PHE G 261 7.86 -6.67 32.83
C PHE G 261 8.34 -6.47 34.27
N ALA G 262 9.33 -7.24 34.70
CA ALA G 262 9.89 -7.11 36.04
C ALA G 262 11.28 -7.73 36.02
N SER G 263 11.93 -7.72 37.18
CA SER G 263 13.27 -8.28 37.31
C SER G 263 13.31 -9.23 38.49
N PHE G 264 14.42 -9.98 38.58
CA PHE G 264 14.59 -10.93 39.67
C PHE G 264 14.63 -10.22 41.02
N HIS G 265 15.30 -9.08 41.10
CA HIS G 265 15.35 -8.32 42.34
C HIS G 265 13.98 -7.80 42.73
N ASP G 266 13.15 -7.42 41.75
CA ASP G 266 11.79 -6.99 42.05
C ASP G 266 11.00 -8.12 42.71
N LEU G 267 11.12 -9.34 42.16
CA LEU G 267 10.41 -10.48 42.75
C LEU G 267 10.94 -10.80 44.14
N ILE G 268 12.26 -10.72 44.33
CA ILE G 268 12.83 -10.98 45.65
C ILE G 268 12.31 -9.97 46.66
N ASP G 269 12.28 -8.69 46.29
CA ASP G 269 11.77 -7.67 47.20
C ASP G 269 10.29 -7.86 47.48
N PHE G 270 9.51 -8.24 46.46
CA PHE G 270 8.09 -8.48 46.68
C PHE G 270 7.86 -9.62 47.63
N ILE G 271 8.63 -10.71 47.49
CA ILE G 271 8.48 -11.84 48.39
C ILE G 271 8.91 -11.48 49.80
N GLN G 272 10.02 -10.75 49.94
CA GLN G 272 10.51 -10.39 51.26
C GLN G 272 9.55 -9.45 51.98
N SER G 273 8.98 -8.49 51.26
CA SER G 273 8.10 -7.50 51.85
C SER G 273 6.64 -7.95 51.93
N ASN G 274 6.33 -9.15 51.44
CA ASN G 274 4.96 -9.65 51.52
C ASN G 274 4.58 -9.88 52.97
N GLN G 275 3.31 -9.60 53.29
CA GLN G 275 2.86 -9.67 54.69
C GLN G 275 2.96 -11.09 55.22
N PHE G 276 2.54 -12.08 54.43
CA PHE G 276 2.51 -13.47 54.89
C PHE G 276 3.81 -14.22 54.63
N CYS G 277 4.69 -13.69 53.78
CA CYS G 277 5.95 -14.34 53.47
C CYS G 277 7.11 -13.84 54.31
N LYS G 278 6.88 -12.92 55.24
CA LYS G 278 7.96 -12.43 56.09
C LYS G 278 8.41 -13.50 57.07
N GLU G 279 7.50 -14.36 57.52
CA GLU G 279 7.82 -15.39 58.50
C GLU G 279 7.64 -16.80 57.97
N ASP G 280 7.34 -16.97 56.68
CA ASP G 280 7.17 -18.30 56.12
C ASP G 280 8.52 -18.98 55.95
N ASP G 281 8.63 -20.21 56.47
CA ASP G 281 9.91 -20.93 56.39
C ASP G 281 10.26 -21.26 54.94
N VAL G 282 9.26 -21.67 54.14
CA VAL G 282 9.52 -22.01 52.75
C VAL G 282 10.01 -20.80 51.98
N ALA G 283 9.35 -19.65 52.16
CA ALA G 283 9.76 -18.43 51.48
C ALA G 283 11.15 -18.00 51.93
N LYS G 284 11.43 -18.11 53.23
CA LYS G 284 12.75 -17.75 53.74
C LYS G 284 13.83 -18.62 53.10
N ARG G 285 13.59 -19.93 53.04
CA ARG G 285 14.58 -20.83 52.46
C ARG G 285 14.78 -20.53 50.98
N VAL G 286 13.70 -20.27 50.25
CA VAL G 286 13.82 -19.95 48.83
C VAL G 286 14.62 -18.67 48.64
N ILE G 287 14.35 -17.64 49.44
CA ILE G 287 15.07 -16.38 49.30
C ILE G 287 16.55 -16.56 49.62
N GLU G 288 16.85 -17.30 50.69
CA GLU G 288 18.24 -17.51 51.07
C GLU G 288 18.99 -18.27 49.98
N ASN G 289 18.38 -19.33 49.44
CA ASN G 289 19.03 -20.08 48.38
C ASN G 289 19.23 -19.23 47.14
N CYS G 290 18.23 -18.41 46.80
CA CYS G 290 18.35 -17.54 45.63
C CYS G 290 19.49 -16.56 45.79
N LYS G 291 19.60 -15.92 46.97
CA LYS G 291 20.67 -14.97 47.19
C LYS G 291 22.03 -15.65 47.20
N LYS G 292 22.11 -16.84 47.81
CA LYS G 292 23.37 -17.58 47.84
C LYS G 292 23.84 -17.93 46.44
N ILE G 293 22.92 -18.37 45.57
CA ILE G 293 23.31 -18.66 44.21
C ILE G 293 23.60 -17.38 43.44
N HIS G 294 22.91 -16.28 43.76
CA HIS G 294 23.08 -15.04 43.00
C HIS G 294 24.42 -14.40 43.28
N ALA G 295 24.94 -14.52 44.50
CA ALA G 295 26.28 -13.99 44.78
C ALA G 295 27.33 -14.67 43.91
N ASP G 296 27.36 -16.01 43.93
CA ASP G 296 28.30 -16.74 43.09
C ASP G 296 28.03 -16.48 41.62
N TYR G 297 26.78 -16.19 41.27
CA TYR G 297 26.42 -16.00 39.87
C TYR G 297 26.93 -14.65 39.36
N ALA G 298 26.92 -13.65 40.23
CA ALA G 298 27.46 -12.35 39.88
C ALA G 298 28.98 -12.33 39.92
N GLN G 299 29.60 -13.34 40.56
CA GLN G 299 31.06 -13.45 40.49
C GLN G 299 31.54 -13.57 39.04
N GLN G 300 30.86 -14.39 38.24
CA GLN G 300 31.23 -14.54 36.84
C GLN G 300 30.80 -13.32 36.02
N LYS G 301 31.35 -13.21 34.82
CA LYS G 301 31.02 -12.13 33.90
C LYS G 301 29.78 -12.50 33.11
N LEU G 302 28.64 -11.93 33.48
CA LEU G 302 27.38 -12.19 32.82
C LEU G 302 26.67 -10.88 32.51
N SER G 303 25.94 -10.86 31.39
CA SER G 303 25.12 -9.72 31.06
C SER G 303 23.94 -9.63 32.03
N PRO G 304 23.38 -8.43 32.22
CA PRO G 304 22.22 -8.31 33.13
C PRO G 304 21.06 -9.21 32.74
N ALA G 305 20.77 -9.33 31.44
CA ALA G 305 19.70 -10.23 31.00
C ALA G 305 20.02 -11.68 31.35
N GLU G 306 21.26 -12.11 31.09
CA GLU G 306 21.64 -13.49 31.40
C GLU G 306 21.60 -13.76 32.90
N LEU G 307 22.09 -12.81 33.69
CA LEU G 307 22.05 -12.96 35.14
C LEU G 307 20.62 -13.06 35.65
N ASN G 308 19.73 -12.19 35.16
CA ASN G 308 18.34 -12.25 35.57
C ASN G 308 17.72 -13.59 35.16
N ASP G 309 18.02 -14.05 33.94
CA ASP G 309 17.43 -15.27 33.42
C ASP G 309 17.81 -16.48 34.28
N MET G 310 19.11 -16.63 34.56
CA MET G 310 19.53 -17.81 35.30
C MET G 310 19.21 -17.68 36.80
N SER G 311 19.17 -16.44 37.32
CA SER G 311 18.71 -16.26 38.69
C SER G 311 17.25 -16.69 38.82
N MET G 312 16.42 -16.34 37.84
CA MET G 312 15.03 -16.79 37.88
C MET G 312 14.91 -18.27 37.61
N GLN G 313 15.83 -18.85 36.83
CA GLN G 313 15.85 -20.31 36.68
C GLN G 313 16.10 -21.00 38.02
N MET G 314 17.08 -20.50 38.78
CA MET G 314 17.35 -21.04 40.11
C MET G 314 16.15 -20.84 41.03
N PHE G 315 15.52 -19.66 40.96
CA PHE G 315 14.32 -19.43 41.77
C PHE G 315 13.23 -20.42 41.41
N ARG G 316 13.03 -20.68 40.11
CA ARG G 316 12.05 -21.65 39.68
C ARG G 316 12.35 -23.03 40.24
N VAL G 317 13.62 -23.44 40.17
CA VAL G 317 14.00 -24.76 40.68
C VAL G 317 13.68 -24.87 42.17
N TYR G 318 14.14 -23.89 42.96
CA TYR G 318 13.93 -23.95 44.41
C TYR G 318 12.45 -23.90 44.76
N ALA G 319 11.70 -23.00 44.13
CA ALA G 319 10.28 -22.85 44.45
C ALA G 319 9.50 -24.09 44.07
N ILE G 320 9.77 -24.66 42.89
CA ILE G 320 9.06 -25.86 42.47
C ILE G 320 9.38 -27.01 43.40
N ALA G 321 10.66 -27.17 43.78
CA ALA G 321 11.02 -28.25 44.69
C ALA G 321 10.29 -28.10 46.03
N GLU G 322 10.33 -26.90 46.61
CA GLU G 322 9.69 -26.69 47.91
C GLU G 322 8.19 -26.91 47.84
N LEU G 323 7.54 -26.37 46.80
CA LEU G 323 6.09 -26.49 46.69
C LEU G 323 5.68 -27.93 46.45
N VAL G 324 6.42 -28.67 45.61
CA VAL G 324 6.10 -30.06 45.36
C VAL G 324 6.25 -30.89 46.64
N ASP G 325 7.34 -30.65 47.38
CA ASP G 325 7.52 -31.37 48.64
C ASP G 325 6.41 -31.07 49.63
N ALA G 326 6.03 -29.79 49.74
CA ALA G 326 4.95 -29.42 50.65
C ALA G 326 3.64 -30.05 50.24
N VAL G 327 3.34 -30.07 48.94
CA VAL G 327 2.10 -30.65 48.47
C VAL G 327 2.07 -32.15 48.74
N VAL G 328 3.19 -32.84 48.51
CA VAL G 328 3.25 -34.28 48.77
C VAL G 328 3.05 -34.55 50.26
N ILE G 329 3.71 -33.76 51.12
CA ILE G 329 3.56 -33.96 52.55
C ILE G 329 2.12 -33.72 52.99
N ALA G 330 1.49 -32.67 52.47
CA ALA G 330 0.11 -32.37 52.83
C ALA G 330 -0.84 -33.49 52.37
N PHE G 331 -0.62 -34.01 51.16
CA PHE G 331 -1.45 -35.11 50.68
C PHE G 331 -1.27 -36.36 51.52
N LYS G 332 -0.02 -36.66 51.91
CA LYS G 332 0.23 -37.83 52.74
C LYS G 332 -0.41 -37.69 54.12
N ASP G 333 -0.34 -36.49 54.69
CA ASP G 333 -0.87 -36.29 56.04
C ASP G 333 -2.40 -36.36 56.06
N ASN G 334 -3.06 -35.78 55.05
CA ASN G 334 -4.52 -35.72 55.01
C ASN G 334 -5.10 -36.75 54.05
N ILE G 335 -4.46 -37.92 53.94
CA ILE G 335 -4.97 -38.95 53.03
C ILE G 335 -6.28 -39.52 53.52
N ASN G 336 -6.43 -39.66 54.84
CA ASN G 336 -7.67 -40.21 55.39
C ASN G 336 -8.86 -39.30 55.12
N GLU G 337 -8.67 -37.99 55.26
CA GLU G 337 -9.75 -37.04 54.98
C GLU G 337 -10.11 -37.03 53.51
N PHE G 338 -9.10 -37.17 52.63
CA PHE G 338 -9.37 -37.18 51.19
C PHE G 338 -10.18 -38.41 50.77
N LEU G 339 -9.96 -39.54 51.45
CA LEU G 339 -10.67 -40.77 51.15
C LEU G 339 -12.06 -40.83 51.77
N ASN G 340 -12.42 -39.85 52.59
CA ASN G 340 -13.73 -39.82 53.22
C ASN G 340 -14.77 -39.27 52.24
N ASP G 341 -16.00 -39.79 52.36
CA ASP G 341 -17.09 -39.34 51.51
C ASP G 341 -17.54 -37.92 51.81
N THR G 342 -17.14 -37.36 52.95
CA THR G 342 -17.53 -36.02 53.36
C THR G 342 -16.33 -35.08 53.41
N CYS G 343 -15.43 -35.21 52.43
CA CYS G 343 -14.26 -34.34 52.38
C CYS G 343 -14.69 -32.92 52.03
N GLU G 344 -14.16 -31.96 52.79
CA GLU G 344 -14.50 -30.55 52.59
C GLU G 344 -13.26 -29.69 52.34
N ILE G 345 -12.14 -30.29 51.96
CA ILE G 345 -10.93 -29.52 51.67
C ILE G 345 -11.07 -28.84 50.33
N LYS G 346 -10.87 -27.53 50.29
CA LYS G 346 -11.00 -26.79 49.04
C LYS G 346 -9.84 -27.05 48.10
N ASP G 347 -8.61 -27.05 48.60
CA ASP G 347 -7.44 -27.30 47.77
C ASP G 347 -6.32 -27.85 48.62
N LEU G 348 -5.38 -28.54 47.96
CA LEU G 348 -4.28 -29.18 48.67
C LEU G 348 -3.22 -28.17 49.11
N ILE G 349 -3.05 -27.09 48.35
CA ILE G 349 -2.00 -26.12 48.67
C ILE G 349 -2.27 -25.44 49.99
N SER G 350 -3.54 -25.09 50.25
CA SER G 350 -3.87 -24.38 51.49
C SER G 350 -3.52 -25.19 52.72
N CYS G 351 -3.58 -26.52 52.64
CA CYS G 351 -3.21 -27.37 53.76
C CYS G 351 -1.71 -27.61 53.84
N SER G 352 -0.94 -27.15 52.86
CA SER G 352 0.50 -27.35 52.83
C SER G 352 1.21 -26.12 53.39
N SER G 353 2.52 -26.26 53.58
CA SER G 353 3.34 -25.16 54.09
C SER G 353 3.75 -24.18 53.01
N GLY G 354 3.47 -24.48 51.74
CA GLY G 354 3.81 -23.57 50.66
C GLY G 354 2.64 -22.70 50.25
N LYS G 355 1.63 -22.59 51.11
CA LYS G 355 0.45 -21.79 50.80
C LYS G 355 0.82 -20.32 50.66
N ASN G 356 1.60 -19.79 51.60
CA ASN G 356 1.95 -18.37 51.57
C ASN G 356 2.79 -18.03 50.35
N LEU G 357 3.77 -18.88 50.02
CA LEU G 357 4.61 -18.63 48.86
C LEU G 357 3.79 -18.65 47.57
N CYS G 358 2.89 -19.63 47.44
CA CYS G 358 2.07 -19.71 46.24
C CYS G 358 1.13 -18.51 46.13
N GLN G 359 0.54 -18.09 47.26
CA GLN G 359 -0.33 -16.92 47.23
C GLN G 359 0.44 -15.66 46.86
N ALA G 360 1.65 -15.49 47.41
CA ALA G 360 2.45 -14.32 47.06
C ALA G 360 2.85 -14.35 45.59
N LEU G 361 3.19 -15.52 45.06
CA LEU G 361 3.53 -15.62 43.65
C LEU G 361 2.33 -15.30 42.77
N LYS G 362 1.14 -15.77 43.16
CA LYS G 362 -0.07 -15.43 42.40
C LYS G 362 -0.34 -13.94 42.43
N LYS G 363 -0.18 -13.30 43.59
CA LYS G 363 -0.37 -11.86 43.69
C LYS G 363 0.64 -11.12 42.81
N PHE G 364 1.90 -11.56 42.82
CA PHE G 364 2.91 -10.93 41.99
C PHE G 364 2.57 -11.07 40.51
N ASP G 365 2.14 -12.27 40.10
CA ASP G 365 1.77 -12.49 38.70
C ASP G 365 0.59 -11.62 38.31
N SER G 366 -0.41 -11.50 39.19
CA SER G 366 -1.57 -10.67 38.89
C SER G 366 -1.18 -9.20 38.77
N SER G 367 -0.37 -8.71 39.70
CA SER G 367 -0.05 -7.29 39.72
C SER G 367 0.88 -6.90 38.58
N ARG G 368 1.83 -7.78 38.24
CA ARG G 368 2.85 -7.42 37.26
C ARG G 368 2.49 -7.88 35.85
N GLY G 369 2.02 -9.12 35.70
CA GLY G 369 1.80 -9.67 34.39
C GLY G 369 0.38 -9.64 33.87
N TYR G 370 -0.59 -10.05 34.69
CA TYR G 370 -1.95 -10.17 34.20
C TYR G 370 -2.58 -8.81 33.95
N GLN G 371 -2.15 -7.78 34.67
CA GLN G 371 -2.70 -6.44 34.52
C GLN G 371 -1.77 -5.51 33.73
N HIS G 372 -0.85 -6.07 32.97
CA HIS G 372 0.00 -5.25 32.12
C HIS G 372 -0.82 -4.67 30.97
N ARG G 373 -0.35 -3.52 30.45
CA ARG G 373 -1.10 -2.81 29.42
C ARG G 373 -1.24 -3.65 28.16
N SER G 374 -0.16 -4.28 27.72
CA SER G 374 -0.22 -5.11 26.52
C SER G 374 -1.14 -6.30 26.72
N VAL G 375 -1.08 -6.93 27.90
CA VAL G 375 -1.95 -8.08 28.17
C VAL G 375 -3.41 -7.66 28.13
N LEU G 376 -3.73 -6.51 28.74
CA LEU G 376 -5.11 -6.04 28.72
C LEU G 376 -5.56 -5.70 27.30
N LYS G 377 -4.68 -5.09 26.50
CA LYS G 377 -5.04 -4.76 25.12
C LYS G 377 -5.33 -6.03 24.31
N LEU G 378 -4.47 -7.04 24.43
CA LEU G 378 -4.72 -8.28 23.70
C LEU G 378 -5.94 -9.01 24.23
N GLU G 379 -6.21 -8.92 25.53
CA GLU G 379 -7.44 -9.51 26.06
C GLU G 379 -8.67 -8.84 25.47
N LEU G 380 -8.65 -7.51 25.36
CA LEU G 380 -9.77 -6.81 24.74
C LEU G 380 -9.92 -7.20 23.27
N GLU G 381 -8.80 -7.31 22.55
CA GLU G 381 -8.86 -7.71 21.16
C GLU G 381 -9.45 -9.11 21.01
N GLY G 382 -9.01 -10.04 21.86
CA GLY G 382 -9.55 -11.38 21.82
C GLY G 382 -11.03 -11.44 22.17
N SER G 383 -11.45 -10.63 23.14
CA SER G 383 -12.86 -10.56 23.49
C SER G 383 -13.69 -10.05 22.32
N ASN G 384 -13.20 -9.01 21.65
CA ASN G 384 -13.90 -8.49 20.48
C ASN G 384 -13.99 -9.53 19.38
N TYR G 385 -12.88 -10.23 19.11
CA TYR G 385 -12.89 -11.28 18.09
C TYR G 385 -13.89 -12.37 18.43
N ILE G 386 -13.88 -12.83 19.68
CA ILE G 386 -14.76 -13.92 20.09
C ILE G 386 -16.22 -13.50 19.99
N LYS G 387 -16.53 -12.30 20.48
CA LYS G 387 -17.92 -11.85 20.45
C LYS G 387 -18.42 -11.65 19.01
N GLY G 388 -17.57 -11.08 18.15
CA GLY G 388 -17.96 -10.93 16.76
C GLY G 388 -18.20 -12.27 16.08
N LEU G 389 -17.29 -13.22 16.29
CA LEU G 389 -17.48 -14.54 15.69
C LEU G 389 -18.72 -15.23 16.26
N MET G 390 -19.00 -15.05 17.55
CA MET G 390 -20.18 -15.68 18.13
C MET G 390 -21.46 -15.09 17.57
N ASP G 391 -21.53 -13.76 17.40
CA ASP G 391 -22.70 -13.17 16.76
C ASP G 391 -22.86 -13.66 15.33
N MET G 392 -21.74 -13.71 14.60
CA MET G 392 -21.77 -14.13 13.20
C MET G 392 -22.20 -15.58 13.06
N LEU G 393 -21.80 -16.45 14.00
CA LEU G 393 -22.24 -17.84 13.95
C LEU G 393 -23.70 -17.98 14.40
N TRP G 394 -24.09 -17.23 15.44
CA TRP G 394 -25.48 -17.27 15.90
C TRP G 394 -26.43 -16.82 14.81
N LEU G 395 -25.98 -15.96 13.90
CA LEU G 395 -26.82 -15.59 12.76
C LEU G 395 -27.23 -16.81 11.95
N GLY G 396 -26.39 -17.85 11.91
CA GLY G 396 -26.69 -19.05 11.17
C GLY G 396 -27.07 -20.26 12.01
N ILE G 397 -26.99 -20.15 13.33
CA ILE G 397 -27.30 -21.27 14.22
C ILE G 397 -28.70 -21.14 14.83
N LYS G 398 -29.08 -19.94 15.25
CA LYS G 398 -30.35 -19.75 15.96
C LYS G 398 -31.52 -20.15 15.07
N GLY G 399 -32.46 -20.90 15.66
CA GLY G 399 -33.62 -21.37 14.95
C GLY G 399 -33.47 -22.70 14.24
N ARG G 400 -32.25 -23.24 14.18
CA ARG G 400 -32.03 -24.50 13.47
C ARG G 400 -32.75 -25.65 14.14
N ALA G 401 -32.97 -25.56 15.45
CA ALA G 401 -33.65 -26.63 16.20
C ALA G 401 -35.02 -26.23 16.72
N THR G 402 -35.23 -24.96 17.03
CA THR G 402 -36.53 -24.53 17.55
C THR G 402 -37.62 -24.63 16.50
N GLY G 403 -37.32 -24.24 15.27
CA GLY G 403 -38.31 -24.31 14.20
C GLY G 403 -38.33 -23.07 13.33
N ASP G 404 -37.98 -21.93 13.91
CA ASP G 404 -37.95 -20.68 13.16
C ASP G 404 -36.86 -20.72 12.09
N THR G 405 -37.12 -20.04 10.98
CA THR G 405 -36.31 -20.18 9.77
C THR G 405 -35.69 -18.85 9.32
N GLN G 406 -35.08 -18.12 10.26
CA GLN G 406 -34.33 -16.93 9.88
C GLN G 406 -32.91 -17.23 9.45
N TYR G 407 -32.48 -18.49 9.57
CA TYR G 407 -31.13 -18.89 9.22
C TYR G 407 -30.98 -19.26 7.74
N ASP G 408 -32.07 -19.26 6.98
CA ASP G 408 -32.04 -19.75 5.61
C ASP G 408 -31.37 -18.80 4.63
N THR G 409 -30.77 -17.71 5.12
CA THR G 409 -30.02 -16.83 4.25
C THR G 409 -28.74 -17.53 3.77
N PRO G 410 -28.24 -17.17 2.58
CA PRO G 410 -27.00 -17.81 2.10
C PRO G 410 -25.84 -17.66 3.06
N PHE G 411 -25.70 -16.49 3.70
CA PHE G 411 -24.66 -16.32 4.70
C PHE G 411 -24.86 -17.25 5.88
N GLY G 412 -26.11 -17.41 6.33
CA GLY G 412 -26.38 -18.32 7.42
C GLY G 412 -26.03 -19.76 7.07
N ARG G 413 -26.38 -20.19 5.86
CA ARG G 413 -26.07 -21.55 5.44
C ARG G 413 -24.56 -21.76 5.35
N TYR G 414 -23.84 -20.78 4.80
CA TYR G 414 -22.39 -20.90 4.72
C TYR G 414 -21.75 -20.94 6.11
N VAL G 415 -22.25 -20.10 7.01
CA VAL G 415 -21.75 -20.08 8.38
C VAL G 415 -21.98 -21.42 9.07
N TYR G 416 -23.17 -21.99 8.88
CA TYR G 416 -23.45 -23.31 9.44
C TYR G 416 -22.51 -24.35 8.84
N GLY G 417 -22.28 -24.29 7.53
CA GLY G 417 -21.38 -25.24 6.90
C GLY G 417 -19.94 -25.10 7.32
N ARG G 418 -19.53 -23.91 7.78
CA ARG G 418 -18.15 -23.72 8.22
C ARG G 418 -17.86 -24.41 9.54
N ILE G 419 -18.89 -24.69 10.33
CA ILE G 419 -18.70 -25.38 11.61
C ILE G 419 -18.22 -26.81 11.34
N SER G 420 -17.45 -27.34 12.29
CA SER G 420 -16.93 -28.70 12.15
C SER G 420 -18.06 -29.71 12.03
N GLU G 421 -17.81 -30.75 11.23
CA GLU G 421 -18.88 -31.68 10.89
C GLU G 421 -19.36 -32.48 12.11
N ASN G 422 -18.44 -32.84 13.01
CA ASN G 422 -18.83 -33.63 14.18
C ASN G 422 -19.73 -32.85 15.11
N TYR G 423 -19.46 -31.55 15.28
CA TYR G 423 -20.32 -30.72 16.12
C TYR G 423 -21.74 -30.68 15.58
N ARG G 424 -21.88 -30.48 14.27
CA ARG G 424 -23.21 -30.44 13.66
C ARG G 424 -23.88 -31.82 13.70
N ARG G 425 -23.10 -32.88 13.58
CA ARG G 425 -23.65 -34.23 13.68
C ARG G 425 -24.22 -34.48 15.07
N ILE G 426 -23.52 -34.04 16.10
CA ILE G 426 -24.03 -34.18 17.46
C ILE G 426 -25.25 -33.28 17.66
N PHE G 427 -25.22 -32.06 17.11
CA PHE G 427 -26.34 -31.14 17.26
C PHE G 427 -27.59 -31.66 16.59
N GLU G 428 -27.46 -32.29 15.42
CA GLU G 428 -28.61 -32.79 14.68
C GLU G 428 -29.16 -34.09 15.26
N GLN G 429 -28.45 -34.71 16.21
CA GLN G 429 -28.93 -35.94 16.81
C GLN G 429 -30.19 -35.67 17.63
N GLU G 430 -31.06 -36.68 17.70
CA GLU G 430 -32.32 -36.56 18.41
C GLU G 430 -32.14 -37.04 19.84
N ASN G 431 -32.08 -36.10 20.78
CA ASN G 431 -31.94 -36.38 22.20
C ASN G 431 -33.02 -35.64 22.97
N ASN G 432 -32.92 -35.66 24.30
CA ASN G 432 -33.90 -35.04 25.17
C ASN G 432 -33.54 -33.61 25.56
N LEU G 433 -32.43 -33.08 25.05
CA LEU G 433 -32.04 -31.73 25.40
C LEU G 433 -32.98 -30.71 24.75
N PRO G 434 -33.25 -29.59 25.42
CA PRO G 434 -34.07 -28.55 24.81
C PRO G 434 -33.39 -27.95 23.58
N ALA G 435 -34.20 -27.51 22.61
CA ALA G 435 -33.67 -27.05 21.34
C ALA G 435 -32.75 -25.86 21.52
N CYS G 436 -33.13 -24.89 22.36
CA CYS G 436 -32.27 -23.75 22.63
C CYS G 436 -30.96 -24.20 23.27
N TYR G 437 -31.03 -25.17 24.20
CA TYR G 437 -29.83 -25.70 24.81
C TYR G 437 -28.93 -26.36 23.76
N LYS G 438 -29.52 -27.10 22.82
CA LYS G 438 -28.72 -27.72 21.77
C LYS G 438 -28.05 -26.67 20.89
N GLU G 439 -28.78 -25.61 20.52
CA GLU G 439 -28.18 -24.57 19.70
C GLU G 439 -27.03 -23.88 20.43
N ALA G 440 -27.24 -23.53 21.70
CA ALA G 440 -26.18 -22.87 22.46
C ALA G 440 -24.99 -23.79 22.65
N GLN G 441 -25.23 -25.09 22.86
CA GLN G 441 -24.13 -26.04 23.00
C GLN G 441 -23.35 -26.17 21.70
N LEU G 442 -24.04 -26.14 20.57
CA LEU G 442 -23.35 -26.18 19.27
C LEU G 442 -22.43 -24.98 19.13
N LEU G 443 -22.93 -23.78 19.48
CA LEU G 443 -22.10 -22.59 19.40
C LEU G 443 -20.90 -22.69 20.35
N ALA G 444 -21.13 -23.16 21.57
CA ALA G 444 -20.05 -23.27 22.54
C ALA G 444 -18.98 -24.26 22.06
N ASP G 445 -19.41 -25.40 21.52
CA ASP G 445 -18.47 -26.38 21.00
C ASP G 445 -17.68 -25.82 19.82
N ALA G 446 -18.35 -25.07 18.93
CA ALA G 446 -17.66 -24.48 17.79
C ALA G 446 -16.61 -23.48 18.25
N ILE G 447 -16.96 -22.62 19.21
CA ILE G 447 -16.04 -21.58 19.64
C ILE G 447 -14.87 -22.17 20.44
N SER G 448 -15.17 -23.11 21.34
CA SER G 448 -14.13 -23.63 22.23
C SER G 448 -13.06 -24.42 21.48
N GLY G 449 -13.43 -25.06 20.38
CA GLY G 449 -12.50 -25.91 19.66
C GLY G 449 -11.53 -25.17 18.75
N MET G 450 -11.62 -23.86 18.67
CA MET G 450 -10.76 -23.09 17.78
C MET G 450 -9.54 -22.56 18.50
N THR G 451 -8.44 -22.43 17.76
CA THR G 451 -7.24 -21.78 18.26
C THR G 451 -7.34 -20.28 17.97
N ASP G 452 -6.36 -19.52 18.48
CA ASP G 452 -6.40 -18.07 18.31
C ASP G 452 -6.24 -17.70 16.84
N SER G 453 -5.25 -18.28 16.17
CA SER G 453 -5.02 -17.98 14.76
C SER G 453 -6.22 -18.39 13.91
N TYR G 454 -6.75 -19.59 14.16
CA TYR G 454 -7.92 -20.05 13.43
C TYR G 454 -9.12 -19.17 13.68
N LEU G 455 -9.34 -18.77 14.93
CA LEU G 455 -10.47 -17.91 15.25
C LEU G 455 -10.36 -16.56 14.55
N ILE G 456 -9.16 -15.97 14.56
CA ILE G 456 -8.95 -14.68 13.91
C ILE G 456 -9.17 -14.80 12.41
N ALA G 457 -8.63 -15.86 11.81
CA ALA G 457 -8.77 -16.04 10.36
C ALA G 457 -10.24 -16.23 9.98
N LEU G 458 -10.97 -17.05 10.73
CA LEU G 458 -12.38 -17.27 10.44
C LEU G 458 -13.18 -15.99 10.63
N HIS G 459 -12.87 -15.23 11.69
CA HIS G 459 -13.57 -13.97 11.94
C HIS G 459 -13.36 -13.01 10.79
N ASP G 460 -12.11 -12.86 10.33
CA ASP G 460 -11.83 -11.95 9.22
C ASP G 460 -12.52 -12.41 7.94
N GLU G 461 -12.47 -13.72 7.65
CA GLU G 461 -13.07 -14.23 6.43
C GLU G 461 -14.57 -14.01 6.42
N LEU G 462 -15.25 -14.34 7.52
CA LEU G 462 -16.70 -14.18 7.56
C LEU G 462 -17.10 -12.71 7.64
N ARG G 463 -16.27 -11.86 8.25
CA ARG G 463 -16.52 -10.43 8.19
C ARG G 463 -16.45 -9.91 6.76
N ALA G 464 -15.48 -10.41 6.00
CA ALA G 464 -15.43 -10.06 4.58
C ALA G 464 -16.65 -10.56 3.84
N LEU G 465 -17.13 -11.76 4.17
CA LEU G 465 -18.27 -12.34 3.50
C LEU G 465 -19.61 -11.84 4.03
N HIS G 466 -19.63 -11.09 5.13
CA HIS G 466 -20.85 -10.58 5.71
C HIS G 466 -21.18 -9.15 5.27
N GLN G 467 -20.41 -8.60 4.32
CA GLN G 467 -20.58 -7.20 3.96
C GLN G 467 -21.94 -6.94 3.33
N TYR G 468 -22.42 -7.84 2.48
CA TYR G 468 -23.67 -7.60 1.77
C TYR G 468 -24.86 -7.59 2.72
N GLU G 469 -24.92 -8.55 3.64
CA GLU G 469 -26.07 -8.66 4.52
C GLU G 469 -26.07 -7.63 5.64
N CYS G 470 -24.98 -6.88 5.81
CA CYS G 470 -24.92 -5.84 6.83
C CYS G 470 -25.39 -4.50 6.28
N SER H 2 29.62 -58.26 26.96
CA SER H 2 30.91 -57.78 27.44
C SER H 2 30.74 -56.56 28.33
N MET H 3 29.94 -55.60 27.87
CA MET H 3 29.66 -54.42 28.67
C MET H 3 28.69 -54.75 29.79
N HIS H 4 28.80 -53.98 30.88
CA HIS H 4 27.98 -54.20 32.07
C HIS H 4 26.95 -53.09 32.19
N TRP H 5 25.73 -53.46 32.62
CA TRP H 5 24.67 -52.48 32.76
C TRP H 5 24.97 -51.49 33.89
N ASN H 6 25.84 -51.87 34.83
CA ASN H 6 26.20 -50.95 35.90
C ASN H 6 26.91 -49.72 35.36
N ASP H 7 27.85 -49.92 34.42
CA ASP H 7 28.53 -48.78 33.82
C ASP H 7 27.65 -48.07 32.79
N LEU H 8 26.85 -48.83 32.04
CA LEU H 8 25.99 -48.22 31.03
C LEU H 8 24.88 -47.39 31.64
N LEU H 9 24.48 -47.67 32.88
CA LEU H 9 23.45 -46.91 33.58
C LEU H 9 24.05 -46.08 34.72
N ASN H 10 25.22 -45.50 34.49
CA ASN H 10 25.87 -44.69 35.50
C ASN H 10 25.05 -43.41 35.75
N SER H 11 24.77 -43.15 37.02
CA SER H 11 23.98 -41.99 37.42
C SER H 11 24.84 -40.84 37.90
N ASN H 12 26.16 -40.95 37.80
CA ASN H 12 27.04 -39.87 38.19
C ASN H 12 27.04 -38.76 37.15
N ARG H 13 27.46 -37.57 37.58
CA ARG H 13 27.50 -36.40 36.72
C ARG H 13 28.93 -35.88 36.60
N ARG H 14 29.19 -35.19 35.48
CA ARG H 14 30.54 -34.72 35.20
C ARG H 14 30.97 -33.65 36.19
N LYS H 15 30.07 -32.76 36.57
CA LYS H 15 30.42 -31.67 37.47
C LYS H 15 30.77 -32.22 38.85
N PRO H 16 31.96 -31.90 39.39
CA PRO H 16 32.30 -32.36 40.74
C PRO H 16 31.36 -31.77 41.78
N LYS H 17 31.07 -32.56 42.81
CA LYS H 17 30.20 -32.10 43.88
C LYS H 17 30.91 -31.05 44.72
N ASN H 18 30.14 -30.10 45.23
CA ASN H 18 30.68 -29.01 46.04
C ASN H 18 31.23 -29.52 47.37
N LYS H 21 27.57 -27.09 49.48
CA LYS H 21 26.12 -27.12 49.35
C LYS H 21 25.47 -27.72 50.60
N GLU H 22 24.59 -26.96 51.23
CA GLU H 22 23.91 -27.41 52.43
C GLU H 22 22.71 -28.28 52.08
N SER H 23 22.12 -28.90 53.10
CA SER H 23 20.95 -29.74 52.89
C SER H 23 19.74 -28.94 52.45
N SER H 24 19.67 -27.66 52.81
CA SER H 24 18.54 -26.84 52.41
C SER H 24 18.53 -26.53 50.92
N GLN H 25 19.66 -26.73 50.24
CA GLN H 25 19.76 -26.49 48.80
C GLN H 25 19.53 -27.76 47.98
N ASP H 26 19.18 -28.86 48.63
CA ASP H 26 18.96 -30.12 47.92
C ASP H 26 17.59 -30.08 47.24
N THR H 27 17.59 -30.01 45.91
CA THR H 27 16.36 -30.00 45.13
C THR H 27 16.04 -31.35 44.52
N SER H 28 16.82 -32.39 44.83
CA SER H 28 16.57 -33.70 44.25
C SER H 28 15.24 -34.28 44.74
N LYS H 29 14.98 -34.17 46.03
CA LYS H 29 13.77 -34.73 46.66
C LYS H 29 13.71 -36.23 46.38
N GLY H 30 12.52 -36.78 46.21
CA GLY H 30 12.38 -38.20 45.91
C GLY H 30 12.52 -38.56 44.45
N ARG H 31 13.35 -37.83 43.71
CA ARG H 31 13.53 -38.06 42.28
C ARG H 31 14.85 -38.76 42.02
N GLN H 32 14.83 -39.73 41.10
CA GLN H 32 16.07 -40.36 40.66
C GLN H 32 16.87 -39.38 39.81
N GLN H 33 18.17 -39.63 39.71
CA GLN H 33 19.06 -38.72 38.99
C GLN H 33 18.67 -38.61 37.52
N ILE H 34 18.33 -39.74 36.90
CA ILE H 34 17.93 -39.72 35.50
C ILE H 34 16.60 -39.00 35.33
N GLU H 35 15.70 -39.15 36.32
CA GLU H 35 14.46 -38.36 36.30
C GLU H 35 14.77 -36.88 36.39
N ARG H 36 15.76 -36.50 37.19
CA ARG H 36 16.19 -35.11 37.25
C ARG H 36 16.74 -34.65 35.91
N ASP H 37 17.46 -35.53 35.20
CA ASP H 37 17.94 -35.20 33.86
C ASP H 37 16.78 -34.94 32.91
N TYR H 38 15.74 -35.78 32.98
CA TYR H 38 14.57 -35.58 32.13
C TYR H 38 13.90 -34.25 32.45
N ASP H 39 13.78 -33.93 33.74
CA ASP H 39 13.18 -32.67 34.13
C ASP H 39 14.01 -31.48 33.65
N ARG H 40 15.34 -31.61 33.72
CA ARG H 40 16.22 -30.56 33.20
C ARG H 40 16.02 -30.35 31.72
N ILE H 41 15.92 -31.45 30.96
CA ILE H 41 15.73 -31.34 29.52
C ILE H 41 14.38 -30.71 29.20
N LEU H 42 13.32 -31.11 29.93
CA LEU H 42 11.99 -30.59 29.64
C LEU H 42 11.90 -29.09 29.91
N PHE H 43 12.51 -28.63 31.00
CA PHE H 43 12.40 -27.23 31.40
C PHE H 43 13.44 -26.34 30.74
N ALA H 44 14.30 -26.89 29.88
CA ALA H 44 15.30 -26.09 29.20
C ALA H 44 14.65 -25.17 28.17
N ALA H 45 15.24 -24.00 27.99
CA ALA H 45 14.73 -23.05 27.01
C ALA H 45 14.72 -23.60 25.58
N PRO H 46 15.76 -24.30 25.10
CA PRO H 46 15.67 -24.87 23.74
C PRO H 46 14.48 -25.81 23.55
N THR H 47 14.08 -26.53 24.60
CA THR H 47 12.92 -27.40 24.50
C THR H 47 11.67 -26.59 24.16
N ARG H 48 11.50 -25.44 24.81
CA ARG H 48 10.37 -24.56 24.49
C ARG H 48 10.53 -23.95 23.10
N ARG H 49 11.77 -23.60 22.73
CA ARG H 49 12.00 -22.99 21.42
C ARG H 49 11.75 -23.98 20.29
N LEU H 50 11.81 -25.28 20.57
CA LEU H 50 11.55 -26.29 19.55
C LEU H 50 10.15 -26.17 18.97
N ALA H 51 9.21 -25.56 19.68
CA ALA H 51 7.85 -25.42 19.18
C ALA H 51 7.77 -24.51 17.95
N ASP H 52 8.73 -23.60 17.80
CA ASP H 52 8.75 -22.68 16.67
C ASP H 52 9.51 -23.22 15.47
N LYS H 53 10.09 -24.41 15.56
CA LYS H 53 10.82 -24.99 14.46
C LYS H 53 9.97 -26.03 13.74
N THR H 54 9.89 -25.92 12.42
CA THR H 54 9.12 -26.84 11.60
C THR H 54 9.86 -28.16 11.47
N GLN H 55 9.09 -29.24 11.41
CA GLN H 55 9.67 -30.59 11.24
C GLN H 55 9.82 -30.90 9.75
N VAL H 56 8.70 -30.95 9.03
CA VAL H 56 8.74 -31.11 7.58
C VAL H 56 7.88 -30.03 6.94
N PHE H 57 6.67 -29.84 7.47
CA PHE H 57 5.65 -28.98 6.91
C PHE H 57 5.55 -27.67 7.69
N PRO H 58 5.03 -26.61 7.07
CA PRO H 58 4.88 -25.34 7.79
C PRO H 58 3.95 -25.48 8.99
N LEU H 59 4.28 -24.75 10.06
CA LEU H 59 3.48 -24.77 11.28
C LEU H 59 2.50 -23.61 11.37
N ASP H 60 2.58 -22.64 10.46
CA ASP H 60 1.68 -21.49 10.52
C ASP H 60 0.24 -21.90 10.25
N LYS H 61 0.03 -22.83 9.32
CA LYS H 61 -1.32 -23.35 9.08
C LYS H 61 -1.82 -24.14 10.28
N ASN H 62 -3.12 -24.05 10.51
CA ASN H 62 -3.76 -24.75 11.63
C ASN H 62 -4.29 -26.10 11.17
N ASP H 63 -3.39 -26.91 10.61
CA ASP H 63 -3.72 -28.25 10.14
C ASP H 63 -3.24 -29.34 11.10
N SER H 64 -2.91 -28.97 12.34
CA SER H 64 -2.46 -29.91 13.36
C SER H 64 -1.22 -30.67 12.92
N VAL H 65 -0.32 -29.99 12.21
CA VAL H 65 0.94 -30.61 11.80
C VAL H 65 1.85 -30.72 13.01
N ARG H 66 2.87 -31.57 12.90
CA ARG H 66 3.77 -31.83 14.01
C ARG H 66 5.06 -31.04 13.83
N THR H 67 5.41 -30.26 14.85
CA THR H 67 6.65 -29.50 14.86
C THR H 67 7.74 -30.32 15.53
N ARG H 68 8.88 -29.68 15.82
CA ARG H 68 9.96 -30.37 16.50
C ARG H 68 9.56 -30.79 17.91
N LEU H 69 8.83 -29.93 18.62
CA LEU H 69 8.45 -30.24 19.99
C LEU H 69 7.49 -31.42 20.06
N THR H 70 6.47 -31.42 19.19
CA THR H 70 5.50 -32.51 19.19
C THR H 70 6.17 -33.83 18.80
N HIS H 71 7.03 -33.80 17.78
CA HIS H 71 7.74 -35.01 17.37
C HIS H 71 8.65 -35.50 18.49
N SER H 72 9.33 -34.59 19.17
CA SER H 72 10.20 -34.98 20.28
C SER H 72 9.39 -35.62 21.41
N HIS H 73 8.24 -35.04 21.73
CA HIS H 73 7.40 -35.61 22.78
C HIS H 73 6.88 -36.98 22.40
N GLU H 74 6.49 -37.17 21.13
CA GLU H 74 6.02 -38.48 20.69
C GLU H 74 7.14 -39.52 20.75
N VAL H 75 8.34 -39.15 20.31
CA VAL H 75 9.48 -40.07 20.40
C VAL H 75 9.78 -40.40 21.85
N ALA H 76 9.71 -39.41 22.74
CA ALA H 76 9.94 -39.65 24.16
C ALA H 76 8.90 -40.60 24.72
N ASN H 77 7.64 -40.44 24.32
CA ASN H 77 6.59 -41.33 24.81
C ASN H 77 6.81 -42.76 24.33
N LEU H 78 7.18 -42.93 23.06
CA LEU H 78 7.45 -44.28 22.55
C LEU H 78 8.64 -44.91 23.27
N SER H 79 9.70 -44.13 23.48
CA SER H 79 10.87 -44.64 24.20
C SER H 79 10.52 -45.01 25.63
N ARG H 80 9.69 -44.20 26.29
CA ARG H 80 9.26 -44.51 27.65
C ARG H 80 8.45 -45.80 27.68
N GLY H 81 7.56 -45.98 26.70
CA GLY H 81 6.79 -47.22 26.65
C GLY H 81 7.68 -48.44 26.49
N ILE H 82 8.67 -48.34 25.58
CA ILE H 82 9.61 -49.44 25.40
C ILE H 82 10.40 -49.68 26.68
N GLY H 83 10.79 -48.62 27.37
CA GLY H 83 11.53 -48.78 28.61
C GLY H 83 10.72 -49.45 29.70
N MET H 84 9.45 -49.07 29.83
CA MET H 84 8.59 -49.73 30.81
C MET H 84 8.40 -51.20 30.47
N ARG H 85 8.23 -51.52 29.17
CA ARG H 85 8.14 -52.91 28.77
C ARG H 85 9.41 -53.68 29.14
N LEU H 86 10.57 -53.07 28.91
CA LEU H 86 11.83 -53.74 29.21
C LEU H 86 12.04 -53.93 30.71
N ALA H 87 11.67 -52.92 31.51
CA ALA H 87 11.97 -52.95 32.94
C ALA H 87 10.91 -53.66 33.77
N PHE H 88 9.70 -53.86 33.25
CA PHE H 88 8.64 -54.49 34.01
C PHE H 88 8.32 -55.90 33.55
N GLU H 89 8.59 -56.25 32.30
CA GLU H 89 8.30 -57.57 31.76
C GLU H 89 9.54 -58.33 31.34
N LEU H 90 10.40 -57.72 30.52
CA LEU H 90 11.59 -58.37 29.99
C LEU H 90 12.84 -58.06 30.82
N GLU H 91 12.68 -57.85 32.12
CA GLU H 91 13.82 -57.53 32.98
C GLU H 91 14.81 -58.68 33.02
N ASP H 92 14.31 -59.91 33.18
CA ASP H 92 15.22 -61.06 33.28
C ASP H 92 15.95 -61.31 31.97
N ASP H 93 15.26 -61.16 30.84
CA ASP H 93 15.87 -61.45 29.55
C ASP H 93 16.90 -60.40 29.17
N VAL H 94 16.64 -59.13 29.50
CA VAL H 94 17.49 -58.04 29.05
C VAL H 94 18.53 -57.69 30.12
N PHE H 95 18.07 -57.28 31.29
CA PHE H 95 18.96 -56.79 32.34
C PHE H 95 19.41 -57.96 33.21
N LYS H 96 20.68 -58.31 33.11
CA LYS H 96 21.28 -59.38 33.90
C LYS H 96 22.50 -58.85 34.64
N ASP H 97 22.74 -59.40 35.83
CA ASP H 97 23.85 -59.02 36.69
C ASP H 97 23.84 -57.52 37.01
N VAL H 98 22.65 -56.95 37.18
CA VAL H 98 22.51 -55.55 37.52
C VAL H 98 22.49 -55.40 39.05
N SER H 99 23.28 -54.46 39.56
CA SER H 99 23.34 -54.24 40.99
C SER H 99 22.00 -53.74 41.52
N GLU H 100 21.70 -54.11 42.76
CA GLU H 100 20.44 -53.72 43.38
C GLU H 100 20.35 -52.23 43.66
N ASP H 101 21.48 -51.51 43.60
CA ASP H 101 21.46 -50.08 43.84
C ASP H 101 20.84 -49.30 42.68
N ILE H 102 20.60 -49.97 41.55
CA ILE H 102 20.01 -49.34 40.37
C ILE H 102 18.55 -49.76 40.28
N CYS H 103 17.65 -48.78 40.35
CA CYS H 103 16.21 -49.04 40.21
C CYS H 103 15.86 -48.95 38.73
N LEU H 104 15.79 -50.11 38.07
CA LEU H 104 15.53 -50.14 36.64
C LEU H 104 14.16 -49.55 36.32
N LYS H 105 13.15 -49.88 37.12
CA LYS H 105 11.79 -49.43 36.87
C LYS H 105 11.66 -47.91 36.88
N ARG H 106 12.57 -47.20 37.55
CA ARG H 106 12.55 -45.76 37.58
C ARG H 106 13.61 -45.12 36.68
N ASP H 107 14.65 -45.86 36.31
CA ASP H 107 15.73 -45.28 35.52
C ASP H 107 15.58 -45.55 34.03
N VAL H 108 15.28 -46.79 33.64
CA VAL H 108 15.24 -47.12 32.22
C VAL H 108 14.16 -46.34 31.47
N PRO H 109 12.89 -46.32 31.92
CA PRO H 109 11.92 -45.48 31.20
C PRO H 109 12.27 -44.01 31.20
N ALA H 110 12.77 -43.50 32.33
CA ALA H 110 13.17 -42.10 32.40
C ALA H 110 14.33 -41.82 31.45
N LEU H 111 15.30 -42.73 31.40
CA LEU H 111 16.45 -42.53 30.51
C LEU H 111 16.01 -42.52 29.05
N LEU H 112 15.17 -43.47 28.66
CA LEU H 112 14.73 -43.52 27.27
C LEU H 112 13.90 -42.30 26.92
N ALA H 113 13.02 -41.85 27.82
CA ALA H 113 12.24 -40.66 27.55
C ALA H 113 13.12 -39.43 27.44
N ALA H 114 14.13 -39.32 28.31
CA ALA H 114 15.02 -38.16 28.29
C ALA H 114 15.82 -38.12 26.99
N ILE H 115 16.33 -39.26 26.54
CA ILE H 115 17.12 -39.24 25.31
C ILE H 115 16.22 -39.07 24.10
N GLY H 116 14.96 -39.50 24.18
CA GLY H 116 14.03 -39.25 23.09
C GLY H 116 13.65 -37.78 22.98
N LEU H 117 13.47 -37.12 24.11
CA LEU H 117 13.05 -35.71 24.10
C LEU H 117 14.16 -34.80 23.60
N VAL H 118 15.42 -35.17 23.84
CA VAL H 118 16.55 -34.29 23.54
C VAL H 118 17.21 -34.64 22.21
N HIS H 119 16.67 -35.61 21.47
CA HIS H 119 17.37 -36.10 20.28
C HIS H 119 17.41 -35.05 19.16
N ASP H 120 16.41 -34.18 19.10
CA ASP H 120 16.35 -33.14 18.07
C ASP H 120 16.29 -31.75 18.69
N MET H 121 17.05 -31.53 19.76
CA MET H 121 16.99 -30.26 20.47
C MET H 121 17.99 -29.24 19.94
N GLY H 122 19.12 -29.70 19.40
CA GLY H 122 20.11 -28.80 18.85
C GLY H 122 20.15 -28.74 17.34
N ASN H 123 19.13 -29.26 16.66
CA ASN H 123 19.13 -29.28 15.21
C ASN H 123 18.94 -27.87 14.65
N PRO H 124 19.52 -27.57 13.49
CA PRO H 124 19.34 -26.26 12.88
C PRO H 124 17.91 -26.04 12.43
N PRO H 125 17.47 -24.80 12.25
CA PRO H 125 16.09 -24.55 11.85
C PRO H 125 15.80 -24.95 10.41
N PHE H 126 14.56 -24.75 9.97
CA PHE H 126 14.13 -25.04 8.61
C PHE H 126 14.29 -26.51 8.25
N GLY H 127 14.21 -27.38 9.26
CA GLY H 127 14.24 -28.80 9.02
C GLY H 127 15.61 -29.29 8.56
N HIS H 128 15.61 -30.52 8.04
CA HIS H 128 16.85 -31.15 7.59
C HIS H 128 17.55 -30.33 6.51
N GLN H 129 16.78 -29.74 5.60
CA GLN H 129 17.36 -28.87 4.57
C GLN H 129 18.28 -27.83 5.19
N GLY H 130 17.89 -27.27 6.34
CA GLY H 130 18.75 -26.31 7.01
C GLY H 130 20.18 -26.80 7.14
N GLU H 131 20.34 -28.02 7.67
CA GLU H 131 21.67 -28.60 7.79
C GLU H 131 22.40 -28.53 6.45
N LYS H 132 21.76 -29.04 5.40
CA LYS H 132 22.38 -29.01 4.07
C LYS H 132 22.82 -27.59 3.74
N ALA H 133 21.93 -26.62 3.90
CA ALA H 133 22.28 -25.24 3.61
C ALA H 133 23.55 -24.85 4.35
N MET H 134 23.56 -25.07 5.67
CA MET H 134 24.74 -24.75 6.45
C MET H 134 25.97 -25.40 5.84
N SER H 135 25.90 -26.71 5.60
CA SER H 135 27.04 -27.41 5.01
C SER H 135 27.47 -26.72 3.72
N GLU H 136 26.52 -26.47 2.82
CA GLU H 136 26.86 -25.84 1.56
C GLU H 136 27.57 -24.52 1.80
N TRP H 137 27.02 -23.69 2.70
CA TRP H 137 27.66 -22.41 2.98
C TRP H 137 29.09 -22.63 3.44
N PHE H 138 29.30 -23.54 4.39
CA PHE H 138 30.65 -23.80 4.86
C PHE H 138 31.52 -24.33 3.74
N THR H 139 30.95 -25.21 2.90
CA THR H 139 31.72 -25.78 1.80
C THR H 139 32.17 -24.69 0.84
N LYS H 140 31.45 -23.56 0.81
CA LYS H 140 31.85 -22.47 -0.07
C LYS H 140 32.76 -21.49 0.67
N ASN H 141 32.60 -21.36 1.99
CA ASN H 141 33.31 -20.34 2.74
C ASN H 141 34.47 -20.89 3.56
N LEU H 142 34.62 -22.22 3.63
CA LEU H 142 35.79 -22.85 4.23
C LEU H 142 36.37 -23.81 3.21
N PRO H 143 37.02 -23.28 2.16
CA PRO H 143 37.50 -24.14 1.08
C PRO H 143 38.52 -25.16 1.58
N GLU H 144 38.42 -26.37 1.03
CA GLU H 144 39.31 -27.44 1.45
C GLU H 144 40.72 -27.23 0.92
N HIS H 145 40.83 -26.64 -0.28
CA HIS H 145 42.15 -26.42 -0.87
C HIS H 145 42.94 -25.34 -0.13
N SER H 146 42.25 -24.43 0.56
CA SER H 146 42.93 -23.38 1.29
C SER H 146 43.71 -23.95 2.47
N ASP H 147 44.86 -23.34 2.77
CA ASP H 147 45.69 -23.81 3.86
C ASP H 147 45.02 -23.59 5.21
N ASN H 148 44.23 -22.51 5.33
CA ASN H 148 43.56 -22.23 6.60
C ASN H 148 42.55 -23.31 6.94
N TYR H 149 41.83 -23.82 5.95
CA TYR H 149 40.77 -24.79 6.18
C TYR H 149 41.08 -26.10 5.47
N LYS H 150 42.32 -26.56 5.56
CA LYS H 150 42.74 -27.80 4.92
C LYS H 150 42.59 -29.01 5.83
N ASP H 151 42.66 -28.83 7.14
CA ASP H 151 42.58 -29.94 8.07
C ASP H 151 41.19 -30.57 8.06
N LYS H 152 41.13 -31.84 8.43
CA LYS H 152 39.87 -32.57 8.44
C LYS H 152 38.92 -32.11 9.53
N ILE H 153 39.42 -31.40 10.54
CA ILE H 153 38.56 -30.94 11.63
C ILE H 153 37.48 -30.01 11.10
N TYR H 154 37.81 -29.18 10.11
CA TYR H 154 36.82 -28.29 9.52
C TYR H 154 35.71 -29.05 8.81
N GLY H 155 35.90 -30.34 8.54
CA GLY H 155 34.81 -31.16 8.05
C GLY H 155 33.61 -31.13 8.98
N ASP H 156 33.86 -30.98 10.29
CA ASP H 156 32.78 -30.82 11.27
C ASP H 156 31.78 -29.77 10.83
N PHE H 157 32.23 -28.79 10.06
CA PHE H 157 31.37 -27.75 9.53
C PHE H 157 30.99 -27.97 8.08
N ARG H 158 31.84 -28.64 7.30
CA ARG H 158 31.50 -28.94 5.92
C ARG H 158 30.48 -30.08 5.82
N HIS H 159 30.38 -30.90 6.86
CA HIS H 159 29.39 -31.97 6.96
C HIS H 159 28.62 -31.82 8.27
N PHE H 160 28.13 -30.61 8.50
CA PHE H 160 27.48 -30.27 9.77
C PHE H 160 26.32 -31.21 10.06
N ASP H 161 26.26 -31.67 11.30
CA ASP H 161 25.23 -32.60 11.75
C ASP H 161 24.57 -32.07 13.00
N GLY H 162 23.28 -32.33 13.14
CA GLY H 162 22.54 -31.81 14.28
C GLY H 162 22.85 -32.54 15.57
N ASN H 163 23.30 -33.80 15.48
CA ASN H 163 23.59 -34.56 16.70
C ASN H 163 24.79 -33.99 17.44
N SER H 164 25.85 -33.63 16.72
CA SER H 164 27.01 -33.03 17.36
C SER H 164 26.66 -31.70 18.01
N GLN H 165 25.85 -30.89 17.32
CA GLN H 165 25.43 -29.61 17.90
C GLN H 165 24.55 -29.83 19.12
N THR H 166 23.71 -30.87 19.11
CA THR H 166 22.89 -31.17 20.28
C THR H 166 23.76 -31.56 21.47
N LEU H 167 24.77 -32.39 21.24
CA LEU H 167 25.69 -32.77 22.31
C LEU H 167 26.44 -31.55 22.84
N ARG H 168 26.89 -30.68 21.94
CA ARG H 168 27.56 -29.46 22.35
C ARG H 168 26.64 -28.57 23.18
N LEU H 169 25.37 -28.50 22.79
CA LEU H 169 24.42 -27.61 23.46
C LEU H 169 24.04 -28.14 24.84
N VAL H 170 24.01 -29.46 25.01
CA VAL H 170 23.68 -30.04 26.32
C VAL H 170 24.90 -30.24 27.19
N THR H 171 26.12 -30.07 26.66
CA THR H 171 27.32 -30.27 27.45
C THR H 171 28.12 -28.99 27.69
N LYS H 172 28.24 -28.13 26.68
CA LYS H 172 29.10 -26.95 26.82
C LYS H 172 28.37 -25.65 26.52
N LEU H 173 27.37 -25.67 25.64
CA LEU H 173 26.72 -24.46 25.15
C LEU H 173 25.56 -24.07 26.06
N GLN H 174 25.91 -23.45 27.19
CA GLN H 174 24.93 -22.89 28.11
C GLN H 174 25.36 -21.48 28.47
N ILE H 175 24.54 -20.81 29.28
CA ILE H 175 24.84 -19.43 29.68
C ILE H 175 26.10 -19.38 30.53
N LEU H 176 26.22 -20.31 31.47
CA LEU H 176 27.42 -20.40 32.30
C LEU H 176 28.46 -21.25 31.58
N ASN H 177 29.66 -20.71 31.41
CA ASN H 177 30.75 -21.43 30.75
C ASN H 177 31.52 -22.24 31.78
N ASP H 178 30.86 -23.27 32.30
CA ASP H 178 31.48 -24.21 33.23
C ASP H 178 31.87 -25.52 32.58
N THR H 179 31.75 -25.63 31.26
CA THR H 179 32.03 -26.85 30.50
C THR H 179 31.20 -28.03 30.98
N TYR H 180 30.06 -27.78 31.62
CA TYR H 180 29.19 -28.84 32.12
C TYR H 180 27.75 -28.73 31.64
N GLY H 181 27.31 -27.54 31.25
CA GLY H 181 25.97 -27.40 30.69
C GLY H 181 24.89 -27.81 31.66
N LEU H 182 23.96 -28.63 31.19
CA LEU H 182 22.86 -29.13 32.01
C LEU H 182 23.34 -30.13 33.06
N ASN H 183 24.57 -30.62 32.95
CA ASN H 183 25.14 -31.57 33.90
C ASN H 183 24.28 -32.83 34.00
N LEU H 184 24.06 -33.45 32.83
CA LEU H 184 23.30 -34.69 32.78
C LEU H 184 24.16 -35.85 33.27
N THR H 185 23.50 -36.96 33.59
CA THR H 185 24.20 -38.14 34.04
C THR H 185 25.02 -38.76 32.90
N TYR H 186 25.97 -39.61 33.28
CA TYR H 186 26.84 -40.23 32.29
C TYR H 186 26.06 -41.14 31.36
N ALA H 187 25.06 -41.85 31.88
CA ALA H 187 24.25 -42.72 31.04
C ALA H 187 23.50 -41.92 29.98
N THR H 188 22.91 -40.79 30.37
CA THR H 188 22.19 -39.96 29.42
C THR H 188 23.13 -39.43 28.34
N LEU H 189 24.29 -38.91 28.74
CA LEU H 189 25.24 -38.37 27.78
C LEU H 189 25.73 -39.45 26.82
N ALA H 190 26.00 -40.65 27.35
CA ALA H 190 26.41 -41.75 26.49
C ALA H 190 25.32 -42.12 25.50
N SER H 191 24.07 -42.12 25.95
CA SER H 191 22.97 -42.44 25.05
C SER H 191 22.73 -41.36 24.01
N MET H 192 23.09 -40.10 24.31
CA MET H 192 22.91 -39.03 23.35
C MET H 192 23.80 -39.23 22.11
N ILE H 193 24.99 -39.79 22.30
CA ILE H 193 25.92 -39.96 21.19
C ILE H 193 25.37 -41.01 20.24
N LYS H 194 24.88 -40.57 19.08
CA LYS H 194 24.29 -41.47 18.10
C LYS H 194 25.39 -42.18 17.31
N TYR H 195 26.24 -41.41 16.65
CA TYR H 195 27.39 -41.96 15.95
C TYR H 195 28.64 -41.79 16.81
N PRO H 196 29.22 -42.88 17.29
CA PRO H 196 30.40 -42.76 18.18
C PRO H 196 31.70 -42.59 17.41
N ARG H 197 31.78 -41.51 16.63
CA ARG H 197 32.99 -41.22 15.86
C ARG H 197 33.00 -39.74 15.51
N SER H 198 34.18 -39.25 15.16
CA SER H 198 34.37 -37.88 14.74
C SER H 198 34.78 -37.83 13.27
N SER H 199 34.82 -36.62 12.72
CA SER H 199 35.19 -36.45 11.32
C SER H 199 36.65 -36.78 11.09
N GLU H 200 37.49 -36.62 12.12
CA GLU H 200 38.89 -36.99 12.00
C GLU H 200 39.05 -38.47 11.71
N SER H 201 38.30 -39.32 12.43
CA SER H 201 38.36 -40.75 12.21
C SER H 201 37.54 -41.16 11.00
N ASP H 202 37.99 -42.21 10.32
CA ASP H 202 37.29 -42.75 9.16
C ASP H 202 36.72 -44.12 9.52
N SER H 203 35.40 -44.25 9.39
CA SER H 203 34.72 -45.49 9.71
C SER H 203 33.66 -45.78 8.65
N SER H 204 33.41 -47.07 8.42
CA SER H 204 32.39 -47.49 7.48
C SER H 204 31.06 -47.82 8.14
N LEU H 205 31.09 -48.22 9.42
CA LEU H 205 29.84 -48.53 10.12
C LEU H 205 28.98 -47.29 10.28
N TRP H 206 29.59 -46.16 10.61
CA TRP H 206 28.87 -44.90 10.83
C TRP H 206 29.29 -43.91 9.75
N LYS H 207 28.31 -43.36 9.05
CA LYS H 207 28.60 -42.40 7.99
C LYS H 207 28.91 -41.01 8.55
N LYS H 208 28.01 -40.50 9.39
CA LYS H 208 28.16 -39.17 9.95
C LYS H 208 28.97 -39.20 11.25
N HIS H 209 29.49 -38.03 11.62
CA HIS H 209 30.18 -37.87 12.89
C HIS H 209 29.20 -37.47 13.98
N GLY H 210 29.51 -37.85 15.21
CA GLY H 210 28.59 -37.65 16.31
C GLY H 210 28.95 -36.54 17.27
N PHE H 211 30.18 -36.01 17.17
CA PHE H 211 30.59 -34.95 18.07
C PHE H 211 31.65 -34.10 17.38
N PHE H 212 31.75 -32.85 17.82
CA PHE H 212 32.73 -31.92 17.30
C PHE H 212 34.09 -32.16 17.96
N LEU H 213 35.11 -31.47 17.43
CA LEU H 213 36.44 -31.55 18.01
C LEU H 213 36.46 -30.95 19.41
N SER H 214 35.75 -29.83 19.61
CA SER H 214 35.78 -29.14 20.90
C SER H 214 35.25 -30.02 22.03
N GLU H 215 34.32 -30.91 21.73
CA GLU H 215 33.75 -31.81 22.73
C GLU H 215 34.47 -33.14 22.81
N LYS H 216 35.54 -33.33 22.03
CA LYS H 216 36.21 -34.63 21.96
C LYS H 216 36.59 -35.12 23.36
N ASP H 217 37.31 -34.28 24.12
CA ASP H 217 37.71 -34.67 25.47
C ASP H 217 36.51 -35.05 26.31
N VAL H 218 35.44 -34.26 26.23
CA VAL H 218 34.23 -34.58 26.99
C VAL H 218 33.73 -35.96 26.63
N VAL H 219 33.67 -36.25 25.33
CA VAL H 219 33.21 -37.57 24.89
C VAL H 219 34.11 -38.65 25.47
N GLN H 220 35.43 -38.43 25.44
CA GLN H 220 36.34 -39.39 26.02
C GLN H 220 36.01 -39.65 27.48
N ASP H 221 35.76 -38.57 28.23
CA ASP H 221 35.40 -38.73 29.63
C ASP H 221 34.16 -39.59 29.77
N ILE H 222 33.15 -39.31 28.93
CA ILE H 222 31.91 -40.11 28.98
C ILE H 222 32.24 -41.58 28.79
N TRP H 223 33.08 -41.88 27.79
CA TRP H 223 33.43 -43.26 27.54
C TRP H 223 34.14 -43.87 28.75
N ASN H 224 35.06 -43.11 29.35
CA ASN H 224 35.79 -43.62 30.50
C ASN H 224 34.87 -43.88 31.68
N ASN H 225 33.73 -43.18 31.74
CA ASN H 225 32.80 -43.38 32.83
C ASN H 225 31.64 -44.29 32.45
N THR H 226 31.62 -44.81 31.22
CA THR H 226 30.52 -45.65 30.77
C THR H 226 30.99 -47.02 30.29
N GLY H 227 32.27 -47.17 29.97
CA GLY H 227 32.78 -48.42 29.44
C GLY H 227 32.69 -48.56 27.94
N LEU H 228 32.15 -47.56 27.25
CA LEU H 228 32.09 -47.58 25.80
C LEU H 228 33.43 -47.15 25.23
N SER H 229 33.52 -47.08 23.90
CA SER H 229 34.73 -46.67 23.22
C SER H 229 34.35 -46.13 21.85
N GLU H 230 35.35 -45.69 21.09
CA GLU H 230 35.11 -45.20 19.74
C GLU H 230 34.54 -46.30 18.86
N GLY H 231 33.48 -45.99 18.13
CA GLY H 231 32.82 -46.95 17.28
C GLY H 231 31.83 -47.85 17.95
N VAL H 232 31.66 -47.75 19.28
CA VAL H 232 30.72 -48.57 20.02
C VAL H 232 29.57 -47.67 20.48
N ARG H 233 28.35 -48.08 20.17
CA ARG H 233 27.16 -47.29 20.45
C ARG H 233 26.43 -47.84 21.66
N HIS H 234 25.90 -46.93 22.49
CA HIS H 234 25.16 -47.34 23.67
C HIS H 234 23.92 -48.13 23.26
N PRO H 235 23.56 -49.19 23.99
CA PRO H 235 22.41 -50.01 23.59
C PRO H 235 21.11 -49.25 23.48
N PHE H 236 20.87 -48.28 24.37
CA PHE H 236 19.62 -47.51 24.33
C PHE H 236 19.57 -46.54 23.16
N THR H 237 20.72 -46.19 22.58
CA THR H 237 20.72 -45.36 21.39
C THR H 237 20.04 -46.06 20.22
N TYR H 238 20.18 -47.39 20.13
CA TYR H 238 19.46 -48.14 19.10
C TYR H 238 17.96 -48.01 19.29
N ILE H 239 17.48 -48.12 20.53
CA ILE H 239 16.04 -47.98 20.79
C ILE H 239 15.58 -46.57 20.46
N MET H 240 16.36 -45.56 20.84
CA MET H 240 15.99 -44.19 20.53
C MET H 240 15.91 -43.96 19.02
N GLU H 241 16.89 -44.48 18.27
CA GLU H 241 16.87 -44.32 16.82
C GLU H 241 15.71 -45.06 16.19
N ALA H 242 15.39 -46.25 16.70
CA ALA H 242 14.24 -46.99 16.18
C ALA H 242 12.95 -46.24 16.42
N CYS H 243 12.78 -45.67 17.63
CA CYS H 243 11.59 -44.88 17.92
C CYS H 243 11.52 -43.65 17.03
N ASP H 244 12.66 -42.98 16.80
CA ASP H 244 12.68 -41.82 15.92
C ASP H 244 12.27 -42.20 14.50
N ASP H 245 12.78 -43.33 14.00
CA ASP H 245 12.44 -43.77 12.66
C ASP H 245 10.95 -44.13 12.56
N ILE H 246 10.42 -44.81 13.58
CA ILE H 246 9.00 -45.17 13.57
C ILE H 246 8.14 -43.91 13.56
N ALA H 247 8.47 -42.95 14.42
CA ALA H 247 7.72 -41.70 14.47
C ALA H 247 7.78 -40.98 13.14
N TYR H 248 8.98 -40.87 12.57
CA TYR H 248 9.13 -40.30 11.23
C TYR H 248 8.18 -40.97 10.25
N SER H 249 8.36 -42.27 10.04
CA SER H 249 7.65 -42.99 8.98
C SER H 249 6.14 -42.94 9.15
N VAL H 250 5.63 -43.01 10.37
CA VAL H 250 4.19 -43.06 10.60
C VAL H 250 3.58 -41.67 10.66
N LEU H 251 4.09 -40.79 11.52
CA LEU H 251 3.47 -39.49 11.71
C LEU H 251 3.67 -38.58 10.51
N ASP H 252 4.77 -38.71 9.76
CA ASP H 252 4.90 -37.92 8.53
C ASP H 252 3.85 -38.34 7.50
N ALA H 253 3.58 -39.64 7.38
CA ALA H 253 2.52 -40.09 6.50
C ALA H 253 1.16 -39.57 6.96
N GLU H 254 0.93 -39.58 8.28
CA GLU H 254 -0.32 -39.04 8.79
C GLU H 254 -0.46 -37.56 8.47
N ASP H 255 0.62 -36.79 8.61
CA ASP H 255 0.60 -35.38 8.27
C ASP H 255 0.38 -35.18 6.77
N ILE H 256 0.95 -36.05 5.94
CA ILE H 256 0.75 -35.96 4.50
C ILE H 256 -0.72 -36.15 4.17
N ILE H 257 -1.36 -37.16 4.77
CA ILE H 257 -2.77 -37.39 4.51
C ILE H 257 -3.61 -36.23 5.03
N LYS H 258 -3.27 -35.71 6.21
CA LYS H 258 -4.03 -34.59 6.77
C LYS H 258 -3.92 -33.35 5.89
N LYS H 259 -2.74 -33.07 5.36
CA LYS H 259 -2.53 -31.88 4.54
C LYS H 259 -3.18 -31.98 3.17
N GLY H 260 -3.67 -33.16 2.79
CA GLY H 260 -4.32 -33.33 1.51
C GLY H 260 -3.43 -33.71 0.36
N PHE H 261 -2.14 -33.94 0.60
CA PHE H 261 -1.24 -34.37 -0.47
C PHE H 261 -1.52 -35.79 -0.94
N ALA H 262 -2.26 -36.58 -0.15
CA ALA H 262 -2.63 -37.94 -0.53
C ALA H 262 -3.85 -38.32 0.29
N SER H 263 -4.31 -39.56 0.11
CA SER H 263 -5.47 -40.07 0.81
C SER H 263 -5.14 -41.41 1.44
N PHE H 264 -6.06 -41.87 2.30
CA PHE H 264 -5.86 -43.15 2.97
C PHE H 264 -5.82 -44.30 1.97
N HIS H 265 -6.69 -44.25 0.95
CA HIS H 265 -6.70 -45.30 -0.07
C HIS H 265 -5.41 -45.29 -0.87
N ASP H 266 -4.83 -44.10 -1.12
CA ASP H 266 -3.55 -44.04 -1.81
C ASP H 266 -2.46 -44.74 -1.02
N LEU H 267 -2.42 -44.51 0.29
CA LEU H 267 -1.43 -45.18 1.13
C LEU H 267 -1.66 -46.68 1.18
N ILE H 268 -2.93 -47.11 1.26
CA ILE H 268 -3.22 -48.53 1.28
C ILE H 268 -2.76 -49.19 -0.02
N ASP H 269 -3.03 -48.55 -1.16
CA ASP H 269 -2.61 -49.11 -2.44
C ASP H 269 -1.09 -49.12 -2.56
N PHE H 270 -0.42 -48.08 -2.06
CA PHE H 270 1.04 -48.04 -2.11
C PHE H 270 1.64 -49.17 -1.27
N ILE H 271 1.07 -49.42 -0.09
CA ILE H 271 1.58 -50.48 0.76
C ILE H 271 1.31 -51.85 0.13
N GLN H 272 0.11 -52.04 -0.43
CA GLN H 272 -0.23 -53.32 -1.02
C GLN H 272 0.63 -53.62 -2.25
N SER H 273 0.89 -52.61 -3.08
CA SER H 273 1.64 -52.79 -4.32
C SER H 273 3.15 -52.69 -4.11
N ASN H 274 3.61 -52.40 -2.90
CA ASN H 274 5.04 -52.33 -2.65
C ASN H 274 5.69 -53.69 -2.84
N GLN H 275 6.90 -53.69 -3.39
CA GLN H 275 7.57 -54.94 -3.73
C GLN H 275 7.85 -55.78 -2.48
N PHE H 276 8.32 -55.15 -1.42
CA PHE H 276 8.69 -55.89 -0.21
C PHE H 276 7.54 -56.06 0.77
N CYS H 277 6.46 -55.30 0.61
CA CYS H 277 5.32 -55.39 1.51
C CYS H 277 4.22 -56.31 1.01
N LYS H 278 4.41 -56.96 -0.15
CA LYS H 278 3.40 -57.88 -0.65
C LYS H 278 3.32 -59.14 0.20
N GLU H 279 4.43 -59.57 0.78
CA GLU H 279 4.49 -60.79 1.57
C GLU H 279 4.85 -60.55 3.03
N ASP H 280 4.97 -59.30 3.45
CA ASP H 280 5.32 -59.01 4.84
C ASP H 280 4.11 -59.26 5.74
N ASP H 281 4.32 -60.04 6.80
CA ASP H 281 3.22 -60.37 7.71
C ASP H 281 2.72 -59.12 8.44
N VAL H 282 3.64 -58.25 8.87
CA VAL H 282 3.24 -57.04 9.58
C VAL H 282 2.40 -56.14 8.68
N ALA H 283 2.86 -55.93 7.44
CA ALA H 283 2.11 -55.11 6.50
C ALA H 283 0.75 -55.72 6.19
N LYS H 284 0.71 -57.05 6.02
CA LYS H 284 -0.56 -57.71 5.75
C LYS H 284 -1.54 -57.50 6.91
N ARG H 285 -1.07 -57.68 8.14
CA ARG H 285 -1.93 -57.50 9.30
C ARG H 285 -2.43 -56.06 9.41
N VAL H 286 -1.53 -55.10 9.17
CA VAL H 286 -1.92 -53.70 9.23
C VAL H 286 -3.00 -53.39 8.18
N ILE H 287 -2.80 -53.88 6.95
CA ILE H 287 -3.76 -53.62 5.89
C ILE H 287 -5.11 -54.27 6.22
N GLU H 288 -5.10 -55.51 6.70
CA GLU H 288 -6.35 -56.18 7.03
C GLU H 288 -7.09 -55.45 8.14
N ASN H 289 -6.38 -55.05 9.19
CA ASN H 289 -7.02 -54.32 10.28
C ASN H 289 -7.58 -52.98 9.79
N CYS H 290 -6.83 -52.28 8.94
CA CYS H 290 -7.29 -51.01 8.42
C CYS H 290 -8.56 -51.18 7.59
N LYS H 291 -8.60 -52.19 6.73
CA LYS H 291 -9.80 -52.41 5.92
C LYS H 291 -10.98 -52.84 6.78
N LYS H 292 -10.73 -53.68 7.79
CA LYS H 292 -11.80 -54.11 8.67
C LYS H 292 -12.40 -52.94 9.44
N ILE H 293 -11.56 -52.03 9.92
CA ILE H 293 -12.09 -50.86 10.60
C ILE H 293 -12.74 -49.90 9.60
N HIS H 294 -12.24 -49.85 8.36
CA HIS H 294 -12.76 -48.89 7.40
C HIS H 294 -14.15 -49.28 6.92
N ALA H 295 -14.44 -50.58 6.81
CA ALA H 295 -15.78 -50.99 6.44
C ALA H 295 -16.81 -50.51 7.47
N ASP H 296 -16.57 -50.83 8.75
CA ASP H 296 -17.48 -50.36 9.80
C ASP H 296 -17.50 -48.84 9.87
N TYR H 297 -16.39 -48.20 9.49
CA TYR H 297 -16.30 -46.75 9.59
C TYR H 297 -17.12 -46.08 8.51
N ALA H 298 -17.18 -46.69 7.33
CA ALA H 298 -18.02 -46.18 6.25
C ALA H 298 -19.49 -46.53 6.47
N GLN H 299 -19.79 -47.47 7.37
CA GLN H 299 -21.20 -47.70 7.71
C GLN H 299 -21.85 -46.45 8.27
N GLN H 300 -21.16 -45.71 9.14
CA GLN H 300 -21.71 -44.49 9.68
C GLN H 300 -21.65 -43.36 8.65
N LYS H 301 -22.39 -42.29 8.93
CA LYS H 301 -22.43 -41.11 8.05
C LYS H 301 -21.29 -40.18 8.42
N LEU H 302 -20.23 -40.20 7.61
CA LEU H 302 -19.06 -39.37 7.83
C LEU H 302 -18.67 -38.66 6.54
N SER H 303 -18.15 -37.44 6.69
CA SER H 303 -17.63 -36.72 5.54
C SER H 303 -16.36 -37.40 5.05
N PRO H 304 -16.01 -37.21 3.76
CA PRO H 304 -14.78 -37.83 3.25
C PRO H 304 -13.53 -37.41 4.02
N ALA H 305 -13.44 -36.14 4.42
CA ALA H 305 -12.30 -35.70 5.21
C ALA H 305 -12.27 -36.42 6.57
N GLU H 306 -13.42 -36.50 7.24
CA GLU H 306 -13.48 -37.16 8.54
C GLU H 306 -13.15 -38.65 8.42
N LEU H 307 -13.69 -39.31 7.39
CA LEU H 307 -13.39 -40.72 7.17
C LEU H 307 -11.91 -40.93 6.94
N ASN H 308 -11.29 -40.12 6.07
CA ASN H 308 -9.86 -40.24 5.82
C ASN H 308 -9.07 -40.01 7.10
N ASP H 309 -9.46 -39.00 7.89
CA ASP H 309 -8.72 -38.66 9.10
C ASP H 309 -8.74 -39.81 10.09
N MET H 310 -9.92 -40.36 10.38
CA MET H 310 -9.97 -41.42 11.39
C MET H 310 -9.46 -42.75 10.85
N SER H 311 -9.58 -42.98 9.54
CA SER H 311 -8.96 -44.16 8.95
C SER H 311 -7.44 -44.09 9.10
N MET H 312 -6.86 -42.92 8.87
CA MET H 312 -5.43 -42.77 9.09
C MET H 312 -5.06 -42.82 10.55
N GLN H 313 -5.96 -42.38 11.44
CA GLN H 313 -5.71 -42.54 12.87
C GLN H 313 -5.61 -44.02 13.24
N MET H 314 -6.54 -44.83 12.73
CA MET H 314 -6.49 -46.27 12.96
C MET H 314 -5.23 -46.89 12.36
N PHE H 315 -4.85 -46.44 11.15
CA PHE H 315 -3.61 -46.93 10.55
C PHE H 315 -2.42 -46.58 11.41
N ARG H 316 -2.38 -45.36 11.95
CA ARG H 316 -1.30 -44.96 12.83
C ARG H 316 -1.24 -45.85 14.06
N VAL H 317 -2.39 -46.12 14.66
CA VAL H 317 -2.43 -46.96 15.86
C VAL H 317 -1.87 -48.34 15.56
N TYR H 318 -2.38 -48.98 14.50
CA TYR H 318 -1.94 -50.34 14.16
C TYR H 318 -0.46 -50.37 13.81
N ALA H 319 -0.02 -49.43 12.98
CA ALA H 319 1.38 -49.42 12.54
C ALA H 319 2.33 -49.18 13.70
N ILE H 320 1.99 -48.23 14.57
CA ILE H 320 2.85 -47.94 15.71
C ILE H 320 2.90 -49.14 16.64
N ALA H 321 1.76 -49.78 16.90
CA ALA H 321 1.77 -50.96 17.76
C ALA H 321 2.65 -52.06 17.17
N GLU H 322 2.47 -52.37 15.89
CA GLU H 322 3.24 -53.44 15.27
C GLU H 322 4.73 -53.13 15.27
N LEU H 323 5.08 -51.89 14.90
CA LEU H 323 6.50 -51.52 14.83
C LEU H 323 7.14 -51.53 16.20
N VAL H 324 6.44 -51.03 17.23
CA VAL H 324 7.00 -51.02 18.57
C VAL H 324 7.19 -52.46 19.07
N ASP H 325 6.22 -53.33 18.82
CA ASP H 325 6.37 -54.71 19.24
C ASP H 325 7.55 -55.38 18.53
N ALA H 326 7.67 -55.14 17.22
CA ALA H 326 8.79 -55.73 16.48
C ALA H 326 10.13 -55.21 16.98
N VAL H 327 10.21 -53.91 17.27
CA VAL H 327 11.46 -53.33 17.76
C VAL H 327 11.82 -53.92 19.12
N VAL H 328 10.83 -54.05 20.01
CA VAL H 328 11.10 -54.63 21.32
C VAL H 328 11.57 -56.07 21.20
N ILE H 329 10.92 -56.85 20.33
CA ILE H 329 11.32 -58.24 20.14
C ILE H 329 12.74 -58.33 19.58
N ALA H 330 13.06 -57.47 18.60
CA ALA H 330 14.40 -57.48 18.03
C ALA H 330 15.45 -57.10 19.06
N PHE H 331 15.16 -56.10 19.90
CA PHE H 331 16.11 -55.70 20.94
C PHE H 331 16.30 -56.82 21.94
N LYS H 332 15.22 -57.50 22.33
CA LYS H 332 15.34 -58.59 23.29
C LYS H 332 16.14 -59.75 22.71
N ASP H 333 15.93 -60.07 21.44
CA ASP H 333 16.61 -61.21 20.83
C ASP H 333 18.10 -60.94 20.67
N ASN H 334 18.47 -59.72 20.25
CA ASN H 334 19.86 -59.37 19.98
C ASN H 334 20.49 -58.58 21.12
N ILE H 335 20.09 -58.84 22.36
CA ILE H 335 20.62 -58.09 23.49
C ILE H 335 22.10 -58.43 23.71
N ASN H 336 22.48 -59.69 23.49
CA ASN H 336 23.87 -60.09 23.69
C ASN H 336 24.78 -59.39 22.70
N GLU H 337 24.36 -59.29 21.45
CA GLU H 337 25.19 -58.61 20.44
C GLU H 337 25.31 -57.12 20.75
N PHE H 338 24.23 -56.51 21.24
CA PHE H 338 24.27 -55.08 21.56
C PHE H 338 25.22 -54.80 22.72
N LEU H 339 25.33 -55.72 23.67
CA LEU H 339 26.22 -55.55 24.82
C LEU H 339 27.67 -55.89 24.50
N ASN H 340 27.95 -56.40 23.31
CA ASN H 340 29.31 -56.73 22.92
C ASN H 340 30.06 -55.48 22.48
N ASP H 341 31.37 -55.46 22.76
CA ASP H 341 32.21 -54.34 22.37
C ASP H 341 32.41 -54.23 20.86
N THR H 342 32.09 -55.28 20.11
CA THR H 342 32.28 -55.31 18.66
C THR H 342 30.93 -55.39 17.94
N CYS H 343 29.94 -54.66 18.45
CA CYS H 343 28.63 -54.66 17.80
C CYS H 343 28.70 -53.94 16.47
N GLU H 344 28.13 -54.56 15.44
CA GLU H 344 28.14 -54.00 14.09
C GLU H 344 26.74 -53.81 13.52
N ILE H 345 25.72 -53.80 14.36
CA ILE H 345 24.35 -53.60 13.87
C ILE H 345 24.15 -52.13 13.54
N LYS H 346 23.68 -51.86 12.32
CA LYS H 346 23.47 -50.49 11.90
C LYS H 346 22.25 -49.86 12.57
N ASP H 347 21.14 -50.60 12.63
CA ASP H 347 19.93 -50.07 13.25
C ASP H 347 19.08 -51.23 13.74
N LEU H 348 18.21 -50.93 14.71
CA LEU H 348 17.38 -51.96 15.31
C LEU H 348 16.23 -52.37 14.41
N ILE H 349 15.73 -51.45 13.58
CA ILE H 349 14.57 -51.76 12.75
C ILE H 349 14.90 -52.82 11.71
N SER H 350 16.10 -52.75 11.12
CA SER H 350 16.47 -53.71 10.09
C SER H 350 16.50 -55.14 10.61
N CYS H 351 16.80 -55.33 11.90
CA CYS H 351 16.78 -56.65 12.50
C CYS H 351 15.38 -57.08 12.94
N SER H 352 14.40 -56.19 12.86
CA SER H 352 13.04 -56.49 13.28
C SER H 352 12.20 -56.90 12.07
N SER H 353 10.98 -57.37 12.36
CA SER H 353 10.05 -57.78 11.31
C SER H 353 9.29 -56.62 10.70
N GLY H 354 9.43 -55.41 11.25
CA GLY H 354 8.76 -54.25 10.70
C GLY H 354 9.65 -53.44 9.79
N LYS H 355 10.74 -54.05 9.31
CA LYS H 355 11.68 -53.35 8.45
C LYS H 355 11.02 -52.97 7.12
N ASN H 356 10.30 -53.91 6.51
CA ASN H 356 9.68 -53.65 5.22
C ASN H 356 8.61 -52.57 5.33
N LEU H 357 7.77 -52.63 6.37
CA LEU H 357 6.73 -51.63 6.54
C LEU H 357 7.33 -50.25 6.75
N CYS H 358 8.37 -50.15 7.58
CA CYS H 358 9.00 -48.86 7.83
C CYS H 358 9.65 -48.32 6.56
N GLN H 359 10.31 -49.18 5.79
CA GLN H 359 10.93 -48.75 4.54
C GLN H 359 9.88 -48.26 3.54
N ALA H 360 8.76 -48.99 3.43
CA ALA H 360 7.70 -48.57 2.53
C ALA H 360 7.09 -47.24 2.97
N LEU H 361 6.91 -47.05 4.28
CA LEU H 361 6.39 -45.80 4.77
C LEU H 361 7.35 -44.64 4.50
N LYS H 362 8.65 -44.87 4.67
CA LYS H 362 9.63 -43.85 4.36
C LYS H 362 9.62 -43.49 2.87
N LYS H 363 9.51 -44.52 2.00
CA LYS H 363 9.42 -44.25 0.57
C LYS H 363 8.17 -43.47 0.22
N PHE H 364 7.04 -43.81 0.84
CA PHE H 364 5.80 -43.07 0.60
C PHE H 364 5.93 -41.63 1.04
N ASP H 365 6.52 -41.40 2.22
CA ASP H 365 6.71 -40.04 2.71
C ASP H 365 7.62 -39.24 1.80
N SER H 366 8.69 -39.86 1.32
CA SER H 366 9.61 -39.17 0.42
C SER H 366 8.94 -38.83 -0.90
N SER H 367 8.20 -39.78 -1.47
CA SER H 367 7.61 -39.55 -2.79
C SER H 367 6.45 -38.56 -2.73
N ARG H 368 5.66 -38.60 -1.66
CA ARG H 368 4.44 -37.78 -1.61
C ARG H 368 4.66 -36.47 -0.87
N GLY H 369 5.34 -36.50 0.27
CA GLY H 369 5.46 -35.32 1.10
C GLY H 369 6.74 -34.53 0.96
N TYR H 370 7.89 -35.22 1.01
CA TYR H 370 9.16 -34.51 1.03
C TYR H 370 9.47 -33.85 -0.30
N GLN H 371 8.96 -34.41 -1.41
CA GLN H 371 9.20 -33.87 -2.74
C GLN H 371 8.00 -33.10 -3.28
N HIS H 372 7.10 -32.67 -2.41
CA HIS H 372 5.99 -31.84 -2.86
C HIS H 372 6.49 -30.46 -3.27
N ARG H 373 5.73 -29.82 -4.16
CA ARG H 373 6.15 -28.53 -4.71
C ARG H 373 6.27 -27.47 -3.61
N SER H 374 5.26 -27.40 -2.73
CA SER H 374 5.31 -26.42 -1.65
C SER H 374 6.46 -26.68 -0.71
N VAL H 375 6.71 -27.95 -0.38
CA VAL H 375 7.81 -28.29 0.51
C VAL H 375 9.14 -27.88 -0.10
N LEU H 376 9.32 -28.15 -1.40
CA LEU H 376 10.55 -27.76 -2.07
C LEU H 376 10.71 -26.23 -2.10
N LYS H 377 9.61 -25.51 -2.35
CA LYS H 377 9.70 -24.06 -2.39
C LYS H 377 10.09 -23.49 -1.03
N LEU H 378 9.47 -23.99 0.05
CA LEU H 378 9.84 -23.51 1.38
C LEU H 378 11.25 -23.94 1.77
N GLU H 379 11.70 -25.10 1.31
CA GLU H 379 13.08 -25.50 1.55
C GLU H 379 14.06 -24.55 0.87
N LEU H 380 13.75 -24.16 -0.38
CA LEU H 380 14.61 -23.19 -1.07
C LEU H 380 14.60 -21.85 -0.37
N GLU H 381 13.42 -21.40 0.09
CA GLU H 381 13.35 -20.13 0.82
C GLU H 381 14.17 -20.19 2.10
N GLY H 382 14.06 -21.29 2.85
CA GLY H 382 14.84 -21.42 4.06
C GLY H 382 16.33 -21.48 3.80
N SER H 383 16.73 -22.16 2.73
CA SER H 383 18.14 -22.20 2.36
C SER H 383 18.66 -20.81 2.03
N ASN H 384 17.87 -20.04 1.27
CA ASN H 384 18.27 -18.67 0.95
C ASN H 384 18.39 -17.82 2.22
N TYR H 385 17.42 -17.93 3.12
CA TYR H 385 17.46 -17.18 4.37
C TYR H 385 18.71 -17.54 5.16
N ILE H 386 18.98 -18.84 5.31
CA ILE H 386 20.10 -19.29 6.12
C ILE H 386 21.42 -18.83 5.51
N LYS H 387 21.57 -18.96 4.19
CA LYS H 387 22.82 -18.57 3.56
C LYS H 387 23.03 -17.06 3.64
N GLY H 388 21.97 -16.27 3.44
CA GLY H 388 22.10 -14.83 3.57
C GLY H 388 22.50 -14.42 4.98
N LEU H 389 21.84 -15.01 5.98
CA LEU H 389 22.18 -14.69 7.37
C LEU H 389 23.61 -15.12 7.69
N MET H 390 24.04 -16.27 7.17
CA MET H 390 25.40 -16.74 7.43
C MET H 390 26.44 -15.81 6.82
N ASP H 391 26.21 -15.35 5.58
CA ASP H 391 27.13 -14.39 4.98
C ASP H 391 27.16 -13.09 5.79
N MET H 392 25.97 -12.63 6.19
CA MET H 392 25.87 -11.37 6.93
C MET H 392 26.55 -11.45 8.29
N LEU H 393 26.49 -12.61 8.94
CA LEU H 393 27.17 -12.79 10.22
C LEU H 393 28.67 -12.96 10.01
N TRP H 394 29.07 -13.71 8.99
CA TRP H 394 30.49 -13.89 8.69
C TRP H 394 31.16 -12.57 8.39
N LEU H 395 30.41 -11.60 7.85
CA LEU H 395 30.98 -10.26 7.66
C LEU H 395 31.48 -9.67 8.96
N GLY H 396 30.87 -10.02 10.09
CA GLY H 396 31.28 -9.51 11.37
C GLY H 396 32.02 -10.50 12.27
N ILE H 397 32.12 -11.76 11.85
CA ILE H 397 32.78 -12.78 12.65
C ILE H 397 34.20 -13.06 12.17
N LYS H 398 34.40 -13.14 10.86
CA LYS H 398 35.70 -13.52 10.31
C LYS H 398 36.78 -12.53 10.73
N GLY H 399 37.93 -13.06 11.16
CA GLY H 399 39.04 -12.26 11.60
C GLY H 399 39.04 -11.90 13.07
N ARG H 400 37.95 -12.19 13.79
CA ARG H 400 37.87 -11.83 15.20
C ARG H 400 38.91 -12.58 16.03
N ALA H 401 39.32 -13.77 15.59
CA ALA H 401 40.28 -14.58 16.31
C ALA H 401 41.62 -14.72 15.60
N THR H 402 41.62 -14.71 14.26
CA THR H 402 42.88 -14.86 13.53
C THR H 402 43.79 -13.66 13.72
N GLY H 403 43.23 -12.45 13.70
CA GLY H 403 44.03 -11.25 13.87
C GLY H 403 43.67 -10.15 12.89
N ASP H 404 43.20 -10.53 11.72
CA ASP H 404 42.81 -9.56 10.71
C ASP H 404 41.61 -8.75 11.18
N THR H 405 41.54 -7.49 10.77
CA THR H 405 40.60 -6.52 11.31
C THR H 405 39.68 -5.94 10.25
N GLN H 406 39.09 -6.80 9.42
CA GLN H 406 38.07 -6.32 8.48
C GLN H 406 36.69 -6.26 9.10
N TYR H 407 36.53 -6.72 10.33
CA TYR H 407 35.25 -6.73 11.01
C TYR H 407 34.95 -5.43 11.75
N ASP H 408 35.89 -4.49 11.77
CA ASP H 408 35.75 -3.29 12.59
C ASP H 408 34.75 -2.29 12.03
N THR H 409 34.04 -2.62 10.95
CA THR H 409 32.99 -1.76 10.44
C THR H 409 31.84 -1.70 11.42
N PRO H 410 31.09 -0.59 11.45
CA PRO H 410 29.94 -0.51 12.37
C PRO H 410 28.93 -1.63 12.17
N PHE H 411 28.67 -2.01 10.92
CA PHE H 411 27.77 -3.13 10.66
C PHE H 411 28.34 -4.43 11.23
N GLY H 412 29.65 -4.64 11.08
CA GLY H 412 30.25 -5.83 11.65
C GLY H 412 30.15 -5.88 13.16
N ARG H 413 30.39 -4.74 13.81
CA ARG H 413 30.28 -4.69 15.26
C ARG H 413 28.85 -4.94 15.72
N TYR H 414 27.87 -4.35 15.04
CA TYR H 414 26.47 -4.57 15.40
C TYR H 414 26.09 -6.04 15.18
N VAL H 415 26.55 -6.63 14.09
CA VAL H 415 26.26 -8.03 13.80
C VAL H 415 26.86 -8.92 14.88
N TYR H 416 28.10 -8.64 15.29
CA TYR H 416 28.71 -9.40 16.37
C TYR H 416 27.92 -9.24 17.66
N GLY H 417 27.48 -8.02 17.96
CA GLY H 417 26.70 -7.79 19.16
C GLY H 417 25.33 -8.45 19.15
N ARG H 418 24.78 -8.71 17.97
CA ARG H 418 23.47 -9.35 17.88
C ARG H 418 23.54 -10.83 18.26
N ILE H 419 24.72 -11.45 18.18
CA ILE H 419 24.85 -12.85 18.56
C ILE H 419 24.64 -13.00 20.06
N SER H 420 24.13 -14.16 20.46
CA SER H 420 23.86 -14.43 21.87
C SER H 420 25.15 -14.31 22.70
N GLU H 421 24.99 -13.82 23.92
CA GLU H 421 26.15 -13.49 24.75
C GLU H 421 26.95 -14.72 25.12
N ASN H 422 26.27 -15.84 25.39
CA ASN H 422 26.99 -17.05 25.81
C ASN H 422 27.86 -17.60 24.68
N TYR H 423 27.37 -17.54 23.44
CA TYR H 423 28.17 -18.00 22.31
C TYR H 423 29.45 -17.19 22.18
N ARG H 424 29.34 -15.86 22.29
CA ARG H 424 30.54 -15.02 22.21
C ARG H 424 31.45 -15.22 23.40
N ARG H 425 30.88 -15.48 24.58
CA ARG H 425 31.70 -15.76 25.76
C ARG H 425 32.52 -17.03 25.56
N ILE H 426 31.90 -18.06 25.00
CA ILE H 426 32.65 -19.28 24.71
C ILE H 426 33.68 -19.05 23.62
N PHE H 427 33.32 -18.26 22.60
CA PHE H 427 34.25 -18.00 21.50
C PHE H 427 35.46 -17.22 21.97
N GLU H 428 35.27 -16.26 22.88
CA GLU H 428 36.37 -15.44 23.37
C GLU H 428 37.25 -16.16 24.39
N GLN H 429 36.83 -17.33 24.86
CA GLN H 429 37.64 -18.08 25.81
C GLN H 429 38.93 -18.55 25.16
N GLU H 430 39.97 -18.68 25.97
CA GLU H 430 41.29 -19.08 25.48
C GLU H 430 41.42 -20.58 25.62
N ASN H 431 41.33 -21.29 24.49
CA ASN H 431 41.46 -22.74 24.44
C ASN H 431 42.50 -23.10 23.38
N ASN H 432 42.60 -24.40 23.09
CA ASN H 432 43.57 -24.91 22.13
C ASN H 432 43.00 -25.04 20.72
N LEU H 433 41.74 -24.67 20.51
CA LEU H 433 41.15 -24.79 19.18
C LEU H 433 41.76 -23.76 18.24
N PRO H 434 41.91 -24.11 16.96
CA PRO H 434 42.40 -23.14 15.97
C PRO H 434 41.43 -21.97 15.82
N ALA H 435 41.99 -20.80 15.50
CA ALA H 435 41.19 -19.58 15.46
C ALA H 435 40.08 -19.68 14.42
N CYS H 436 40.41 -20.21 13.23
CA CYS H 436 39.37 -20.39 12.21
C CYS H 436 38.30 -21.36 12.67
N TYR H 437 38.71 -22.43 13.36
CA TYR H 437 37.74 -23.36 13.91
C TYR H 437 36.83 -22.68 14.92
N LYS H 438 37.41 -21.83 15.78
CA LYS H 438 36.60 -21.11 16.76
C LYS H 438 35.59 -20.17 16.08
N GLU H 439 36.03 -19.46 15.04
CA GLU H 439 35.13 -18.56 14.33
C GLU H 439 33.99 -19.34 13.68
N ALA H 440 34.32 -20.44 12.99
CA ALA H 440 33.28 -21.23 12.34
C ALA H 440 32.33 -21.85 13.36
N GLN H 441 32.86 -22.27 14.51
CA GLN H 441 32.01 -22.83 15.54
C GLN H 441 31.08 -21.77 16.13
N LEU H 442 31.57 -20.54 16.27
CA LEU H 442 30.70 -19.45 16.72
C LEU H 442 29.55 -19.23 15.75
N LEU H 443 29.86 -19.21 14.45
CA LEU H 443 28.80 -19.05 13.45
C LEU H 443 27.81 -20.21 13.50
N ALA H 444 28.31 -21.44 13.62
CA ALA H 444 27.44 -22.60 13.65
C ALA H 444 26.53 -22.56 14.88
N ASP H 445 27.08 -22.19 16.03
CA ASP H 445 26.27 -22.10 17.25
C ASP H 445 25.22 -21.00 17.12
N ALA H 446 25.59 -19.87 16.52
CA ALA H 446 24.63 -18.78 16.34
C ALA H 446 23.48 -19.21 15.43
N ILE H 447 23.81 -19.88 14.32
CA ILE H 447 22.78 -20.25 13.36
C ILE H 447 21.89 -21.37 13.91
N SER H 448 22.50 -22.37 14.54
CA SER H 448 21.73 -23.54 14.97
C SER H 448 20.75 -23.20 16.08
N GLY H 449 21.05 -22.21 16.92
CA GLY H 449 20.20 -21.88 18.04
C GLY H 449 18.98 -21.05 17.71
N MET H 450 18.80 -20.68 16.46
CA MET H 450 17.68 -19.82 16.07
C MET H 450 16.50 -20.64 15.58
N THR H 451 15.30 -20.12 15.81
CA THR H 451 14.08 -20.70 15.24
C THR H 451 13.84 -20.09 13.86
N ASP H 452 12.83 -20.60 13.16
CA ASP H 452 12.54 -20.11 11.82
C ASP H 452 12.10 -18.66 11.84
N SER H 453 11.14 -18.34 12.73
CA SER H 453 10.65 -16.97 12.81
C SER H 453 11.76 -16.01 13.23
N TYR H 454 12.55 -16.40 14.23
CA TYR H 454 13.66 -15.56 14.67
C TYR H 454 14.69 -15.39 13.58
N LEU H 455 15.02 -16.46 12.86
CA LEU H 455 15.99 -16.36 11.78
C LEU H 455 15.50 -15.43 10.68
N ILE H 456 14.22 -15.54 10.30
CA ILE H 456 13.68 -14.68 9.25
C ILE H 456 13.67 -13.23 9.71
N ALA H 457 13.27 -12.98 10.95
CA ALA H 457 13.22 -11.61 11.45
C ALA H 457 14.62 -11.00 11.50
N LEU H 458 15.60 -11.74 12.00
CA LEU H 458 16.97 -11.24 12.06
C LEU H 458 17.52 -11.00 10.65
N HIS H 459 17.23 -11.91 9.73
CA HIS H 459 17.71 -11.74 8.36
C HIS H 459 17.14 -10.47 7.74
N ASP H 460 15.83 -10.25 7.91
CA ASP H 460 15.21 -9.05 7.36
C ASP H 460 15.76 -7.79 8.00
N GLU H 461 15.92 -7.80 9.33
CA GLU H 461 16.42 -6.62 10.02
C GLU H 461 17.83 -6.27 9.58
N LEU H 462 18.72 -7.26 9.53
CA LEU H 462 20.10 -6.98 9.14
C LEU H 462 20.21 -6.65 7.65
N ARG H 463 19.34 -7.22 6.81
CA ARG H 463 19.28 -6.82 5.42
C ARG H 463 18.90 -5.35 5.29
N ALA H 464 17.94 -4.91 6.11
CA ALA H 464 17.60 -3.49 6.12
C ALA H 464 18.77 -2.64 6.60
N LEU H 465 19.51 -3.13 7.59
CA LEU H 465 20.64 -2.39 8.14
C LEU H 465 21.91 -2.52 7.32
N HIS H 466 21.95 -3.42 6.33
CA HIS H 466 23.13 -3.62 5.50
C HIS H 466 23.09 -2.83 4.20
N GLN H 467 22.10 -1.95 4.03
CA GLN H 467 21.93 -1.28 2.75
C GLN H 467 23.10 -0.35 2.44
N TYR H 468 23.60 0.36 3.45
CA TYR H 468 24.66 1.34 3.20
C TYR H 468 25.96 0.67 2.77
N GLU H 469 26.35 -0.41 3.45
CA GLU H 469 27.63 -1.05 3.17
C GLU H 469 27.59 -1.90 1.90
N CYS H 470 26.41 -2.11 1.31
CA CYS H 470 26.31 -2.88 0.08
C CYS H 470 26.43 -1.97 -1.14
PA TYD I 1 9.36 17.17 50.72
O1A TYD I 1 8.25 16.89 49.74
O2A TYD I 1 9.11 16.41 52.00
O3A TYD I 1 9.42 18.79 51.03
PB TYD I 1 10.36 19.43 52.22
O1B TYD I 1 9.50 19.74 53.42
O2B TYD I 1 11.43 18.44 52.61
O3B TYD I 1 11.02 20.70 51.72
O5' TYD I 1 10.79 16.70 50.06
C5' TYD I 1 11.29 17.43 48.99
C4' TYD I 1 12.27 16.60 48.27
O4' TYD I 1 11.52 15.19 47.70
C3' TYD I 1 12.73 17.21 47.22
O3' TYD I 1 12.74 18.69 47.41
C2' TYD I 1 11.73 16.80 46.07
C1' TYD I 1 11.44 15.28 46.41
N1 TYD I 1 10.09 14.88 45.97
C2 TYD I 1 9.83 14.65 44.49
O2 TYD I 1 10.67 14.79 43.67
N3 TYD I 1 8.41 14.23 44.15
C4 TYD I 1 7.38 14.07 45.18
O4 TYD I 1 6.29 13.74 44.87
C5 TYD I 1 7.70 14.30 46.59
C5M TYD I 1 6.61 14.12 47.66
C6 TYD I 1 9.05 14.70 46.96
PA TYD J 1 25.91 43.71 19.27
O1A TYD J 1 26.40 44.90 18.49
O2A TYD J 1 26.12 42.45 18.48
O3A TYD J 1 26.72 43.61 20.70
PB TYD J 1 26.89 44.90 21.73
O1B TYD J 1 25.85 45.94 21.40
O2B TYD J 1 28.27 45.49 21.56
O3B TYD J 1 26.71 44.43 23.15
O5' TYD J 1 24.29 43.88 19.59
C5' TYD J 1 23.70 42.99 20.48
C4' TYD J 1 22.24 43.00 20.26
O4' TYD J 1 21.91 42.53 18.67
C3' TYD J 1 21.65 42.14 21.02
O3' TYD J 1 22.38 41.95 22.31
C2' TYD J 1 21.63 40.82 20.17
C1' TYD J 1 21.38 41.36 18.70
N1 TYD J 1 21.98 40.49 17.68
C2 TYD J 1 21.33 39.16 17.37
O2 TYD J 1 20.34 38.78 17.91
N3 TYD J 1 22.04 38.35 16.28
C4 TYD J 1 23.24 38.83 15.62
O4 TYD J 1 23.76 38.17 14.79
C5 TYD J 1 23.82 40.12 15.98
C5M TYD J 1 25.09 40.63 15.27
C6 TYD J 1 23.18 40.94 17.01
PA TYD K 1 -10.15 51.78 -13.04
O1A TYD K 1 -10.78 50.57 -12.41
O2A TYD K 1 -10.27 52.95 -12.10
O3A TYD K 1 -10.94 52.13 -14.46
PB TYD K 1 -10.66 53.52 -15.30
O1B TYD K 1 -11.79 54.49 -15.04
O2B TYD K 1 -9.36 54.13 -14.87
O3B TYD K 1 -10.61 53.21 -16.78
O5' TYD K 1 -8.57 51.47 -13.37
C5' TYD K 1 -8.28 50.55 -14.38
C4' TYD K 1 -6.90 50.07 -14.19
O4' TYD K 1 -6.77 49.32 -12.66
C3' TYD K 1 -6.59 49.17 -15.06
O3' TYD K 1 -7.32 49.38 -16.34
C2' TYD K 1 -7.02 47.81 -14.39
C1' TYD K 1 -6.63 48.05 -12.87
N1 TYD K 1 -7.50 47.30 -11.95
C2 TYD K 1 -7.32 45.80 -11.82
O2 TYD K 1 -6.50 45.20 -12.44
N3 TYD K 1 -8.28 45.13 -10.85
C4 TYD K 1 -9.28 45.88 -10.10
O4 TYD K 1 -10.00 45.32 -9.35
C5 TYD K 1 -9.40 47.33 -10.28
C5M TYD K 1 -10.46 48.12 -9.49
C6 TYD K 1 -8.51 48.02 -11.20
PA TYD L 1 -2.31 25.53 -47.92
O1A TYD L 1 -2.30 24.90 -49.29
O2A TYD L 1 -1.38 24.78 -47.00
O3A TYD L 1 -1.85 27.10 -48.03
PB TYD L 1 -2.51 28.16 -49.11
O1B TYD L 1 -3.83 27.62 -49.59
O2B TYD L 1 -1.58 28.33 -50.28
O3B TYD L 1 -2.73 29.50 -48.44
O5' TYD L 1 -3.84 25.46 -47.29
C5' TYD L 1 -4.10 26.17 -46.12
C4' TYD L 1 -5.31 25.62 -45.50
O4' TYD L 1 -5.06 23.98 -45.13
C3' TYD L 1 -5.57 26.21 -44.37
O3' TYD L 1 -5.10 27.63 -44.37
C2' TYD L 1 -4.78 25.36 -43.31
C1' TYD L 1 -4.97 23.88 -43.84
N1 TYD L 1 -3.84 23.01 -43.49
C2 TYD L 1 -3.71 22.53 -42.05
O2 TYD L 1 -4.48 22.82 -41.20
N3 TYD L 1 -2.50 21.63 -41.80
C4 TYD L 1 -1.56 21.27 -42.86
O4 TYD L 1 -0.63 20.58 -42.62
C5 TYD L 1 -1.74 21.78 -44.21
C5M TYD L 1 -0.76 21.40 -45.33
C6 TYD L 1 -2.88 22.64 -44.52
PA TYD M 1 -30.67 -14.18 -42.57
O1A TYD M 1 -30.76 -13.73 -41.14
O2A TYD M 1 -31.51 -13.27 -43.44
O3A TYD M 1 -31.23 -15.73 -42.70
PB TYD M 1 -31.49 -16.47 -44.15
O1B TYD M 1 -32.96 -16.46 -44.46
O2B TYD M 1 -30.74 -15.73 -45.24
O3B TYD M 1 -31.00 -17.90 -44.09
O5' TYD M 1 -29.10 -14.13 -43.06
C5' TYD M 1 -28.22 -15.06 -42.52
C4' TYD M 1 -26.84 -14.56 -42.70
O4' TYD M 1 -26.68 -13.06 -41.91
C3' TYD M 1 -25.98 -15.36 -42.15
O3' TYD M 1 -26.45 -16.77 -42.17
C2' TYD M 1 -25.84 -14.82 -40.68
C1' TYD M 1 -25.91 -13.25 -40.88
N1 TYD M 1 -26.49 -12.58 -39.70
C2 TYD M 1 -25.64 -12.43 -38.45
O2 TYD M 1 -24.54 -12.85 -38.37
N3 TYD M 1 -26.35 -11.72 -37.30
C4 TYD M 1 -27.71 -11.22 -37.41
O4 TYD M 1 -28.21 -10.67 -36.49
C5 TYD M 1 -28.46 -11.39 -38.66
C5M TYD M 1 -29.91 -10.86 -38.76
C6 TYD M 1 -27.84 -12.07 -39.78
PA TYD N 1 -4.59 -46.70 -27.41
O1A TYD N 1 -4.01 -48.03 -27.04
O2A TYD N 1 -3.62 -45.60 -27.07
O3A TYD N 1 -4.92 -46.67 -29.03
PB TYD N 1 -5.78 -47.85 -29.79
O1B TYD N 1 -6.56 -48.64 -28.77
O2B TYD N 1 -4.83 -48.77 -30.52
O3B TYD N 1 -6.73 -47.23 -30.78
O5' TYD N 1 -6.00 -46.45 -26.58
C5' TYD N 1 -6.79 -45.36 -26.94
C4' TYD N 1 -7.69 -45.04 -25.82
O4' TYD N 1 -6.77 -44.66 -24.45
C3' TYD N 1 -8.41 -43.99 -26.08
O3' TYD N 1 -8.68 -43.86 -27.55
C2' TYD N 1 -7.55 -42.79 -25.56
C1' TYD N 1 -6.90 -43.38 -24.24
N1 TYD N 1 -5.59 -42.79 -23.94
C2 TYD N 1 -5.53 -41.37 -23.41
O2 TYD N 1 -6.50 -40.72 -23.20
N3 TYD N 1 -4.11 -40.86 -23.13
C4 TYD N 1 -2.93 -41.67 -23.38
O4 TYD N 1 -1.86 -41.24 -23.16
C5 TYD N 1 -3.06 -43.02 -23.91
C5M TYD N 1 -1.81 -43.89 -24.17
C6 TYD N 1 -4.39 -43.57 -24.19
PA TYD O 1 -11.16 -48.80 21.19
O1A TYD O 1 -11.73 -47.41 21.01
O2A TYD O 1 -12.14 -49.82 20.66
O3A TYD O 1 -10.88 -49.07 22.79
PB TYD O 1 -10.46 -50.56 23.37
O1B TYD O 1 -11.67 -51.20 24.00
O2B TYD O 1 -9.95 -51.43 22.25
O3B TYD O 1 -9.37 -50.41 24.42
O5' TYD O 1 -9.74 -48.90 20.36
C5' TYD O 1 -8.65 -48.18 20.84
C4' TYD O 1 -7.67 -48.03 19.76
O4' TYD O 1 -8.39 -47.20 18.46
C3' TYD O 1 -6.66 -47.31 20.13
O3' TYD O 1 -6.39 -47.46 21.59
C2' TYD O 1 -7.08 -45.84 19.78
C1' TYD O 1 -7.85 -46.02 18.40
N1 TYD O 1 -8.90 -45.00 18.22
C2 TYD O 1 -8.49 -43.58 17.86
O2 TYD O 1 -7.36 -43.26 17.73
N3 TYD O 1 -9.66 -42.63 17.70
C4 TYD O 1 -11.05 -43.04 17.87
O4 TYD O 1 -11.92 -42.25 17.73
C5 TYD O 1 -11.36 -44.43 18.21
C5M TYD O 1 -12.83 -44.86 18.39
C6 TYD O 1 -10.29 -45.39 18.38
PA TYD P 1 23.63 -28.51 39.78
O1A TYD P 1 24.68 -28.03 40.73
O2A TYD P 1 23.88 -27.93 38.41
O3A TYD P 1 23.65 -30.15 39.70
PB TYD P 1 23.62 -31.12 41.04
O1B TYD P 1 23.13 -30.32 42.22
O2B TYD P 1 25.02 -31.62 41.32
O3B TYD P 1 22.71 -32.29 40.81
O5' TYD P 1 22.14 -28.02 40.30
C5' TYD P 1 21.01 -28.55 39.66
C4' TYD P 1 19.87 -27.66 39.94
O4' TYD P 1 20.20 -26.11 39.35
C3' TYD P 1 18.80 -28.06 39.31
O3' TYD P 1 18.80 -29.55 39.14
C2' TYD P 1 18.87 -27.33 37.92
C1' TYD P 1 19.45 -25.90 38.31
N1 TYD P 1 20.23 -25.30 37.23
C2 TYD P 1 19.50 -24.74 36.02
O2 TYD P 1 18.32 -24.76 35.91
N3 TYD P 1 20.42 -24.14 34.95
C4 TYD P 1 21.87 -24.12 35.10
O4 TYD P 1 22.54 -23.65 34.25
C5 TYD P 1 22.50 -24.68 36.28
C5M TYD P 1 24.03 -24.66 36.44
C6 TYD P 1 21.68 -25.27 37.34
MG MG Q . 2.30 31.50 28.01
MG MG R . 26.19 17.25 28.39
MG MG S . -18.50 28.30 -25.28
MG MG T . 8.67 34.01 -23.61
MG MG U . -24.28 -28.42 -19.62
MG MG V . -4.01 -20.35 -36.86
MG MG W . -3.47 -25.23 33.67
MG MG X . 13.51 -37.12 15.14
#